data_8AA0
#
_entry.id   8AA0
#
_cell.length_a   1.00
_cell.length_b   1.00
_cell.length_c   1.00
_cell.angle_alpha   90.00
_cell.angle_beta   90.00
_cell.angle_gamma   90.00
#
_symmetry.space_group_name_H-M   'P 1'
#
loop_
_entity.id
_entity.type
_entity.pdbx_description
1 polymer 'Glycoside hydrolase family 32'
2 polymer 'DUF4960 domain-containing protein'
3 polymer 'SusD homolog'
4 polymer 'SusC homolog'
5 branched beta-D-fructofuranose-(2-6)-beta-D-fructofuranose-(2-6)-beta-D-fructofuranose-(2-6)-beta-D-fructofuranose
6 branched beta-D-fructofuranose-(2-6)-beta-D-fructofuranose-(2-6)-beta-D-fructofuranose-(2-6)-[beta-D-fructofuranose-(2-1)]beta-D-fructofuranose-(2-6)-beta-D-fructofuranose-(2-6)-beta-D-fructofuranose
7 non-polymer 'MAGNESIUM ION'
#
loop_
_entity_poly.entity_id
_entity_poly.type
_entity_poly.pdbx_seq_one_letter_code
_entity_poly.pdbx_strand_id
1 'polypeptide(L)'
;MMKNMILPIAFTALIASMTACSDETDPILTQKNWDGTATYFQSSDEHGFSMYYKPQVGFVGDPMPFYDPVAKDFKVMYLQ
DYRPNPEATYHPIFGVATKDGATYESLGELISCGGRDEQDAAIGTGGTIYNPADKLYYTFYTGNKFKPSSDQNAQVVMVA
TSPDFKTWTKNRTFYLKGDTYGYDKNDFRDPFLFQTEDGVYHMLIATRKNGKGHIAEFTSADLKEWESAGTFMTMMWDRF
YECPDVFKMGDWWYLIYSEQASFMRKVQYFKGRTLEDLKATTANDAGIWPDNREGMLDSRAFYAGKTASDGTNRYIWGWC
PTRAGNDNGNVGDVEPEWAGNLVAQRLIQHEDGTLTLGVPDAIDRKYTSAQEVKVMAKDGNMIESGKTYTLGEGASVIFN
RLKVHNKISFTVKTASNTDRFGISFVRGTDSASWYSIHVNADEGKANFEKDGDDAKYLFDNKFNIPADNEYRVTIYSDQS
VCVTYINDQLSFTNRIYQMQKNPWSLCCYKGEITVSDVQVSTY
;
E,M
2 'polypeptide(L)'
;MKSIIKQLYTILLVTVACLTVTGCSDDFKSGLRLDGDVWVNSIRLDEYAGTVDYQNKAIVVGVPYDYDITRMVVTEMNLS
EGAKASIAIGETIDFSLPVSLTVKNGDVQMSYTITVKRDEAKILTFKLNDTYVGKVDQLSKTISVVVPLTVDITQLKGTF
TVTDGATVTPASGSIQDFTNPVTYTATYRSAVTPYVVTVTQGNVIPTAFVGTASSVSLLTSPEEKAAAQWMMDNVSMSEY
ISFKDVVDGKVDLGKYTAIWWHFHADNGDNPPLPDDAKAAAEKFKVYYQNGGNLLLTRYATFYIANLGIAKDERVPNNSW
GGNEDSPEITSAPWSFLITGSESHPLFQDLRWKDGDKSTVYTCDAGYAITNSTAQWHIGTDWGGYDDLNAWRNLTGGIDL
AHGGDGAVVIAEFEPRSNSGRTLCIGSGCYDWYGKGVDASADYYHYNVEQMTLNAINYLCK
;
T,G
3 'polypeptide(L)'
;MKKIIYIATIGITLLTTSCDDFLDRQVPQGIVTGDQIASPEYVDNLVISAYAIWATGDDINSSFSLWNYDVRSDDCYKGG
SGTEDGGVFNALEISKGINTTDWNINDIWKRLYQCITRANTALQSLDQMDEKTYPLKNQRIAEMRFLRGHAHFMLKQLFK
KIVIVNDENMEPDAYNELSNTTYTNDEQWQKIADDFQFAYDNLPEVQIEKGRPAQAAAAAYLAKTYLYKAYRQDGADNAL
TGINEEDLKQVVKYTDPLIMAKGGYGLETDYSMNFLPQYENGAESVWAIQYSINDGTYNGNLNWGMGLTTPQILGCCDFH
KPSQNLVNAFKTDSQGKPLFSTYDNENYEVATDNVDPRLFHTVGMPGFPYKYNEGYIIQKNDDWSRSKGLYGYYVSLKEN
VDPDCDCLKKGSYWASSLNHIVIRYADVLLMRAEALIQLNDGRITDAISLINEVRSRAAGSTMLIFNYKEDYGVNFKVTP
YDLKAYAQDEAMKMLKWERRVEFGMESSRFFDLVRWGEAKDVINAYYVTEASRCSIYKNAGFTENKNEYLPVPFEQISAS
NGNYTQNFGWAAAAHHHHHH
;
B,J
4 'polypeptide(L)'
;MPGIMKNKKLLCSVCFLFAFMSALWGQNITVKGNVTSKTDGQPIIGASVVETTATTNGTITDFDGNFTLSVPVNSTLKIT
YIGYKPVTVKAAAIVNVLLEEDTQMVDEVVVTGYTTQRKADLTGAVSVVKVDEIQKQGENNPVKALQGRVPGMNITADGN
PSGSATVRIRGIGTLNNNDPLYIIDGVPTKAGMHELNGNDIESIQVLKDAASASIYGSRAANGVIIITTKQGKKGQIKIN
FDASVSASMYQSKMNVLNTEQYGRAMWQAYVNDGENPNGNALGYAYNWGYNADGNPVLYGMTLSKYLDSKNTMPVADTDW
FDEITRTGVIQQYNLSVSNGSEKGSSFFSLGYYKNLGVIKDTDFDRFSARMNSDYKLIDDILTIGQHFTLNRTSEVQAPG
GIIETALDIPSAIPVYASDGSWGGPVGGWPDRRNPRAVLEYNKDNRYTYWRMFGDAYVNLTPFKGFNLRSTFGLDYANKQ
ARYFTYPYQEGTQTNNGKSAVEAKQEHWTKWMWNAIATYQLEVGKHRGDVMIGMELNREDDSHFSGYKEDFSILTPDYMW
PDAGSGTAQAYGAGEGYSLVSFFGKMNYSYADRYLLSLTLRRDGSSRFGKNHRYATFPSVSLGWRITQENFMKELTWLDD
LKLRASWGQTGNQEISNLARYTIYAPNYGTTDSFGGQSYGTAYDITGSNGGGVLPSGFKRNQIGNDNIKWETTTQTNVGI
DFSLFKQSLYGSLEYYYKKATDILTEMAGVGVLGEGGSRWINSGAMKNQGFEFNLGYRNKTAFGLTYDLNGNISTYRNEI
LELPETVAANGKFGGNGVKSVVGHTYGAQVGYIADGIFKSQDEVDNHATQEGAAVGRIRYRDIDHNGVIDERDQNWIYDP
TPSFSYGLNIYLEYKNFDLTMFWQGVQGVDIISDVKKKSDFWSASNVGFLNKGTRLLNAWSPTNPNSDIPALTRSDTNNE
QRVSTYFVENGSFLKLRNIQLGYTVPAVISKKMRMDRLRFYCSAQNLLTIKSKNFTGEDPENPNFSYPIPVNITFGLNIG
F
;
A,I
#
# COMPACT_ATOMS: atom_id res chain seq x y z
N PRO A 27 -31.45 -11.25 -54.27
CA PRO A 27 -31.68 -9.80 -54.15
C PRO A 27 -32.45 -9.26 -55.35
N ILE A 28 -33.42 -8.40 -55.10
CA ILE A 28 -34.24 -7.80 -56.14
C ILE A 28 -34.06 -6.29 -56.12
N LEU A 29 -33.75 -5.71 -57.27
CA LEU A 29 -33.50 -4.29 -57.41
C LEU A 29 -34.78 -3.58 -57.86
N THR A 30 -35.13 -2.50 -57.16
CA THR A 30 -36.32 -1.73 -57.48
C THR A 30 -35.92 -0.47 -58.21
N GLN A 31 -36.60 -0.20 -59.33
CA GLN A 31 -36.29 0.94 -60.18
C GLN A 31 -37.39 1.97 -60.03
N LYS A 32 -37.02 3.21 -59.71
CA LYS A 32 -37.98 4.28 -59.59
C LYS A 32 -38.36 4.81 -60.97
N ASN A 33 -39.54 5.43 -61.04
CA ASN A 33 -40.05 5.98 -62.29
C ASN A 33 -39.44 7.36 -62.50
N TRP A 34 -38.24 7.38 -63.06
CA TRP A 34 -37.58 8.66 -63.33
C TRP A 34 -38.37 9.49 -64.33
N ASP A 35 -38.84 8.86 -65.40
CA ASP A 35 -39.62 9.54 -66.44
C ASP A 35 -41.08 9.50 -66.03
N GLY A 36 -41.59 10.62 -65.54
CA GLY A 36 -42.98 10.69 -65.12
C GLY A 36 -43.15 11.42 -63.81
N THR A 37 -42.06 11.63 -63.09
CA THR A 37 -42.08 12.35 -61.82
C THR A 37 -41.21 13.58 -61.94
N ALA A 38 -41.75 14.73 -61.55
CA ALA A 38 -41.02 15.99 -61.58
C ALA A 38 -40.54 16.41 -60.20
N THR A 39 -40.64 15.54 -59.21
CA THR A 39 -40.21 15.88 -57.86
C THR A 39 -38.71 16.03 -57.80
N TYR A 40 -38.24 17.01 -57.03
CA TYR A 40 -36.82 17.26 -56.90
C TYR A 40 -36.12 16.06 -56.26
N PHE A 41 -34.94 15.73 -56.79
CA PHE A 41 -34.19 14.55 -56.37
C PHE A 41 -32.76 14.93 -56.03
N GLN A 42 -32.20 14.23 -55.04
CA GLN A 42 -30.84 14.45 -54.59
C GLN A 42 -29.89 13.64 -55.46
N SER A 43 -29.33 14.27 -56.48
CA SER A 43 -28.33 13.62 -57.31
C SER A 43 -26.95 13.71 -56.65
N SER A 44 -26.01 12.95 -57.20
CA SER A 44 -24.64 12.99 -56.71
C SER A 44 -23.69 13.01 -57.91
N ASP A 45 -22.50 13.54 -57.68
CA ASP A 45 -21.49 13.66 -58.71
C ASP A 45 -20.46 12.56 -58.56
N GLU A 46 -20.07 11.96 -59.68
CA GLU A 46 -19.01 10.98 -59.65
C GLU A 46 -17.68 11.65 -59.33
N HIS A 47 -16.74 10.86 -58.83
CA HIS A 47 -15.43 11.41 -58.50
C HIS A 47 -14.66 11.86 -59.74
N GLY A 48 -15.03 11.37 -60.91
CA GLY A 48 -14.36 11.78 -62.13
C GLY A 48 -15.36 12.02 -63.25
N PHE A 49 -15.03 12.99 -64.10
CA PHE A 49 -15.85 13.33 -65.23
C PHE A 49 -15.18 12.83 -66.51
N SER A 50 -15.98 12.70 -67.56
CA SER A 50 -15.49 12.23 -68.85
C SER A 50 -15.36 13.34 -69.88
N MET A 51 -16.44 14.10 -70.11
CA MET A 51 -16.40 15.15 -71.12
C MET A 51 -15.58 16.34 -70.63
N TYR A 52 -16.03 16.99 -69.56
CA TYR A 52 -15.27 18.06 -68.94
C TYR A 52 -14.33 17.40 -67.94
N TYR A 53 -13.15 17.04 -68.41
CA TYR A 53 -12.31 16.08 -67.70
C TYR A 53 -12.00 16.54 -66.29
N LYS A 54 -11.99 15.60 -65.38
CA LYS A 54 -11.62 15.78 -63.99
C LYS A 54 -11.10 14.45 -63.47
N PRO A 55 -9.84 14.37 -63.04
CA PRO A 55 -9.30 13.09 -62.60
C PRO A 55 -10.04 12.58 -61.39
N GLN A 56 -10.12 11.26 -61.27
CA GLN A 56 -10.81 10.67 -60.13
C GLN A 56 -10.17 11.06 -58.81
N VAL A 57 -8.91 11.47 -58.83
CA VAL A 57 -8.20 11.95 -57.66
C VAL A 57 -7.83 13.40 -57.89
N GLY A 58 -8.24 14.27 -56.97
CA GLY A 58 -7.88 15.66 -57.06
C GLY A 58 -8.68 16.41 -58.10
N PHE A 59 -8.31 17.67 -58.29
CA PHE A 59 -8.99 18.58 -59.19
C PHE A 59 -7.97 19.21 -60.13
N VAL A 60 -8.46 19.68 -61.27
CA VAL A 60 -7.61 20.33 -62.26
C VAL A 60 -7.53 21.82 -61.95
N GLY A 61 -6.31 22.37 -61.98
CA GLY A 61 -6.13 23.78 -61.78
C GLY A 61 -5.93 24.52 -63.09
N ASP A 62 -4.92 25.35 -63.18
CA ASP A 62 -4.71 26.14 -64.39
C ASP A 62 -4.24 25.24 -65.54
N PRO A 63 -4.93 25.25 -66.68
CA PRO A 63 -4.53 24.38 -67.78
C PRO A 63 -3.28 24.91 -68.49
N MET A 64 -2.71 24.03 -69.31
CA MET A 64 -1.51 24.34 -70.08
C MET A 64 -1.66 23.63 -71.41
N PRO A 65 -2.37 24.23 -72.34
CA PRO A 65 -2.57 23.57 -73.64
C PRO A 65 -1.27 23.50 -74.42
N PHE A 66 -1.15 22.45 -75.22
CA PHE A 66 0.03 22.24 -76.05
C PHE A 66 -0.33 21.30 -77.19
N TYR A 67 0.18 21.60 -78.37
CA TYR A 67 -0.05 20.78 -79.54
C TYR A 67 1.22 20.00 -79.84
N ASP A 68 1.12 18.68 -79.82
CA ASP A 68 2.29 17.85 -80.08
C ASP A 68 2.52 17.76 -81.58
N PRO A 69 3.63 18.27 -82.11
CA PRO A 69 3.88 18.18 -83.55
C PRO A 69 4.20 16.78 -84.02
N VAL A 70 4.46 15.85 -83.10
CA VAL A 70 4.80 14.49 -83.48
C VAL A 70 3.53 13.64 -83.47
N ALA A 71 2.84 13.59 -82.33
CA ALA A 71 1.64 12.78 -82.22
C ALA A 71 0.42 13.44 -82.85
N LYS A 72 0.52 14.71 -83.23
CA LYS A 72 -0.58 15.44 -83.88
C LYS A 72 -1.83 15.42 -83.01
N ASP A 73 -1.66 15.77 -81.74
CA ASP A 73 -2.77 15.78 -80.80
C ASP A 73 -2.57 16.92 -79.82
N PHE A 74 -3.53 17.10 -78.91
CA PHE A 74 -3.45 18.08 -77.85
C PHE A 74 -3.02 17.37 -76.58
N LYS A 75 -1.82 17.66 -76.11
CA LYS A 75 -1.36 17.16 -74.82
C LYS A 75 -1.44 18.31 -73.84
N VAL A 76 -2.65 18.54 -73.34
CA VAL A 76 -2.88 19.61 -72.37
C VAL A 76 -2.45 19.11 -70.99
N MET A 77 -1.65 19.93 -70.32
CA MET A 77 -1.11 19.63 -69.02
C MET A 77 -1.81 20.51 -68.00
N TYR A 78 -1.63 20.24 -66.71
CA TYR A 78 -2.31 21.04 -65.70
C TYR A 78 -1.67 20.80 -64.35
N LEU A 79 -2.24 21.40 -63.31
CA LEU A 79 -1.81 21.22 -61.93
C LEU A 79 -2.86 20.44 -61.18
N GLN A 80 -2.41 19.49 -60.36
CA GLN A 80 -3.30 18.66 -59.57
C GLN A 80 -3.48 19.32 -58.20
N ASP A 81 -4.66 19.89 -57.97
CA ASP A 81 -4.99 20.46 -56.68
C ASP A 81 -5.73 19.46 -55.82
N TYR A 82 -5.63 19.63 -54.51
CA TYR A 82 -6.32 18.80 -53.55
C TYR A 82 -6.99 19.68 -52.51
N ARG A 83 -8.18 19.30 -52.08
CA ARG A 83 -8.87 20.11 -51.07
C ARG A 83 -8.06 20.25 -49.78
N PRO A 84 -7.52 19.17 -49.20
CA PRO A 84 -6.57 19.38 -48.08
C PRO A 84 -5.13 19.45 -48.58
N ASN A 85 -4.77 20.61 -49.14
CA ASN A 85 -3.43 20.77 -49.68
C ASN A 85 -2.38 20.63 -48.57
N PRO A 86 -1.23 20.05 -48.86
CA PRO A 86 -0.12 20.07 -47.91
C PRO A 86 0.31 21.49 -47.59
N GLU A 87 1.20 21.61 -46.61
CA GLU A 87 1.56 22.93 -46.12
C GLU A 87 2.47 23.67 -47.09
N ALA A 88 3.46 22.99 -47.67
CA ALA A 88 4.50 23.65 -48.42
C ALA A 88 4.56 23.22 -49.88
N THR A 89 4.64 21.91 -50.14
CA THR A 89 4.86 21.41 -51.50
C THR A 89 3.54 20.88 -52.07
N TYR A 90 2.73 21.80 -52.58
CA TYR A 90 1.40 21.47 -53.10
C TYR A 90 1.17 22.11 -54.47
N HIS A 91 1.70 21.51 -55.53
CA HIS A 91 1.21 21.64 -56.90
C HIS A 91 1.87 20.62 -57.82
N PRO A 92 1.56 19.34 -57.67
CA PRO A 92 2.03 18.38 -58.67
C PRO A 92 1.43 18.70 -60.02
N ILE A 93 2.16 18.36 -61.08
CA ILE A 93 1.75 18.62 -62.44
C ILE A 93 1.35 17.31 -63.10
N PHE A 94 0.16 17.29 -63.69
CA PHE A 94 -0.35 16.14 -64.40
C PHE A 94 -0.72 16.54 -65.83
N GLY A 95 -0.63 15.58 -66.74
CA GLY A 95 -0.94 15.83 -68.13
C GLY A 95 -2.02 14.89 -68.64
N VAL A 96 -2.70 15.31 -69.70
CA VAL A 96 -3.78 14.53 -70.28
C VAL A 96 -3.85 14.83 -71.77
N ALA A 97 -4.05 13.80 -72.58
CA ALA A 97 -4.15 13.93 -74.03
C ALA A 97 -5.62 13.94 -74.43
N THR A 98 -6.00 14.94 -75.23
CA THR A 98 -7.39 15.17 -75.60
C THR A 98 -7.51 15.53 -77.07
N LYS A 99 -6.88 14.73 -77.94
CA LYS A 99 -6.78 15.03 -79.37
C LYS A 99 -8.08 15.54 -79.99
N ASP A 100 -9.22 14.96 -79.61
CA ASP A 100 -10.49 15.41 -80.16
C ASP A 100 -10.96 16.69 -79.46
N GLY A 101 -10.68 16.81 -78.17
CA GLY A 101 -11.24 17.86 -77.34
C GLY A 101 -12.32 17.40 -76.41
N ALA A 102 -12.83 16.17 -76.56
CA ALA A 102 -13.87 15.62 -75.70
C ALA A 102 -13.45 14.38 -74.94
N THR A 103 -12.59 13.55 -75.51
CA THR A 103 -12.06 12.37 -74.84
C THR A 103 -10.68 12.69 -74.27
N TYR A 104 -10.50 12.38 -72.99
CA TYR A 104 -9.28 12.74 -72.27
C TYR A 104 -8.68 11.47 -71.69
N GLU A 105 -7.43 11.20 -72.01
CA GLU A 105 -6.70 10.10 -71.38
C GLU A 105 -5.47 10.63 -70.65
N SER A 106 -5.36 10.27 -69.38
CA SER A 106 -4.38 10.85 -68.48
C SER A 106 -3.03 10.19 -68.68
N LEU A 107 -1.97 11.00 -68.62
CA LEU A 107 -0.60 10.54 -68.74
C LEU A 107 0.09 10.41 -67.39
N GLY A 108 -0.63 10.63 -66.29
CA GLY A 108 -0.03 10.55 -64.98
C GLY A 108 0.71 11.81 -64.60
N GLU A 109 1.40 11.73 -63.47
CA GLU A 109 2.23 12.85 -63.03
C GLU A 109 3.44 13.01 -63.93
N LEU A 110 3.75 14.25 -64.29
CA LEU A 110 4.88 14.55 -65.15
C LEU A 110 5.99 15.30 -64.42
N ILE A 111 5.67 16.41 -63.78
CA ILE A 111 6.64 17.21 -63.04
C ILE A 111 6.29 17.09 -61.56
N SER A 112 7.16 16.44 -60.80
CA SER A 112 6.94 16.27 -59.38
C SER A 112 7.30 17.56 -58.64
N CYS A 113 6.50 17.90 -57.64
CA CYS A 113 6.79 19.07 -56.83
C CYS A 113 8.10 18.88 -56.07
N GLY A 114 8.83 19.98 -55.89
CA GLY A 114 10.12 19.91 -55.26
C GLY A 114 10.03 19.71 -53.76
N GLY A 115 11.19 19.76 -53.12
CA GLY A 115 11.25 19.61 -51.69
C GLY A 115 10.73 20.82 -50.96
N ARG A 116 10.63 20.68 -49.63
CA ARG A 116 10.12 21.77 -48.81
C ARG A 116 10.99 23.00 -48.90
N ASP A 117 12.31 22.81 -48.84
CA ASP A 117 13.25 23.92 -48.85
C ASP A 117 13.60 24.39 -50.25
N GLU A 118 13.24 23.63 -51.27
CA GLU A 118 13.56 24.02 -52.64
C GLU A 118 12.68 25.17 -53.10
N GLN A 119 13.11 25.83 -54.17
CA GLN A 119 12.34 26.95 -54.70
C GLN A 119 11.07 26.48 -55.40
N ASP A 120 11.05 25.24 -55.89
CA ASP A 120 9.89 24.71 -56.61
C ASP A 120 9.02 23.82 -55.73
N ALA A 121 8.83 24.20 -54.47
CA ALA A 121 7.91 23.46 -53.61
C ALA A 121 6.50 23.48 -54.19
N ALA A 122 6.03 24.67 -54.59
CA ALA A 122 4.77 24.83 -55.28
C ALA A 122 5.05 25.30 -56.70
N ILE A 123 4.34 24.73 -57.66
CA ILE A 123 4.59 24.99 -59.07
C ILE A 123 3.43 25.79 -59.65
N GLY A 124 3.76 26.90 -60.32
CA GLY A 124 2.77 27.73 -60.97
C GLY A 124 2.56 27.35 -62.42
N THR A 125 1.76 28.15 -63.10
CA THR A 125 1.44 27.91 -64.49
C THR A 125 2.67 28.14 -65.36
N GLY A 126 2.73 27.44 -66.49
CA GLY A 126 3.83 27.60 -67.41
C GLY A 126 3.49 27.32 -68.86
N GLY A 127 4.53 27.17 -69.69
CA GLY A 127 4.36 26.90 -71.10
C GLY A 127 5.24 25.74 -71.55
N THR A 128 5.15 25.44 -72.84
CA THR A 128 5.87 24.30 -73.40
C THR A 128 6.14 24.51 -74.88
N ILE A 129 7.36 24.19 -75.31
CA ILE A 129 7.75 24.21 -76.71
C ILE A 129 8.45 22.90 -77.01
N TYR A 130 8.43 22.52 -78.29
CA TYR A 130 9.21 21.39 -78.79
C TYR A 130 10.31 21.91 -79.70
N ASN A 131 11.56 21.55 -79.40
CA ASN A 131 12.69 21.88 -80.25
C ASN A 131 12.99 20.69 -81.14
N PRO A 132 12.78 20.80 -82.45
CA PRO A 132 13.23 19.72 -83.36
C PRO A 132 14.73 19.70 -83.56
N ALA A 133 15.43 20.77 -83.17
CA ALA A 133 16.89 20.80 -83.34
C ALA A 133 17.54 19.69 -82.53
N ASP A 134 17.11 19.49 -81.29
CA ASP A 134 17.57 18.40 -80.46
C ASP A 134 16.45 17.41 -80.15
N LYS A 135 15.27 17.60 -80.74
CA LYS A 135 14.12 16.73 -80.54
C LYS A 135 13.80 16.57 -79.06
N LEU A 136 13.57 17.70 -78.41
CA LEU A 136 13.31 17.72 -76.98
C LEU A 136 12.15 18.64 -76.65
N TYR A 137 11.33 18.23 -75.69
CA TYR A 137 10.24 19.07 -75.20
C TYR A 137 10.74 19.83 -73.98
N TYR A 138 10.67 21.16 -74.06
CA TYR A 138 11.07 22.04 -72.97
C TYR A 138 9.80 22.66 -72.38
N THR A 139 9.61 22.48 -71.08
CA THR A 139 8.50 23.12 -70.38
C THR A 139 9.05 24.08 -69.34
N PHE A 140 8.41 25.23 -69.23
CA PHE A 140 8.82 26.30 -68.33
C PHE A 140 7.72 26.52 -67.32
N TYR A 141 8.08 26.51 -66.04
CA TYR A 141 7.10 26.66 -64.98
C TYR A 141 7.64 27.63 -63.93
N THR A 142 6.84 27.90 -62.91
CA THR A 142 7.16 28.86 -61.87
C THR A 142 7.22 28.16 -60.53
N GLY A 143 8.42 28.05 -59.96
CA GLY A 143 8.58 27.53 -58.62
C GLY A 143 8.29 28.62 -57.61
N ASN A 144 7.48 28.27 -56.61
CA ASN A 144 7.09 29.19 -55.54
C ASN A 144 7.78 28.77 -54.26
N LYS A 145 8.64 29.63 -53.75
CA LYS A 145 9.33 29.33 -52.50
C LYS A 145 8.36 29.37 -51.33
N PHE A 146 8.48 28.40 -50.44
CA PHE A 146 7.64 28.36 -49.25
C PHE A 146 8.22 29.26 -48.17
N LYS A 147 7.38 30.12 -47.61
CA LYS A 147 7.74 31.13 -46.62
C LYS A 147 9.06 31.83 -46.94
N PRO A 148 9.18 32.42 -48.14
CA PRO A 148 10.47 32.96 -48.56
C PRO A 148 10.91 34.12 -47.69
N SER A 149 12.23 34.26 -47.55
CA SER A 149 12.80 35.36 -46.79
C SER A 149 12.86 36.63 -47.64
N SER A 150 13.33 37.72 -47.03
CA SER A 150 13.41 38.98 -47.74
C SER A 150 14.38 38.90 -48.91
N ASP A 151 15.51 38.24 -48.70
CA ASP A 151 16.55 38.14 -49.72
C ASP A 151 16.31 37.00 -50.71
N GLN A 152 15.24 36.23 -50.53
CA GLN A 152 14.95 35.08 -51.38
C GLN A 152 13.81 35.42 -52.33
N ASN A 153 14.01 35.16 -53.62
CA ASN A 153 12.97 35.40 -54.60
C ASN A 153 11.80 34.46 -54.37
N ALA A 154 10.59 35.02 -54.32
CA ALA A 154 9.42 34.22 -54.04
C ALA A 154 9.04 33.34 -55.23
N GLN A 155 9.23 33.84 -56.45
CA GLN A 155 8.85 33.10 -57.65
C GLN A 155 10.01 33.08 -58.61
N VAL A 156 10.37 31.88 -59.09
CA VAL A 156 11.50 31.72 -60.00
C VAL A 156 11.08 30.81 -61.15
N VAL A 157 11.40 31.22 -62.37
CA VAL A 157 11.07 30.41 -63.53
C VAL A 157 12.11 29.32 -63.72
N MET A 158 11.65 28.08 -63.85
CA MET A 158 12.51 26.94 -64.10
C MET A 158 12.05 26.21 -65.36
N VAL A 159 12.86 25.25 -65.78
CA VAL A 159 12.61 24.50 -67.02
C VAL A 159 12.86 23.01 -66.77
N ALA A 160 12.04 22.17 -67.39
CA ALA A 160 12.21 20.73 -67.37
C ALA A 160 12.18 20.21 -68.81
N THR A 161 13.01 19.22 -69.08
CA THR A 161 13.20 18.69 -70.43
C THR A 161 12.75 17.25 -70.49
N SER A 162 12.17 16.87 -71.64
CA SER A 162 11.76 15.50 -71.88
C SER A 162 12.17 15.06 -73.27
N PRO A 163 12.60 13.81 -73.44
CA PRO A 163 12.92 13.30 -74.77
C PRO A 163 11.70 12.73 -75.49
N ASP A 164 10.72 12.25 -74.74
CA ASP A 164 9.56 11.62 -75.36
C ASP A 164 8.24 12.02 -74.68
N PHE A 165 8.23 13.13 -73.95
CA PHE A 165 7.06 13.63 -73.23
C PHE A 165 6.57 12.66 -72.18
N LYS A 166 7.36 11.65 -71.83
CA LYS A 166 6.97 10.66 -70.83
C LYS A 166 7.71 10.84 -69.51
N THR A 167 9.03 10.94 -69.55
CA THR A 167 9.84 11.21 -68.38
C THR A 167 10.47 12.59 -68.49
N TRP A 168 10.58 13.27 -67.36
CA TRP A 168 11.03 14.66 -67.32
C TRP A 168 12.18 14.81 -66.35
N THR A 169 13.16 15.62 -66.75
CA THR A 169 14.30 15.96 -65.91
C THR A 169 14.37 17.47 -65.78
N LYS A 170 14.35 17.96 -64.55
CA LYS A 170 14.44 19.40 -64.32
C LYS A 170 15.88 19.86 -64.51
N ASN A 171 16.05 20.96 -65.25
CA ASN A 171 17.39 21.52 -65.45
C ASN A 171 17.76 22.30 -64.20
N ARG A 172 18.65 21.73 -63.39
CA ARG A 172 19.02 22.35 -62.13
C ARG A 172 19.89 23.59 -62.30
N THR A 173 20.41 23.83 -63.50
CA THR A 173 21.30 24.96 -63.74
C THR A 173 20.57 26.22 -64.15
N PHE A 174 19.26 26.17 -64.36
CA PHE A 174 18.49 27.30 -64.83
C PHE A 174 17.68 27.89 -63.67
N TYR A 175 17.90 29.16 -63.38
CA TYR A 175 17.15 29.86 -62.34
C TYR A 175 17.03 31.32 -62.77
N LEU A 176 15.91 31.64 -63.43
CA LEU A 176 15.69 32.98 -63.96
C LEU A 176 15.05 33.81 -62.86
N LYS A 177 15.85 34.64 -62.19
CA LYS A 177 15.37 35.42 -61.07
C LYS A 177 14.71 36.70 -61.55
N GLY A 178 13.60 37.05 -60.89
CA GLY A 178 12.89 38.27 -61.27
C GLY A 178 13.67 39.53 -60.95
N ASP A 179 14.33 39.57 -59.80
CA ASP A 179 15.05 40.75 -59.38
C ASP A 179 16.31 41.01 -60.19
N THR A 180 16.74 40.04 -61.00
CA THR A 180 17.93 40.26 -61.83
C THR A 180 17.73 41.41 -62.80
N TYR A 181 16.55 41.48 -63.40
CA TYR A 181 16.26 42.49 -64.42
C TYR A 181 15.34 43.60 -63.88
N GLY A 182 15.42 43.86 -62.57
CA GLY A 182 14.68 44.95 -61.99
C GLY A 182 13.21 44.70 -61.77
N TYR A 183 12.74 43.47 -62.01
CA TYR A 183 11.34 43.15 -61.84
C TYR A 183 11.07 42.69 -60.41
N ASP A 184 9.79 42.48 -60.11
CA ASP A 184 9.37 42.18 -58.76
C ASP A 184 9.89 40.82 -58.31
N LYS A 185 10.27 40.73 -57.04
CA LYS A 185 10.70 39.45 -56.49
C LYS A 185 9.52 38.53 -56.24
N ASN A 186 8.41 39.06 -55.73
CA ASN A 186 7.26 38.26 -55.37
C ASN A 186 6.22 38.14 -56.47
N ASP A 187 6.38 38.87 -57.58
CA ASP A 187 5.40 38.86 -58.67
C ASP A 187 6.14 38.51 -59.96
N PHE A 188 6.28 37.23 -60.23
CA PHE A 188 6.95 36.75 -61.43
C PHE A 188 6.32 35.41 -61.79
N ARG A 189 5.30 35.46 -62.65
CA ARG A 189 4.42 34.31 -62.84
C ARG A 189 4.16 34.07 -64.31
N ASP A 190 3.69 32.87 -64.60
CA ASP A 190 3.09 32.47 -65.87
C ASP A 190 4.02 32.70 -67.06
N PRO A 191 5.11 31.95 -67.16
CA PRO A 191 5.96 32.09 -68.35
C PRO A 191 5.29 31.52 -69.58
N PHE A 192 4.85 32.39 -70.49
CA PHE A 192 4.27 31.93 -71.74
C PHE A 192 5.35 31.90 -72.82
N LEU A 193 5.39 30.81 -73.57
CA LEU A 193 6.43 30.59 -74.57
C LEU A 193 5.82 30.60 -75.95
N PHE A 194 6.47 31.31 -76.88
CA PHE A 194 6.03 31.20 -78.27
C PHE A 194 7.17 31.56 -79.20
N GLN A 195 7.17 30.93 -80.37
CA GLN A 195 8.20 31.14 -81.38
C GLN A 195 7.58 31.88 -82.57
N THR A 196 8.26 32.94 -83.00
CA THR A 196 7.78 33.73 -84.14
C THR A 196 8.20 33.08 -85.45
N GLU A 197 7.85 33.73 -86.56
CA GLU A 197 8.17 33.20 -87.87
C GLU A 197 9.68 33.19 -88.11
N ASP A 198 10.38 34.21 -87.62
CA ASP A 198 11.83 34.29 -87.81
C ASP A 198 12.57 33.17 -87.09
N GLY A 199 11.93 32.51 -86.12
CA GLY A 199 12.51 31.38 -85.45
C GLY A 199 13.04 31.64 -84.05
N VAL A 200 12.93 32.86 -83.55
CA VAL A 200 13.37 33.16 -82.19
C VAL A 200 12.23 32.86 -81.23
N TYR A 201 12.59 32.55 -79.99
CA TYR A 201 11.62 32.21 -78.97
C TYR A 201 11.47 33.38 -78.00
N HIS A 202 10.23 33.66 -77.60
CA HIS A 202 9.92 34.71 -76.64
C HIS A 202 9.22 34.10 -75.43
N MET A 203 9.62 34.59 -74.26
CA MET A 203 9.09 34.17 -72.98
C MET A 203 8.47 35.39 -72.30
N LEU A 204 7.19 35.29 -71.98
CA LEU A 204 6.42 36.41 -71.44
C LEU A 204 6.12 36.14 -69.97
N ILE A 205 6.39 37.14 -69.13
CA ILE A 205 6.16 37.06 -67.69
C ILE A 205 5.23 38.19 -67.28
N ALA A 206 4.18 37.84 -66.55
CA ALA A 206 3.29 38.84 -65.97
C ALA A 206 3.89 39.26 -64.63
N THR A 207 4.80 40.22 -64.67
CA THR A 207 5.50 40.68 -63.48
C THR A 207 5.03 42.08 -63.12
N ARG A 208 5.63 42.65 -62.08
CA ARG A 208 5.35 43.99 -61.64
C ARG A 208 6.65 44.79 -61.63
N LYS A 209 6.65 45.94 -62.30
CA LYS A 209 7.75 46.88 -62.23
C LYS A 209 7.28 48.13 -61.51
N ASN A 210 8.06 48.56 -60.52
CA ASN A 210 7.84 49.77 -59.72
C ASN A 210 6.35 50.03 -59.46
N GLY A 211 5.65 48.98 -59.04
CA GLY A 211 4.26 49.09 -58.67
C GLY A 211 3.26 49.08 -59.81
N LYS A 212 3.67 48.64 -60.99
CA LYS A 212 2.78 48.63 -62.15
C LYS A 212 2.83 47.25 -62.80
N GLY A 213 1.68 46.82 -63.33
CA GLY A 213 1.60 45.54 -64.00
C GLY A 213 2.29 45.60 -65.35
N HIS A 214 3.32 44.78 -65.54
CA HIS A 214 4.08 44.76 -66.78
C HIS A 214 4.19 43.34 -67.30
N ILE A 215 3.84 43.15 -68.56
CA ILE A 215 4.10 41.91 -69.27
C ILE A 215 5.47 42.08 -69.92
N ALA A 216 6.47 41.40 -69.37
CA ALA A 216 7.85 41.52 -69.80
C ALA A 216 8.22 40.38 -70.74
N GLU A 217 9.12 40.67 -71.67
CA GLU A 217 9.52 39.72 -72.70
C GLU A 217 11.00 39.41 -72.59
N PHE A 218 11.33 38.14 -72.79
CA PHE A 218 12.71 37.68 -72.87
C PHE A 218 12.89 36.94 -74.19
N THR A 219 13.92 37.30 -74.93
CA THR A 219 14.19 36.69 -76.23
C THR A 219 15.30 35.66 -76.11
N SER A 220 15.22 34.63 -76.95
CA SER A 220 16.25 33.62 -77.00
C SER A 220 16.27 32.98 -78.39
N ALA A 221 17.38 32.33 -78.70
CA ALA A 221 17.52 31.59 -79.94
C ALA A 221 17.78 30.11 -79.72
N ASP A 222 18.03 29.67 -78.49
CA ASP A 222 18.23 28.26 -78.18
C ASP A 222 17.51 27.82 -76.93
N LEU A 223 16.72 28.70 -76.30
CA LEU A 223 15.97 28.38 -75.09
C LEU A 223 16.88 27.93 -73.94
N LYS A 224 18.09 28.49 -73.89
CA LYS A 224 18.99 28.22 -72.78
C LYS A 224 19.55 29.52 -72.20
N GLU A 225 19.63 30.55 -73.03
CA GLU A 225 20.06 31.88 -72.60
C GLU A 225 19.05 32.91 -73.05
N TRP A 226 18.74 33.85 -72.17
CA TRP A 226 17.67 34.81 -72.41
C TRP A 226 18.17 36.25 -72.26
N GLU A 227 17.65 37.12 -73.11
CA GLU A 227 17.96 38.55 -73.06
C GLU A 227 16.66 39.30 -72.82
N SER A 228 16.64 40.14 -71.78
CA SER A 228 15.44 40.89 -71.44
C SER A 228 15.18 41.94 -72.51
N ALA A 229 14.14 41.77 -73.30
CA ALA A 229 13.79 42.73 -74.35
C ALA A 229 12.84 43.80 -73.82
N GLY A 230 13.21 44.40 -72.69
CA GLY A 230 12.41 45.46 -72.10
C GLY A 230 11.06 44.95 -71.64
N THR A 231 10.09 45.87 -71.66
CA THR A 231 8.71 45.56 -71.29
C THR A 231 7.89 45.38 -72.55
N PHE A 232 7.34 44.18 -72.73
CA PHE A 232 6.52 43.90 -73.90
C PHE A 232 5.25 44.75 -73.89
N MET A 233 4.61 44.88 -72.73
CA MET A 233 3.32 45.56 -72.66
C MET A 233 3.06 45.96 -71.22
N THR A 234 2.17 46.93 -71.04
CA THR A 234 1.74 47.36 -69.72
C THR A 234 0.32 46.88 -69.45
N MET A 235 -0.12 47.09 -68.22
CA MET A 235 -1.45 46.67 -67.79
C MET A 235 -2.34 47.90 -67.59
N MET A 236 -3.60 47.64 -67.29
CA MET A 236 -4.63 48.67 -67.19
C MET A 236 -5.05 48.84 -65.74
N TRP A 237 -5.06 50.09 -65.26
CA TRP A 237 -5.63 50.45 -63.97
C TRP A 237 -5.09 49.56 -62.85
N ASP A 238 -3.76 49.49 -62.78
CA ASP A 238 -2.99 48.72 -61.80
C ASP A 238 -3.60 47.37 -61.46
N ARG A 239 -4.16 46.69 -62.47
CA ARG A 239 -4.66 45.34 -62.28
C ARG A 239 -3.52 44.35 -62.49
N PHE A 240 -3.84 43.06 -62.40
CA PHE A 240 -2.86 42.01 -62.64
C PHE A 240 -3.43 41.00 -63.61
N TYR A 241 -2.59 40.55 -64.53
CA TYR A 241 -3.00 39.62 -65.58
C TYR A 241 -2.45 38.24 -65.26
N GLU A 242 -3.29 37.23 -65.35
CA GLU A 242 -2.92 35.86 -65.04
C GLU A 242 -2.85 35.03 -66.31
N CYS A 243 -1.77 34.28 -66.47
CA CYS A 243 -1.59 33.35 -67.59
C CYS A 243 -1.78 34.04 -68.94
N PRO A 244 -0.95 35.03 -69.27
CA PRO A 244 -1.09 35.68 -70.58
C PRO A 244 -0.70 34.73 -71.70
N ASP A 245 -1.32 34.94 -72.87
CA ASP A 245 -1.06 34.10 -74.02
C ASP A 245 -1.27 34.93 -75.28
N VAL A 246 -0.23 35.04 -76.10
CA VAL A 246 -0.26 35.80 -77.34
C VAL A 246 -0.30 34.82 -78.49
N PHE A 247 -1.18 35.07 -79.47
CA PHE A 247 -1.27 34.20 -80.63
C PHE A 247 -1.74 35.02 -81.83
N LYS A 248 -1.78 34.36 -82.98
CA LYS A 248 -2.24 34.97 -84.22
C LYS A 248 -3.37 34.13 -84.81
N MET A 249 -4.44 34.81 -85.24
CA MET A 249 -5.62 34.14 -85.79
C MET A 249 -5.94 34.77 -87.15
N GLY A 250 -5.30 34.27 -88.20
CA GLY A 250 -5.61 34.71 -89.55
C GLY A 250 -5.00 36.04 -89.91
N ASP A 251 -5.58 37.12 -89.39
CA ASP A 251 -5.13 38.47 -89.71
C ASP A 251 -5.01 39.36 -88.47
N TRP A 252 -5.16 38.79 -87.28
CA TRP A 252 -5.13 39.56 -86.05
C TRP A 252 -4.20 38.90 -85.04
N TRP A 253 -3.63 39.72 -84.17
CA TRP A 253 -2.80 39.25 -83.07
C TRP A 253 -3.56 39.49 -81.78
N TYR A 254 -3.79 38.42 -81.04
CA TYR A 254 -4.62 38.45 -79.84
C TYR A 254 -3.78 38.14 -78.61
N LEU A 255 -4.15 38.78 -77.50
CA LEU A 255 -3.59 38.50 -76.19
C LEU A 255 -4.74 38.13 -75.26
N ILE A 256 -4.80 36.86 -74.90
CA ILE A 256 -5.80 36.39 -73.94
C ILE A 256 -5.15 36.37 -72.56
N TYR A 257 -5.94 36.73 -71.55
CA TYR A 257 -5.40 36.84 -70.20
C TYR A 257 -6.56 36.70 -69.22
N SER A 258 -6.21 36.39 -67.97
CA SER A 258 -7.17 36.25 -66.89
C SER A 258 -6.91 37.34 -65.86
N GLU A 259 -7.98 38.00 -65.44
CA GLU A 259 -7.83 39.12 -64.51
C GLU A 259 -7.72 38.62 -63.08
N GLN A 260 -6.67 39.05 -62.39
CA GLN A 260 -6.46 38.68 -60.99
C GLN A 260 -7.33 39.48 -60.04
N ALA A 261 -7.88 40.61 -60.49
CA ALA A 261 -8.67 41.45 -59.61
C ALA A 261 -9.88 40.70 -59.09
N SER A 262 -10.12 40.81 -57.78
CA SER A 262 -11.21 40.06 -57.15
C SER A 262 -12.56 40.50 -57.67
N PHE A 263 -12.73 41.80 -57.90
CA PHE A 263 -14.02 42.30 -58.35
C PHE A 263 -14.38 41.77 -59.73
N MET A 264 -13.38 41.58 -60.60
CA MET A 264 -13.63 41.12 -61.96
C MET A 264 -13.44 39.61 -62.08
N ARG A 265 -12.23 39.10 -61.84
CA ARG A 265 -11.95 37.67 -61.77
C ARG A 265 -12.46 36.93 -62.99
N LYS A 266 -12.26 37.50 -64.17
CA LYS A 266 -12.81 36.93 -65.39
C LYS A 266 -11.82 37.08 -66.53
N VAL A 267 -12.04 36.29 -67.58
CA VAL A 267 -11.12 36.19 -68.70
C VAL A 267 -11.48 37.24 -69.75
N GLN A 268 -10.49 38.03 -70.16
CA GLN A 268 -10.65 39.03 -71.20
C GLN A 268 -9.56 38.87 -72.24
N TYR A 269 -9.68 39.62 -73.32
CA TYR A 269 -8.74 39.52 -74.43
C TYR A 269 -8.55 40.86 -75.10
N PHE A 270 -7.47 40.98 -75.85
CA PHE A 270 -7.15 42.17 -76.62
C PHE A 270 -6.90 41.80 -78.07
N LYS A 271 -7.14 42.76 -78.96
CA LYS A 271 -7.07 42.53 -80.39
C LYS A 271 -6.14 43.54 -81.03
N GLY A 272 -5.58 43.16 -82.18
CA GLY A 272 -4.69 44.02 -82.92
C GLY A 272 -4.32 43.42 -84.27
N ARG A 273 -4.22 44.27 -85.29
CA ARG A 273 -3.86 43.78 -86.62
C ARG A 273 -2.45 43.21 -86.65
N THR A 274 -1.51 43.88 -85.98
CA THR A 274 -0.12 43.47 -85.95
C THR A 274 0.34 43.36 -84.49
N LEU A 275 1.51 42.75 -84.31
CA LEU A 275 2.09 42.67 -82.98
C LEU A 275 2.40 44.06 -82.45
N GLU A 276 2.90 44.95 -83.29
CA GLU A 276 3.16 46.32 -82.88
C GLU A 276 1.87 47.01 -82.48
N ASP A 277 0.80 46.79 -83.25
CA ASP A 277 -0.50 47.36 -82.89
C ASP A 277 -0.98 46.84 -81.54
N LEU A 278 -0.83 45.54 -81.30
CA LEU A 278 -1.24 44.97 -80.03
C LEU A 278 -0.45 45.57 -78.88
N LYS A 279 0.87 45.73 -79.06
CA LYS A 279 1.69 46.32 -78.00
C LYS A 279 1.29 47.76 -77.75
N ALA A 280 1.05 48.53 -78.81
CA ALA A 280 0.64 49.92 -78.66
C ALA A 280 -0.75 50.05 -78.06
N THR A 281 -1.56 49.00 -78.17
CA THR A 281 -2.85 49.01 -77.50
C THR A 281 -2.66 49.19 -76.00
N THR A 282 -3.51 50.02 -75.40
CA THR A 282 -3.42 50.45 -74.01
C THR A 282 -1.97 50.66 -73.57
N ALA A 283 -1.23 51.41 -74.39
CA ALA A 283 0.16 51.71 -74.07
C ALA A 283 0.26 52.47 -72.75
N ASN A 284 -0.52 53.54 -72.60
CA ASN A 284 -0.62 54.27 -71.34
C ASN A 284 -2.11 54.47 -71.05
N ASP A 285 -2.74 53.45 -70.47
CA ASP A 285 -4.14 53.47 -70.09
C ASP A 285 -5.05 53.92 -71.24
N ALA A 286 -4.66 53.57 -72.47
CA ALA A 286 -5.50 53.91 -73.61
C ALA A 286 -6.82 53.17 -73.56
N GLY A 287 -6.79 51.90 -73.15
CA GLY A 287 -8.00 51.12 -72.99
C GLY A 287 -8.77 50.89 -74.27
N ILE A 288 -8.05 50.49 -75.33
CA ILE A 288 -8.68 50.24 -76.62
C ILE A 288 -9.34 48.87 -76.57
N TRP A 289 -10.61 48.84 -76.18
CA TRP A 289 -11.30 47.57 -76.02
C TRP A 289 -11.56 46.94 -77.38
N PRO A 290 -11.42 45.62 -77.50
CA PRO A 290 -11.71 44.97 -78.78
C PRO A 290 -13.15 45.13 -79.22
N ASP A 291 -14.09 45.24 -78.29
CA ASP A 291 -15.50 45.33 -78.63
C ASP A 291 -16.23 46.06 -77.52
N ASN A 292 -17.55 46.18 -77.68
CA ASN A 292 -18.38 46.94 -76.76
C ASN A 292 -18.51 46.29 -75.40
N ARG A 293 -18.09 45.03 -75.24
CA ARG A 293 -18.23 44.33 -73.98
C ARG A 293 -16.92 44.26 -73.20
N GLU A 294 -15.99 45.18 -73.45
CA GLU A 294 -14.70 45.24 -72.78
C GLU A 294 -13.91 43.94 -72.95
N GLY A 295 -14.11 43.26 -74.06
CA GLY A 295 -13.34 42.06 -74.33
C GLY A 295 -13.67 40.89 -73.44
N MET A 296 -14.84 40.88 -72.82
CA MET A 296 -15.23 39.77 -71.98
C MET A 296 -15.46 38.53 -72.82
N LEU A 297 -15.09 37.38 -72.27
CA LEU A 297 -15.30 36.10 -72.96
C LEU A 297 -16.19 35.14 -72.19
N ASP A 298 -16.08 35.12 -70.86
CA ASP A 298 -16.90 34.23 -70.06
C ASP A 298 -16.99 34.80 -68.66
N SER A 299 -17.93 34.25 -67.88
CA SER A 299 -18.21 34.77 -66.55
C SER A 299 -17.18 34.24 -65.55
N ARG A 300 -17.45 34.46 -64.26
CA ARG A 300 -16.54 34.07 -63.20
C ARG A 300 -16.38 32.55 -63.09
N ALA A 301 -17.24 31.77 -63.73
CA ALA A 301 -17.11 30.32 -63.69
C ALA A 301 -16.09 29.79 -64.69
N PHE A 302 -15.27 30.66 -65.28
CA PHE A 302 -14.27 30.25 -66.24
C PHE A 302 -13.03 31.11 -66.01
N TYR A 303 -11.88 30.45 -65.83
CA TYR A 303 -10.67 31.15 -65.43
C TYR A 303 -9.46 30.47 -66.03
N ALA A 304 -8.35 31.20 -66.07
CA ALA A 304 -7.08 30.68 -66.57
C ALA A 304 -7.21 30.11 -67.97
N GLY A 305 -8.00 30.79 -68.81
CA GLY A 305 -8.18 30.34 -70.18
C GLY A 305 -6.88 30.44 -70.94
N LYS A 306 -6.45 29.34 -71.54
CA LYS A 306 -5.24 29.33 -72.36
C LYS A 306 -5.51 28.51 -73.61
N THR A 307 -5.00 28.97 -74.75
CA THR A 307 -5.40 28.45 -76.04
C THR A 307 -4.29 27.67 -76.72
N ALA A 308 -4.68 26.83 -77.67
CA ALA A 308 -3.76 26.08 -78.51
C ALA A 308 -4.46 25.69 -79.80
N SER A 309 -3.67 25.53 -80.86
CA SER A 309 -4.18 25.21 -82.18
C SER A 309 -3.55 23.94 -82.71
N ASP A 310 -4.32 23.19 -83.49
CA ASP A 310 -3.82 22.03 -84.22
C ASP A 310 -3.54 22.35 -85.68
N GLY A 311 -3.64 23.62 -86.07
CA GLY A 311 -3.48 24.04 -87.44
C GLY A 311 -4.78 24.32 -88.16
N THR A 312 -5.90 23.84 -87.64
CA THR A 312 -7.20 24.10 -88.25
C THR A 312 -8.25 24.63 -87.27
N ASN A 313 -8.11 24.37 -85.97
CA ASN A 313 -9.03 24.88 -84.98
C ASN A 313 -8.25 25.40 -83.80
N ARG A 314 -8.85 26.36 -83.09
CA ARG A 314 -8.26 26.96 -81.90
C ARG A 314 -9.14 26.63 -80.71
N TYR A 315 -8.58 25.96 -79.72
CA TYR A 315 -9.30 25.55 -78.53
C TYR A 315 -8.71 26.22 -77.31
N ILE A 316 -9.57 26.75 -76.45
CA ILE A 316 -9.16 27.36 -75.19
C ILE A 316 -9.62 26.47 -74.04
N TRP A 317 -8.72 26.23 -73.11
CA TRP A 317 -8.97 25.40 -71.94
C TRP A 317 -8.96 26.26 -70.69
N GLY A 318 -9.94 26.03 -69.82
CA GLY A 318 -10.02 26.70 -68.55
C GLY A 318 -10.53 25.76 -67.48
N TRP A 319 -10.75 26.25 -66.25
CA TRP A 319 -11.30 25.40 -65.20
C TRP A 319 -12.52 26.07 -64.59
N CYS A 320 -13.64 25.38 -64.65
CA CYS A 320 -14.83 25.79 -63.93
C CYS A 320 -14.64 25.49 -62.45
N PRO A 321 -14.77 26.48 -61.58
CA PRO A 321 -14.50 26.25 -60.15
C PRO A 321 -15.58 25.42 -59.49
N THR A 322 -15.20 24.79 -58.38
CA THR A 322 -16.17 24.16 -57.51
C THR A 322 -16.77 25.19 -56.55
N ARG A 323 -17.79 24.78 -55.83
CA ARG A 323 -18.48 25.64 -54.89
C ARG A 323 -18.27 25.14 -53.46
N ALA A 324 -18.06 26.07 -52.54
CA ALA A 324 -17.89 25.71 -51.15
C ALA A 324 -19.17 25.09 -50.62
N GLY A 325 -19.05 23.92 -49.99
CA GLY A 325 -20.22 23.21 -49.53
C GLY A 325 -21.17 22.83 -50.65
N ASN A 326 -20.63 22.52 -51.83
CA ASN A 326 -21.33 22.07 -53.04
C ASN A 326 -22.72 22.70 -53.18
N ASP A 327 -22.79 24.01 -53.00
CA ASP A 327 -24.03 24.77 -53.10
C ASP A 327 -23.92 25.73 -54.27
N ASN A 328 -24.91 25.72 -55.15
CA ASN A 328 -24.85 26.58 -56.33
C ASN A 328 -24.89 28.04 -55.93
N GLY A 329 -25.62 28.37 -54.86
CA GLY A 329 -25.75 29.75 -54.43
C GLY A 329 -24.52 30.30 -53.75
N ASN A 330 -23.65 29.43 -53.22
CA ASN A 330 -22.45 29.88 -52.52
C ASN A 330 -21.33 30.13 -53.54
N VAL A 331 -21.51 31.20 -54.30
CA VAL A 331 -20.51 31.58 -55.29
C VAL A 331 -19.21 31.95 -54.59
N GLY A 332 -19.30 32.64 -53.47
CA GLY A 332 -18.12 33.02 -52.73
C GLY A 332 -17.72 34.45 -52.99
N ASP A 333 -17.66 35.26 -51.93
CA ASP A 333 -17.31 36.65 -52.09
C ASP A 333 -15.84 36.79 -52.45
N VAL A 334 -15.47 38.00 -52.86
CA VAL A 334 -14.10 38.37 -53.18
C VAL A 334 -13.63 37.57 -54.39
N GLU A 335 -13.39 36.27 -54.21
CA GLU A 335 -13.02 35.41 -55.32
C GLU A 335 -13.68 34.04 -55.14
N PRO A 336 -13.92 33.32 -56.22
CA PRO A 336 -14.47 31.97 -56.12
C PRO A 336 -13.38 30.99 -55.68
N GLU A 337 -13.77 29.73 -55.56
CA GLU A 337 -12.84 28.69 -55.15
C GLU A 337 -11.84 28.41 -56.26
N TRP A 338 -10.74 27.76 -55.89
CA TRP A 338 -9.69 27.44 -56.85
C TRP A 338 -9.84 26.02 -57.35
N ALA A 339 -9.28 25.77 -58.53
CA ALA A 339 -9.36 24.47 -59.22
C ALA A 339 -10.79 24.09 -59.54
N GLY A 340 -11.00 22.95 -60.19
CA GLY A 340 -12.32 22.55 -60.59
C GLY A 340 -12.36 21.52 -61.71
N ASN A 341 -13.11 21.81 -62.76
CA ASN A 341 -13.29 20.91 -63.89
C ASN A 341 -12.70 21.53 -65.15
N LEU A 342 -11.97 20.72 -65.91
CA LEU A 342 -11.31 21.19 -67.11
C LEU A 342 -12.34 21.34 -68.23
N VAL A 343 -12.51 22.56 -68.73
CA VAL A 343 -13.52 22.86 -69.74
C VAL A 343 -12.81 23.34 -71.01
N ALA A 344 -13.17 22.75 -72.13
CA ALA A 344 -12.59 23.09 -73.43
C ALA A 344 -13.66 23.75 -74.29
N GLN A 345 -13.32 24.90 -74.88
CA GLN A 345 -14.21 25.61 -75.79
C GLN A 345 -13.45 25.93 -77.06
N ARG A 346 -14.20 26.25 -78.11
CA ARG A 346 -13.62 26.55 -79.42
C ARG A 346 -13.73 28.03 -79.69
N LEU A 347 -12.60 28.66 -79.99
CA LEU A 347 -12.59 30.09 -80.28
C LEU A 347 -13.24 30.36 -81.63
N ILE A 348 -14.07 31.40 -81.67
CA ILE A 348 -14.76 31.82 -82.89
C ILE A 348 -14.30 33.22 -83.23
N GLN A 349 -13.66 33.37 -84.40
CA GLN A 349 -13.16 34.66 -84.85
C GLN A 349 -14.10 35.21 -85.90
N HIS A 350 -14.61 36.41 -85.65
CA HIS A 350 -15.55 37.05 -86.56
C HIS A 350 -14.81 37.93 -87.56
N GLU A 351 -15.57 38.45 -88.53
CA GLU A 351 -14.97 39.25 -89.59
C GLU A 351 -14.39 40.56 -89.08
N ASP A 352 -14.86 41.06 -87.94
CA ASP A 352 -14.33 42.28 -87.36
C ASP A 352 -13.21 42.02 -86.36
N GLY A 353 -12.78 40.77 -86.22
CA GLY A 353 -11.74 40.42 -85.29
C GLY A 353 -12.21 40.06 -83.90
N THR A 354 -13.49 40.25 -83.61
CA THR A 354 -14.02 39.89 -82.30
C THR A 354 -13.95 38.38 -82.10
N LEU A 355 -13.82 37.97 -80.85
CA LEU A 355 -13.65 36.56 -80.51
C LEU A 355 -14.78 36.12 -79.58
N THR A 356 -15.29 34.92 -79.82
CA THR A 356 -16.30 34.31 -78.97
C THR A 356 -15.96 32.84 -78.80
N LEU A 357 -16.65 32.19 -77.86
CA LEU A 357 -16.42 30.79 -77.54
C LEU A 357 -17.53 29.93 -78.12
N GLY A 358 -17.15 28.79 -78.69
CA GLY A 358 -18.11 27.87 -79.26
C GLY A 358 -17.87 26.46 -78.77
N VAL A 359 -18.92 25.65 -78.86
CA VAL A 359 -18.83 24.25 -78.43
C VAL A 359 -17.91 23.50 -79.38
N PRO A 360 -17.02 22.65 -78.88
CA PRO A 360 -16.20 21.83 -79.77
C PRO A 360 -17.04 20.85 -80.58
N ASP A 361 -16.56 20.56 -81.79
CA ASP A 361 -17.29 19.66 -82.68
C ASP A 361 -17.39 18.26 -82.08
N ALA A 362 -16.32 17.79 -81.43
CA ALA A 362 -16.36 16.47 -80.83
C ALA A 362 -17.40 16.40 -79.71
N ILE A 363 -17.46 17.43 -78.88
CA ILE A 363 -18.47 17.47 -77.83
C ILE A 363 -19.87 17.50 -78.42
N ASP A 364 -20.06 18.28 -79.48
CA ASP A 364 -21.38 18.35 -80.10
C ASP A 364 -21.78 17.00 -80.69
N ARG A 365 -20.86 16.30 -81.34
CA ARG A 365 -21.17 15.05 -82.01
C ARG A 365 -21.21 13.86 -81.05
N LYS A 366 -20.69 14.02 -79.83
CA LYS A 366 -20.74 12.93 -78.86
C LYS A 366 -22.17 12.57 -78.49
N TYR A 367 -23.03 13.58 -78.34
CA TYR A 367 -24.43 13.35 -78.01
C TYR A 367 -25.13 12.72 -79.20
N THR A 368 -25.63 11.49 -79.02
CA THR A 368 -26.31 10.77 -80.08
C THR A 368 -27.75 10.42 -79.76
N SER A 369 -27.99 9.80 -78.60
CA SER A 369 -29.35 9.39 -78.25
C SER A 369 -30.24 10.60 -78.06
N ALA A 370 -31.49 10.49 -78.51
CA ALA A 370 -32.46 11.57 -78.45
C ALA A 370 -33.55 11.23 -77.46
N GLN A 371 -33.87 12.16 -76.57
CA GLN A 371 -34.86 11.96 -75.53
C GLN A 371 -36.10 12.77 -75.85
N GLU A 372 -37.27 12.13 -75.75
CA GLU A 372 -38.52 12.83 -75.94
C GLU A 372 -38.78 13.79 -74.79
N VAL A 373 -39.27 14.98 -75.12
CA VAL A 373 -39.58 16.00 -74.13
C VAL A 373 -41.08 16.05 -73.91
N LYS A 374 -41.49 16.47 -72.72
CA LYS A 374 -42.89 16.62 -72.40
C LYS A 374 -43.03 17.57 -71.22
N VAL A 375 -44.22 18.09 -71.05
CA VAL A 375 -44.49 19.12 -70.05
C VAL A 375 -44.94 18.48 -68.75
N MET A 376 -44.47 19.03 -67.62
CA MET A 376 -44.88 18.56 -66.31
C MET A 376 -45.66 19.60 -65.51
N ALA A 377 -45.52 20.89 -65.83
CA ALA A 377 -46.21 21.94 -65.08
C ALA A 377 -46.80 22.97 -66.03
N LYS A 378 -47.98 23.48 -65.67
CA LYS A 378 -48.69 24.50 -66.42
C LYS A 378 -49.20 25.52 -65.40
N ASP A 379 -48.42 26.55 -65.12
CA ASP A 379 -48.79 27.50 -64.08
C ASP A 379 -49.11 28.89 -64.61
N GLY A 380 -48.39 29.36 -65.62
CA GLY A 380 -48.63 30.67 -66.20
C GLY A 380 -49.68 30.64 -67.28
N ASN A 381 -49.85 31.80 -67.93
CA ASN A 381 -50.79 31.96 -69.02
C ASN A 381 -50.28 31.40 -70.34
N MET A 382 -49.26 30.54 -70.29
CA MET A 382 -48.70 29.98 -71.50
C MET A 382 -49.66 29.02 -72.17
N ILE A 383 -49.49 28.85 -73.48
CA ILE A 383 -50.31 27.93 -74.26
C ILE A 383 -49.38 26.98 -75.01
N GLU A 384 -49.90 25.81 -75.32
CA GLU A 384 -49.16 24.78 -76.02
C GLU A 384 -49.81 24.52 -77.36
N SER A 385 -49.02 24.64 -78.43
CA SER A 385 -49.48 24.42 -79.81
C SER A 385 -48.47 23.52 -80.50
N GLY A 386 -48.69 22.21 -80.40
CA GLY A 386 -47.75 21.27 -80.99
C GLY A 386 -46.40 21.38 -80.33
N LYS A 387 -45.36 21.48 -81.16
CA LYS A 387 -43.99 21.60 -80.68
C LYS A 387 -43.60 23.03 -80.34
N THR A 388 -44.49 23.99 -80.55
CA THR A 388 -44.21 25.39 -80.30
C THR A 388 -45.03 25.86 -79.09
N TYR A 389 -44.36 26.54 -78.16
CA TYR A 389 -45.00 27.04 -76.96
C TYR A 389 -44.88 28.56 -76.92
N THR A 390 -45.89 29.21 -76.37
CA THR A 390 -45.93 30.67 -76.25
C THR A 390 -46.13 31.05 -74.79
N LEU A 391 -45.26 31.91 -74.27
CA LEU A 391 -45.29 32.31 -72.88
C LEU A 391 -45.41 33.83 -72.77
N GLY A 392 -46.26 34.27 -71.86
CA GLY A 392 -46.44 35.67 -71.55
C GLY A 392 -45.71 36.06 -70.28
N GLU A 393 -46.21 37.11 -69.63
CA GLU A 393 -45.62 37.60 -68.39
C GLU A 393 -45.95 36.64 -67.26
N GLY A 394 -44.92 36.15 -66.57
CA GLY A 394 -45.12 35.24 -65.47
C GLY A 394 -45.35 33.79 -65.85
N ALA A 395 -45.36 33.48 -67.15
CA ALA A 395 -45.58 32.11 -67.59
C ALA A 395 -44.30 31.30 -67.43
N SER A 396 -44.44 30.05 -67.01
CA SER A 396 -43.30 29.14 -66.90
C SER A 396 -43.77 27.74 -67.21
N VAL A 397 -42.91 26.98 -67.90
CA VAL A 397 -43.19 25.60 -68.28
C VAL A 397 -42.04 24.73 -67.81
N ILE A 398 -42.37 23.59 -67.21
CA ILE A 398 -41.40 22.67 -66.66
C ILE A 398 -41.38 21.40 -67.50
N PHE A 399 -40.19 20.98 -67.90
CA PHE A 399 -40.03 19.78 -68.71
C PHE A 399 -39.67 18.58 -67.83
N ASN A 400 -39.49 17.44 -68.48
CA ASN A 400 -39.19 16.21 -67.76
C ASN A 400 -37.73 16.21 -67.29
N ARG A 401 -37.33 15.12 -66.64
CA ARG A 401 -36.02 15.06 -66.02
C ARG A 401 -34.91 15.03 -67.05
N LEU A 402 -33.73 15.47 -66.62
CA LEU A 402 -32.52 15.40 -67.42
C LEU A 402 -31.79 14.10 -67.13
N LYS A 403 -30.55 13.99 -67.60
CA LYS A 403 -29.74 12.81 -67.35
C LYS A 403 -28.34 13.29 -66.95
N VAL A 404 -27.41 12.33 -66.83
CA VAL A 404 -26.07 12.68 -66.37
C VAL A 404 -25.34 13.52 -67.40
N HIS A 405 -25.53 13.24 -68.68
CA HIS A 405 -25.06 14.09 -69.76
C HIS A 405 -26.25 14.57 -70.57
N ASN A 406 -26.29 15.87 -70.85
CA ASN A 406 -27.46 16.44 -71.49
C ASN A 406 -27.04 17.46 -72.55
N LYS A 407 -27.87 17.57 -73.59
CA LYS A 407 -27.69 18.56 -74.64
C LYS A 407 -29.07 19.08 -75.01
N ILE A 408 -29.36 20.31 -74.61
CA ILE A 408 -30.68 20.90 -74.76
C ILE A 408 -30.58 22.01 -75.80
N SER A 409 -31.31 21.88 -76.89
CA SER A 409 -31.25 22.86 -77.98
C SER A 409 -32.65 23.33 -78.31
N PHE A 410 -32.83 24.65 -78.41
CA PHE A 410 -34.12 25.18 -78.81
C PHE A 410 -33.94 26.59 -79.36
N THR A 411 -35.02 27.14 -79.89
CA THR A 411 -35.04 28.47 -80.47
C THR A 411 -36.11 29.31 -79.78
N VAL A 412 -35.73 30.51 -79.36
CA VAL A 412 -36.62 31.41 -78.65
C VAL A 412 -36.73 32.70 -79.45
N LYS A 413 -37.96 33.10 -79.76
CA LYS A 413 -38.23 34.38 -80.39
C LYS A 413 -39.00 35.27 -79.43
N THR A 414 -38.48 36.46 -79.19
CA THR A 414 -39.13 37.39 -78.26
C THR A 414 -39.93 38.42 -79.02
N ALA A 415 -40.90 39.02 -78.32
CA ALA A 415 -41.74 40.03 -78.94
C ALA A 415 -40.94 41.27 -79.32
N SER A 416 -40.00 41.67 -78.48
CA SER A 416 -39.25 42.90 -78.69
C SER A 416 -37.80 42.63 -78.31
N ASN A 417 -37.02 43.70 -78.13
CA ASN A 417 -35.63 43.62 -77.72
C ASN A 417 -35.42 44.06 -76.28
N THR A 418 -36.43 43.87 -75.43
CA THR A 418 -36.32 44.24 -74.02
C THR A 418 -36.97 43.19 -73.11
N ASP A 419 -36.93 41.93 -73.53
CA ASP A 419 -37.61 40.86 -72.80
C ASP A 419 -36.69 40.22 -71.77
N ARG A 420 -37.30 39.54 -70.80
CA ARG A 420 -36.58 38.85 -69.74
C ARG A 420 -37.11 37.43 -69.65
N PHE A 421 -36.55 36.54 -70.46
CA PHE A 421 -36.78 35.11 -70.32
C PHE A 421 -35.58 34.46 -69.65
N GLY A 422 -35.74 33.20 -69.28
CA GLY A 422 -34.69 32.52 -68.55
C GLY A 422 -34.87 31.03 -68.52
N ILE A 423 -33.77 30.34 -68.25
CA ILE A 423 -33.72 28.88 -68.14
C ILE A 423 -33.35 28.54 -66.72
N SER A 424 -34.16 27.69 -66.08
CA SER A 424 -33.98 27.34 -64.68
C SER A 424 -33.67 25.86 -64.56
N PHE A 425 -32.66 25.53 -63.79
CA PHE A 425 -32.34 24.15 -63.43
C PHE A 425 -32.58 23.92 -61.95
N VAL A 426 -32.62 22.63 -61.59
CA VAL A 426 -33.00 22.17 -60.27
C VAL A 426 -34.38 22.75 -60.00
N ARG A 427 -35.33 22.42 -60.86
CA ARG A 427 -36.69 22.96 -60.82
C ARG A 427 -37.66 21.80 -60.67
N GLY A 428 -37.94 21.42 -59.43
CA GLY A 428 -38.96 20.44 -59.15
C GLY A 428 -40.29 21.11 -58.83
N THR A 429 -41.32 20.29 -58.74
CA THR A 429 -42.64 20.81 -58.37
C THR A 429 -42.60 21.37 -56.96
N ASP A 430 -41.88 20.72 -56.06
CA ASP A 430 -41.77 21.15 -54.68
C ASP A 430 -40.50 21.94 -54.40
N SER A 431 -39.67 22.20 -55.42
CA SER A 431 -38.39 22.86 -55.19
C SER A 431 -38.63 24.28 -54.68
N ALA A 432 -38.14 24.54 -53.47
CA ALA A 432 -38.27 25.87 -52.89
C ALA A 432 -37.50 26.90 -53.70
N SER A 433 -36.28 26.55 -54.14
CA SER A 433 -35.44 27.45 -54.91
C SER A 433 -34.83 26.72 -56.09
N TRP A 434 -34.74 27.41 -57.21
CA TRP A 434 -34.13 26.89 -58.42
C TRP A 434 -33.12 27.90 -58.93
N TYR A 435 -32.16 27.43 -59.72
CA TYR A 435 -31.07 28.28 -60.17
C TYR A 435 -31.27 28.62 -61.63
N SER A 436 -31.33 29.92 -61.93
CA SER A 436 -31.80 30.38 -63.23
C SER A 436 -30.74 31.23 -63.92
N ILE A 437 -30.79 31.23 -65.24
CA ILE A 437 -29.99 32.10 -66.09
C ILE A 437 -30.98 32.90 -66.91
N HIS A 438 -31.02 34.21 -66.68
CA HIS A 438 -31.96 35.10 -67.35
C HIS A 438 -31.25 35.88 -68.43
N VAL A 439 -31.76 35.81 -69.66
CA VAL A 439 -31.23 36.59 -70.77
C VAL A 439 -32.03 37.88 -70.82
N ASN A 440 -31.52 38.91 -70.16
CA ASN A 440 -32.22 40.19 -70.06
C ASN A 440 -31.78 41.06 -71.23
N ALA A 441 -32.71 41.34 -72.15
CA ALA A 441 -32.37 42.14 -73.32
C ALA A 441 -32.26 43.62 -72.99
N ASP A 442 -33.04 44.11 -72.03
CA ASP A 442 -32.98 45.52 -71.68
C ASP A 442 -31.61 45.90 -71.13
N GLU A 443 -31.07 45.07 -70.24
CA GLU A 443 -29.69 45.26 -69.81
C GLU A 443 -28.70 44.70 -70.81
N GLY A 444 -29.17 43.94 -71.81
CA GLY A 444 -28.31 43.41 -72.83
C GLY A 444 -27.27 42.44 -72.30
N LYS A 445 -27.67 41.51 -71.45
CA LYS A 445 -26.73 40.59 -70.84
C LYS A 445 -27.48 39.34 -70.40
N ALA A 446 -26.74 38.43 -69.77
CA ALA A 446 -27.29 37.26 -69.09
C ALA A 446 -26.89 37.32 -67.64
N ASN A 447 -27.74 36.78 -66.77
CA ASN A 447 -27.51 36.84 -65.33
C ASN A 447 -27.76 35.46 -64.74
N PHE A 448 -26.75 34.92 -64.05
CA PHE A 448 -26.92 33.72 -63.26
C PHE A 448 -27.33 34.13 -61.86
N GLU A 449 -28.54 33.72 -61.46
CA GLU A 449 -29.11 34.08 -60.18
C GLU A 449 -29.76 32.86 -59.55
N LYS A 450 -30.11 32.98 -58.27
CA LYS A 450 -30.81 31.95 -57.54
C LYS A 450 -32.26 32.40 -57.36
N ASP A 451 -33.17 31.73 -58.04
CA ASP A 451 -34.59 32.04 -57.95
C ASP A 451 -35.19 31.29 -56.76
N GLY A 452 -36.51 31.30 -56.66
CA GLY A 452 -37.15 30.67 -55.53
C GLY A 452 -37.14 31.57 -54.31
N ASP A 453 -37.05 30.95 -53.14
CA ASP A 453 -37.12 31.71 -51.89
C ASP A 453 -35.73 32.15 -51.42
N ASP A 454 -34.97 32.70 -52.34
CA ASP A 454 -33.76 33.43 -51.97
C ASP A 454 -33.65 34.77 -52.69
N ALA A 455 -34.07 34.84 -53.94
CA ALA A 455 -34.05 36.07 -54.72
C ALA A 455 -32.65 36.70 -54.72
N LYS A 456 -31.64 35.87 -54.87
CA LYS A 456 -30.25 36.29 -54.78
C LYS A 456 -29.64 36.38 -56.17
N TYR A 457 -28.96 37.49 -56.44
CA TYR A 457 -28.25 37.68 -57.70
C TYR A 457 -26.79 37.28 -57.53
N LEU A 458 -26.33 36.34 -58.35
CA LEU A 458 -24.97 35.82 -58.22
C LEU A 458 -23.97 36.53 -59.13
N PHE A 459 -24.15 36.45 -60.44
CA PHE A 459 -23.27 37.21 -61.34
C PHE A 459 -23.92 37.30 -62.72
N ASP A 460 -23.15 37.80 -63.69
CA ASP A 460 -23.71 38.08 -65.01
C ASP A 460 -22.63 37.95 -66.07
N ASN A 461 -23.01 38.24 -67.31
CA ASN A 461 -22.11 38.19 -68.46
C ASN A 461 -22.74 38.99 -69.58
N LYS A 462 -22.00 39.98 -70.10
CA LYS A 462 -22.51 40.84 -71.15
C LYS A 462 -22.23 40.23 -72.52
N PHE A 463 -23.16 40.46 -73.45
CA PHE A 463 -23.02 39.94 -74.80
C PHE A 463 -23.86 40.78 -75.74
N ASN A 464 -23.62 40.64 -77.03
CA ASN A 464 -24.32 41.41 -78.05
C ASN A 464 -25.73 40.88 -78.22
N ILE A 465 -26.70 41.79 -78.16
CA ILE A 465 -28.11 41.44 -78.34
C ILE A 465 -28.43 41.39 -79.83
N PRO A 466 -28.96 40.28 -80.33
CA PRO A 466 -29.39 40.24 -81.73
C PRO A 466 -30.54 41.19 -81.97
N ALA A 467 -30.57 41.76 -83.18
CA ALA A 467 -31.59 42.74 -83.53
C ALA A 467 -32.88 42.10 -84.01
N ASP A 468 -32.89 40.81 -84.31
CA ASP A 468 -34.09 40.12 -84.78
C ASP A 468 -34.86 39.45 -83.67
N ASN A 469 -34.45 39.64 -82.41
CA ASN A 469 -35.12 39.05 -81.25
C ASN A 469 -35.18 37.53 -81.34
N GLU A 470 -34.15 36.92 -81.93
CA GLU A 470 -34.05 35.48 -82.10
C GLU A 470 -32.85 34.95 -81.31
N TYR A 471 -33.03 33.79 -80.70
CA TYR A 471 -31.98 33.18 -79.88
C TYR A 471 -31.95 31.69 -80.16
N ARG A 472 -30.77 31.14 -80.36
CA ARG A 472 -30.58 29.70 -80.53
C ARG A 472 -29.83 29.21 -79.30
N VAL A 473 -30.56 28.70 -78.33
CA VAL A 473 -29.99 28.31 -77.05
C VAL A 473 -29.58 26.85 -77.11
N THR A 474 -28.32 26.58 -76.77
CA THR A 474 -27.80 25.21 -76.72
C THR A 474 -27.00 25.04 -75.43
N ILE A 475 -27.44 24.15 -74.57
CA ILE A 475 -26.77 23.86 -73.31
C ILE A 475 -26.17 22.47 -73.39
N TYR A 476 -24.87 22.38 -73.14
CA TYR A 476 -24.17 21.10 -73.03
C TYR A 476 -23.76 20.92 -71.57
N SER A 477 -24.22 19.85 -70.95
CA SER A 477 -24.02 19.67 -69.52
C SER A 477 -23.45 18.28 -69.24
N ASP A 478 -22.41 18.23 -68.43
CA ASP A 478 -21.82 17.00 -67.92
C ASP A 478 -21.99 16.99 -66.41
N GLN A 479 -22.86 16.11 -65.92
CA GLN A 479 -23.17 15.99 -64.50
C GLN A 479 -23.48 17.35 -63.88
N SER A 480 -22.46 18.06 -63.42
CA SER A 480 -22.67 19.30 -62.68
C SER A 480 -22.05 20.53 -63.32
N VAL A 481 -21.48 20.42 -64.51
CA VAL A 481 -20.89 21.56 -65.22
C VAL A 481 -21.67 21.75 -66.51
N CYS A 482 -22.28 22.91 -66.68
CA CYS A 482 -23.10 23.17 -67.85
C CYS A 482 -22.61 24.43 -68.57
N VAL A 483 -22.51 24.34 -69.89
CA VAL A 483 -22.06 25.44 -70.73
C VAL A 483 -23.18 25.80 -71.68
N THR A 484 -23.57 27.07 -71.68
CA THR A 484 -24.68 27.57 -72.47
C THR A 484 -24.14 28.42 -73.61
N TYR A 485 -24.67 28.22 -74.81
CA TYR A 485 -24.29 28.99 -75.97
C TYR A 485 -25.54 29.62 -76.57
N ILE A 486 -25.46 30.92 -76.84
CA ILE A 486 -26.59 31.71 -77.33
C ILE A 486 -26.23 32.19 -78.72
N ASN A 487 -26.97 31.69 -79.72
CA ASN A 487 -26.89 32.05 -81.14
C ASN A 487 -25.46 32.36 -81.57
N ASP A 488 -24.54 31.46 -81.21
CA ASP A 488 -23.14 31.53 -81.61
C ASP A 488 -22.48 32.82 -81.12
N GLN A 489 -23.09 33.50 -80.15
CA GLN A 489 -22.61 34.78 -79.69
C GLN A 489 -22.23 34.80 -78.22
N LEU A 490 -23.02 34.18 -77.35
CA LEU A 490 -22.75 34.21 -75.92
C LEU A 490 -22.33 32.84 -75.43
N SER A 491 -21.28 32.79 -74.61
CA SER A 491 -20.85 31.58 -73.93
C SER A 491 -20.91 31.83 -72.43
N PHE A 492 -21.51 30.88 -71.70
CA PHE A 492 -21.77 31.05 -70.28
C PHE A 492 -21.56 29.72 -69.58
N THR A 493 -20.53 29.65 -68.74
CA THR A 493 -20.21 28.44 -67.99
C THR A 493 -20.82 28.52 -66.60
N ASN A 494 -21.29 27.39 -66.08
CA ASN A 494 -21.91 27.37 -64.77
C ASN A 494 -21.64 26.05 -64.09
N ARG A 495 -21.55 26.10 -62.76
CA ARG A 495 -21.48 24.92 -61.92
C ARG A 495 -22.81 24.80 -61.20
N ILE A 496 -23.59 23.79 -61.58
CA ILE A 496 -24.93 23.59 -61.04
C ILE A 496 -24.98 22.16 -60.51
N TYR A 497 -24.82 21.99 -59.21
CA TYR A 497 -25.01 20.68 -58.61
C TYR A 497 -26.48 20.31 -58.65
N GLN A 498 -26.74 19.02 -58.46
CA GLN A 498 -28.09 18.44 -58.47
C GLN A 498 -28.81 18.65 -59.79
N MET A 499 -28.12 19.14 -60.82
CA MET A 499 -28.80 19.47 -62.07
C MET A 499 -29.18 18.21 -62.85
N GLN A 500 -28.31 17.22 -62.85
CA GLN A 500 -28.60 15.98 -63.58
C GLN A 500 -29.75 15.25 -62.90
N LYS A 501 -30.55 14.56 -63.71
CA LYS A 501 -31.71 13.81 -63.24
C LYS A 501 -32.70 14.71 -62.50
N ASN A 502 -32.88 15.93 -62.98
CA ASN A 502 -33.83 16.86 -62.39
C ASN A 502 -34.53 17.65 -63.50
N PRO A 503 -35.76 18.07 -63.27
CA PRO A 503 -36.48 18.82 -64.30
C PRO A 503 -35.88 20.20 -64.50
N TRP A 504 -36.06 20.72 -65.72
CA TRP A 504 -35.61 22.05 -66.08
C TRP A 504 -36.78 22.81 -66.69
N SER A 505 -36.77 24.12 -66.53
CA SER A 505 -37.93 24.93 -66.89
C SER A 505 -37.50 26.17 -67.67
N LEU A 506 -38.45 26.71 -68.44
CA LEU A 506 -38.30 27.99 -69.12
C LEU A 506 -39.29 28.97 -68.51
N CYS A 507 -38.81 30.15 -68.13
CA CYS A 507 -39.63 31.14 -67.47
C CYS A 507 -39.54 32.47 -68.20
N CYS A 508 -40.60 33.27 -68.07
CA CYS A 508 -40.64 34.62 -68.62
C CYS A 508 -41.12 35.57 -67.55
N TYR A 509 -40.57 36.77 -67.52
CA TYR A 509 -40.83 37.69 -66.43
C TYR A 509 -41.43 39.02 -66.87
N LYS A 510 -40.97 39.57 -67.98
CA LYS A 510 -41.48 40.87 -68.37
C LYS A 510 -42.03 40.91 -69.79
N GLY A 511 -41.41 40.19 -70.71
CA GLY A 511 -41.80 40.22 -72.10
C GLY A 511 -42.69 39.06 -72.50
N GLU A 512 -42.75 38.81 -73.80
CA GLU A 512 -43.46 37.68 -74.39
C GLU A 512 -42.49 36.88 -75.23
N ILE A 513 -42.49 35.56 -75.06
CA ILE A 513 -41.53 34.70 -75.74
C ILE A 513 -42.26 33.55 -76.41
N THR A 514 -41.59 32.96 -77.40
CA THR A 514 -42.11 31.81 -78.12
C THR A 514 -40.97 30.82 -78.33
N VAL A 515 -41.09 29.64 -77.78
CA VAL A 515 -40.04 28.63 -77.83
C VAL A 515 -40.45 27.55 -78.82
N SER A 516 -39.47 26.98 -79.49
CA SER A 516 -39.73 25.96 -80.49
C SER A 516 -38.48 25.11 -80.68
N ASP A 517 -38.66 23.99 -81.39
CA ASP A 517 -37.56 23.08 -81.73
C ASP A 517 -36.81 22.61 -80.49
N VAL A 518 -37.55 22.26 -79.43
CA VAL A 518 -36.94 21.78 -78.21
C VAL A 518 -36.48 20.34 -78.43
N GLN A 519 -35.17 20.11 -78.29
CA GLN A 519 -34.60 18.79 -78.41
C GLN A 519 -33.66 18.54 -77.25
N VAL A 520 -33.75 17.34 -76.67
CA VAL A 520 -32.87 16.92 -75.59
C VAL A 520 -32.17 15.65 -76.03
N SER A 521 -30.84 15.66 -75.99
CA SER A 521 -30.04 14.50 -76.38
C SER A 521 -29.13 14.11 -75.24
N THR A 522 -28.86 12.81 -75.13
CA THR A 522 -28.01 12.29 -74.06
C THR A 522 -27.07 11.25 -74.65
N TYR A 523 -26.08 10.88 -73.85
CA TYR A 523 -25.19 9.77 -74.21
C TYR A 523 -24.71 9.07 -72.96
N ASP B 27 -10.83 -19.86 47.12
CA ASP B 27 -9.46 -20.29 47.38
C ASP B 27 -8.47 -19.15 47.20
N PHE B 28 -8.80 -18.22 46.30
CA PHE B 28 -7.93 -17.10 46.01
C PHE B 28 -8.43 -15.79 46.59
N LYS B 29 -9.73 -15.65 46.84
CA LYS B 29 -10.27 -14.40 47.34
C LYS B 29 -9.67 -14.05 48.70
N SER B 30 -9.42 -12.76 48.91
CA SER B 30 -8.79 -12.28 50.12
C SER B 30 -9.76 -12.05 51.27
N GLY B 31 -11.06 -12.18 51.02
CA GLY B 31 -12.03 -11.93 52.07
C GLY B 31 -12.01 -10.50 52.57
N LEU B 32 -11.88 -9.53 51.67
CA LEU B 32 -11.80 -8.13 52.03
C LEU B 32 -13.08 -7.37 51.69
N ARG B 33 -14.13 -8.09 51.29
CA ARG B 33 -15.48 -7.56 51.06
C ARG B 33 -15.45 -6.24 50.27
N LEU B 34 -15.04 -6.39 49.01
CA LEU B 34 -14.85 -5.26 48.11
C LEU B 34 -16.13 -4.73 47.52
N ASP B 35 -17.28 -5.37 47.75
CA ASP B 35 -18.53 -4.94 47.13
C ASP B 35 -18.86 -3.50 47.53
N GLY B 36 -19.17 -3.30 48.82
CA GLY B 36 -19.12 -2.00 49.45
C GLY B 36 -19.64 -0.80 48.68
N ASP B 37 -20.95 -0.72 48.45
CA ASP B 37 -21.49 0.48 47.84
C ASP B 37 -21.30 1.68 48.77
N VAL B 38 -20.77 2.78 48.23
CA VAL B 38 -20.41 3.93 49.04
C VAL B 38 -21.03 5.20 48.47
N TRP B 39 -22.11 5.07 47.72
CA TRP B 39 -22.73 6.25 47.15
C TRP B 39 -23.41 7.08 48.23
N VAL B 40 -23.65 8.35 47.91
CA VAL B 40 -24.37 9.26 48.79
C VAL B 40 -25.60 9.73 48.04
N ASN B 41 -26.77 9.48 48.63
CA ASN B 41 -28.02 9.84 47.96
C ASN B 41 -28.26 11.34 48.03
N SER B 42 -28.40 11.88 49.25
CA SER B 42 -28.55 13.31 49.45
C SER B 42 -28.30 13.63 50.92
N ILE B 43 -28.00 14.90 51.18
CA ILE B 43 -27.84 15.40 52.53
C ILE B 43 -28.68 16.65 52.69
N ARG B 44 -29.04 16.95 53.93
CA ARG B 44 -29.83 18.12 54.26
C ARG B 44 -29.19 18.83 55.44
N LEU B 45 -28.58 19.98 55.17
CA LEU B 45 -28.06 20.84 56.22
C LEU B 45 -29.15 21.80 56.66
N ASP B 46 -29.55 21.71 57.93
CA ASP B 46 -30.70 22.45 58.44
C ASP B 46 -31.93 22.13 57.60
N GLU B 47 -32.40 23.11 56.83
CA GLU B 47 -33.57 22.93 55.99
C GLU B 47 -33.22 23.11 54.52
N TYR B 48 -31.98 22.83 54.14
CA TYR B 48 -31.52 23.03 52.78
C TYR B 48 -30.87 21.76 52.27
N ALA B 49 -31.28 21.34 51.07
CA ALA B 49 -30.72 20.15 50.44
C ALA B 49 -29.45 20.52 49.68
N GLY B 50 -28.69 19.50 49.32
CA GLY B 50 -27.43 19.69 48.63
C GLY B 50 -27.37 18.89 47.35
N THR B 51 -26.91 19.54 46.28
CA THR B 51 -26.76 18.88 44.99
C THR B 51 -25.43 18.14 44.95
N VAL B 52 -25.48 16.87 44.54
CA VAL B 52 -24.34 15.97 44.60
C VAL B 52 -23.87 15.68 43.19
N ASP B 53 -22.59 15.92 42.93
CA ASP B 53 -21.94 15.58 41.68
C ASP B 53 -20.91 14.49 41.97
N TYR B 54 -21.08 13.34 41.32
CA TYR B 54 -20.22 12.19 41.54
C TYR B 54 -18.92 12.23 40.72
N GLN B 55 -18.90 13.02 39.64
CA GLN B 55 -17.69 13.07 38.82
C GLN B 55 -16.52 13.67 39.59
N ASN B 56 -16.76 14.73 40.36
CA ASN B 56 -15.73 15.33 41.18
C ASN B 56 -15.98 15.14 42.67
N LYS B 57 -17.03 14.38 43.04
CA LYS B 57 -17.34 14.06 44.43
C LYS B 57 -17.51 15.34 45.25
N ALA B 58 -18.47 16.15 44.81
CA ALA B 58 -18.74 17.43 45.44
C ALA B 58 -20.22 17.50 45.82
N ILE B 59 -20.50 18.18 46.92
CA ILE B 59 -21.86 18.40 47.38
C ILE B 59 -22.00 19.89 47.67
N VAL B 60 -22.79 20.57 46.85
CA VAL B 60 -22.93 22.02 46.95
C VAL B 60 -24.29 22.34 47.57
N VAL B 61 -24.27 23.18 48.59
CA VAL B 61 -25.48 23.62 49.28
C VAL B 61 -25.55 25.13 49.21
N GLY B 62 -26.69 25.66 48.82
CA GLY B 62 -26.90 27.09 48.71
C GLY B 62 -27.64 27.65 49.91
N VAL B 63 -27.28 28.86 50.31
CA VAL B 63 -27.94 29.54 51.41
C VAL B 63 -28.29 30.97 50.97
N PRO B 64 -29.37 31.56 51.51
CA PRO B 64 -29.85 32.84 50.97
C PRO B 64 -28.99 34.04 51.33
N TYR B 65 -27.70 33.98 51.03
CA TYR B 65 -26.75 35.10 51.05
C TYR B 65 -26.72 35.88 52.36
N ASP B 66 -27.39 35.37 53.39
CA ASP B 66 -27.26 35.94 54.73
C ASP B 66 -27.22 34.89 55.82
N TYR B 67 -27.33 33.61 55.48
CA TYR B 67 -27.42 32.57 56.48
C TYR B 67 -26.10 32.43 57.25
N ASP B 68 -26.22 32.21 58.55
CA ASP B 68 -25.06 31.96 59.40
C ASP B 68 -24.46 30.60 59.03
N ILE B 69 -23.30 30.61 58.37
CA ILE B 69 -22.74 29.39 57.81
C ILE B 69 -21.75 28.76 58.79
N THR B 70 -21.75 29.22 60.05
CA THR B 70 -20.82 28.67 61.01
C THR B 70 -21.43 27.61 61.91
N ARG B 71 -22.75 27.54 62.01
CA ARG B 71 -23.45 26.53 62.81
C ARG B 71 -24.52 25.89 61.95
N MET B 72 -24.26 24.70 61.41
CA MET B 72 -25.30 23.91 60.75
C MET B 72 -25.32 22.51 61.32
N VAL B 73 -26.50 22.02 61.64
CA VAL B 73 -26.70 20.68 62.17
C VAL B 73 -27.05 19.75 61.01
N VAL B 74 -26.29 18.67 60.88
CA VAL B 74 -26.54 17.71 59.81
C VAL B 74 -27.83 16.96 60.14
N THR B 75 -28.91 17.30 59.43
CA THR B 75 -30.21 16.76 59.79
C THR B 75 -30.38 15.33 59.30
N GLU B 76 -30.35 15.12 57.99
CA GLU B 76 -30.51 13.80 57.42
C GLU B 76 -29.46 13.55 56.36
N MET B 77 -29.02 12.29 56.27
CA MET B 77 -27.99 11.90 55.32
C MET B 77 -28.12 10.41 55.06
N ASN B 78 -28.61 10.05 53.89
CA ASN B 78 -28.81 8.66 53.51
C ASN B 78 -27.76 8.28 52.47
N LEU B 79 -26.92 7.31 52.81
CA LEU B 79 -25.80 6.94 51.95
C LEU B 79 -26.07 5.66 51.17
N SER B 80 -26.20 4.54 51.88
CA SER B 80 -26.40 3.23 51.28
C SER B 80 -26.66 2.22 52.38
N GLU B 81 -26.79 0.95 52.03
CA GLU B 81 -26.92 -0.11 53.02
C GLU B 81 -25.53 -0.51 53.49
N GLY B 82 -25.32 -0.45 54.81
CA GLY B 82 -24.04 -0.79 55.38
C GLY B 82 -22.97 0.27 55.24
N ALA B 83 -23.33 1.48 54.79
CA ALA B 83 -22.36 2.55 54.60
C ALA B 83 -22.37 3.48 55.80
N LYS B 84 -21.19 3.75 56.34
CA LYS B 84 -21.02 4.64 57.48
C LYS B 84 -20.19 5.84 57.07
N ALA B 85 -20.58 7.02 57.54
CA ALA B 85 -19.91 8.26 57.22
C ALA B 85 -19.20 8.82 58.45
N SER B 86 -18.12 9.55 58.21
CA SER B 86 -17.40 10.19 59.31
C SER B 86 -18.28 11.22 60.02
N ILE B 87 -19.07 11.96 59.26
CA ILE B 87 -20.01 12.92 59.83
C ILE B 87 -21.24 12.18 60.32
N ALA B 88 -21.61 12.41 61.57
CA ALA B 88 -22.78 11.77 62.15
C ALA B 88 -24.02 12.61 61.89
N ILE B 89 -25.15 12.21 62.48
CA ILE B 89 -26.43 12.88 62.29
C ILE B 89 -26.78 13.60 63.59
N GLY B 90 -27.08 14.90 63.48
CA GLY B 90 -27.40 15.70 64.64
C GLY B 90 -26.26 16.56 65.14
N GLU B 91 -25.06 16.40 64.60
CA GLU B 91 -23.92 17.20 65.01
C GLU B 91 -23.88 18.50 64.23
N THR B 92 -23.32 19.53 64.88
CA THR B 92 -23.22 20.85 64.29
C THR B 92 -21.79 21.09 63.79
N ILE B 93 -21.69 21.76 62.65
CA ILE B 93 -20.43 21.94 61.94
C ILE B 93 -20.33 23.37 61.45
N ASP B 94 -19.10 23.87 61.36
CA ASP B 94 -18.79 25.12 60.68
C ASP B 94 -18.47 24.80 59.23
N PHE B 95 -19.24 25.39 58.31
CA PHE B 95 -19.07 25.16 56.89
C PHE B 95 -18.53 26.39 56.17
N SER B 96 -17.78 27.23 56.89
CA SER B 96 -17.18 28.40 56.26
C SER B 96 -16.24 28.00 55.13
N LEU B 97 -15.64 26.83 55.22
CA LEU B 97 -14.74 26.27 54.22
C LEU B 97 -15.20 24.86 53.90
N PRO B 98 -14.79 24.32 52.75
CA PRO B 98 -15.23 22.98 52.38
C PRO B 98 -14.85 21.95 53.43
N VAL B 99 -15.72 20.96 53.61
CA VAL B 99 -15.57 19.95 54.63
C VAL B 99 -15.44 18.59 53.96
N SER B 100 -14.43 17.82 54.37
CA SER B 100 -14.20 16.50 53.81
C SER B 100 -15.06 15.47 54.53
N LEU B 101 -15.73 14.63 53.75
CA LEU B 101 -16.58 13.56 54.28
C LEU B 101 -16.13 12.23 53.70
N THR B 102 -15.94 11.23 54.55
CA THR B 102 -15.52 9.91 54.13
C THR B 102 -16.65 8.92 54.37
N VAL B 103 -17.06 8.23 53.32
CA VAL B 103 -18.10 7.21 53.40
C VAL B 103 -17.41 5.87 53.27
N LYS B 104 -17.57 5.02 54.27
CA LYS B 104 -16.94 3.71 54.29
C LYS B 104 -18.01 2.62 54.24
N ASN B 105 -17.81 1.65 53.36
CA ASN B 105 -18.62 0.44 53.35
C ASN B 105 -17.68 -0.74 53.36
N GLY B 106 -17.82 -1.61 54.35
CA GLY B 106 -16.94 -2.75 54.47
C GLY B 106 -15.50 -2.33 54.59
N ASP B 107 -14.71 -2.59 53.55
CA ASP B 107 -13.30 -2.23 53.51
C ASP B 107 -12.98 -1.32 52.34
N VAL B 108 -13.98 -0.57 51.87
CA VAL B 108 -13.77 0.42 50.81
C VAL B 108 -14.32 1.75 51.29
N GLN B 109 -13.86 2.82 50.66
CA GLN B 109 -14.23 4.16 51.09
C GLN B 109 -14.24 5.10 49.91
N MET B 110 -14.93 6.23 50.08
CA MET B 110 -14.99 7.27 49.08
C MET B 110 -15.04 8.63 49.78
N SER B 111 -14.38 9.61 49.19
CA SER B 111 -14.25 10.94 49.79
C SER B 111 -15.04 11.97 49.00
N TYR B 112 -15.75 12.84 49.70
CA TYR B 112 -16.53 13.90 49.11
C TYR B 112 -16.15 15.22 49.77
N THR B 113 -16.35 16.31 49.05
CA THR B 113 -16.15 17.65 49.58
C THR B 113 -17.51 18.36 49.62
N ILE B 114 -17.90 18.81 50.80
CA ILE B 114 -19.17 19.51 50.99
C ILE B 114 -18.86 21.00 51.12
N THR B 115 -19.49 21.80 50.28
CA THR B 115 -19.28 23.25 50.29
C THR B 115 -20.63 23.95 50.34
N VAL B 116 -20.65 25.11 50.98
CA VAL B 116 -21.84 25.93 51.16
C VAL B 116 -21.56 27.31 50.59
N LYS B 117 -22.44 27.79 49.74
CA LYS B 117 -22.27 29.09 49.08
C LYS B 117 -23.48 29.98 49.34
N ARG B 118 -23.21 31.27 49.52
CA ARG B 118 -24.24 32.25 49.86
C ARG B 118 -24.86 32.91 48.62
N ASP B 119 -25.31 32.10 47.68
CA ASP B 119 -26.11 32.53 46.53
C ASP B 119 -25.64 33.89 45.97
N GLU B 120 -24.33 34.02 45.81
CA GLU B 120 -23.77 35.27 45.33
C GLU B 120 -24.19 35.54 43.89
N ALA B 121 -24.48 36.80 43.60
CA ALA B 121 -24.89 37.20 42.26
C ALA B 121 -24.06 38.37 41.77
N PRO C 27 28.49 -20.32 53.19
CA PRO C 27 28.96 -18.93 53.16
C PRO C 27 29.84 -18.63 54.37
N ILE C 28 30.95 -17.92 54.14
CA ILE C 28 31.88 -17.56 55.19
C ILE C 28 31.98 -16.04 55.27
N LEU C 29 31.81 -15.50 56.47
CA LEU C 29 31.82 -14.07 56.70
C LEU C 29 33.20 -13.63 57.14
N THR C 30 33.72 -12.59 56.52
CA THR C 30 35.04 -12.06 56.84
C THR C 30 34.89 -10.80 57.68
N GLN C 31 35.63 -10.73 58.78
CA GLN C 31 35.55 -9.62 59.72
C GLN C 31 36.81 -8.79 59.60
N LYS C 32 36.64 -7.49 59.37
CA LYS C 32 37.79 -6.60 59.29
C LYS C 32 38.29 -6.25 60.69
N ASN C 33 39.55 -5.85 60.75
CA ASN C 33 40.18 -5.48 62.02
C ASN C 33 39.83 -4.04 62.33
N TRP C 34 38.66 -3.83 62.95
CA TRP C 34 38.26 -2.48 63.32
C TRP C 34 39.21 -1.88 64.34
N ASP C 35 39.57 -2.67 65.36
CA ASP C 35 40.48 -2.20 66.40
C ASP C 35 41.91 -2.48 65.94
N GLY C 36 42.60 -1.43 65.51
CA GLY C 36 43.96 -1.57 65.04
C GLY C 36 44.25 -0.79 63.78
N THR C 37 43.19 -0.34 63.11
CA THR C 37 43.31 0.45 61.89
C THR C 37 42.67 1.81 62.13
N ALA C 38 43.40 2.87 61.80
CA ALA C 38 42.91 4.23 61.93
C ALA C 38 42.48 4.82 60.60
N THR C 39 42.39 4.02 59.55
CA THR C 39 42.01 4.52 58.24
C THR C 39 40.54 4.95 58.25
N TYR C 40 40.25 6.04 57.56
CA TYR C 40 38.89 6.54 57.49
C TYR C 40 37.98 5.53 56.80
N PHE C 41 36.77 5.38 57.34
CA PHE C 41 35.81 4.38 56.88
C PHE C 41 34.46 5.03 56.61
N GLN C 42 33.77 4.51 55.60
CA GLN C 42 32.45 5.00 55.22
C GLN C 42 31.39 4.31 56.06
N SER C 43 30.98 4.95 57.14
CA SER C 43 29.90 4.42 57.95
C SER C 43 28.55 4.81 57.35
N SER C 44 27.49 4.19 57.87
CA SER C 44 26.14 4.50 57.45
C SER C 44 25.25 4.61 58.67
N ASP C 45 24.16 5.36 58.51
CA ASP C 45 23.21 5.58 59.59
C ASP C 45 22.00 4.68 59.41
N GLU C 46 21.53 4.09 60.49
CA GLU C 46 20.31 3.31 60.43
C GLU C 46 19.12 4.23 60.22
N HIS C 47 18.04 3.65 59.69
CA HIS C 47 16.85 4.44 59.45
C HIS C 47 16.20 4.94 60.73
N GLY C 48 16.49 4.31 61.86
CA GLY C 48 15.93 4.74 63.13
C GLY C 48 16.98 4.72 64.22
N PHE C 49 16.85 5.68 65.14
CA PHE C 49 17.76 5.79 66.27
C PHE C 49 17.03 5.33 67.53
N SER C 50 17.82 4.98 68.55
CA SER C 50 17.27 4.51 69.81
C SER C 50 17.38 5.55 70.92
N MET C 51 18.57 6.09 71.16
CA MET C 51 18.75 7.06 72.24
C MET C 51 18.14 8.40 71.86
N TYR C 52 18.68 9.04 70.82
CA TYR C 52 18.09 10.26 70.29
C TYR C 52 17.04 9.85 69.28
N TYR C 53 15.81 9.67 69.78
CA TYR C 53 14.81 8.93 69.03
C TYR C 53 14.56 9.55 67.66
N LYS C 54 14.36 8.67 66.69
CA LYS C 54 13.99 9.03 65.33
C LYS C 54 13.23 7.84 64.74
N PRO C 55 11.98 8.02 64.36
CA PRO C 55 11.20 6.89 63.86
C PRO C 55 11.82 6.34 62.59
N GLN C 56 11.66 5.04 62.39
CA GLN C 56 12.20 4.42 61.18
C GLN C 56 11.61 5.01 59.91
N VAL C 57 10.44 5.62 60.01
CA VAL C 57 9.81 6.30 58.89
C VAL C 57 9.70 7.78 59.22
N GLY C 58 10.24 8.62 58.35
CA GLY C 58 10.13 10.04 58.56
C GLY C 58 11.09 10.57 59.60
N PHE C 59 10.94 11.86 59.89
CA PHE C 59 11.79 12.56 60.83
C PHE C 59 10.93 13.30 61.84
N VAL C 60 11.52 13.60 62.99
CA VAL C 60 10.81 14.32 64.04
C VAL C 60 11.00 15.82 63.84
N GLY C 61 9.90 16.56 63.95
CA GLY C 61 9.96 18.00 63.85
C GLY C 61 9.92 18.66 65.21
N ASP C 62 9.09 19.65 65.39
CA ASP C 62 9.04 20.37 66.65
C ASP C 62 8.46 19.50 67.75
N PRO C 63 9.16 19.30 68.86
CA PRO C 63 8.63 18.45 69.93
C PRO C 63 7.52 19.13 70.71
N MET C 64 6.82 18.31 71.49
CA MET C 64 5.70 18.77 72.31
C MET C 64 5.75 17.96 73.59
N PRO C 65 6.58 18.35 74.54
CA PRO C 65 6.69 17.58 75.77
C PRO C 65 5.42 17.69 76.60
N PHE C 66 5.13 16.61 77.33
CA PHE C 66 3.96 16.57 78.19
C PHE C 66 4.17 15.50 79.25
N TYR C 67 3.75 15.79 80.47
CA TYR C 67 3.85 14.86 81.58
C TYR C 67 2.47 14.30 81.86
N ASP C 68 2.33 12.99 81.76
CA ASP C 68 1.04 12.37 82.00
C ASP C 68 0.83 12.21 83.50
N PRO C 69 -0.16 12.88 84.10
CA PRO C 69 -0.39 12.72 85.54
C PRO C 69 -0.94 11.37 85.92
N VAL C 70 -1.39 10.57 84.96
CA VAL C 70 -1.95 9.26 85.25
C VAL C 70 -0.85 8.21 85.15
N ALA C 71 -0.22 8.12 83.98
CA ALA C 71 0.82 7.12 83.77
C ALA C 71 2.15 7.51 84.40
N LYS C 72 2.29 8.74 84.88
CA LYS C 72 3.51 9.22 85.53
C LYS C 72 4.73 9.04 84.63
N ASP C 73 4.60 9.51 83.38
CA ASP C 73 5.67 9.39 82.41
C ASP C 73 5.65 10.62 81.51
N PHE C 74 6.61 10.67 80.59
CA PHE C 74 6.68 11.74 79.59
C PHE C 74 6.11 11.20 78.29
N LYS C 75 4.95 11.74 77.89
CA LYS C 75 4.38 11.42 76.59
C LYS C 75 4.65 12.61 75.67
N VAL C 76 5.87 12.65 75.15
CA VAL C 76 6.26 13.72 74.24
C VAL C 76 5.72 13.41 72.86
N MET C 77 5.06 14.40 72.27
CA MET C 77 4.45 14.29 70.95
C MET C 77 5.28 15.10 69.98
N TYR C 78 5.01 14.96 68.68
CA TYR C 78 5.82 15.70 67.71
C TYR C 78 5.11 15.67 66.36
N LEU C 79 5.76 16.23 65.35
CA LEU C 79 5.27 16.23 63.98
C LEU C 79 6.14 15.33 63.14
N GLN C 80 5.51 14.53 62.28
CA GLN C 80 6.23 13.62 61.40
C GLN C 80 6.49 14.33 60.08
N ASP C 81 7.74 14.70 59.84
CA ASP C 81 8.15 15.30 58.59
C ASP C 81 8.66 14.24 57.64
N TYR C 82 8.57 14.53 56.34
CA TYR C 82 9.08 13.64 55.31
C TYR C 82 9.87 14.48 54.31
N ARG C 83 10.97 13.92 53.81
CA ARG C 83 11.77 14.66 52.83
C ARG C 83 10.97 15.03 51.59
N PRO C 84 10.24 14.11 50.95
CA PRO C 84 9.31 14.56 49.89
C PRO C 84 7.91 14.86 50.43
N ASN C 85 7.77 16.00 51.08
CA ASN C 85 6.50 16.37 51.68
C ASN C 85 5.43 16.50 50.60
N PRO C 86 4.19 16.11 50.89
CA PRO C 86 3.08 16.38 49.97
C PRO C 86 2.90 17.88 49.78
N GLU C 87 2.03 18.23 48.82
CA GLU C 87 1.90 19.62 48.43
C GLU C 87 1.15 20.43 49.48
N ALA C 88 0.07 19.89 50.04
CA ALA C 88 -0.82 20.67 50.89
C ALA C 88 -0.92 20.15 52.31
N THR C 89 -1.23 18.87 52.49
CA THR C 89 -1.50 18.32 53.82
C THR C 89 -0.28 17.53 54.31
N TYR C 90 0.69 18.26 54.85
CA TYR C 90 1.95 17.66 55.30
C TYR C 90 2.33 18.16 56.69
N HIS C 91 1.71 17.58 57.73
CA HIS C 91 2.26 17.54 59.09
C HIS C 91 1.45 16.57 59.96
N PRO C 92 1.52 15.27 59.72
CA PRO C 92 0.91 14.34 60.67
C PRO C 92 1.59 14.45 62.02
N ILE C 93 0.83 14.17 63.07
CA ILE C 93 1.31 14.27 64.45
C ILE C 93 1.49 12.85 64.99
N PHE C 94 2.67 12.60 65.54
CA PHE C 94 2.98 11.32 66.16
C PHE C 94 3.44 11.55 67.59
N GLY C 95 3.22 10.56 68.45
CA GLY C 95 3.59 10.66 69.84
C GLY C 95 4.50 9.51 70.24
N VAL C 96 5.26 9.72 71.31
CA VAL C 96 6.20 8.72 71.81
C VAL C 96 6.36 8.91 73.31
N ALA C 97 6.39 7.79 74.04
CA ALA C 97 6.54 7.81 75.48
C ALA C 97 8.00 7.53 75.84
N THR C 98 8.57 8.39 76.67
CA THR C 98 9.99 8.34 77.02
C THR C 98 10.20 8.58 78.52
N LYS C 99 9.45 7.85 79.35
CA LYS C 99 9.45 8.05 80.79
C LYS C 99 10.83 8.28 81.40
N ASP C 100 11.84 7.53 80.95
CA ASP C 100 13.18 7.72 81.47
C ASP C 100 13.85 8.94 80.85
N GLY C 101 13.56 9.20 79.58
CA GLY C 101 14.28 10.19 78.80
C GLY C 101 15.26 9.60 77.80
N ALA C 102 15.53 8.31 77.86
CA ALA C 102 16.45 7.64 76.94
C ALA C 102 15.79 6.56 76.10
N THR C 103 14.81 5.86 76.65
CA THR C 103 14.07 4.83 75.92
C THR C 103 12.76 5.42 75.42
N TYR C 104 12.49 5.24 74.13
CA TYR C 104 11.34 5.86 73.48
C TYR C 104 10.51 4.76 72.84
N GLU C 105 9.23 4.69 73.19
CA GLU C 105 8.32 3.78 72.51
C GLU C 105 7.18 4.57 71.86
N SER C 106 6.99 4.33 70.57
CA SER C 106 6.10 5.13 69.74
C SER C 106 4.66 4.71 69.95
N LEU C 107 3.76 5.70 69.98
CA LEU C 107 2.32 5.47 70.11
C LEU C 107 1.59 5.58 68.78
N GLY C 108 2.31 5.73 67.68
CA GLY C 108 1.69 5.84 66.38
C GLY C 108 1.17 7.25 66.13
N GLU C 109 0.45 7.37 65.01
CA GLU C 109 -0.16 8.65 64.67
C GLU C 109 -1.31 8.94 65.62
N LEU C 110 -1.39 10.19 66.07
CA LEU C 110 -2.44 10.63 66.98
C LEU C 110 -3.41 11.61 66.34
N ILE C 111 -2.91 12.70 65.77
CA ILE C 111 -3.73 13.70 65.12
C ILE C 111 -3.45 13.62 63.62
N SER C 112 -4.45 13.18 62.86
CA SER C 112 -4.28 13.10 61.41
C SER C 112 -4.42 14.47 60.77
N CYS C 113 -3.60 14.73 59.76
CA CYS C 113 -3.70 15.99 59.05
C CYS C 113 -5.03 16.09 58.32
N GLY C 114 -5.56 17.31 58.25
CA GLY C 114 -6.86 17.51 57.65
C GLY C 114 -6.83 17.40 56.14
N GLY C 115 -7.98 17.70 55.54
CA GLY C 115 -8.10 17.66 54.11
C GLY C 115 -7.39 18.81 53.44
N ARG C 116 -7.35 18.74 52.10
CA ARG C 116 -6.66 19.78 51.34
C ARG C 116 -7.31 21.14 51.54
N ASP C 117 -8.64 21.19 51.52
CA ASP C 117 -9.36 22.45 51.63
C ASP C 117 -9.60 22.87 53.07
N GLU C 118 -9.35 21.99 54.03
CA GLU C 118 -9.57 22.34 55.42
C GLU C 118 -8.49 23.27 55.92
N GLN C 119 -8.77 23.92 57.05
CA GLN C 119 -7.80 24.85 57.63
C GLN C 119 -6.62 24.11 58.25
N ASP C 120 -6.81 22.86 58.65
CA ASP C 120 -5.75 22.08 59.30
C ASP C 120 -5.07 21.13 58.34
N ALA C 121 -4.85 21.55 57.10
CA ALA C 121 -4.09 20.71 56.17
C ALA C 121 -2.68 20.45 56.70
N ALA C 122 -2.00 21.50 57.16
CA ALA C 122 -0.72 21.39 57.81
C ALA C 122 -0.88 21.82 59.26
N ILE C 123 -0.26 21.05 60.16
CA ILE C 123 -0.42 21.25 61.60
C ILE C 123 0.87 21.80 62.18
N GLY C 124 0.76 22.89 62.93
CA GLY C 124 1.89 23.49 63.60
C GLY C 124 2.06 22.98 65.01
N THR C 125 3.01 23.59 65.72
CA THR C 125 3.31 23.18 67.08
C THR C 125 2.16 23.58 68.01
N GLY C 126 2.00 22.81 69.09
CA GLY C 126 0.97 23.10 70.06
C GLY C 126 1.29 22.66 71.47
N GLY C 127 0.26 22.63 72.32
CA GLY C 127 0.41 22.24 73.71
C GLY C 127 -0.65 21.22 74.11
N THR C 128 -0.59 20.82 75.37
CA THR C 128 -1.49 19.80 75.87
C THR C 128 -1.68 19.95 77.38
N ILE C 129 -2.93 19.81 77.83
CA ILE C 129 -3.28 19.81 79.24
C ILE C 129 -4.20 18.61 79.48
N TYR C 130 -4.22 18.15 80.73
CA TYR C 130 -5.17 17.15 81.18
C TYR C 130 -6.14 17.78 82.17
N ASN C 131 -7.44 17.68 81.88
CA ASN C 131 -8.46 18.14 82.80
C ASN C 131 -8.96 16.96 83.61
N PRO C 132 -8.71 16.93 84.93
CA PRO C 132 -9.32 15.89 85.77
C PRO C 132 -10.80 16.12 86.02
N ALA C 133 -11.31 17.32 85.73
CA ALA C 133 -12.72 17.59 85.95
C ALA C 133 -13.59 16.68 85.09
N ASP C 134 -13.22 16.50 83.83
CA ASP C 134 -13.88 15.56 82.94
C ASP C 134 -12.96 14.41 82.53
N LYS C 135 -11.76 14.35 83.09
CA LYS C 135 -10.79 13.30 82.80
C LYS C 135 -10.53 13.20 81.30
N LEU C 136 -10.13 14.32 80.71
CA LEU C 136 -9.91 14.39 79.27
C LEU C 136 -8.59 15.11 78.97
N TYR C 137 -7.89 14.63 77.96
CA TYR C 137 -6.68 15.30 77.49
C TYR C 137 -7.05 16.23 76.34
N TYR C 138 -6.76 17.52 76.50
CA TYR C 138 -7.01 18.52 75.48
C TYR C 138 -5.68 18.94 74.89
N THR C 139 -5.53 18.83 73.57
CA THR C 139 -4.36 19.31 72.88
C THR C 139 -4.75 20.43 71.94
N PHE C 140 -3.91 21.45 71.88
CA PHE C 140 -4.15 22.63 71.06
C PHE C 140 -3.05 22.73 70.03
N TYR C 141 -3.43 22.87 68.76
CA TYR C 141 -2.47 22.93 67.67
C TYR C 141 -2.85 24.04 66.72
N THR C 142 -2.03 24.23 65.69
CA THR C 142 -2.21 25.32 64.73
C THR C 142 -2.41 24.72 63.34
N GLY C 143 -3.63 24.86 62.81
CA GLY C 143 -3.91 24.49 61.44
C GLY C 143 -3.45 25.57 60.50
N ASN C 144 -2.74 25.17 59.45
CA ASN C 144 -2.21 26.06 58.43
C ASN C 144 -3.01 25.86 57.15
N LYS C 145 -3.71 26.90 56.72
CA LYS C 145 -4.47 26.81 55.48
C LYS C 145 -3.53 26.77 54.29
N PHE C 146 -3.85 25.90 53.33
CA PHE C 146 -3.05 25.79 52.12
C PHE C 146 -3.49 26.86 51.12
N LYS C 147 -2.51 27.59 50.60
CA LYS C 147 -2.72 28.72 49.67
C LYS C 147 -3.89 29.62 50.10
N PRO C 148 -3.87 30.12 51.33
CA PRO C 148 -5.04 30.86 51.84
C PRO C 148 -5.28 32.14 51.06
N SER C 149 -6.55 32.52 50.98
CA SER C 149 -6.94 33.74 50.31
C SER C 149 -6.75 34.94 51.24
N SER C 150 -7.03 36.14 50.72
CA SER C 150 -6.87 37.34 51.52
C SER C 150 -7.82 37.36 52.71
N ASP C 151 -9.05 36.92 52.50
CA ASP C 151 -10.07 36.93 53.54
C ASP C 151 -10.01 35.70 54.44
N GLN C 152 -9.10 34.77 54.18
CA GLN C 152 -9.00 33.52 54.94
C GLN C 152 -7.80 33.59 55.87
N ASN C 153 -8.01 33.27 57.14
CA ASN C 153 -6.93 33.27 58.10
C ASN C 153 -5.94 32.16 57.78
N ALA C 154 -4.65 32.50 57.73
CA ALA C 154 -3.65 31.51 57.34
C ALA C 154 -3.41 30.51 58.45
N GLN C 155 -3.47 30.94 59.71
CA GLN C 155 -3.20 30.07 60.85
C GLN C 155 -4.34 30.18 61.85
N VAL C 156 -4.89 29.04 62.25
CA VAL C 156 -6.01 29.01 63.19
C VAL C 156 -5.73 27.97 64.26
N VAL C 157 -5.95 28.34 65.52
CA VAL C 157 -5.74 27.41 66.62
C VAL C 157 -6.96 26.50 66.76
N MET C 158 -6.72 25.20 66.80
CA MET C 158 -7.76 24.21 67.02
C MET C 158 -7.41 23.32 68.20
N VAL C 159 -8.36 22.49 68.59
CA VAL C 159 -8.23 21.62 69.75
C VAL C 159 -8.75 20.23 69.42
N ALA C 160 -8.07 19.22 69.97
CA ALA C 160 -8.49 17.83 69.86
C ALA C 160 -8.52 17.21 71.26
N THR C 161 -9.52 16.37 71.49
CA THR C 161 -9.76 15.79 72.80
C THR C 161 -9.58 14.28 72.76
N SER C 162 -9.05 13.73 73.85
CA SER C 162 -8.88 12.29 73.99
C SER C 162 -9.33 11.83 75.37
N PRO C 163 -9.97 10.67 75.47
CA PRO C 163 -10.34 10.15 76.78
C PRO C 163 -9.23 9.31 77.42
N ASP C 164 -8.36 8.72 76.59
CA ASP C 164 -7.33 7.85 77.13
C ASP C 164 -5.98 8.06 76.44
N PHE C 165 -5.78 9.20 75.79
CA PHE C 165 -4.56 9.54 75.06
C PHE C 165 -4.26 8.57 73.93
N LYS C 166 -5.24 7.74 73.54
CA LYS C 166 -5.05 6.77 72.47
C LYS C 166 -5.77 7.18 71.19
N THR C 167 -7.06 7.50 71.28
CA THR C 167 -7.83 8.00 70.16
C THR C 167 -8.20 9.46 70.38
N TRP C 168 -8.22 10.22 69.30
CA TRP C 168 -8.41 11.66 69.38
C TRP C 168 -9.54 12.08 68.46
N THR C 169 -10.35 13.02 68.94
CA THR C 169 -11.43 13.61 68.15
C THR C 169 -11.24 15.12 68.13
N LYS C 170 -11.15 15.69 66.93
CA LYS C 170 -10.99 17.12 66.80
C LYS C 170 -12.31 17.83 67.07
N ASN C 171 -12.28 18.87 67.89
CA ASN C 171 -13.49 19.65 68.16
C ASN C 171 -13.75 20.57 66.98
N ARG C 172 -14.75 20.22 66.17
CA ARG C 172 -15.02 21.00 64.97
C ARG C 172 -15.66 22.34 65.26
N THR C 173 -16.10 22.59 66.48
CA THR C 173 -16.76 23.83 66.82
C THR C 173 -15.82 24.91 67.29
N PHE C 174 -14.53 24.62 67.45
CA PHE C 174 -13.56 25.57 67.96
C PHE C 174 -12.69 26.07 66.82
N TYR C 175 -12.68 27.39 66.63
CA TYR C 175 -11.85 28.02 65.61
C TYR C 175 -11.45 29.39 66.13
N LEU C 176 -10.29 29.47 66.77
CA LEU C 176 -9.82 30.71 67.37
C LEU C 176 -9.06 31.49 66.30
N LYS C 177 -9.72 32.49 65.73
CA LYS C 177 -9.14 33.25 64.63
C LYS C 177 -8.25 34.36 65.17
N GLY C 178 -7.11 34.56 64.51
CA GLY C 178 -6.19 35.59 64.93
C GLY C 178 -6.73 37.00 64.73
N ASP C 179 -7.40 37.23 63.61
CA ASP C 179 -7.91 38.55 63.28
C ASP C 179 -9.09 38.97 64.15
N THR C 180 -9.67 38.04 64.93
CA THR C 180 -10.78 38.39 65.80
C THR C 180 -10.36 39.42 66.84
N TYR C 181 -9.16 39.25 67.41
CA TYR C 181 -8.67 40.11 68.47
C TYR C 181 -7.60 41.08 67.97
N GLY C 182 -7.65 41.44 66.70
CA GLY C 182 -6.75 42.42 66.16
C GLY C 182 -5.35 41.92 65.87
N TYR C 183 -5.10 40.63 66.02
CA TYR C 183 -3.78 40.08 65.77
C TYR C 183 -3.62 39.68 64.31
N ASP C 184 -2.41 39.27 63.95
CA ASP C 184 -2.08 39.00 62.56
C ASP C 184 -2.85 37.78 62.05
N LYS C 185 -3.26 37.85 60.79
CA LYS C 185 -3.93 36.71 60.17
C LYS C 185 -2.94 35.61 59.83
N ASN C 186 -1.76 35.98 59.32
CA ASN C 186 -0.79 35.02 58.86
C ASN C 186 0.25 34.63 59.92
N ASP C 187 0.25 35.30 61.07
CA ASP C 187 1.23 35.05 62.12
C ASP C 187 0.47 34.75 63.42
N PHE C 188 0.11 33.49 63.61
CA PHE C 188 -0.61 33.05 64.80
C PHE C 188 -0.22 31.60 65.05
N ARG C 189 0.82 31.41 65.87
CA ARG C 189 1.48 30.11 65.95
C ARG C 189 1.73 29.73 67.40
N ASP C 190 1.98 28.44 67.58
CA ASP C 190 2.53 27.86 68.81
C ASP C 190 1.68 28.16 70.04
N PRO C 191 0.48 27.61 70.14
CA PRO C 191 -0.30 27.82 71.36
C PRO C 191 0.28 27.04 72.53
N PHE C 192 0.89 27.76 73.46
CA PHE C 192 1.40 27.13 74.68
C PHE C 192 0.36 27.21 75.77
N LEU C 193 0.14 26.09 76.47
CA LEU C 193 -0.90 25.98 77.48
C LEU C 193 -0.26 25.80 78.84
N PHE C 194 -0.75 26.55 79.83
CA PHE C 194 -0.31 26.26 81.19
C PHE C 194 -1.35 26.74 82.19
N GLN C 195 -1.43 26.04 83.32
CA GLN C 195 -2.38 26.36 84.37
C GLN C 195 -1.63 26.89 85.58
N THR C 196 -2.08 28.02 86.11
CA THR C 196 -1.45 28.64 87.27
C THR C 196 -1.94 27.97 88.55
N GLU C 197 -1.46 28.48 89.69
CA GLU C 197 -1.85 27.92 90.97
C GLU C 197 -3.33 28.16 91.27
N ASP C 198 -3.85 29.32 90.87
CA ASP C 198 -5.25 29.63 91.11
C ASP C 198 -6.19 28.72 90.35
N GLY C 199 -5.70 28.03 89.31
CA GLY C 199 -6.49 27.06 88.58
C GLY C 199 -7.00 27.52 87.23
N VAL C 200 -6.69 28.73 86.81
CA VAL C 200 -7.10 29.19 85.49
C VAL C 200 -6.06 28.76 84.48
N TYR C 201 -6.48 28.62 83.23
CA TYR C 201 -5.60 28.19 82.16
C TYR C 201 -5.27 29.37 81.25
N HIS C 202 -4.02 29.45 80.83
CA HIS C 202 -3.56 30.50 79.94
C HIS C 202 -2.99 29.87 78.67
N MET C 203 -3.33 30.49 77.54
CA MET C 203 -2.91 30.08 76.21
C MET C 203 -2.10 31.21 75.60
N LEU C 204 -0.86 30.92 75.23
CA LEU C 204 0.07 31.92 74.74
C LEU C 204 0.29 31.71 73.25
N ILE C 205 0.19 32.79 72.48
CA ILE C 205 0.36 32.79 71.04
C ILE C 205 1.47 33.75 70.67
N ALA C 206 2.43 33.28 69.88
CA ALA C 206 3.47 34.14 69.33
C ALA C 206 2.91 34.75 68.05
N THR C 207 2.20 35.86 68.18
CA THR C 207 1.57 36.52 67.04
C THR C 207 2.27 37.84 66.76
N ARG C 208 1.75 38.56 65.78
CA ARG C 208 2.25 39.87 65.41
C ARG C 208 1.12 40.87 65.50
N LYS C 209 1.35 41.96 66.24
CA LYS C 209 0.41 43.08 66.28
C LYS C 209 1.10 44.28 65.63
N ASN C 210 0.38 44.90 64.69
CA ASN C 210 0.79 46.11 63.96
C ASN C 210 2.29 46.13 63.68
N GLY C 211 2.79 44.99 63.16
CA GLY C 211 4.18 44.89 62.75
C GLY C 211 5.17 44.62 63.85
N LYS C 212 4.73 44.19 65.02
CA LYS C 212 5.62 43.93 66.14
C LYS C 212 5.35 42.54 66.70
N GLY C 213 6.41 41.88 67.15
CA GLY C 213 6.28 40.56 67.75
C GLY C 213 5.64 40.64 69.12
N HIS C 214 4.48 40.01 69.29
CA HIS C 214 3.76 40.04 70.56
C HIS C 214 3.41 38.63 70.98
N ILE C 215 3.76 38.29 72.22
CA ILE C 215 3.29 37.07 72.86
C ILE C 215 1.99 37.42 73.56
N ALA C 216 0.87 36.98 72.99
CA ALA C 216 -0.46 37.32 73.49
C ALA C 216 -1.00 36.19 74.36
N GLU C 217 -1.81 36.56 75.34
CA GLU C 217 -2.35 35.62 76.31
C GLU C 217 -3.87 35.59 76.24
N PHE C 218 -4.42 34.38 76.36
CA PHE C 218 -5.85 34.18 76.47
C PHE C 218 -6.13 33.38 77.73
N THR C 219 -7.06 33.87 78.54
CA THR C 219 -7.40 33.23 79.80
C THR C 219 -8.68 32.42 79.65
N SER C 220 -8.77 31.34 80.42
CA SER C 220 -9.96 30.51 80.44
C SER C 220 -10.06 29.80 81.78
N ALA C 221 -11.27 29.33 82.08
CA ALA C 221 -11.51 28.54 83.28
C ALA C 221 -12.04 27.14 82.98
N ASP C 222 -12.37 26.85 81.73
CA ASP C 222 -12.83 25.53 81.35
C ASP C 222 -12.23 25.05 80.03
N LEU C 223 -11.32 25.82 79.44
CA LEU C 223 -10.66 25.46 78.18
C LEU C 223 -11.65 25.26 77.04
N LYS C 224 -12.75 26.02 77.07
CA LYS C 224 -13.72 25.99 75.97
C LYS C 224 -14.04 27.40 75.51
N GLU C 225 -13.92 28.37 76.40
CA GLU C 225 -14.12 29.78 76.07
C GLU C 225 -12.93 30.59 76.56
N TRP C 226 -12.47 31.52 75.73
CA TRP C 226 -11.25 32.26 75.99
C TRP C 226 -11.49 33.76 75.95
N GLU C 227 -10.80 34.47 76.84
CA GLU C 227 -10.86 35.93 76.89
C GLU C 227 -9.45 36.46 76.65
N SER C 228 -9.31 37.35 75.68
CA SER C 228 -8.00 37.90 75.34
C SER C 228 -7.53 38.82 76.47
N ALA C 229 -6.51 38.41 77.21
CA ALA C 229 -5.98 39.22 78.30
C ALA C 229 -4.87 40.14 77.81
N GLY C 230 -5.16 40.88 76.74
CA GLY C 230 -4.20 41.81 76.20
C GLY C 230 -2.95 41.11 75.66
N THR C 231 -1.84 41.84 75.70
CA THR C 231 -0.55 41.32 75.27
C THR C 231 0.25 40.90 76.49
N PHE C 232 0.59 39.61 76.56
CA PHE C 232 1.37 39.13 77.69
C PHE C 232 2.77 39.72 77.69
N MET C 233 3.40 39.82 76.51
CA MET C 233 4.78 40.27 76.44
C MET C 233 5.08 40.72 75.02
N THR C 234 6.12 41.53 74.88
CA THR C 234 6.59 41.97 73.58
C THR C 234 7.89 41.28 73.23
N MET C 235 8.34 41.48 72.00
CA MET C 235 9.56 40.87 71.50
C MET C 235 10.65 41.93 71.35
N MET C 236 11.85 41.48 70.98
CA MET C 236 13.03 42.33 70.91
C MET C 236 13.45 42.51 69.46
N TRP C 237 13.67 43.77 69.07
CA TRP C 237 14.26 44.11 67.79
C TRP C 237 13.55 43.42 66.64
N ASP C 238 12.23 43.59 66.60
CA ASP C 238 11.31 43.03 65.60
C ASP C 238 11.66 41.62 65.16
N ARG C 239 12.12 40.79 66.10
CA ARG C 239 12.36 39.38 65.80
C ARG C 239 11.07 38.60 65.98
N PHE C 240 11.15 37.28 65.80
CA PHE C 240 10.01 36.42 66.01
C PHE C 240 10.42 35.25 66.89
N TYR C 241 9.53 34.89 67.81
CA TYR C 241 9.78 33.83 68.78
C TYR C 241 8.97 32.60 68.39
N GLU C 242 9.64 31.44 68.38
CA GLU C 242 9.02 30.19 67.99
C GLU C 242 8.83 29.31 69.21
N CYS C 243 7.65 28.74 69.36
CA CYS C 243 7.33 27.79 70.41
C CYS C 243 7.67 28.33 71.80
N PRO C 244 7.04 29.42 72.23
CA PRO C 244 7.31 29.94 73.57
C PRO C 244 6.79 29.00 74.64
N ASP C 245 7.46 29.01 75.79
CA ASP C 245 7.09 28.15 76.90
C ASP C 245 7.48 28.85 78.20
N VAL C 246 6.48 29.08 79.05
CA VAL C 246 6.67 29.74 80.35
C VAL C 246 6.57 28.68 81.44
N PHE C 247 7.49 28.71 82.38
CA PHE C 247 7.46 27.76 83.49
C PHE C 247 8.10 28.40 84.72
N LYS C 248 8.05 27.66 85.82
CA LYS C 248 8.62 28.08 87.10
C LYS C 248 9.60 27.03 87.58
N MET C 249 10.79 27.47 88.02
CA MET C 249 11.83 26.57 88.49
C MET C 249 12.30 27.04 89.87
N GLY C 250 11.61 26.58 90.90
CA GLY C 250 12.02 26.85 92.27
C GLY C 250 11.66 28.25 92.74
N ASP C 251 12.41 29.25 92.27
CA ASP C 251 12.22 30.63 92.69
C ASP C 251 12.23 31.60 91.52
N TRP C 252 12.25 31.11 90.29
CA TRP C 252 12.33 31.96 89.12
C TRP C 252 11.27 31.54 88.10
N TRP C 253 10.84 32.52 87.31
CA TRP C 253 9.92 32.28 86.20
C TRP C 253 10.68 32.46 84.91
N TYR C 254 10.70 31.42 84.08
CA TYR C 254 11.49 31.40 82.86
C TYR C 254 10.59 31.31 81.64
N LEU C 255 11.04 31.96 80.57
CA LEU C 255 10.41 31.88 79.26
C LEU C 255 11.44 31.38 78.27
N ILE C 256 11.28 30.15 77.83
CA ILE C 256 12.15 29.57 76.81
C ILE C 256 11.48 29.77 75.46
N TYR C 257 12.30 30.05 74.44
CA TYR C 257 11.76 30.35 73.12
C TYR C 257 12.85 30.08 72.09
N SER C 258 12.42 29.92 70.84
CA SER C 258 13.32 29.69 69.72
C SER C 258 13.23 30.88 68.78
N GLU C 259 14.39 31.38 68.36
CA GLU C 259 14.42 32.56 67.52
C GLU C 259 14.19 32.19 66.06
N GLN C 260 13.22 32.85 65.43
CA GLN C 260 12.91 32.62 64.03
C GLN C 260 13.90 33.32 63.10
N ALA C 261 14.65 34.30 63.60
CA ALA C 261 15.56 35.05 62.74
C ALA C 261 16.61 34.14 62.13
N SER C 262 16.82 34.29 60.82
CA SER C 262 17.74 33.41 60.12
C SER C 262 19.17 33.57 60.61
N PHE C 263 19.57 34.81 60.92
CA PHE C 263 20.94 35.03 61.36
C PHE C 263 21.23 34.35 62.69
N MET C 264 20.24 34.28 63.58
CA MET C 264 20.42 33.69 64.90
C MET C 264 19.98 32.23 64.93
N ARG C 265 18.70 31.97 64.69
CA ARG C 265 18.16 30.61 64.54
C ARG C 265 18.55 29.70 65.69
N LYS C 266 18.50 30.22 66.91
CA LYS C 266 18.96 29.48 68.07
C LYS C 266 18.04 29.73 69.25
N VAL C 267 18.13 28.83 70.24
CA VAL C 267 17.22 28.82 71.38
C VAL C 267 17.79 29.71 72.49
N GLN C 268 16.97 30.63 72.98
CA GLN C 268 17.33 31.51 74.07
C GLN C 268 16.25 31.47 75.14
N TYR C 269 16.53 32.12 76.27
CA TYR C 269 15.61 32.09 77.39
C TYR C 269 15.69 33.40 78.16
N PHE C 270 14.66 33.66 78.96
CA PHE C 270 14.58 34.83 79.80
C PHE C 270 14.30 34.41 81.24
N LYS C 271 14.72 35.25 82.18
CA LYS C 271 14.63 34.93 83.59
C LYS C 271 13.92 36.05 84.33
N GLY C 272 13.33 35.69 85.48
CA GLY C 272 12.62 36.64 86.31
C GLY C 272 12.18 36.02 87.61
N ARG C 273 12.26 36.80 88.70
CA ARG C 273 11.84 36.28 90.00
C ARG C 273 10.36 35.97 90.04
N THR C 274 9.54 36.85 89.45
CA THR C 274 8.10 36.68 89.44
C THR C 274 7.59 36.76 88.01
N LEU C 275 6.33 36.38 87.82
CA LEU C 275 5.71 36.50 86.51
C LEU C 275 5.64 37.96 86.07
N GLU C 276 5.32 38.86 87.00
CA GLU C 276 5.30 40.27 86.67
C GLU C 276 6.68 40.76 86.29
N ASP C 277 7.72 40.30 86.99
CA ASP C 277 9.09 40.65 86.63
C ASP C 277 9.43 40.15 85.24
N LEU C 278 9.05 38.91 84.92
CA LEU C 278 9.32 38.37 83.60
C LEU C 278 8.63 39.19 82.52
N LYS C 279 7.37 39.56 82.75
CA LYS C 279 6.64 40.35 81.77
C LYS C 279 7.29 41.73 81.59
N ALA C 280 7.67 42.36 82.70
CA ALA C 280 8.32 43.66 82.62
C ALA C 280 9.70 43.58 81.98
N THR C 281 10.32 42.41 81.99
CA THR C 281 11.57 42.23 81.28
C THR C 281 11.39 42.55 79.80
N THR C 282 12.36 43.26 79.24
CA THR C 282 12.31 43.79 77.87
C THR C 282 10.92 44.29 77.49
N ALA C 283 10.35 45.10 78.39
CA ALA C 283 9.02 45.66 78.14
C ALA C 283 9.02 46.52 76.88
N ASN C 284 9.98 47.44 76.78
CA ASN C 284 10.19 48.23 75.57
C ASN C 284 11.67 48.18 75.23
N ASP C 285 12.09 47.11 74.57
CA ASP C 285 13.47 46.91 74.14
C ASP C 285 14.47 47.11 75.28
N ALA C 286 14.05 46.76 76.50
CA ALA C 286 14.96 46.86 77.64
C ALA C 286 16.13 45.90 77.48
N GLY C 287 15.88 44.69 77.00
CA GLY C 287 16.92 43.73 76.75
C GLY C 287 17.66 43.27 77.99
N ILE C 288 16.91 42.93 79.03
CA ILE C 288 17.51 42.49 80.28
C ILE C 288 17.91 41.03 80.13
N TRP C 289 19.14 40.81 79.69
CA TRP C 289 19.60 39.45 79.42
C TRP C 289 19.77 38.69 80.73
N PRO C 290 19.40 37.40 80.76
CA PRO C 290 19.61 36.62 81.98
C PRO C 290 21.06 36.50 82.39
N ASP C 291 21.97 36.51 81.43
CA ASP C 291 23.39 36.32 81.73
C ASP C 291 24.22 37.00 80.64
N ASN C 292 25.54 36.86 80.77
CA ASN C 292 26.47 37.53 79.87
C ASN C 292 26.45 36.97 78.46
N ARG C 293 25.81 35.82 78.24
CA ARG C 293 25.79 35.19 76.93
C ARG C 293 24.48 35.40 76.19
N GLU C 294 23.74 36.45 76.55
CA GLU C 294 22.46 36.78 75.91
C GLU C 294 21.45 35.65 76.03
N GLY C 295 21.55 34.86 77.10
CA GLY C 295 20.59 33.79 77.31
C GLY C 295 20.69 32.64 76.34
N MET C 296 21.82 32.48 75.67
CA MET C 296 21.99 31.37 74.74
C MET C 296 22.01 30.06 75.50
N LEU C 297 21.43 29.03 74.89
CA LEU C 297 21.43 27.70 75.48
C LEU C 297 22.11 26.65 74.62
N ASP C 298 21.97 26.74 73.30
CA ASP C 298 22.60 25.78 72.41
C ASP C 298 22.76 26.42 71.04
N SER C 299 23.57 25.78 70.21
CA SER C 299 23.91 26.33 68.91
C SER C 299 22.79 26.07 67.91
N ARG C 300 23.07 26.32 66.63
CA ARG C 300 22.07 26.17 65.58
C ARG C 300 21.64 24.73 65.37
N ALA C 301 22.36 23.76 65.92
CA ALA C 301 21.98 22.36 65.80
C ALA C 301 20.91 21.95 66.80
N PHE C 302 20.26 22.90 67.47
CA PHE C 302 19.22 22.61 68.43
C PHE C 302 18.15 23.67 68.31
N TYR C 303 16.90 23.26 68.13
CA TYR C 303 15.82 24.18 67.81
C TYR C 303 14.53 23.68 68.41
N ALA C 304 13.57 24.60 68.53
CA ALA C 304 12.23 24.28 69.03
C ALA C 304 12.30 23.59 70.40
N GLY C 305 13.21 24.05 71.25
CA GLY C 305 13.33 23.49 72.58
C GLY C 305 12.09 23.76 73.40
N LYS C 306 11.48 22.71 73.93
CA LYS C 306 10.31 22.85 74.79
C LYS C 306 10.46 21.91 75.98
N THR C 307 10.06 22.38 77.16
CA THR C 307 10.40 21.70 78.40
C THR C 307 9.18 21.08 79.05
N ALA C 308 9.45 20.12 79.94
CA ALA C 308 8.41 19.51 80.77
C ALA C 308 9.07 18.90 82.00
N SER C 309 8.28 18.80 83.07
CA SER C 309 8.76 18.31 84.35
C SER C 309 7.92 17.14 84.82
N ASP C 310 8.57 16.21 85.52
CA ASP C 310 7.89 15.11 86.19
C ASP C 310 7.70 15.37 87.68
N GLY C 311 8.04 16.56 88.15
CA GLY C 311 7.98 16.91 89.54
C GLY C 311 9.33 16.91 90.24
N THR C 312 10.34 16.27 89.65
CA THR C 312 11.68 16.26 90.22
C THR C 312 12.77 16.66 89.25
N ASN C 313 12.56 16.52 87.95
CA ASN C 313 13.54 16.93 86.95
C ASN C 313 12.84 17.66 85.83
N ARG C 314 13.58 18.56 85.17
CA ARG C 314 13.08 19.32 84.05
C ARG C 314 13.86 18.94 82.81
N TYR C 315 13.16 18.45 81.79
CA TYR C 315 13.78 18.00 80.56
C TYR C 315 13.29 18.85 79.40
N ILE C 316 14.20 19.28 78.55
CA ILE C 316 13.88 20.04 77.35
C ILE C 316 14.14 19.16 76.14
N TRP C 317 13.20 19.16 75.21
CA TRP C 317 13.28 18.37 73.98
C TRP C 317 13.39 19.31 72.79
N GLY C 318 14.30 18.96 71.88
CA GLY C 318 14.46 19.71 70.65
C GLY C 318 14.78 18.76 69.50
N TRP C 319 15.05 19.28 68.31
CA TRP C 319 15.42 18.44 67.19
C TRP C 319 16.71 18.92 66.58
N CYS C 320 17.70 18.04 66.55
CA CYS C 320 18.93 18.28 65.82
C CYS C 320 18.66 18.13 64.33
N PRO C 321 18.94 19.14 63.51
CA PRO C 321 18.59 19.06 62.09
C PRO C 321 19.50 18.11 61.34
N THR C 322 18.99 17.64 60.20
CA THR C 322 19.81 16.90 59.26
C THR C 322 20.56 17.88 58.36
N ARG C 323 21.49 17.34 57.56
CA ARG C 323 22.29 18.14 56.66
C ARG C 323 21.97 17.78 55.23
N ALA C 324 21.90 18.80 54.37
CA ALA C 324 21.63 18.57 52.96
C ALA C 324 22.78 17.77 52.35
N GLY C 325 22.43 16.69 51.65
CA GLY C 325 23.45 15.82 51.11
C GLY C 325 24.34 15.20 52.16
N ASN C 326 23.78 14.91 53.34
CA ASN C 326 24.42 14.26 54.48
C ASN C 326 25.90 14.62 54.63
N ASP C 327 26.20 15.91 54.52
CA ASP C 327 27.56 16.43 54.63
C ASP C 327 27.64 17.32 55.86
N ASN C 328 28.63 17.06 56.71
CA ASN C 328 28.76 17.83 57.94
C ASN C 328 29.05 19.29 57.64
N GLY C 329 29.81 19.56 56.58
CA GLY C 329 30.16 20.93 56.24
C GLY C 329 29.03 21.73 55.63
N ASN C 330 28.02 21.06 55.08
CA ASN C 330 26.89 21.76 54.44
C ASN C 330 25.86 22.14 55.51
N VAL C 331 26.26 23.11 56.34
CA VAL C 331 25.36 23.59 57.38
C VAL C 331 24.12 24.22 56.76
N GLY C 332 24.31 24.97 55.68
CA GLY C 332 23.20 25.60 55.00
C GLY C 332 23.07 27.05 55.37
N ASP C 333 23.13 27.93 54.38
CA ASP C 333 23.04 29.35 54.63
C ASP C 333 21.62 29.72 55.06
N VAL C 334 21.48 30.95 55.55
CA VAL C 334 20.21 31.53 55.95
C VAL C 334 19.62 30.73 57.12
N GLU C 335 19.16 29.52 56.85
CA GLU C 335 18.67 28.66 57.92
C GLU C 335 19.06 27.22 57.63
N PRO C 336 19.20 26.38 58.65
CA PRO C 336 19.50 24.97 58.44
C PRO C 336 18.24 24.22 57.97
N GLU C 337 18.41 22.93 57.76
CA GLU C 337 17.30 22.10 57.32
C GLU C 337 16.28 21.93 58.45
N TRP C 338 15.08 21.52 58.08
CA TRP C 338 14.01 21.31 59.04
C TRP C 338 13.92 19.84 59.45
N ALA C 339 13.34 19.61 60.63
CA ALA C 339 13.21 18.29 61.22
C ALA C 339 14.57 17.64 61.47
N GLY C 340 14.57 16.44 62.04
CA GLY C 340 15.82 15.78 62.37
C GLY C 340 15.69 14.69 63.41
N ASN C 341 16.51 14.77 64.45
CA ASN C 341 16.54 13.77 65.51
C ASN C 341 16.10 14.39 66.82
N LEU C 342 15.26 13.68 67.56
CA LEU C 342 14.73 14.17 68.82
C LEU C 342 15.78 14.05 69.91
N VAL C 343 16.19 15.17 70.48
CA VAL C 343 17.25 15.24 71.47
C VAL C 343 16.66 15.74 72.79
N ALA C 344 16.94 15.01 73.86
CA ALA C 344 16.47 15.36 75.19
C ALA C 344 17.65 15.77 76.06
N GLN C 345 17.53 16.91 76.73
CA GLN C 345 18.55 17.38 77.65
C GLN C 345 17.90 17.75 78.97
N ARG C 346 18.71 17.85 80.01
CA ARG C 346 18.23 18.15 81.35
C ARG C 346 18.60 19.58 81.73
N LEU C 347 17.60 20.38 82.09
CA LEU C 347 17.86 21.75 82.49
C LEU C 347 18.58 21.81 83.82
N ILE C 348 19.57 22.68 83.91
CA ILE C 348 20.36 22.88 85.12
C ILE C 348 20.16 24.32 85.58
N GLN C 349 19.59 24.49 86.76
CA GLN C 349 19.33 25.81 87.32
C GLN C 349 20.39 26.13 88.37
N HIS C 350 21.10 27.23 88.18
CA HIS C 350 22.14 27.62 89.10
C HIS C 350 21.59 28.55 90.18
N GLU C 351 22.46 28.85 91.15
CA GLU C 351 22.04 29.68 92.29
C GLU C 351 21.68 31.10 91.88
N ASP C 352 22.21 31.58 90.76
CA ASP C 352 21.89 32.93 90.28
C ASP C 352 20.73 32.94 89.31
N GLY C 353 20.08 31.79 89.10
CA GLY C 353 18.96 31.69 88.18
C GLY C 353 19.34 31.36 86.76
N THR C 354 20.62 31.34 86.43
CA THR C 354 21.05 30.98 85.08
C THR C 354 20.71 29.52 84.79
N LEU C 355 20.48 29.23 83.53
CA LEU C 355 20.06 27.90 83.10
C LEU C 355 21.06 27.34 82.10
N THR C 356 21.36 26.06 82.25
CA THR C 356 22.22 25.34 81.33
C THR C 356 21.63 23.96 81.07
N LEU C 357 22.17 23.28 80.07
CA LEU C 357 21.69 21.97 79.66
C LEU C 357 22.64 20.88 80.15
N GLY C 358 22.08 19.79 80.66
CA GLY C 358 22.87 18.67 81.12
C GLY C 358 22.37 17.36 80.56
N VAL C 359 23.26 16.39 80.56
CA VAL C 359 22.91 15.06 80.05
C VAL C 359 21.90 14.42 80.97
N PRO C 360 20.87 13.77 80.45
CA PRO C 360 19.92 13.05 81.32
C PRO C 360 20.60 11.88 82.02
N ASP C 361 20.10 11.60 83.23
CA ASP C 361 20.68 10.52 84.03
C ASP C 361 20.52 9.17 83.34
N ALA C 362 19.37 8.94 82.70
CA ALA C 362 19.16 7.68 82.01
C ALA C 362 20.14 7.51 80.86
N ILE C 363 20.38 8.57 80.09
CA ILE C 363 21.34 8.50 79.01
C ILE C 363 22.73 8.24 79.55
N ASP C 364 23.09 8.90 80.66
CA ASP C 364 24.41 8.69 81.24
C ASP C 364 24.58 7.25 81.71
N ARG C 365 23.56 6.69 82.36
CA ARG C 365 23.66 5.36 82.92
C ARG C 365 23.48 4.25 81.88
N LYS C 366 22.96 4.58 80.70
CA LYS C 366 22.80 3.57 79.66
C LYS C 366 24.14 3.00 79.22
N TYR C 367 25.15 3.85 79.11
CA TYR C 367 26.47 3.39 78.72
C TYR C 367 27.09 2.57 79.84
N THR C 368 27.35 1.29 79.55
CA THR C 368 27.91 0.38 80.55
C THR C 368 29.26 -0.18 80.14
N SER C 369 29.37 -0.76 78.95
CA SER C 369 30.62 -1.37 78.53
C SER C 369 31.71 -0.32 78.38
N ALA C 370 32.93 -0.69 78.78
CA ALA C 370 34.07 0.21 78.76
C ALA C 370 35.07 -0.25 77.71
N GLN C 371 35.52 0.67 76.88
CA GLN C 371 36.44 0.37 75.79
C GLN C 371 37.82 0.93 76.12
N GLU C 372 38.84 0.10 75.94
CA GLU C 372 40.20 0.55 76.14
C GLU C 372 40.60 1.54 75.04
N VAL C 373 41.30 2.59 75.43
CA VAL C 373 41.77 3.61 74.49
C VAL C 373 43.25 3.40 74.24
N LYS C 374 43.69 3.84 73.06
CA LYS C 374 45.11 3.75 72.69
C LYS C 374 45.37 4.74 71.57
N VAL C 375 46.64 5.06 71.40
CA VAL C 375 47.07 6.09 70.47
C VAL C 375 47.36 5.47 69.11
N MET C 376 46.97 6.18 68.05
CA MET C 376 47.26 5.75 66.69
C MET C 376 48.19 6.69 65.93
N ALA C 377 48.29 7.95 66.33
CA ALA C 377 49.14 8.91 65.63
C ALA C 377 49.93 9.75 66.62
N LYS C 378 51.16 10.07 66.25
CA LYS C 378 52.07 10.90 67.05
C LYS C 378 52.74 11.87 66.08
N ASP C 379 52.13 13.05 65.89
CA ASP C 379 52.65 13.99 64.91
C ASP C 379 53.22 15.26 65.52
N GLY C 380 52.62 15.77 66.58
CA GLY C 380 53.09 16.98 67.23
C GLY C 380 54.16 16.70 68.27
N ASN C 381 54.53 17.75 68.99
CA ASN C 381 55.52 17.66 70.05
C ASN C 381 54.94 17.12 71.35
N MET C 382 53.79 16.45 71.28
CA MET C 382 53.16 15.92 72.48
C MET C 382 53.96 14.76 73.05
N ILE C 383 53.80 14.53 74.34
CA ILE C 383 54.45 13.44 75.03
C ILE C 383 53.39 12.61 75.75
N GLU C 384 53.69 11.34 75.97
CA GLU C 384 52.79 10.40 76.62
C GLU C 384 53.42 9.96 77.94
N SER C 385 52.69 10.13 79.03
CA SER C 385 53.14 9.74 80.36
C SER C 385 52.00 8.97 81.03
N GLY C 386 51.98 7.67 80.84
CA GLY C 386 50.91 6.86 81.39
C GLY C 386 49.56 7.26 80.80
N LYS C 387 48.58 7.48 81.66
CA LYS C 387 47.24 7.87 81.24
C LYS C 387 47.11 9.37 81.01
N THR C 388 48.16 10.14 81.24
CA THR C 388 48.14 11.58 81.09
C THR C 388 48.99 11.97 79.90
N TYR C 389 48.44 12.84 79.04
CA TYR C 389 49.13 13.30 77.86
C TYR C 389 49.28 14.81 77.92
N THR C 390 50.38 15.32 77.37
CA THR C 390 50.67 16.74 77.34
C THR C 390 50.91 17.18 75.91
N LEU C 391 50.19 18.22 75.47
CA LEU C 391 50.25 18.71 74.11
C LEU C 391 50.65 20.19 74.11
N GLY C 392 51.54 20.54 73.20
CA GLY C 392 51.94 21.91 72.97
C GLY C 392 51.29 22.50 71.75
N GLU C 393 51.94 23.49 71.16
CA GLU C 393 51.42 24.16 69.98
C GLU C 393 51.56 23.24 68.77
N GLY C 394 50.44 22.98 68.09
CA GLY C 394 50.44 22.14 66.92
C GLY C 394 50.43 20.65 67.21
N ALA C 395 50.41 20.25 68.47
CA ALA C 395 50.39 18.83 68.81
C ALA C 395 48.97 18.27 68.65
N SER C 396 48.89 17.05 68.15
CA SER C 396 47.61 16.37 68.02
C SER C 396 47.82 14.88 68.22
N VAL C 397 46.85 14.25 68.88
CA VAL C 397 46.90 12.82 69.17
C VAL C 397 45.60 12.20 68.68
N ILE C 398 45.71 11.06 68.00
CA ILE C 398 44.57 10.36 67.41
C ILE C 398 44.35 9.07 68.18
N PHE C 399 43.12 8.82 68.58
CA PHE C 399 42.76 7.62 69.33
C PHE C 399 42.17 6.57 68.38
N ASN C 400 41.81 5.43 68.95
CA ASN C 400 41.27 4.32 68.17
C ASN C 400 39.84 4.62 67.75
N ARG C 401 39.23 3.67 67.05
CA ARG C 401 37.92 3.89 66.47
C ARG C 401 36.84 3.97 67.54
N LEU C 402 35.75 4.64 67.18
CA LEU C 402 34.56 4.73 68.01
C LEU C 402 33.61 3.61 67.66
N LYS C 403 32.39 3.67 68.16
CA LYS C 403 31.36 2.69 67.86
C LYS C 403 30.07 3.42 67.56
N VAL C 404 28.97 2.66 67.40
CA VAL C 404 27.71 3.26 67.00
C VAL C 404 27.16 4.16 68.11
N HIS C 405 27.33 3.76 69.37
CA HIS C 405 27.04 4.60 70.51
C HIS C 405 28.31 4.80 71.31
N ASN C 406 28.60 6.05 71.68
CA ASN C 406 29.86 6.36 72.31
C ASN C 406 29.66 7.36 73.44
N LYS C 407 30.51 7.24 74.46
CA LYS C 407 30.54 8.17 75.59
C LYS C 407 31.99 8.41 75.94
N ILE C 408 32.50 9.60 75.61
CA ILE C 408 33.90 9.94 75.75
C ILE C 408 34.02 10.98 76.87
N SER C 409 34.74 10.64 77.92
CA SER C 409 34.88 11.53 79.06
C SER C 409 36.35 11.73 79.38
N PHE C 410 36.76 12.98 79.57
CA PHE C 410 38.14 13.26 79.95
C PHE C 410 38.21 14.63 80.60
N THR C 411 39.40 14.94 81.12
CA THR C 411 39.66 16.21 81.79
C THR C 411 40.85 16.89 81.12
N VAL C 412 40.67 18.17 80.78
CA VAL C 412 41.70 18.95 80.11
C VAL C 412 42.06 20.13 80.99
N LYS C 413 43.34 20.29 81.29
CA LYS C 413 43.85 21.45 81.99
C LYS C 413 44.74 22.26 81.06
N THR C 414 44.45 23.53 80.91
CA THR C 414 45.21 24.40 80.02
C THR C 414 46.21 25.22 80.83
N ALA C 415 47.25 25.69 80.13
CA ALA C 415 48.28 26.49 80.78
C ALA C 415 47.72 27.81 81.27
N SER C 416 46.84 28.43 80.50
CA SER C 416 46.33 29.77 80.81
C SER C 416 44.84 29.78 80.47
N ASN C 417 44.27 30.97 80.38
CA ASN C 417 42.87 31.16 80.02
C ASN C 417 42.71 31.74 78.62
N THR C 418 43.65 31.44 77.71
CA THR C 418 43.58 31.91 76.34
C THR C 418 44.01 30.84 75.36
N ASP C 419 43.76 29.57 75.68
CA ASP C 419 44.22 28.46 74.86
C ASP C 419 43.17 28.06 73.82
N ARG C 420 43.63 27.36 72.79
CA ARG C 420 42.78 26.89 71.71
C ARG C 420 43.05 25.39 71.51
N PHE C 421 42.35 24.57 72.28
CA PHE C 421 42.33 23.13 72.04
C PHE C 421 41.02 22.76 71.37
N GLY C 422 40.94 21.52 70.91
CA GLY C 422 39.77 21.09 70.18
C GLY C 422 39.68 19.58 70.04
N ILE C 423 38.46 19.12 69.77
CA ILE C 423 38.16 17.71 69.57
C ILE C 423 37.71 17.53 68.13
N SER C 424 38.34 16.61 67.42
CA SER C 424 38.06 16.39 66.01
C SER C 424 37.50 15.00 65.81
N PHE C 425 36.41 14.91 65.04
CA PHE C 425 35.84 13.64 64.61
C PHE C 425 36.01 13.48 63.10
N VAL C 426 35.81 12.22 62.67
CA VAL C 426 36.09 11.79 61.31
C VAL C 426 37.53 12.14 61.02
N ARG C 427 38.43 11.60 61.83
CA ARG C 427 39.86 11.90 61.77
C ARG C 427 40.60 10.59 61.52
N GLY C 428 40.79 10.26 60.24
CA GLY C 428 41.61 9.13 59.86
C GLY C 428 43.02 9.59 59.55
N THR C 429 43.91 8.60 59.38
CA THR C 429 45.27 8.91 59.00
C THR C 429 45.32 9.55 57.62
N ASP C 430 44.46 9.10 56.71
CA ASP C 430 44.41 9.65 55.36
C ASP C 430 43.29 10.67 55.17
N SER C 431 42.54 10.99 56.24
CA SER C 431 41.39 11.89 56.10
C SER C 431 41.86 13.27 55.66
N ALA C 432 41.41 13.70 54.49
CA ALA C 432 41.75 15.03 54.01
C ALA C 432 41.20 16.12 54.91
N SER C 433 39.95 15.95 55.37
CA SER C 433 39.30 16.94 56.22
C SER C 433 38.59 16.24 57.36
N TRP C 434 38.66 16.85 58.54
CA TRP C 434 37.99 16.36 59.73
C TRP C 434 37.19 17.50 60.34
N TYR C 435 36.18 17.15 61.13
CA TYR C 435 35.27 18.15 61.67
C TYR C 435 35.56 18.35 63.15
N SER C 436 35.86 19.58 63.53
CA SER C 436 36.42 19.87 64.84
C SER C 436 35.55 20.84 65.61
N ILE C 437 35.63 20.73 66.93
CA ILE C 437 35.02 21.67 67.86
C ILE C 437 36.14 22.23 68.70
N HIS C 438 36.42 23.51 68.55
CA HIS C 438 37.52 24.17 69.24
C HIS C 438 36.97 25.00 70.40
N VAL C 439 37.50 24.75 71.60
CA VAL C 439 37.14 25.53 72.78
C VAL C 439 38.16 26.66 72.89
N ASN C 440 37.82 27.80 72.31
CA ASN C 440 38.73 28.94 72.27
C ASN C 440 38.48 29.79 73.51
N ALA C 441 39.47 29.84 74.41
CA ALA C 441 39.31 30.60 75.64
C ALA C 441 39.44 32.09 75.42
N ASP C 442 40.29 32.50 74.47
CA ASP C 442 40.47 33.93 74.21
C ASP C 442 39.17 34.57 73.73
N GLU C 443 38.47 33.92 72.80
CA GLU C 443 37.14 34.38 72.45
C GLU C 443 36.09 33.93 73.44
N GLY C 444 36.44 33.04 74.37
CA GLY C 444 35.51 32.60 75.38
C GLY C 444 34.31 31.87 74.82
N LYS C 445 34.54 30.94 73.90
CA LYS C 445 33.42 30.24 73.26
C LYS C 445 33.93 28.92 72.71
N ALA C 446 33.02 28.20 72.05
CA ALA C 446 33.34 27.00 71.29
C ALA C 446 32.93 27.23 69.85
N ASN C 447 33.64 26.62 68.92
CA ASN C 447 33.41 26.81 67.50
C ASN C 447 33.39 25.46 66.81
N PHE C 448 32.30 25.16 66.12
CA PHE C 448 32.22 24.00 65.25
C PHE C 448 32.67 24.42 63.86
N GLU C 449 33.77 23.84 63.39
CA GLU C 449 34.37 24.18 62.12
C GLU C 449 34.78 22.91 61.39
N LYS C 450 35.12 23.07 60.12
CA LYS C 450 35.61 21.98 59.29
C LYS C 450 37.10 22.18 59.09
N ASP C 451 37.90 21.31 59.70
CA ASP C 451 39.35 21.37 59.58
C ASP C 451 39.78 20.63 58.33
N GLY C 452 41.08 20.39 58.18
CA GLY C 452 41.57 19.74 56.98
C GLY C 452 41.69 20.72 55.83
N ASP C 453 41.47 20.21 54.63
CA ASP C 453 41.64 21.02 53.42
C ASP C 453 40.34 21.74 53.04
N ASP C 454 39.71 22.35 54.02
CA ASP C 454 38.64 23.31 53.74
C ASP C 454 38.79 24.59 54.54
N ALA C 455 39.25 24.49 55.78
CA ALA C 455 39.45 25.66 56.65
C ALA C 455 38.20 26.52 56.72
N LYS C 456 37.05 25.86 56.87
CA LYS C 456 35.76 26.53 56.84
C LYS C 456 35.21 26.62 58.26
N TYR C 457 34.74 27.82 58.62
CA TYR C 457 34.10 28.04 59.91
C TYR C 457 32.59 27.91 59.77
N LEU C 458 31.99 27.02 60.56
CA LEU C 458 30.55 26.75 60.43
C LEU C 458 29.72 27.56 61.42
N PHE C 459 29.92 27.36 62.72
CA PHE C 459 29.21 28.20 63.68
C PHE C 459 29.89 28.08 65.05
N ASP C 460 29.25 28.64 66.08
CA ASP C 460 29.87 28.71 67.39
C ASP C 460 28.81 28.71 68.47
N ASN C 461 29.26 28.85 69.72
CA ASN C 461 28.40 28.87 70.89
C ASN C 461 29.18 29.48 72.04
N LYS C 462 28.65 30.53 72.65
CA LYS C 462 29.33 31.20 73.74
C LYS C 462 28.97 30.56 75.08
N PHE C 463 29.94 30.56 75.99
CA PHE C 463 29.74 29.98 77.30
C PHE C 463 30.76 30.60 78.26
N ASN C 464 30.51 30.40 79.56
CA ASN C 464 31.36 30.96 80.59
C ASN C 464 32.66 30.19 80.68
N ILE C 465 33.77 30.92 80.65
CA ILE C 465 35.09 30.31 80.75
C ILE C 465 35.44 30.10 82.22
N PRO C 466 35.78 28.88 82.64
CA PRO C 466 36.22 28.67 84.01
C PRO C 466 37.53 29.39 84.28
N ALA C 467 37.69 29.85 85.51
CA ALA C 467 38.87 30.61 85.89
C ALA C 467 40.04 29.72 86.28
N ASP C 468 39.82 28.43 86.49
CA ASP C 468 40.89 27.51 86.89
C ASP C 468 41.51 26.79 85.70
N ASN C 469 41.11 27.14 84.47
CA ASN C 469 41.64 26.52 83.26
C ASN C 469 41.43 25.01 83.24
N GLU C 470 40.32 24.56 83.83
CA GLU C 470 39.96 23.15 83.90
C GLU C 470 38.68 22.90 83.13
N TYR C 471 38.63 21.76 82.44
CA TYR C 471 37.48 21.41 81.61
C TYR C 471 37.20 19.92 81.79
N ARG C 472 35.93 19.59 82.00
CA ARG C 472 35.49 18.20 82.09
C ARG C 472 34.64 17.92 80.86
N VAL C 473 35.25 17.37 79.83
CA VAL C 473 34.58 17.17 78.54
C VAL C 473 33.93 15.81 78.53
N THR C 474 32.63 15.79 78.21
CA THR C 474 31.88 14.54 78.08
C THR C 474 31.03 14.61 76.82
N ILE C 475 31.29 13.70 75.88
CA ILE C 475 30.55 13.63 74.63
C ILE C 475 29.72 12.37 74.65
N TYR C 476 28.41 12.52 74.43
CA TYR C 476 27.49 11.40 74.26
C TYR C 476 27.02 11.40 72.82
N SER C 477 27.28 10.30 72.11
CA SER C 477 27.02 10.26 70.68
C SER C 477 26.20 9.03 70.33
N ASP C 478 25.15 9.22 69.55
CA ASP C 478 24.34 8.15 68.98
C ASP C 478 24.47 8.20 67.47
N GLN C 479 25.16 7.23 66.89
CA GLN C 479 25.40 7.17 65.46
C GLN C 479 25.94 8.48 64.91
N SER C 480 25.05 9.40 64.54
CA SER C 480 25.46 10.62 63.88
C SER C 480 25.09 11.90 64.62
N VAL C 481 24.53 11.80 65.82
CA VAL C 481 24.18 12.97 66.61
C VAL C 481 25.00 12.93 67.89
N CYS C 482 25.80 13.97 68.12
CA CYS C 482 26.69 14.00 69.28
C CYS C 482 26.44 15.26 70.08
N VAL C 483 26.36 15.10 71.40
CA VAL C 483 26.13 16.19 72.33
C VAL C 483 27.32 16.28 73.26
N THR C 484 27.93 17.46 73.34
CA THR C 484 29.13 17.70 74.12
C THR C 484 28.78 18.56 75.32
N TYR C 485 29.29 18.18 76.48
CA TYR C 485 29.08 18.92 77.72
C TYR C 485 30.43 19.28 78.31
N ILE C 486 30.59 20.55 78.66
CA ILE C 486 31.84 21.10 79.16
C ILE C 486 31.62 21.54 80.59
N ASN C 487 32.28 20.85 81.53
CA ASN C 487 32.29 21.10 82.97
C ASN C 487 30.94 21.63 83.47
N ASP C 488 29.88 20.93 83.08
CA ASP C 488 28.52 21.22 83.54
C ASP C 488 28.09 22.64 83.15
N GLN C 489 28.80 23.26 82.21
CA GLN C 489 28.55 24.64 81.85
C GLN C 489 28.14 24.83 80.40
N LEU C 490 28.78 24.14 79.47
CA LEU C 490 28.49 24.32 78.05
C LEU C 490 27.81 23.08 77.49
N SER C 491 26.76 23.28 76.71
CA SER C 491 26.11 22.22 75.96
C SER C 491 26.18 22.54 74.48
N PHE C 492 26.59 21.57 73.68
CA PHE C 492 26.83 21.79 72.26
C PHE C 492 26.38 20.57 71.47
N THR C 493 25.33 20.73 70.66
CA THR C 493 24.79 19.66 69.86
C THR C 493 25.37 19.73 68.45
N ASN C 494 25.61 18.58 67.85
CA ASN C 494 26.20 18.54 66.52
C ASN C 494 25.67 17.33 65.76
N ARG C 495 25.58 17.50 64.44
CA ARG C 495 25.27 16.41 63.52
C ARG C 495 26.55 16.10 62.76
N ILE C 496 27.14 14.95 63.05
CA ILE C 496 28.40 14.56 62.45
C ILE C 496 28.20 13.18 61.83
N TYR C 497 27.98 13.14 60.52
CA TYR C 497 27.92 11.86 59.83
C TYR C 497 29.31 11.22 59.79
N GLN C 498 29.32 9.92 59.52
CA GLN C 498 30.55 9.12 59.44
C GLN C 498 31.33 9.11 60.74
N MET C 499 30.76 9.64 61.82
CA MET C 499 31.51 9.76 63.06
C MET C 499 31.67 8.40 63.75
N GLN C 500 30.64 7.57 63.72
CA GLN C 500 30.73 6.27 64.35
C GLN C 500 31.71 5.39 63.58
N LYS C 501 32.40 4.52 64.32
CA LYS C 501 33.40 3.61 63.77
C LYS C 501 34.51 4.37 63.05
N ASN C 502 34.92 5.51 63.60
CA ASN C 502 36.00 6.29 63.05
C ASN C 502 36.85 6.86 64.17
N PRO C 503 38.14 7.07 63.93
CA PRO C 503 39.00 7.62 64.99
C PRO C 503 38.67 9.06 65.30
N TRP C 504 38.95 9.46 66.54
CA TRP C 504 38.77 10.81 67.01
C TRP C 504 40.06 11.31 67.62
N SER C 505 40.29 12.61 67.54
CA SER C 505 41.57 13.19 67.92
C SER C 505 41.38 14.41 68.80
N LEU C 506 42.43 14.73 69.56
CA LEU C 506 42.53 15.96 70.33
C LEU C 506 43.66 16.79 69.75
N CYS C 507 43.38 18.06 69.47
CA CYS C 507 44.36 18.93 68.84
C CYS C 507 44.52 20.20 69.65
N CYS C 508 45.70 20.81 69.54
CA CYS C 508 45.99 22.09 70.18
C CYS C 508 46.62 23.01 69.15
N TYR C 509 46.28 24.30 69.22
CA TYR C 509 46.69 25.23 68.19
C TYR C 509 47.51 26.39 68.70
N LYS C 510 47.18 26.94 69.85
CA LYS C 510 47.93 28.11 70.31
C LYS C 510 48.51 27.94 71.71
N GLY C 511 47.80 27.28 72.61
CA GLY C 511 48.22 27.14 73.98
C GLY C 511 48.89 25.82 74.27
N GLU C 512 48.94 25.47 75.56
CA GLU C 512 49.45 24.21 76.03
C GLU C 512 48.36 23.53 76.86
N ILE C 513 48.14 22.25 76.60
CA ILE C 513 47.05 21.52 77.26
C ILE C 513 47.58 20.20 77.82
N THR C 514 46.84 19.67 78.80
CA THR C 514 47.16 18.40 79.41
C THR C 514 45.86 17.63 79.61
N VAL C 515 45.77 16.48 78.97
CA VAL C 515 44.55 15.66 79.00
C VAL C 515 44.79 14.47 79.90
N SER C 516 43.73 14.04 80.57
CA SER C 516 43.83 12.91 81.49
C SER C 516 42.46 12.28 81.66
N ASP C 517 42.45 11.11 82.28
CA ASP C 517 41.22 10.37 82.60
C ASP C 517 40.37 10.14 81.36
N VAL C 518 41.01 9.74 80.27
CA VAL C 518 40.29 9.46 79.03
C VAL C 518 39.58 8.11 79.19
N GLN C 519 38.26 8.13 79.06
CA GLN C 519 37.46 6.91 79.12
C GLN C 519 36.47 6.92 77.97
N VAL C 520 36.32 5.78 77.32
CA VAL C 520 35.37 5.59 76.24
C VAL C 520 34.46 4.43 76.63
N SER C 521 33.15 4.67 76.63
CA SER C 521 32.18 3.65 76.97
C SER C 521 31.18 3.51 75.83
N THR C 522 30.68 2.29 75.66
CA THR C 522 29.73 1.99 74.59
C THR C 522 28.64 1.10 75.13
N TYR C 523 27.57 0.96 74.35
CA TYR C 523 26.51 0.01 74.67
C TYR C 523 25.88 -0.51 73.39
N ASP D 27 7.02 -18.42 -48.69
CA ASP D 27 5.60 -18.60 -49.00
C ASP D 27 4.82 -17.32 -48.76
N PHE D 28 5.28 -16.52 -47.78
CA PHE D 28 4.62 -15.29 -47.43
C PHE D 28 5.34 -14.04 -47.91
N LYS D 29 6.65 -14.12 -48.13
CA LYS D 29 7.41 -12.94 -48.53
C LYS D 29 6.92 -12.42 -49.87
N SER D 30 6.90 -11.10 -50.00
CA SER D 30 6.38 -10.42 -51.18
C SER D 30 7.42 -10.30 -52.29
N GLY D 31 8.66 -10.66 -52.03
CA GLY D 31 9.69 -10.51 -53.06
C GLY D 31 9.92 -9.07 -53.46
N LEU D 32 9.94 -8.16 -52.49
CA LEU D 32 10.11 -6.74 -52.75
C LEU D 32 11.49 -6.24 -52.34
N ARG D 33 12.40 -7.15 -51.97
CA ARG D 33 13.81 -6.86 -51.69
C ARG D 33 13.98 -5.62 -50.81
N LEU D 34 13.52 -5.79 -49.57
CA LEU D 34 13.51 -4.71 -48.60
C LEU D 34 14.86 -4.44 -47.94
N ASP D 35 15.87 -5.26 -48.21
CA ASP D 35 17.17 -5.09 -47.55
C ASP D 35 17.74 -3.71 -47.85
N GLY D 36 18.12 -3.48 -49.11
CA GLY D 36 18.31 -2.15 -49.65
C GLY D 36 19.00 -1.11 -48.79
N ASP D 37 20.30 -1.27 -48.52
CA ASP D 37 21.04 -0.23 -47.83
C ASP D 37 21.06 1.04 -48.68
N VAL D 38 20.72 2.17 -48.06
CA VAL D 38 20.58 3.43 -48.80
C VAL D 38 21.39 4.53 -48.14
N TRP D 39 22.42 4.16 -47.39
CA TRP D 39 23.22 5.18 -46.72
C TRP D 39 24.06 5.94 -47.73
N VAL D 40 24.50 7.14 -47.32
CA VAL D 40 25.38 7.97 -48.12
C VAL D 40 26.67 8.16 -47.32
N ASN D 41 27.79 7.75 -47.92
CA ASN D 41 29.06 7.85 -47.21
C ASN D 41 29.55 9.29 -47.17
N SER D 42 29.82 9.86 -48.35
CA SER D 42 30.22 11.27 -48.44
C SER D 42 30.05 11.71 -49.88
N ILE D 43 29.99 13.03 -50.06
CA ILE D 43 29.95 13.65 -51.38
C ILE D 43 31.00 14.75 -51.43
N ARG D 44 31.43 15.06 -52.64
CA ARG D 44 32.43 16.10 -52.87
C ARG D 44 31.94 16.98 -54.01
N LEU D 45 31.53 18.21 -53.67
CA LEU D 45 31.19 19.21 -54.67
C LEU D 45 32.45 19.99 -55.02
N ASP D 46 32.85 19.93 -56.29
CA ASP D 46 34.12 20.48 -56.73
C ASP D 46 35.26 19.90 -55.90
N GLU D 47 35.88 20.72 -55.06
CA GLU D 47 36.98 20.30 -54.21
C GLU D 47 36.63 20.43 -52.73
N TYR D 48 35.35 20.34 -52.40
CA TYR D 48 34.89 20.54 -51.04
C TYR D 48 34.02 19.36 -50.62
N ALA D 49 34.31 18.80 -49.46
CA ALA D 49 33.54 17.68 -48.92
C ALA D 49 32.34 18.20 -48.14
N GLY D 50 31.41 17.32 -47.87
CA GLY D 50 30.18 17.67 -47.18
C GLY D 50 29.95 16.81 -45.96
N THR D 51 29.59 17.46 -44.86
CA THR D 51 29.30 16.75 -43.62
C THR D 51 27.87 16.24 -43.66
N VAL D 52 27.69 14.96 -43.34
CA VAL D 52 26.40 14.28 -43.47
C VAL D 52 25.85 13.98 -42.08
N ASP D 53 24.63 14.42 -41.83
CA ASP D 53 23.90 14.11 -40.61
C ASP D 53 22.70 13.23 -40.99
N TYR D 54 22.66 12.03 -40.42
CA TYR D 54 21.61 11.07 -40.74
C TYR D 54 20.34 11.28 -39.93
N GLN D 55 20.41 11.98 -38.80
CA GLN D 55 19.21 12.19 -38.00
C GLN D 55 18.18 13.02 -38.74
N ASN D 56 18.62 14.08 -39.42
CA ASN D 56 17.73 14.91 -40.22
C ASN D 56 17.99 14.76 -41.71
N LYS D 57 18.89 13.87 -42.12
CA LYS D 57 19.17 13.61 -43.52
C LYS D 57 19.59 14.88 -44.25
N ALA D 58 20.66 15.49 -43.74
CA ALA D 58 21.17 16.74 -44.27
C ALA D 58 22.64 16.57 -44.63
N ILE D 59 23.05 17.28 -45.68
CA ILE D 59 24.45 17.29 -46.11
C ILE D 59 24.85 18.74 -46.28
N VAL D 60 25.72 19.22 -45.40
CA VAL D 60 26.12 20.62 -45.39
C VAL D 60 27.51 20.75 -45.98
N VAL D 61 27.67 21.64 -46.95
CA VAL D 61 28.95 21.91 -47.59
C VAL D 61 29.28 23.39 -47.40
N GLY D 62 30.49 23.68 -46.97
CA GLY D 62 30.94 25.05 -46.75
C GLY D 62 31.79 25.54 -47.89
N VAL D 63 31.65 26.82 -48.21
CA VAL D 63 32.45 27.46 -49.25
C VAL D 63 33.03 28.76 -48.71
N PRO D 64 34.20 29.20 -49.19
CA PRO D 64 34.88 30.34 -48.55
C PRO D 64 34.26 31.69 -48.84
N TYR D 65 32.95 31.83 -48.56
CA TYR D 65 32.23 33.10 -48.51
C TYR D 65 32.36 33.96 -49.76
N ASP D 66 32.95 33.41 -50.83
CA ASP D 66 32.96 34.09 -52.12
C ASP D 66 32.76 33.13 -53.28
N TYR D 67 32.64 31.83 -53.03
CA TYR D 67 32.58 30.86 -54.11
C TYR D 67 31.28 31.00 -54.89
N ASP D 68 31.38 30.85 -56.21
CA ASP D 68 30.21 30.87 -57.09
C ASP D 68 29.39 29.62 -56.83
N ILE D 69 28.24 29.78 -56.17
CA ILE D 69 27.46 28.64 -55.72
C ILE D 69 26.40 28.26 -56.75
N THR D 70 26.51 28.78 -57.96
CA THR D 70 25.52 28.48 -58.99
C THR D 70 25.97 27.39 -59.94
N ARG D 71 27.27 27.10 -60.03
CA ARG D 71 27.79 26.05 -60.90
C ARG D 71 28.72 25.16 -60.07
N MET D 72 28.23 24.00 -59.62
CA MET D 72 29.12 23.02 -59.01
C MET D 72 28.90 21.66 -59.67
N VAL D 73 30.00 21.00 -60.01
CA VAL D 73 29.97 19.69 -60.63
C VAL D 73 30.14 18.64 -59.54
N VAL D 74 29.20 17.69 -59.49
CA VAL D 74 29.25 16.64 -58.49
C VAL D 74 30.40 15.70 -58.85
N THR D 75 31.50 15.79 -58.11
CA THR D 75 32.70 15.06 -58.49
C THR D 75 32.62 13.59 -58.10
N GLU D 76 32.50 13.31 -56.81
CA GLU D 76 32.43 11.94 -56.34
C GLU D 76 31.32 11.81 -55.31
N MET D 77 30.68 10.64 -55.31
CA MET D 77 29.57 10.38 -54.40
C MET D 77 29.44 8.87 -54.25
N ASN D 78 29.83 8.35 -53.09
CA ASN D 78 29.78 6.92 -52.81
C ASN D 78 28.66 6.66 -51.81
N LEU D 79 27.66 5.89 -52.24
CA LEU D 79 26.48 5.64 -51.42
C LEU D 79 26.51 4.28 -50.73
N SER D 80 26.46 3.22 -51.52
CA SER D 80 26.41 1.85 -51.01
C SER D 80 26.53 0.89 -52.17
N GLU D 81 26.42 -0.40 -51.91
CA GLU D 81 26.41 -1.40 -52.97
C GLU D 81 24.98 -1.53 -53.50
N GLY D 82 24.81 -1.34 -54.81
CA GLY D 82 23.51 -1.41 -55.41
C GLY D 82 22.64 -0.19 -55.21
N ALA D 83 23.19 0.90 -54.67
CA ALA D 83 22.41 2.11 -54.42
C ALA D 83 22.61 3.10 -55.55
N LYS D 84 21.50 3.61 -56.09
CA LYS D 84 21.52 4.59 -57.16
C LYS D 84 20.89 5.89 -56.67
N ALA D 85 21.49 7.00 -57.06
CA ALA D 85 21.02 8.32 -56.65
C ALA D 85 20.47 9.07 -57.85
N SER D 86 19.52 9.97 -57.58
CA SER D 86 18.96 10.80 -58.64
C SER D 86 20.01 11.69 -59.26
N ILE D 87 20.90 12.24 -58.43
CA ILE D 87 22.00 13.06 -58.93
C ILE D 87 23.10 12.16 -59.45
N ALA D 88 23.54 12.40 -60.68
CA ALA D 88 24.58 11.61 -61.30
C ALA D 88 25.95 12.20 -60.95
N ILE D 89 27.00 11.66 -61.55
CA ILE D 89 28.37 12.07 -61.31
C ILE D 89 28.87 12.81 -62.55
N GLY D 90 29.39 14.02 -62.35
CA GLY D 90 29.87 14.84 -63.44
C GLY D 90 28.91 15.92 -63.89
N GLU D 91 27.69 15.93 -63.37
CA GLU D 91 26.71 16.94 -63.75
C GLU D 91 26.88 18.18 -62.88
N THR D 92 26.52 19.32 -63.45
CA THR D 92 26.62 20.61 -62.77
C THR D 92 25.25 21.06 -62.28
N ILE D 93 25.24 21.65 -61.09
CA ILE D 93 24.01 21.99 -60.39
C ILE D 93 24.15 23.39 -59.80
N ASP D 94 23.02 24.08 -59.69
CA ASP D 94 22.91 25.31 -58.93
C ASP D 94 22.51 24.96 -57.51
N PHE D 95 23.34 25.35 -56.54
CA PHE D 95 23.09 25.05 -55.14
C PHE D 95 22.76 26.31 -54.35
N SER D 96 22.18 27.31 -55.01
CA SER D 96 21.78 28.51 -54.31
C SER D 96 20.76 28.22 -53.22
N LEU D 97 19.96 27.17 -53.41
CA LEU D 97 18.96 26.71 -52.47
C LEU D 97 19.16 25.22 -52.23
N PRO D 98 18.64 24.69 -51.13
CA PRO D 98 18.82 23.26 -50.85
C PRO D 98 18.30 22.40 -51.98
N VAL D 99 19.00 21.29 -52.22
CA VAL D 99 18.70 20.38 -53.31
C VAL D 99 18.31 19.03 -52.73
N SER D 100 17.22 18.47 -53.21
CA SER D 100 16.74 17.17 -52.75
C SER D 100 17.43 16.06 -53.53
N LEU D 101 17.92 15.06 -52.81
CA LEU D 101 18.59 13.91 -53.40
C LEU D 101 17.91 12.64 -52.92
N THR D 102 17.58 11.75 -53.84
CA THR D 102 16.92 10.49 -53.52
C THR D 102 17.87 9.35 -53.82
N VAL D 103 18.13 8.53 -52.81
CA VAL D 103 18.97 7.34 -52.94
C VAL D 103 18.06 6.13 -52.92
N LYS D 104 18.10 5.34 -53.98
CA LYS D 104 17.27 4.16 -54.10
C LYS D 104 18.12 2.91 -54.12
N ASN D 105 17.74 1.93 -53.30
CA ASN D 105 18.33 0.59 -53.36
C ASN D 105 17.20 -0.41 -53.47
N GLY D 106 17.22 -1.22 -54.52
CA GLY D 106 16.15 -2.18 -54.74
C GLY D 106 14.80 -1.51 -54.84
N ASP D 107 13.96 -1.70 -53.83
CA ASP D 107 12.64 -1.10 -53.79
C ASP D 107 12.45 -0.23 -52.56
N VAL D 108 13.55 0.31 -52.01
CA VAL D 108 13.48 1.24 -50.91
C VAL D 108 14.27 2.49 -51.28
N GLN D 109 13.98 3.58 -50.58
CA GLN D 109 14.59 4.85 -50.92
C GLN D 109 14.73 5.70 -49.67
N MET D 110 15.60 6.70 -49.75
CA MET D 110 15.82 7.65 -48.67
C MET D 110 16.11 9.02 -49.27
N SER D 111 15.62 10.06 -48.63
CA SER D 111 15.74 11.42 -49.14
C SER D 111 16.67 12.25 -48.25
N TYR D 112 17.54 13.02 -48.89
CA TYR D 112 18.47 13.91 -48.21
C TYR D 112 18.34 15.31 -48.79
N THR D 113 18.71 16.29 -47.99
CA THR D 113 18.76 17.69 -48.42
C THR D 113 20.21 18.16 -48.38
N ILE D 114 20.71 18.59 -49.54
CA ILE D 114 22.07 19.09 -49.66
C ILE D 114 22.03 20.61 -49.68
N THR D 115 22.77 21.23 -48.77
CA THR D 115 22.82 22.68 -48.69
C THR D 115 24.27 23.14 -48.68
N VAL D 116 24.49 24.34 -49.22
CA VAL D 116 25.81 24.94 -49.33
C VAL D 116 25.76 26.31 -48.68
N LYS D 117 26.70 26.58 -47.78
CA LYS D 117 26.73 27.82 -47.04
C LYS D 117 28.07 28.52 -47.22
N ARG D 118 28.04 29.84 -47.31
CA ARG D 118 29.23 30.66 -47.56
C ARG D 118 29.91 31.11 -46.27
N ASP D 119 30.20 30.17 -45.38
CA ASP D 119 31.03 30.38 -44.19
C ASP D 119 30.79 31.75 -43.55
N GLU D 120 29.52 32.09 -43.39
CA GLU D 120 29.16 33.39 -42.84
C GLU D 120 29.59 33.49 -41.38
N ALA D 121 30.09 34.65 -41.00
CA ALA D 121 30.53 34.89 -39.62
C ALA D 121 29.90 36.15 -39.07
N ASP E 20 25.37 -31.02 -15.62
CA ASP E 20 24.54 -31.35 -14.47
C ASP E 20 24.26 -30.10 -13.65
N ASP E 21 23.35 -29.26 -14.15
CA ASP E 21 23.03 -27.99 -13.52
C ASP E 21 22.02 -28.12 -12.41
N PHE E 22 21.89 -29.32 -11.84
CA PHE E 22 20.89 -29.53 -10.80
C PHE E 22 21.20 -28.70 -9.56
N LEU E 23 22.46 -28.56 -9.21
CA LEU E 23 22.86 -27.77 -8.06
C LEU E 23 23.04 -26.30 -8.40
N ASP E 24 22.85 -25.92 -9.66
CA ASP E 24 23.04 -24.55 -10.08
C ASP E 24 21.76 -23.88 -10.57
N ARG E 25 20.66 -24.63 -10.70
CA ARG E 25 19.45 -24.06 -11.28
C ARG E 25 18.87 -22.95 -10.42
N GLN E 26 18.92 -23.10 -9.11
CA GLN E 26 18.30 -22.13 -8.21
C GLN E 26 19.25 -20.99 -7.86
N VAL E 27 18.70 -19.79 -7.75
CA VAL E 27 19.49 -18.59 -7.51
C VAL E 27 18.82 -17.78 -6.40
N PRO E 28 19.57 -16.89 -5.75
CA PRO E 28 18.99 -16.07 -4.69
C PRO E 28 17.81 -15.24 -5.19
N GLN E 29 16.83 -15.06 -4.31
CA GLN E 29 15.56 -14.44 -4.67
C GLN E 29 15.41 -13.11 -3.96
N GLY E 30 15.09 -12.07 -4.73
CA GLY E 30 14.76 -10.79 -4.14
C GLY E 30 15.91 -10.03 -3.54
N ILE E 31 17.14 -10.30 -3.96
CA ILE E 31 18.31 -9.62 -3.45
C ILE E 31 19.21 -9.21 -4.60
N VAL E 32 20.19 -8.37 -4.28
CA VAL E 32 21.23 -7.94 -5.21
C VAL E 32 22.56 -8.38 -4.64
N THR E 33 23.38 -9.01 -5.47
CA THR E 33 24.67 -9.49 -4.99
C THR E 33 25.69 -8.36 -4.94
N GLY E 34 26.80 -8.64 -4.24
CA GLY E 34 27.82 -7.63 -4.07
C GLY E 34 28.46 -7.17 -5.36
N ASP E 35 28.60 -8.09 -6.32
CA ASP E 35 29.16 -7.69 -7.61
C ASP E 35 28.25 -6.71 -8.32
N GLN E 36 26.93 -6.94 -8.29
CA GLN E 36 26.00 -6.06 -8.96
C GLN E 36 25.77 -4.76 -8.22
N ILE E 37 26.04 -4.72 -6.90
CA ILE E 37 25.78 -3.48 -6.17
C ILE E 37 26.72 -2.37 -6.59
N ALA E 38 27.81 -2.69 -7.27
CA ALA E 38 28.76 -1.67 -7.71
C ALA E 38 28.39 -1.05 -9.04
N SER E 39 27.27 -1.44 -9.63
CA SER E 39 26.87 -0.91 -10.92
C SER E 39 26.59 0.59 -10.81
N PRO E 40 26.84 1.35 -11.88
CA PRO E 40 26.70 2.81 -11.78
C PRO E 40 25.30 3.30 -11.50
N GLU E 41 24.26 2.51 -11.76
CA GLU E 41 22.90 3.01 -11.62
C GLU E 41 22.36 2.87 -10.20
N TYR E 42 23.11 2.28 -9.29
CA TYR E 42 22.69 2.13 -7.90
C TYR E 42 23.32 3.16 -6.98
N VAL E 43 24.06 4.12 -7.53
CA VAL E 43 24.80 5.04 -6.68
C VAL E 43 23.86 5.99 -5.94
N ASP E 44 22.83 6.49 -6.63
CA ASP E 44 21.84 7.33 -5.97
C ASP E 44 21.08 6.55 -4.91
N ASN E 45 20.78 5.28 -5.20
CA ASN E 45 20.11 4.44 -4.22
C ASN E 45 20.96 4.28 -2.97
N LEU E 46 22.27 4.05 -3.15
CA LEU E 46 23.15 3.92 -1.99
C LEU E 46 23.25 5.24 -1.23
N VAL E 47 23.24 6.36 -1.94
CA VAL E 47 23.28 7.66 -1.27
C VAL E 47 22.04 7.86 -0.41
N ILE E 48 20.87 7.53 -0.96
CA ILE E 48 19.64 7.66 -0.19
C ILE E 48 19.64 6.69 0.99
N SER E 49 20.23 5.51 0.81
CA SER E 49 20.37 4.59 1.94
C SER E 49 21.19 5.21 3.06
N ALA E 50 22.33 5.81 2.68
CA ALA E 50 23.21 6.40 3.69
C ALA E 50 22.53 7.54 4.40
N TYR E 51 21.65 8.26 3.72
CA TYR E 51 20.85 9.26 4.42
C TYR E 51 19.85 8.59 5.36
N ALA E 52 19.15 7.58 4.88
CA ALA E 52 18.00 7.04 5.60
C ALA E 52 18.41 6.28 6.85
N ILE E 53 19.64 5.79 6.93
CA ILE E 53 20.07 5.15 8.16
C ILE E 53 19.97 6.10 9.34
N TRP E 54 20.05 7.41 9.09
CA TRP E 54 19.99 8.38 10.16
C TRP E 54 18.59 8.59 10.70
N ALA E 55 17.57 8.15 9.97
CA ALA E 55 16.21 8.25 10.45
C ALA E 55 15.61 6.92 10.82
N THR E 56 16.15 5.81 10.31
CA THR E 56 15.57 4.50 10.57
C THR E 56 16.47 3.59 11.38
N GLY E 57 17.65 4.04 11.76
CA GLY E 57 18.57 3.21 12.50
C GLY E 57 18.64 3.45 13.99
N ASP E 58 17.72 4.22 14.55
CA ASP E 58 17.75 4.57 15.96
C ASP E 58 16.61 3.91 16.69
N ASP E 59 16.90 3.35 17.85
CA ASP E 59 15.93 2.69 18.71
C ASP E 59 15.39 3.68 19.73
N ILE E 60 14.40 3.25 20.49
CA ILE E 60 13.89 4.09 21.57
C ILE E 60 14.97 4.33 22.62
N ASN E 61 15.74 3.30 22.95
CA ASN E 61 16.78 3.40 23.94
C ASN E 61 18.10 3.93 23.40
N SER E 62 18.21 4.13 22.09
CA SER E 62 19.42 4.68 21.50
C SER E 62 19.01 5.57 20.33
N SER E 63 18.79 6.85 20.63
CA SER E 63 18.41 7.82 19.63
C SER E 63 19.60 8.69 19.30
N PHE E 64 19.70 9.07 18.03
CA PHE E 64 20.82 9.88 17.58
C PHE E 64 20.78 11.29 18.13
N SER E 65 19.68 11.70 18.76
CA SER E 65 19.69 12.95 19.51
C SER E 65 20.53 12.83 20.77
N LEU E 66 20.82 11.62 21.23
CA LEU E 66 21.66 11.34 22.38
C LEU E 66 21.06 11.83 23.69
N TRP E 67 19.75 12.04 23.72
CA TRP E 67 19.12 12.40 24.98
C TRP E 67 19.19 11.27 25.99
N ASN E 68 19.32 10.03 25.54
CA ASN E 68 19.47 8.92 26.48
C ASN E 68 20.70 9.09 27.33
N TYR E 69 21.80 9.52 26.71
CA TYR E 69 23.06 9.69 27.42
C TYR E 69 23.28 11.11 27.91
N ASP E 70 22.38 12.04 27.60
CA ASP E 70 22.48 13.38 28.15
C ASP E 70 21.80 13.51 29.51
N VAL E 71 21.18 12.44 30.02
CA VAL E 71 20.58 12.53 31.35
C VAL E 71 21.64 12.70 32.42
N ARG E 72 22.90 12.39 32.11
CA ARG E 72 23.97 12.57 33.08
C ARG E 72 24.16 14.03 33.45
N SER E 73 23.71 14.95 32.62
CA SER E 73 23.85 16.37 32.90
C SER E 73 22.82 16.80 33.94
N ASP E 74 22.81 18.09 34.23
CA ASP E 74 21.90 18.65 35.22
C ASP E 74 20.59 19.13 34.61
N ASP E 75 20.44 19.06 33.29
CA ASP E 75 19.23 19.55 32.66
C ASP E 75 18.02 18.70 32.98
N CYS E 76 18.17 17.38 32.95
CA CYS E 76 17.01 16.50 32.97
C CYS E 76 17.28 15.29 33.85
N TYR E 77 16.18 14.70 34.32
CA TYR E 77 16.22 13.38 34.92
C TYR E 77 15.92 12.34 33.85
N LYS E 78 15.86 11.09 34.26
CA LYS E 78 15.39 10.00 33.44
C LYS E 78 13.93 9.74 33.81
N GLY E 79 13.08 9.63 32.82
CA GLY E 79 11.67 9.50 33.11
C GLY E 79 11.28 8.11 33.56
N GLY E 80 10.19 7.58 33.03
CA GLY E 80 9.83 6.20 33.25
C GLY E 80 9.18 5.98 34.61
N SER E 81 8.83 4.72 34.84
CA SER E 81 8.15 4.37 36.08
C SER E 81 9.04 4.57 37.28
N GLY E 82 10.31 4.24 37.17
CA GLY E 82 11.20 4.38 38.29
C GLY E 82 12.64 4.16 37.89
N THR E 83 13.47 3.90 38.89
CA THR E 83 14.89 3.70 38.64
C THR E 83 15.16 2.43 37.86
N GLU E 84 14.29 1.43 37.99
CA GLU E 84 14.49 0.17 37.28
C GLU E 84 14.13 0.26 35.81
N ASP E 85 13.31 1.22 35.41
CA ASP E 85 12.97 1.41 34.01
C ASP E 85 14.19 1.95 33.29
N GLY E 86 14.96 1.06 32.67
CA GLY E 86 16.23 1.45 32.11
C GLY E 86 17.26 1.63 33.20
N GLY E 87 17.54 0.55 33.93
CA GLY E 87 18.45 0.65 35.06
C GLY E 87 19.84 1.11 34.67
N VAL E 88 20.29 0.72 33.49
CA VAL E 88 21.62 1.13 33.04
C VAL E 88 21.67 2.64 32.84
N PHE E 89 20.58 3.23 32.35
CA PHE E 89 20.54 4.68 32.19
C PHE E 89 20.45 5.38 33.53
N ASN E 90 19.78 4.80 34.51
CA ASN E 90 19.84 5.34 35.86
C ASN E 90 21.25 5.27 36.41
N ALA E 91 21.97 4.19 36.09
CA ALA E 91 23.37 4.08 36.51
C ALA E 91 24.20 5.18 35.88
N LEU E 92 23.97 5.47 34.60
CA LEU E 92 24.67 6.61 33.99
C LEU E 92 24.30 7.91 34.67
N GLU E 93 23.01 8.11 34.95
CA GLU E 93 22.57 9.40 35.48
C GLU E 93 23.16 9.67 36.86
N ILE E 94 23.23 8.65 37.72
CA ILE E 94 23.84 8.83 39.03
C ILE E 94 25.34 8.57 39.02
N SER E 95 25.90 8.18 37.88
CA SER E 95 27.35 7.99 37.73
C SER E 95 27.89 6.95 38.70
N LYS E 96 27.05 6.01 39.13
CA LYS E 96 27.44 4.96 40.06
C LYS E 96 27.01 3.61 39.52
N GLY E 97 27.86 2.62 39.71
CA GLY E 97 27.54 1.28 39.25
C GLY E 97 27.43 1.17 37.74
N ILE E 98 28.30 1.86 37.01
CA ILE E 98 28.36 1.74 35.56
C ILE E 98 29.32 0.62 35.22
N ASN E 99 28.87 -0.31 34.40
CA ASN E 99 29.67 -1.46 33.99
C ASN E 99 30.01 -1.34 32.52
N THR E 100 31.23 -1.75 32.17
CA THR E 100 31.59 -1.78 30.76
C THR E 100 30.76 -2.79 29.98
N THR E 101 30.17 -3.75 30.67
CA THR E 101 29.31 -4.76 30.04
C THR E 101 27.85 -4.34 30.11
N ASP E 102 27.54 -3.14 29.67
CA ASP E 102 26.18 -2.61 29.68
C ASP E 102 25.66 -2.58 28.25
N TRP E 103 24.44 -3.06 28.05
CA TRP E 103 23.95 -3.24 26.70
C TRP E 103 23.79 -1.93 25.95
N ASN E 104 23.43 -0.85 26.66
CA ASN E 104 23.20 0.43 25.98
C ASN E 104 24.47 0.96 25.33
N ILE E 105 25.59 0.83 26.02
CA ILE E 105 26.86 1.34 25.50
C ILE E 105 27.21 0.60 24.20
N ASN E 106 27.17 -0.73 24.25
CA ASN E 106 27.47 -1.52 23.07
C ASN E 106 26.49 -1.21 21.94
N ASP E 107 25.22 -1.00 22.28
CA ASP E 107 24.22 -0.74 21.26
C ASP E 107 24.49 0.57 20.54
N ILE E 108 24.79 1.63 21.29
CA ILE E 108 25.02 2.92 20.64
C ILE E 108 26.30 2.89 19.83
N TRP E 109 27.33 2.21 20.33
CA TRP E 109 28.56 2.04 19.56
C TRP E 109 28.25 1.38 18.22
N LYS E 110 27.53 0.26 18.25
CA LYS E 110 27.25 -0.48 17.04
C LYS E 110 26.39 0.33 16.08
N ARG E 111 25.43 1.08 16.59
CA ARG E 111 24.54 1.83 15.70
C ARG E 111 25.29 2.95 14.98
N LEU E 112 26.11 3.70 15.71
CA LEU E 112 26.86 4.76 15.06
C LEU E 112 27.81 4.19 14.03
N TYR E 113 28.43 3.06 14.33
CA TYR E 113 29.33 2.49 13.31
C TYR E 113 28.55 1.91 12.15
N GLN E 114 27.30 1.48 12.35
CA GLN E 114 26.47 1.07 11.23
C GLN E 114 26.22 2.22 10.28
N CYS E 115 25.91 3.39 10.83
CA CYS E 115 25.74 4.56 9.98
C CYS E 115 27.03 4.86 9.21
N ILE E 116 28.16 4.78 9.89
CA ILE E 116 29.44 5.02 9.23
C ILE E 116 29.63 4.06 8.07
N THR E 117 29.31 2.77 8.27
CA THR E 117 29.58 1.80 7.23
C THR E 117 28.64 1.97 6.04
N ARG E 118 27.39 2.37 6.27
CA ARG E 118 26.52 2.63 5.14
C ARG E 118 27.05 3.79 4.32
N ALA E 119 27.50 4.85 4.99
CA ALA E 119 28.10 5.97 4.26
C ALA E 119 29.36 5.53 3.51
N ASN E 120 30.16 4.66 4.13
CA ASN E 120 31.37 4.19 3.47
C ASN E 120 31.06 3.36 2.24
N THR E 121 30.00 2.55 2.29
CA THR E 121 29.60 1.82 1.10
C THR E 121 29.20 2.77 -0.01
N ALA E 122 28.44 3.81 0.31
CA ALA E 122 28.08 4.78 -0.70
C ALA E 122 29.32 5.45 -1.29
N LEU E 123 30.28 5.81 -0.43
CA LEU E 123 31.51 6.44 -0.91
C LEU E 123 32.30 5.51 -1.80
N GLN E 124 32.38 4.23 -1.43
CA GLN E 124 33.12 3.26 -2.22
C GLN E 124 32.49 3.10 -3.59
N SER E 125 31.16 3.10 -3.66
CA SER E 125 30.51 3.04 -4.96
C SER E 125 30.77 4.32 -5.77
N LEU E 126 30.72 5.48 -5.11
CA LEU E 126 30.90 6.74 -5.82
C LEU E 126 32.31 6.87 -6.40
N ASP E 127 33.33 6.45 -5.65
CA ASP E 127 34.70 6.72 -6.04
C ASP E 127 35.11 6.00 -7.32
N GLN E 128 34.33 5.04 -7.78
CA GLN E 128 34.64 4.27 -8.98
C GLN E 128 33.72 4.65 -10.13
N MET E 129 33.44 5.95 -10.28
CA MET E 129 32.49 6.42 -11.28
C MET E 129 33.06 7.61 -12.04
N ASP E 130 32.72 7.67 -13.32
CA ASP E 130 33.24 8.71 -14.20
C ASP E 130 32.59 10.06 -13.88
N GLU E 131 33.42 11.07 -13.61
CA GLU E 131 32.88 12.36 -13.21
C GLU E 131 32.13 13.01 -14.37
N LYS E 132 32.63 12.85 -15.59
CA LYS E 132 31.95 13.43 -16.74
C LYS E 132 30.56 12.83 -16.94
N THR E 133 30.43 11.51 -16.75
CA THR E 133 29.13 10.87 -16.89
C THR E 133 28.22 11.22 -15.73
N TYR E 134 28.78 11.38 -14.53
CA TYR E 134 28.01 11.70 -13.32
C TYR E 134 28.50 13.04 -12.79
N PRO E 135 27.92 14.15 -13.26
CA PRO E 135 28.45 15.47 -12.89
C PRO E 135 28.42 15.76 -11.40
N LEU E 136 27.42 15.26 -10.68
CA LEU E 136 27.28 15.53 -9.26
C LEU E 136 28.14 14.64 -8.41
N LYS E 137 29.19 14.02 -8.99
CA LYS E 137 30.00 13.07 -8.24
C LYS E 137 30.65 13.74 -7.03
N ASN E 138 31.22 14.92 -7.23
CA ASN E 138 31.88 15.60 -6.12
C ASN E 138 30.89 15.99 -5.04
N GLN E 139 29.72 16.49 -5.43
CA GLN E 139 28.72 16.86 -4.43
C GLN E 139 28.25 15.65 -3.63
N ARG E 140 28.00 14.53 -4.31
CA ARG E 140 27.58 13.32 -3.62
C ARG E 140 28.66 12.82 -2.68
N ILE E 141 29.92 12.85 -3.13
CA ILE E 141 31.02 12.43 -2.27
C ILE E 141 31.10 13.33 -1.05
N ALA E 142 30.92 14.63 -1.25
CA ALA E 142 30.95 15.56 -0.13
C ALA E 142 29.84 15.26 0.87
N GLU E 143 28.64 14.95 0.37
CA GLU E 143 27.54 14.63 1.26
C GLU E 143 27.84 13.38 2.09
N MET E 144 28.38 12.35 1.43
CA MET E 144 28.70 11.11 2.15
C MET E 144 29.80 11.36 3.17
N ARG E 145 30.82 12.14 2.81
CA ARG E 145 31.86 12.48 3.77
C ARG E 145 31.29 13.24 4.94
N PHE E 146 30.34 14.14 4.69
CA PHE E 146 29.71 14.90 5.76
C PHE E 146 28.98 13.98 6.73
N LEU E 147 28.22 13.03 6.20
CA LEU E 147 27.50 12.10 7.07
C LEU E 147 28.47 11.26 7.89
N ARG E 148 29.52 10.76 7.25
CA ARG E 148 30.50 9.95 7.96
C ARG E 148 31.17 10.75 9.06
N GLY E 149 31.52 12.00 8.77
CA GLY E 149 32.12 12.85 9.78
C GLY E 149 31.16 13.15 10.91
N HIS E 150 29.88 13.31 10.60
CA HIS E 150 28.89 13.54 11.65
C HIS E 150 28.82 12.36 12.61
N ALA E 151 28.80 11.15 12.06
CA ALA E 151 28.78 9.97 12.92
C ALA E 151 30.06 9.86 13.74
N HIS E 152 31.21 10.15 13.11
CA HIS E 152 32.47 10.13 13.86
C HIS E 152 32.46 11.18 14.97
N PHE E 153 31.86 12.34 14.72
CA PHE E 153 31.79 13.37 15.74
C PHE E 153 30.96 12.90 16.93
N MET E 154 29.82 12.28 16.66
CA MET E 154 29.01 11.77 17.76
C MET E 154 29.78 10.70 18.55
N LEU E 155 30.48 9.81 17.84
CA LEU E 155 31.24 8.78 18.52
C LEU E 155 32.35 9.38 19.36
N LYS E 156 33.04 10.39 18.83
CA LYS E 156 34.10 11.05 19.57
C LYS E 156 33.57 11.74 20.81
N GLN E 157 32.39 12.34 20.72
CA GLN E 157 31.80 12.95 21.90
C GLN E 157 31.47 11.91 22.96
N LEU E 158 30.84 10.80 22.55
CA LEU E 158 30.42 9.80 23.54
C LEU E 158 31.62 9.09 24.15
N PHE E 159 32.50 8.55 23.32
CA PHE E 159 33.71 7.87 23.76
C PHE E 159 34.91 8.70 23.32
N LYS E 160 35.84 8.95 24.22
CA LYS E 160 37.00 9.74 23.86
C LYS E 160 37.83 9.05 22.78
N LYS E 161 38.05 7.75 22.95
CA LYS E 161 38.89 6.98 22.04
C LYS E 161 37.99 6.18 21.09
N ILE E 162 38.05 6.50 19.80
CA ILE E 162 37.22 5.82 18.82
C ILE E 162 38.11 5.30 17.71
N VAL E 163 37.54 4.40 16.91
CA VAL E 163 38.21 3.88 15.72
C VAL E 163 37.81 4.76 14.54
N ILE E 164 38.80 5.36 13.89
CA ILE E 164 38.55 6.21 12.73
C ILE E 164 38.45 5.30 11.51
N VAL E 165 37.23 5.00 11.09
CA VAL E 165 36.98 4.19 9.90
C VAL E 165 36.66 5.17 8.78
N ASN E 166 37.70 5.61 8.07
CA ASN E 166 37.52 6.58 6.99
C ASN E 166 38.14 6.09 5.69
N ASP E 167 38.33 4.79 5.54
CA ASP E 167 38.88 4.20 4.32
C ASP E 167 37.79 3.37 3.66
N GLU E 168 37.16 3.93 2.64
CA GLU E 168 36.04 3.25 1.99
C GLU E 168 36.50 2.00 1.23
N ASN E 169 37.72 2.01 0.70
CA ASN E 169 38.25 0.87 -0.04
C ASN E 169 38.99 -0.09 0.86
N MET E 170 38.35 -0.49 1.95
CA MET E 170 38.94 -1.41 2.93
C MET E 170 38.16 -2.72 2.91
N GLU E 171 38.87 -3.82 2.79
CA GLU E 171 38.23 -5.12 2.77
C GLU E 171 37.68 -5.46 4.15
N PRO E 172 36.61 -6.25 4.22
CA PRO E 172 36.06 -6.64 5.52
C PRO E 172 37.06 -7.35 6.40
N ASP E 173 37.96 -8.14 5.82
CA ASP E 173 38.95 -8.84 6.63
C ASP E 173 39.93 -7.88 7.28
N ALA E 174 40.16 -6.71 6.68
CA ALA E 174 41.08 -5.74 7.22
C ALA E 174 40.52 -4.96 8.39
N TYR E 175 39.22 -5.05 8.65
CA TYR E 175 38.64 -4.27 9.73
C TYR E 175 39.10 -4.75 11.10
N ASN E 176 39.49 -6.03 11.21
CA ASN E 176 39.92 -6.55 12.49
C ASN E 176 41.22 -5.91 12.96
N GLU E 177 42.04 -5.46 12.02
CA GLU E 177 43.32 -4.84 12.38
C GLU E 177 43.18 -3.41 12.87
N LEU E 178 41.99 -2.83 12.77
CA LEU E 178 41.81 -1.45 13.21
C LEU E 178 41.94 -1.34 14.72
N SER E 179 42.49 -0.23 15.17
CA SER E 179 42.64 0.07 16.57
C SER E 179 42.19 1.50 16.85
N ASN E 180 41.70 1.74 18.06
CA ASN E 180 41.28 3.07 18.44
C ASN E 180 42.43 3.92 18.97
N THR E 181 43.64 3.37 19.02
CA THR E 181 44.83 4.11 19.45
C THR E 181 45.82 4.33 18.33
N THR E 182 45.40 4.16 17.07
CA THR E 182 46.28 4.47 15.96
C THR E 182 46.66 5.95 15.95
N TYR E 183 45.70 6.82 16.23
CA TYR E 183 45.92 8.24 16.28
C TYR E 183 45.69 8.77 17.69
N THR E 184 46.44 9.80 18.06
CA THR E 184 46.19 10.47 19.32
C THR E 184 44.89 11.26 19.25
N ASN E 185 44.55 11.92 20.36
CA ASN E 185 43.29 12.64 20.42
C ASN E 185 43.25 13.76 19.40
N ASP E 186 44.32 14.54 19.31
CA ASP E 186 44.36 15.64 18.35
C ASP E 186 44.32 15.13 16.92
N GLU E 187 45.05 14.05 16.63
CA GLU E 187 45.01 13.50 15.29
C GLU E 187 43.61 13.00 14.94
N GLN E 188 42.93 12.38 15.89
CA GLN E 188 41.57 11.90 15.64
C GLN E 188 40.63 13.06 15.35
N TRP E 189 40.75 14.14 16.12
CA TRP E 189 39.93 15.32 15.83
C TRP E 189 40.24 15.86 14.44
N GLN E 190 41.52 15.88 14.06
CA GLN E 190 41.89 16.36 12.73
C GLN E 190 41.30 15.48 11.64
N LYS E 191 41.34 14.17 11.84
CA LYS E 191 40.79 13.25 10.84
C LYS E 191 39.29 13.45 10.71
N ILE E 192 38.61 13.72 11.83
CA ILE E 192 37.19 14.05 11.77
C ILE E 192 36.97 15.34 10.99
N ALA E 193 37.79 16.35 11.26
CA ALA E 193 37.60 17.65 10.62
C ALA E 193 37.94 17.63 9.14
N ASP E 194 38.73 16.66 8.70
CA ASP E 194 39.08 16.60 7.28
C ASP E 194 37.85 16.36 6.41
N ASP E 195 36.95 15.49 6.86
CA ASP E 195 35.73 15.23 6.10
C ASP E 195 34.87 16.48 5.98
N PHE E 196 34.73 17.23 7.08
CA PHE E 196 33.97 18.47 7.01
C PHE E 196 34.67 19.50 6.14
N GLN E 197 36.00 19.52 6.15
CA GLN E 197 36.72 20.44 5.27
C GLN E 197 36.44 20.13 3.81
N PHE E 198 36.50 18.84 3.46
CA PHE E 198 36.18 18.44 2.09
C PHE E 198 34.74 18.78 1.73
N ALA E 199 33.81 18.52 2.65
CA ALA E 199 32.41 18.81 2.39
C ALA E 199 32.18 20.30 2.21
N TYR E 200 32.83 21.13 3.02
CA TYR E 200 32.70 22.56 2.85
C TYR E 200 33.26 23.00 1.51
N ASP E 201 34.37 22.40 1.09
CA ASP E 201 34.96 22.79 -0.18
C ASP E 201 34.09 22.39 -1.36
N ASN E 202 33.42 21.25 -1.28
CA ASN E 202 32.75 20.71 -2.46
C ASN E 202 31.24 20.86 -2.48
N LEU E 203 30.61 21.18 -1.38
CA LEU E 203 29.15 21.23 -1.37
C LEU E 203 28.64 22.49 -2.04
N PRO E 204 27.43 22.44 -2.61
CA PRO E 204 26.84 23.65 -3.18
C PRO E 204 26.46 24.63 -2.10
N GLU E 205 26.42 25.92 -2.47
CA GLU E 205 26.08 26.96 -1.52
C GLU E 205 24.65 26.81 -1.01
N VAL E 206 23.71 26.54 -1.92
CA VAL E 206 22.31 26.40 -1.56
C VAL E 206 21.78 25.09 -2.12
N GLN E 207 21.02 24.37 -1.30
CA GLN E 207 20.44 23.08 -1.67
C GLN E 207 18.93 23.24 -1.77
N ILE E 208 18.39 23.14 -2.99
CA ILE E 208 16.95 23.15 -3.16
C ILE E 208 16.34 21.94 -2.48
N GLU E 209 17.05 20.83 -2.50
CA GLU E 209 16.60 19.57 -1.90
C GLU E 209 16.98 19.59 -0.43
N LYS E 210 16.00 19.82 0.44
CA LYS E 210 16.28 20.25 1.80
C LYS E 210 17.05 19.21 2.60
N GLY E 211 16.80 17.92 2.35
CA GLY E 211 17.43 16.90 3.15
C GLY E 211 18.95 16.93 3.07
N ARG E 212 19.47 17.23 1.88
CA ARG E 212 20.91 17.24 1.70
C ARG E 212 21.53 18.41 2.46
N PRO E 213 22.72 18.23 3.04
CA PRO E 213 23.38 19.33 3.72
C PRO E 213 23.87 20.38 2.74
N ALA E 214 24.03 21.59 3.24
CA ALA E 214 24.54 22.69 2.44
C ALA E 214 25.92 23.10 2.93
N GLN E 215 26.58 23.94 2.14
CA GLN E 215 27.92 24.38 2.48
C GLN E 215 27.93 25.11 3.81
N ALA E 216 26.89 25.87 4.11
CA ALA E 216 26.81 26.53 5.40
C ALA E 216 26.79 25.52 6.54
N ALA E 217 26.02 24.45 6.39
CA ALA E 217 25.98 23.41 7.41
C ALA E 217 27.34 22.76 7.58
N ALA E 218 28.01 22.46 6.47
CA ALA E 218 29.33 21.86 6.56
C ALA E 218 30.30 22.78 7.27
N ALA E 219 30.25 24.08 6.95
CA ALA E 219 31.15 25.04 7.59
C ALA E 219 30.87 25.15 9.08
N ALA E 220 29.60 25.21 9.47
CA ALA E 220 29.27 25.30 10.88
C ALA E 220 29.74 24.07 11.63
N TYR E 221 29.57 22.90 11.03
CA TYR E 221 29.92 21.68 11.76
C TYR E 221 31.44 21.52 11.82
N LEU E 222 32.15 21.99 10.80
CA LEU E 222 33.61 22.04 10.86
C LEU E 222 34.09 22.98 11.95
N ALA E 223 33.43 24.13 12.07
CA ALA E 223 33.76 25.05 13.16
C ALA E 223 33.54 24.38 14.51
N LYS E 224 32.49 23.57 14.62
CA LYS E 224 32.24 22.85 15.86
C LYS E 224 33.34 21.84 16.14
N THR E 225 33.81 21.15 15.10
CA THR E 225 34.90 20.20 15.27
C THR E 225 36.16 20.88 15.77
N TYR E 226 36.52 22.01 15.16
CA TYR E 226 37.69 22.76 15.63
C TYR E 226 37.48 23.31 17.04
N LEU E 227 36.26 23.72 17.37
CA LEU E 227 36.00 24.20 18.73
C LEU E 227 36.23 23.11 19.75
N TYR E 228 35.80 21.90 19.45
CA TYR E 228 36.06 20.79 20.37
C TYR E 228 37.54 20.43 20.38
N LYS E 229 38.20 20.55 19.24
CA LYS E 229 39.61 20.21 19.15
C LYS E 229 40.48 21.19 19.94
N ALA E 230 40.04 22.44 20.06
CA ALA E 230 40.86 23.45 20.73
C ALA E 230 41.11 23.09 22.20
N TYR E 231 40.07 22.64 22.90
CA TYR E 231 40.23 22.28 24.31
C TYR E 231 41.00 20.97 24.44
N ARG E 232 42.31 21.06 24.54
CA ARG E 232 43.16 19.88 24.43
C ARG E 232 42.97 18.94 25.62
N GLN E 233 42.96 17.64 25.32
CA GLN E 233 42.83 16.58 26.32
C GLN E 233 44.09 15.72 26.34
N ASP E 234 45.26 16.35 26.21
CA ASP E 234 46.50 15.61 26.16
C ASP E 234 46.77 14.90 27.48
N GLY E 235 47.48 13.78 27.40
CA GLY E 235 47.75 12.96 28.56
C GLY E 235 46.71 11.87 28.76
N ALA E 236 47.07 10.92 29.62
CA ALA E 236 46.18 9.78 29.86
C ALA E 236 44.87 10.22 30.50
N ASP E 237 44.95 11.15 31.46
CA ASP E 237 43.75 11.61 32.13
C ASP E 237 42.91 12.47 31.18
N ASN E 238 41.66 12.71 31.59
CA ASN E 238 40.71 13.47 30.80
C ASN E 238 40.64 14.92 31.21
N ALA E 239 41.72 15.46 31.77
CA ALA E 239 41.74 16.83 32.23
C ALA E 239 42.13 17.78 31.11
N LEU E 240 41.63 19.00 31.20
CA LEU E 240 41.99 20.03 30.23
C LEU E 240 43.46 20.39 30.34
N THR E 241 44.12 20.54 29.18
CA THR E 241 45.54 20.80 29.13
C THR E 241 45.86 22.02 28.28
N GLY E 242 45.08 23.08 28.42
CA GLY E 242 45.32 24.32 27.70
C GLY E 242 44.39 24.47 26.50
N ILE E 243 44.34 25.69 26.00
CA ILE E 243 43.47 26.07 24.89
C ILE E 243 44.34 26.48 23.72
N ASN E 244 44.08 25.90 22.55
CA ASN E 244 44.90 26.14 21.37
C ASN E 244 44.33 27.31 20.58
N GLU E 245 45.20 28.25 20.24
CA GLU E 245 44.76 29.46 19.55
C GLU E 245 44.50 29.22 18.07
N GLU E 246 45.24 28.31 17.44
CA GLU E 246 45.04 28.06 16.02
C GLU E 246 43.67 27.49 15.74
N ASP E 247 43.20 26.58 16.59
CA ASP E 247 41.88 26.00 16.39
C ASP E 247 40.80 27.06 16.54
N LEU E 248 40.94 27.96 17.51
CA LEU E 248 39.97 29.03 17.66
C LEU E 248 40.00 29.98 16.46
N LYS E 249 41.19 30.26 15.93
CA LYS E 249 41.29 31.07 14.73
C LYS E 249 40.54 30.41 13.59
N GLN E 250 40.70 29.11 13.44
CA GLN E 250 39.98 28.39 12.38
C GLN E 250 38.48 28.42 12.62
N VAL E 251 38.05 28.32 13.88
CA VAL E 251 36.63 28.41 14.20
C VAL E 251 36.08 29.75 13.75
N VAL E 252 36.78 30.83 14.07
CA VAL E 252 36.33 32.16 13.67
C VAL E 252 36.31 32.28 12.16
N LYS E 253 37.29 31.69 11.49
CA LYS E 253 37.32 31.74 10.03
C LYS E 253 36.10 31.05 9.43
N TYR E 254 35.73 29.89 9.95
CA TYR E 254 34.67 29.10 9.35
C TYR E 254 33.29 29.43 9.86
N THR E 255 33.16 30.25 10.90
CA THR E 255 31.86 30.68 11.38
C THR E 255 31.51 32.09 10.89
N ASP E 256 32.22 32.57 9.88
CA ASP E 256 32.04 33.94 9.42
C ASP E 256 30.62 34.16 8.93
N PRO E 257 30.00 35.29 9.26
CA PRO E 257 28.61 35.52 8.83
C PRO E 257 28.44 35.59 7.33
N LEU E 258 29.51 35.82 6.56
CA LEU E 258 29.37 35.86 5.11
C LEU E 258 28.94 34.51 4.56
N ILE E 259 29.49 33.43 5.10
CA ILE E 259 29.12 32.09 4.65
C ILE E 259 27.65 31.82 4.95
N MET E 260 27.21 32.17 6.14
CA MET E 260 25.81 31.95 6.51
C MET E 260 24.88 32.80 5.66
N ALA E 261 25.26 34.05 5.38
CA ALA E 261 24.44 34.88 4.52
C ALA E 261 24.35 34.31 3.11
N LYS E 262 25.48 33.77 2.62
CA LYS E 262 25.47 33.12 1.32
C LYS E 262 24.53 31.92 1.30
N GLY E 263 24.53 31.15 2.38
CA GLY E 263 23.59 30.06 2.49
C GLY E 263 22.16 30.47 2.80
N GLY E 264 21.94 31.73 3.12
CA GLY E 264 20.61 32.21 3.46
C GLY E 264 20.05 31.67 4.75
N TYR E 265 20.86 31.63 5.81
CA TYR E 265 20.43 31.16 7.11
C TYR E 265 20.49 32.29 8.12
N GLY E 266 19.59 32.24 9.10
CA GLY E 266 19.57 33.24 10.15
C GLY E 266 18.56 32.85 11.21
N LEU E 267 18.58 33.61 12.31
CA LEU E 267 17.67 33.33 13.41
C LEU E 267 16.23 33.60 13.01
N GLU E 268 15.34 32.71 13.43
CA GLU E 268 13.92 32.92 13.20
C GLU E 268 13.38 34.01 14.10
N THR E 269 12.29 34.64 13.68
CA THR E 269 11.70 35.73 14.45
C THR E 269 11.15 35.26 15.78
N ASP E 270 10.80 33.99 15.90
CA ASP E 270 10.27 33.44 17.13
C ASP E 270 11.01 32.16 17.48
N TYR E 271 11.14 31.90 18.79
CA TYR E 271 11.86 30.72 19.24
C TYR E 271 11.09 29.45 18.99
N SER E 272 9.76 29.49 19.09
CA SER E 272 8.95 28.28 18.99
C SER E 272 8.91 27.72 17.58
N MET E 273 9.23 28.53 16.56
CA MET E 273 9.19 28.03 15.20
C MET E 273 10.22 26.94 14.95
N ASN E 274 11.28 26.88 15.76
CA ASN E 274 12.27 25.82 15.62
C ASN E 274 11.72 24.46 16.00
N PHE E 275 10.57 24.42 16.68
CA PHE E 275 10.01 23.17 17.15
C PHE E 275 8.56 22.96 16.77
N LEU E 276 7.91 23.95 16.20
CA LEU E 276 6.56 23.70 15.70
C LEU E 276 6.63 22.92 14.39
N PRO E 277 5.74 21.95 14.19
CA PRO E 277 5.75 21.19 12.93
C PRO E 277 5.43 22.01 11.71
N GLN E 278 4.73 23.14 11.87
CA GLN E 278 4.32 23.92 10.71
C GLN E 278 5.48 24.65 10.05
N TYR E 279 6.60 24.78 10.74
CA TYR E 279 7.74 25.54 10.25
C TYR E 279 8.98 24.66 10.09
N GLU E 280 8.80 23.47 9.52
CA GLU E 280 9.95 22.63 9.25
C GLU E 280 10.84 23.28 8.20
N ASN E 281 12.14 22.97 8.28
CA ASN E 281 13.13 23.50 7.34
C ASN E 281 13.11 25.02 7.31
N GLY E 282 13.05 25.63 8.49
CA GLY E 282 13.04 27.07 8.60
C GLY E 282 14.41 27.66 8.36
N ALA E 283 14.49 28.98 8.57
CA ALA E 283 15.75 29.69 8.36
C ALA E 283 16.81 29.23 9.34
N GLU E 284 16.43 28.99 10.59
CA GLU E 284 17.41 28.60 11.61
C GLU E 284 17.82 27.14 11.49
N SER E 285 17.05 26.32 10.78
CA SER E 285 17.36 24.90 10.63
C SER E 285 18.48 24.74 9.62
N VAL E 286 19.72 24.85 10.12
CA VAL E 286 20.88 24.74 9.24
C VAL E 286 20.93 23.36 8.61
N TRP E 287 20.74 22.32 9.41
CA TRP E 287 20.62 20.97 8.91
C TRP E 287 19.77 20.17 9.88
N ALA E 288 18.94 19.28 9.34
CA ALA E 288 18.01 18.55 10.18
C ALA E 288 17.76 17.16 9.60
N ILE E 289 17.63 16.18 10.48
CA ILE E 289 17.14 14.87 10.08
C ILE E 289 15.66 14.99 9.75
N GLN E 290 15.30 14.58 8.54
CA GLN E 290 13.96 14.71 8.02
C GLN E 290 13.14 13.51 8.45
N TYR E 291 12.05 13.76 9.16
CA TYR E 291 11.11 12.72 9.55
C TYR E 291 9.81 12.98 8.82
N SER E 292 9.22 11.93 8.26
CA SER E 292 8.07 12.06 7.38
C SER E 292 6.97 11.10 7.79
N ILE E 293 5.75 11.44 7.42
CA ILE E 293 4.58 10.62 7.72
C ILE E 293 3.78 10.46 6.43
N ASN E 294 3.02 9.35 6.35
CA ASN E 294 2.24 9.00 5.16
C ASN E 294 3.14 8.93 3.93
N ASP E 295 4.04 7.94 3.96
CA ASP E 295 5.03 7.80 2.90
C ASP E 295 5.20 6.37 2.42
N GLY E 296 4.22 5.50 2.63
CA GLY E 296 4.31 4.13 2.21
C GLY E 296 5.00 3.21 3.19
N THR E 297 5.73 3.76 4.16
CA THR E 297 6.30 2.96 5.22
C THR E 297 5.19 2.46 6.13
N TYR E 298 5.48 1.38 6.88
CA TYR E 298 4.48 0.78 7.74
C TYR E 298 3.83 1.80 8.66
N ASN E 299 4.62 2.68 9.25
CA ASN E 299 4.10 3.78 10.05
C ASN E 299 4.70 5.12 9.67
N GLY E 300 5.63 5.16 8.73
CA GLY E 300 6.31 6.39 8.37
C GLY E 300 7.65 6.52 9.07
N ASN E 301 8.52 7.32 8.47
CA ASN E 301 9.84 7.60 9.06
C ASN E 301 9.66 8.59 10.21
N LEU E 302 9.01 8.11 11.25
CA LEU E 302 8.78 8.95 12.41
C LEU E 302 10.01 8.98 13.31
N ASN E 303 10.03 9.94 14.23
CA ASN E 303 11.12 10.09 15.18
C ASN E 303 10.92 9.07 16.30
N TRP E 304 11.22 7.81 15.99
CA TRP E 304 11.07 6.76 16.99
C TRP E 304 12.05 6.93 18.14
N GLY E 305 13.13 7.67 17.94
CA GLY E 305 14.08 7.88 19.02
C GLY E 305 13.47 8.60 20.21
N MET E 306 12.58 9.56 19.94
CA MET E 306 11.89 10.29 20.99
C MET E 306 10.56 9.66 21.34
N GLY E 307 10.38 8.37 21.06
CA GLY E 307 9.12 7.72 21.36
C GLY E 307 8.85 7.61 22.85
N LEU E 308 9.89 7.47 23.66
CA LEU E 308 9.70 7.34 25.09
C LEU E 308 9.37 8.66 25.77
N THR E 309 9.68 9.79 25.14
CA THR E 309 9.59 11.07 25.83
C THR E 309 8.18 11.64 25.90
N THR E 310 7.20 11.01 25.27
CA THR E 310 5.85 11.55 25.27
C THR E 310 5.28 11.53 26.68
N PRO E 311 4.45 12.51 27.02
CA PRO E 311 3.88 12.56 28.37
C PRO E 311 2.90 11.42 28.60
N GLN E 312 2.57 11.20 29.87
CA GLN E 312 1.64 10.13 30.21
C GLN E 312 0.24 10.37 29.66
N ILE E 313 -0.12 11.62 29.38
CA ILE E 313 -1.44 11.90 28.83
C ILE E 313 -1.56 11.32 27.43
N LEU E 314 -0.48 11.35 26.65
CA LEU E 314 -0.48 10.74 25.33
C LEU E 314 -0.57 9.23 25.40
N GLY E 315 -0.34 8.65 26.57
CA GLY E 315 -0.56 7.23 26.76
C GLY E 315 0.49 6.50 27.58
N CYS E 316 1.77 6.82 27.42
CA CYS E 316 2.75 6.07 28.21
C CYS E 316 4.16 6.62 28.03
N CYS E 317 5.05 6.05 28.84
CA CYS E 317 6.51 6.04 28.78
C CYS E 317 7.23 7.30 29.27
N ASP E 318 6.55 8.43 29.40
CA ASP E 318 6.93 9.52 30.31
C ASP E 318 8.43 9.65 30.57
N PHE E 319 9.26 9.71 29.54
CA PHE E 319 10.69 9.81 29.73
C PHE E 319 11.17 11.24 29.49
N HIS E 320 12.44 11.47 29.79
CA HIS E 320 13.11 12.74 29.47
C HIS E 320 12.43 13.92 30.14
N LYS E 321 12.38 13.87 31.46
CA LYS E 321 11.71 14.95 32.17
C LYS E 321 12.72 16.01 32.58
N PRO E 322 12.47 17.29 32.29
CA PRO E 322 13.41 18.33 32.69
C PRO E 322 13.45 18.47 34.20
N SER E 323 14.39 19.28 34.67
CA SER E 323 14.71 19.33 36.09
C SER E 323 14.41 20.70 36.69
N GLN E 324 14.11 20.69 37.98
CA GLN E 324 13.88 21.94 38.69
C GLN E 324 15.10 22.83 38.63
N ASN E 325 16.29 22.24 38.55
CA ASN E 325 17.50 23.03 38.34
C ASN E 325 17.42 23.79 37.03
N LEU E 326 16.94 23.13 35.97
CA LEU E 326 16.79 23.80 34.69
C LEU E 326 15.76 24.92 34.76
N VAL E 327 14.64 24.67 35.44
CA VAL E 327 13.62 25.72 35.56
C VAL E 327 14.19 26.93 36.31
N ASN E 328 14.90 26.68 37.40
CA ASN E 328 15.49 27.78 38.15
C ASN E 328 16.51 28.53 37.29
N ALA E 329 17.27 27.79 36.47
CA ALA E 329 18.19 28.47 35.55
C ALA E 329 17.42 29.37 34.60
N PHE E 330 16.26 28.93 34.15
CA PHE E 330 15.44 29.78 33.28
C PHE E 330 14.96 31.03 34.00
N LYS E 331 14.75 30.92 35.31
CA LYS E 331 14.33 32.09 36.10
C LYS E 331 15.35 33.21 35.97
N THR E 332 14.86 34.44 35.79
CA THR E 332 15.70 35.62 35.66
C THR E 332 15.46 36.58 36.81
N ASP E 333 16.22 37.69 36.81
CA ASP E 333 16.20 38.65 37.90
C ASP E 333 15.27 39.82 37.56
N SER E 334 15.31 40.86 38.38
CA SER E 334 14.48 42.04 38.13
C SER E 334 15.02 42.85 36.97
N GLN E 335 16.34 42.98 36.86
CA GLN E 335 16.93 43.78 35.80
C GLN E 335 16.70 43.14 34.43
N GLY E 336 16.80 41.82 34.33
CA GLY E 336 16.65 41.14 33.06
C GLY E 336 17.83 40.27 32.70
N LYS E 337 18.58 39.83 33.71
CA LYS E 337 19.72 38.95 33.53
C LYS E 337 19.56 37.70 34.37
N PRO E 338 20.17 36.58 33.97
CA PRO E 338 20.06 35.37 34.77
C PRO E 338 20.73 35.53 36.12
N LEU E 339 20.15 34.86 37.12
CA LEU E 339 20.69 34.86 38.48
C LEU E 339 21.91 33.93 38.50
N PHE E 340 23.10 34.52 38.46
CA PHE E 340 24.30 33.71 38.30
C PHE E 340 24.65 32.91 39.56
N SER E 341 24.14 33.28 40.72
CA SER E 341 24.58 32.62 41.94
C SER E 341 23.41 32.09 42.77
N THR E 342 22.28 32.78 42.73
CA THR E 342 21.17 32.48 43.63
C THR E 342 19.95 31.95 42.89
N TYR E 343 20.13 31.45 41.67
CA TYR E 343 18.97 30.97 40.91
C TYR E 343 18.39 29.71 41.54
N ASP E 344 19.23 28.83 42.06
CA ASP E 344 18.78 27.55 42.57
C ASP E 344 18.49 27.55 44.06
N ASN E 345 18.62 28.70 44.73
CA ASN E 345 18.36 28.75 46.16
C ASN E 345 16.90 28.45 46.48
N GLU E 346 15.98 28.96 45.67
CA GLU E 346 14.55 28.73 45.86
C GLU E 346 13.91 28.36 44.54
N ASN E 347 12.87 27.54 44.62
CA ASN E 347 12.15 27.14 43.43
C ASN E 347 11.48 28.33 42.75
N TYR E 348 11.41 28.28 41.44
CA TYR E 348 10.85 29.38 40.67
C TYR E 348 9.37 29.57 41.02
N GLU E 349 8.99 30.81 41.27
CA GLU E 349 7.63 31.16 41.62
C GLU E 349 6.99 31.90 40.44
N VAL E 350 5.83 31.41 40.00
CA VAL E 350 5.23 31.94 38.78
C VAL E 350 4.76 33.37 38.98
N ALA E 351 4.28 33.69 40.18
CA ALA E 351 3.62 34.97 40.39
C ALA E 351 4.57 36.10 40.79
N THR E 352 5.72 35.78 41.38
CA THR E 352 6.57 36.81 41.97
C THR E 352 7.97 36.86 41.39
N ASP E 353 8.23 36.16 40.29
CA ASP E 353 9.57 36.14 39.70
C ASP E 353 9.50 36.45 38.22
N ASN E 354 10.45 37.24 37.75
CA ASN E 354 10.62 37.45 36.31
C ASN E 354 11.30 36.24 35.71
N VAL E 355 10.82 35.82 34.54
CA VAL E 355 11.24 34.56 33.94
C VAL E 355 11.50 34.77 32.46
N ASP E 356 12.54 34.12 31.95
CA ASP E 356 12.83 34.13 30.53
C ASP E 356 11.68 33.46 29.78
N PRO E 357 11.20 34.05 28.68
CA PRO E 357 10.12 33.41 27.92
C PRO E 357 10.50 32.08 27.31
N ARG E 358 11.81 31.79 27.16
CA ARG E 358 12.23 30.51 26.63
C ARG E 358 11.81 29.35 27.50
N LEU E 359 11.52 29.61 28.79
CA LEU E 359 11.08 28.55 29.68
C LEU E 359 9.80 27.90 29.17
N PHE E 360 8.88 28.70 28.68
CA PHE E 360 7.59 28.17 28.26
C PHE E 360 7.64 27.59 26.86
N HIS E 361 8.76 27.71 26.15
CA HIS E 361 8.99 26.94 24.95
C HIS E 361 9.73 25.64 25.24
N THR E 362 10.52 25.60 26.31
CA THR E 362 11.34 24.44 26.59
C THR E 362 10.68 23.44 27.54
N VAL E 363 10.12 23.92 28.64
CA VAL E 363 9.62 23.08 29.70
C VAL E 363 8.13 23.34 29.88
N GLY E 364 7.35 22.26 29.93
CA GLY E 364 5.94 22.39 30.22
C GLY E 364 5.65 22.27 31.70
N MET E 365 5.45 23.40 32.37
CA MET E 365 5.23 23.41 33.80
C MET E 365 3.77 23.10 34.13
N PRO E 366 3.51 22.59 35.32
CA PRO E 366 2.13 22.33 35.73
C PRO E 366 1.32 23.62 35.79
N GLY E 367 0.03 23.50 35.50
CA GLY E 367 -0.84 24.64 35.49
C GLY E 367 -0.77 25.48 34.24
N PHE E 368 -0.08 25.02 33.21
CA PHE E 368 0.08 25.73 31.95
C PHE E 368 -0.32 24.83 30.81
N PRO E 369 -0.72 25.41 29.67
CA PRO E 369 -1.07 24.58 28.51
C PRO E 369 0.11 23.73 28.06
N TYR E 370 -0.19 22.52 27.61
CA TYR E 370 0.83 21.60 27.12
C TYR E 370 0.97 21.78 25.61
N LYS E 371 2.14 22.26 25.18
CA LYS E 371 2.44 22.48 23.76
C LYS E 371 1.39 23.37 23.12
N TYR E 372 1.03 24.42 23.86
CA TYR E 372 0.23 25.53 23.35
C TYR E 372 -1.19 25.07 23.02
N ASN E 373 -1.69 24.13 23.81
CA ASN E 373 -3.05 23.61 23.67
C ASN E 373 -3.80 23.90 24.94
N GLU E 374 -4.81 24.76 24.85
CA GLU E 374 -5.60 25.09 26.03
C GLU E 374 -6.43 23.90 26.51
N GLY E 375 -6.64 22.91 25.66
CA GLY E 375 -7.40 21.74 26.07
C GLY E 375 -6.65 20.76 26.95
N TYR E 376 -5.34 20.97 27.12
CA TYR E 376 -4.52 20.11 27.96
C TYR E 376 -3.74 21.00 28.92
N ILE E 377 -4.15 21.02 30.18
CA ILE E 377 -3.46 21.79 31.22
C ILE E 377 -2.73 20.79 32.11
N ILE E 378 -1.43 21.00 32.25
CA ILE E 378 -0.60 20.08 33.01
C ILE E 378 -0.99 20.13 34.48
N GLN E 379 -1.14 18.95 35.09
CA GLN E 379 -1.53 18.85 36.48
C GLN E 379 -0.51 18.01 37.24
N LYS E 380 -0.43 18.24 38.54
CA LYS E 380 0.45 17.46 39.41
C LYS E 380 -0.26 16.21 39.92
N ASN E 381 -0.80 15.42 39.00
CA ASN E 381 -1.43 14.15 39.32
C ASN E 381 -0.77 13.05 38.49
N ASP E 382 -1.20 11.82 38.74
CA ASP E 382 -0.64 10.67 38.05
C ASP E 382 -0.99 10.64 36.57
N ASP E 383 -1.95 11.45 36.12
CA ASP E 383 -2.27 11.52 34.70
C ASP E 383 -1.15 12.15 33.87
N TRP E 384 -0.16 12.76 34.53
CA TRP E 384 0.95 13.37 33.82
C TRP E 384 2.32 12.86 34.23
N SER E 385 2.46 12.26 35.41
CA SER E 385 3.71 11.69 35.85
C SER E 385 3.54 10.20 36.04
N ARG E 386 4.40 9.43 35.38
CA ARG E 386 4.33 7.97 35.50
C ARG E 386 4.99 7.46 36.78
N SER E 387 5.90 8.22 37.36
CA SER E 387 6.68 7.78 38.50
C SER E 387 6.10 8.23 39.83
N LYS E 388 4.89 8.78 39.83
CA LYS E 388 4.23 9.22 41.05
C LYS E 388 5.05 10.27 41.77
N GLY E 389 5.51 11.26 41.02
CA GLY E 389 6.24 12.37 41.60
C GLY E 389 7.70 12.11 41.89
N LEU E 390 8.20 10.92 41.60
CA LEU E 390 9.61 10.63 41.84
C LEU E 390 10.51 11.52 40.99
N TYR E 391 10.12 11.74 39.74
CA TYR E 391 10.92 12.54 38.81
C TYR E 391 10.31 13.90 38.54
N GLY E 392 9.49 14.40 39.44
CA GLY E 392 8.85 15.68 39.23
C GLY E 392 7.70 15.58 38.26
N TYR E 393 7.16 16.74 37.89
CA TYR E 393 6.00 16.82 37.01
C TYR E 393 6.25 17.68 35.78
N TYR E 394 7.49 18.02 35.50
CA TYR E 394 7.80 18.84 34.33
C TYR E 394 7.88 17.98 33.09
N VAL E 395 7.40 18.51 31.97
CA VAL E 395 7.35 17.77 30.71
C VAL E 395 8.13 18.56 29.67
N SER E 396 9.08 17.90 29.03
CA SER E 396 9.79 18.51 27.93
C SER E 396 8.85 18.79 26.77
N LEU E 397 9.09 19.90 26.07
CA LEU E 397 8.22 20.30 24.97
C LEU E 397 8.92 20.40 23.63
N LYS E 398 10.25 20.46 23.60
CA LYS E 398 10.94 20.73 22.34
C LYS E 398 10.72 19.61 21.33
N GLU E 399 10.74 18.37 21.78
CA GLU E 399 10.60 17.22 20.88
C GLU E 399 9.17 16.72 20.77
N ASN E 400 8.24 17.27 21.53
CA ASN E 400 6.84 16.82 21.49
C ASN E 400 6.02 17.77 20.64
N VAL E 401 4.85 17.29 20.23
CA VAL E 401 3.96 18.07 19.36
C VAL E 401 2.56 18.03 19.94
N ASP E 402 1.75 18.97 19.48
CA ASP E 402 0.35 19.02 19.89
C ASP E 402 -0.35 17.73 19.47
N PRO E 403 -1.14 17.11 20.33
CA PRO E 403 -1.79 15.85 19.96
C PRO E 403 -2.77 15.98 18.81
N ASP E 404 -3.21 17.19 18.48
CA ASP E 404 -4.27 17.39 17.50
C ASP E 404 -3.76 17.86 16.15
N CYS E 405 -2.46 17.93 15.94
CA CYS E 405 -1.94 18.45 14.67
C CYS E 405 -1.74 17.36 13.63
N ASP E 406 -2.26 16.16 13.88
CA ASP E 406 -2.05 14.93 13.11
C ASP E 406 -0.63 14.88 12.55
N CYS E 407 0.33 15.26 13.39
CA CYS E 407 1.75 15.10 13.12
C CYS E 407 2.25 13.80 13.70
N LEU E 408 1.38 13.09 14.42
CA LEU E 408 1.73 12.15 15.46
C LEU E 408 1.03 10.84 15.19
N LYS E 409 1.69 9.73 15.52
CA LYS E 409 1.10 8.44 15.23
C LYS E 409 1.51 7.45 16.30
N LYS E 410 0.65 6.46 16.52
CA LYS E 410 0.85 5.41 17.51
C LYS E 410 1.34 4.17 16.79
N GLY E 411 2.63 3.93 16.85
CA GLY E 411 3.24 2.76 16.24
C GLY E 411 3.86 1.85 17.27
N SER E 412 3.15 1.61 18.36
CA SER E 412 3.59 1.01 19.62
C SER E 412 4.34 2.04 20.45
N TYR E 413 4.61 3.22 19.91
CA TYR E 413 5.19 4.32 20.66
C TYR E 413 4.77 5.59 19.95
N TRP E 414 4.22 6.55 20.69
CA TRP E 414 3.79 7.80 20.08
C TRP E 414 4.97 8.53 19.48
N ALA E 415 5.00 8.65 18.16
CA ALA E 415 6.12 9.29 17.47
C ALA E 415 5.59 10.32 16.49
N SER E 416 6.34 11.41 16.33
CA SER E 416 5.92 12.53 15.49
C SER E 416 6.81 12.62 14.26
N SER E 417 6.34 13.40 13.28
CA SER E 417 7.09 13.66 12.07
C SER E 417 7.91 14.94 12.17
N LEU E 418 8.07 15.48 13.36
CA LEU E 418 8.84 16.71 13.53
C LEU E 418 10.31 16.47 13.23
N ASN E 419 10.88 17.30 12.37
CA ASN E 419 12.29 17.16 12.01
C ASN E 419 13.17 17.40 13.22
N HIS E 420 14.34 16.76 13.24
CA HIS E 420 15.28 16.92 14.34
C HIS E 420 16.44 17.77 13.87
N ILE E 421 16.53 18.99 14.40
CA ILE E 421 17.56 19.93 13.97
C ILE E 421 18.88 19.57 14.63
N VAL E 422 19.92 19.36 13.81
CA VAL E 422 21.23 19.03 14.33
C VAL E 422 22.05 20.29 14.57
N ILE E 423 21.98 21.25 13.65
CA ILE E 423 22.71 22.50 13.74
C ILE E 423 21.70 23.64 13.71
N ARG E 424 21.83 24.56 14.67
CA ARG E 424 20.99 25.74 14.69
C ARG E 424 21.84 26.98 14.58
N TYR E 425 21.28 28.01 13.93
CA TYR E 425 22.03 29.24 13.77
C TYR E 425 22.36 29.87 15.11
N ALA E 426 21.50 29.66 16.11
CA ALA E 426 21.86 30.07 17.47
C ALA E 426 23.11 29.35 17.94
N ASP E 427 23.22 28.05 17.62
CA ASP E 427 24.43 27.32 17.97
C ASP E 427 25.64 27.91 17.27
N VAL E 428 25.50 28.27 16.01
CA VAL E 428 26.62 28.86 15.28
C VAL E 428 27.04 30.17 15.94
N LEU E 429 26.08 30.99 16.32
CA LEU E 429 26.41 32.27 16.94
C LEU E 429 27.11 32.07 18.28
N LEU E 430 26.61 31.14 19.10
CA LEU E 430 27.24 30.90 20.40
C LEU E 430 28.63 30.30 20.24
N MET E 431 28.81 29.45 19.23
CA MET E 431 30.13 28.94 18.90
C MET E 431 31.10 30.06 18.56
N ARG E 432 30.67 31.00 17.70
CA ARG E 432 31.53 32.12 17.35
C ARG E 432 31.85 32.97 18.57
N ALA E 433 30.86 33.19 19.43
CA ALA E 433 31.09 33.96 20.65
C ALA E 433 32.11 33.26 21.53
N GLU E 434 32.01 31.94 21.67
CA GLU E 434 32.96 31.21 22.50
C GLU E 434 34.36 31.30 21.93
N ALA E 435 34.48 31.19 20.61
CA ALA E 435 35.79 31.31 19.98
C ALA E 435 36.40 32.67 20.25
N LEU E 436 35.60 33.74 20.10
CA LEU E 436 36.13 35.08 20.31
C LEU E 436 36.55 35.29 21.76
N ILE E 437 35.71 34.85 22.70
CA ILE E 437 36.03 35.04 24.12
C ILE E 437 37.29 34.28 24.48
N GLN E 438 37.42 33.04 24.01
CA GLN E 438 38.60 32.26 24.32
C GLN E 438 39.85 32.87 23.68
N LEU E 439 39.72 33.42 22.47
CA LEU E 439 40.85 34.08 21.85
C LEU E 439 41.31 35.27 22.67
N ASN E 440 40.36 36.07 23.17
CA ASN E 440 40.66 37.20 24.04
C ASN E 440 41.58 38.21 23.36
N ASP E 441 41.52 38.31 22.04
CA ASP E 441 42.32 39.29 21.31
C ASP E 441 41.56 40.60 21.13
N GLY E 442 41.03 41.12 22.24
CA GLY E 442 40.31 42.39 22.20
C GLY E 442 39.06 42.35 21.33
N ARG E 443 38.31 41.26 21.38
CA ARG E 443 37.09 41.13 20.60
C ARG E 443 35.95 40.57 21.45
N ILE E 444 35.99 40.82 22.75
CA ILE E 444 34.90 40.41 23.63
C ILE E 444 33.62 41.13 23.25
N THR E 445 33.74 42.33 22.69
CA THR E 445 32.56 43.10 22.33
C THR E 445 31.73 42.41 21.26
N ASP E 446 32.39 41.75 20.29
CA ASP E 446 31.65 41.03 19.26
C ASP E 446 30.89 39.85 19.86
N ALA E 447 31.52 39.13 20.77
CA ALA E 447 30.83 38.02 21.44
C ALA E 447 29.64 38.53 22.22
N ILE E 448 29.80 39.66 22.90
CA ILE E 448 28.67 40.24 23.63
C ILE E 448 27.57 40.66 22.67
N SER E 449 27.95 41.14 21.49
CA SER E 449 26.95 41.48 20.49
C SER E 449 26.16 40.25 20.06
N LEU E 450 26.84 39.14 19.84
CA LEU E 450 26.16 37.91 19.46
C LEU E 450 25.23 37.42 20.56
N ILE E 451 25.71 37.46 21.81
CA ILE E 451 24.87 37.05 22.93
C ILE E 451 23.65 37.95 23.04
N ASN E 452 23.83 39.26 22.85
CA ASN E 452 22.71 40.17 22.89
C ASN E 452 21.73 39.87 21.77
N GLU E 453 22.23 39.46 20.61
CA GLU E 453 21.33 39.12 19.52
C GLU E 453 20.48 37.91 19.86
N VAL E 454 21.09 36.88 20.44
CA VAL E 454 20.32 35.71 20.85
C VAL E 454 19.30 36.07 21.92
N ARG E 455 19.72 36.87 22.90
CA ARG E 455 18.79 37.25 23.97
C ARG E 455 17.65 38.12 23.44
N SER E 456 17.95 38.99 22.48
CA SER E 456 16.90 39.80 21.88
C SER E 456 15.89 38.94 21.15
N ARG E 457 16.38 37.93 20.41
CA ARG E 457 15.46 36.99 19.79
C ARG E 457 14.60 36.30 20.83
N ALA E 458 15.20 35.88 21.94
CA ALA E 458 14.43 35.21 22.98
C ALA E 458 13.36 36.13 23.56
N ALA E 459 13.72 37.39 23.81
CA ALA E 459 12.76 38.33 24.37
C ALA E 459 11.62 38.58 23.41
N GLY E 460 11.91 38.72 22.12
CA GLY E 460 10.86 38.91 21.15
C GLY E 460 10.00 37.68 20.93
N SER E 461 10.52 36.50 21.26
CA SER E 461 9.79 35.26 21.05
C SER E 461 8.70 35.11 22.12
N THR E 462 7.61 35.84 21.93
CA THR E 462 6.45 35.71 22.80
C THR E 462 5.14 35.75 22.01
N MET E 463 5.15 35.26 20.78
CA MET E 463 3.94 35.37 19.97
C MET E 463 2.85 34.42 20.45
N LEU E 464 3.24 33.27 20.99
CA LEU E 464 2.29 32.26 21.43
C LEU E 464 2.10 32.24 22.94
N ILE E 465 2.74 33.14 23.68
CA ILE E 465 2.63 33.10 25.14
C ILE E 465 2.23 34.48 25.65
N PHE E 466 1.68 35.31 24.78
CA PHE E 466 1.38 36.68 25.15
C PHE E 466 0.29 36.73 26.23
N ASN E 467 -0.70 35.85 26.13
CA ASN E 467 -1.81 35.87 27.08
C ASN E 467 -1.43 35.33 28.45
N TYR E 468 -0.24 34.74 28.59
CA TYR E 468 0.14 34.17 29.87
C TYR E 468 0.22 35.23 30.96
N LYS E 469 0.56 36.46 30.60
CA LYS E 469 0.64 37.53 31.60
C LYS E 469 -0.70 37.73 32.30
N GLU E 470 -1.77 37.78 31.52
CA GLU E 470 -3.09 38.02 32.10
C GLU E 470 -3.84 36.75 32.45
N ASP E 471 -3.31 35.58 32.09
CA ASP E 471 -3.99 34.33 32.41
C ASP E 471 -3.36 33.59 33.58
N TYR E 472 -2.06 33.76 33.81
CA TYR E 472 -1.38 33.03 34.87
C TYR E 472 -0.42 33.91 35.65
N GLY E 473 -0.37 35.21 35.38
CA GLY E 473 0.53 36.10 36.09
C GLY E 473 2.01 35.84 35.83
N VAL E 474 2.39 35.66 34.57
CA VAL E 474 3.77 35.41 34.20
C VAL E 474 4.41 36.72 33.78
N ASN E 475 5.54 37.06 34.40
CA ASN E 475 6.28 38.27 34.09
C ASN E 475 7.50 37.90 33.27
N PHE E 476 7.58 38.42 32.05
CA PHE E 476 8.72 38.20 31.17
C PHE E 476 9.65 39.41 31.26
N LYS E 477 10.94 39.15 31.48
CA LYS E 477 11.91 40.23 31.62
C LYS E 477 13.26 39.71 31.15
N VAL E 478 13.61 40.03 29.91
CA VAL E 478 14.90 39.66 29.34
C VAL E 478 15.47 40.87 28.61
N THR E 479 16.71 41.23 28.91
CA THR E 479 17.33 42.39 28.30
C THR E 479 18.73 42.06 27.82
N PRO E 480 19.19 42.71 26.76
CA PRO E 480 20.57 42.48 26.28
C PRO E 480 21.60 43.10 27.20
N TYR E 481 22.86 43.00 26.84
CA TYR E 481 23.95 43.59 27.62
C TYR E 481 24.48 44.85 26.97
N ASP E 482 24.92 45.78 27.81
CA ASP E 482 25.61 46.96 27.31
C ASP E 482 26.93 46.57 26.67
N LEU E 483 27.25 47.22 25.55
CA LEU E 483 28.49 46.93 24.82
C LEU E 483 29.64 47.64 25.52
N LYS E 484 30.16 47.02 26.56
CA LYS E 484 31.32 47.54 27.28
C LYS E 484 32.33 46.41 27.45
N ALA E 485 33.52 46.79 27.90
CA ALA E 485 34.56 45.79 28.13
C ALA E 485 34.16 44.88 29.28
N TYR E 486 34.36 43.58 29.08
CA TYR E 486 34.06 42.58 30.09
C TYR E 486 35.30 41.74 30.34
N ALA E 487 35.49 41.33 31.58
CA ALA E 487 36.58 40.41 31.89
C ALA E 487 36.33 39.07 31.21
N GLN E 488 37.42 38.36 30.92
CA GLN E 488 37.28 37.10 30.18
C GLN E 488 36.46 36.09 30.97
N ASP E 489 36.71 35.97 32.27
CA ASP E 489 35.96 35.03 33.09
C ASP E 489 34.49 35.42 33.16
N GLU E 490 34.20 36.71 33.29
CA GLU E 490 32.81 37.16 33.34
C GLU E 490 32.11 36.86 32.02
N ALA E 491 32.77 37.12 30.90
CA ALA E 491 32.18 36.82 29.60
C ALA E 491 31.95 35.33 29.44
N MET E 492 32.90 34.50 29.89
CA MET E 492 32.72 33.06 29.80
C MET E 492 31.55 32.59 30.65
N LYS E 493 31.41 33.15 31.85
CA LYS E 493 30.28 32.78 32.70
C LYS E 493 28.97 33.13 32.01
N MET E 494 28.89 34.33 31.45
CA MET E 494 27.67 34.72 30.77
C MET E 494 27.39 33.84 29.56
N LEU E 495 28.43 33.47 28.82
CA LEU E 495 28.25 32.59 27.68
C LEU E 495 27.74 31.23 28.11
N LYS E 496 28.29 30.67 29.19
CA LYS E 496 27.81 29.40 29.68
C LYS E 496 26.34 29.50 30.05
N TRP E 497 25.95 30.58 30.71
CA TRP E 497 24.56 30.75 31.08
C TRP E 497 23.67 30.84 29.85
N GLU E 498 24.12 31.58 28.84
CA GLU E 498 23.34 31.72 27.62
C GLU E 498 23.15 30.37 26.93
N ARG E 499 24.22 29.58 26.83
CA ARG E 499 24.08 28.26 26.23
C ARG E 499 23.13 27.40 27.03
N ARG E 500 23.23 27.45 28.35
CA ARG E 500 22.37 26.62 29.19
C ARG E 500 20.89 26.97 29.00
N VAL E 501 20.56 28.25 28.96
CA VAL E 501 19.16 28.61 28.80
C VAL E 501 18.70 28.48 27.36
N GLU E 502 19.62 28.47 26.40
CA GLU E 502 19.21 28.44 25.00
C GLU E 502 19.04 27.02 24.49
N PHE E 503 19.91 26.10 24.89
CA PHE E 503 19.86 24.73 24.39
C PHE E 503 19.46 23.74 25.48
N GLY E 504 18.59 24.15 26.38
CA GLY E 504 18.05 23.21 27.35
C GLY E 504 17.25 22.13 26.64
N MET E 505 17.33 20.92 27.17
CA MET E 505 16.62 19.74 26.67
C MET E 505 17.08 19.34 25.27
N GLU E 506 18.11 19.97 24.72
CA GLU E 506 18.59 19.66 23.38
C GLU E 506 19.80 18.75 23.38
N SER E 507 20.16 18.19 24.55
CA SER E 507 21.12 17.09 24.63
C SER E 507 22.53 17.51 24.20
N SER E 508 23.00 18.61 24.77
CA SER E 508 24.39 19.01 24.61
C SER E 508 25.01 19.56 25.89
N ARG E 509 24.25 19.59 26.99
CA ARG E 509 24.75 20.17 28.22
C ARG E 509 25.94 19.38 28.75
N PHE E 510 25.83 18.05 28.78
CA PHE E 510 26.93 17.26 29.32
C PHE E 510 28.17 17.36 28.44
N PHE E 511 27.98 17.37 27.12
CA PHE E 511 29.12 17.49 26.23
C PHE E 511 29.81 18.83 26.40
N ASP E 512 29.04 19.91 26.56
CA ASP E 512 29.64 21.21 26.81
C ASP E 512 30.37 21.23 28.15
N LEU E 513 29.80 20.59 29.18
CA LEU E 513 30.49 20.54 30.46
C LEU E 513 31.80 19.80 30.35
N VAL E 514 31.83 18.68 29.63
CA VAL E 514 33.07 17.95 29.45
C VAL E 514 34.07 18.79 28.68
N ARG E 515 33.62 19.47 27.62
CA ARG E 515 34.53 20.28 26.82
C ARG E 515 35.15 21.39 27.66
N TRP E 516 34.35 22.04 28.50
CA TRP E 516 34.87 23.11 29.33
C TRP E 516 35.75 22.56 30.45
N GLY E 517 35.50 21.33 30.89
CA GLY E 517 36.29 20.71 31.93
C GLY E 517 35.69 20.80 33.31
N GLU E 518 34.70 21.65 33.54
CA GLU E 518 34.07 21.81 34.83
C GLU E 518 32.95 20.79 35.06
N ALA E 519 32.95 19.71 34.29
CA ALA E 519 31.88 18.73 34.40
C ALA E 519 31.80 18.14 35.80
N LYS E 520 32.95 17.79 36.38
CA LYS E 520 32.94 17.18 37.70
C LYS E 520 32.31 18.11 38.74
N ASP E 521 32.77 19.36 38.78
CA ASP E 521 32.27 20.30 39.79
C ASP E 521 30.79 20.57 39.58
N VAL E 522 30.38 20.83 38.34
CA VAL E 522 28.98 21.14 38.08
C VAL E 522 28.10 19.95 38.45
N ILE E 523 28.52 18.74 38.08
CA ILE E 523 27.70 17.57 38.34
C ILE E 523 27.61 17.28 39.82
N ASN E 524 28.71 17.44 40.56
CA ASN E 524 28.65 17.22 42.00
C ASN E 524 27.74 18.26 42.67
N ALA E 525 27.85 19.52 42.26
CA ALA E 525 26.97 20.53 42.84
C ALA E 525 25.51 20.22 42.52
N TYR E 526 25.23 19.78 41.30
CA TYR E 526 23.87 19.43 40.92
C TYR E 526 23.36 18.26 41.75
N TYR E 527 24.22 17.25 41.96
CA TYR E 527 23.83 16.11 42.78
C TYR E 527 23.47 16.54 44.19
N VAL E 528 24.33 17.35 44.81
CA VAL E 528 24.08 17.78 46.17
C VAL E 528 22.80 18.61 46.24
N THR E 529 22.61 19.51 45.28
CA THR E 529 21.46 20.39 45.32
C THR E 529 20.15 19.64 45.08
N GLU E 530 20.14 18.73 44.12
CA GLU E 530 18.91 18.05 43.72
C GLU E 530 18.64 16.77 44.49
N ALA E 531 19.55 16.34 45.37
CA ALA E 531 19.25 15.18 46.18
C ALA E 531 18.08 15.44 47.12
N SER E 532 17.84 16.71 47.46
CA SER E 532 16.73 17.03 48.34
C SER E 532 15.39 16.82 47.65
N ARG E 533 15.27 17.30 46.41
CA ARG E 533 14.01 17.24 45.69
C ARG E 533 13.87 16.01 44.80
N CYS E 534 14.90 15.16 44.73
CA CYS E 534 14.80 13.87 44.04
C CYS E 534 15.59 12.85 44.83
N SER E 535 14.94 11.76 45.21
CA SER E 535 15.57 10.78 46.09
C SER E 535 16.55 9.86 45.36
N ILE E 536 16.63 9.94 44.03
CA ILE E 536 17.53 9.06 43.31
C ILE E 536 18.98 9.48 43.48
N TYR E 537 19.22 10.71 43.94
CA TYR E 537 20.57 11.25 44.04
C TYR E 537 21.15 11.10 45.44
N LYS E 538 20.59 10.21 46.26
CA LYS E 538 21.14 9.98 47.58
C LYS E 538 22.56 9.42 47.50
N ASN E 539 22.79 8.51 46.56
CA ASN E 539 24.06 7.83 46.45
C ASN E 539 24.85 8.25 45.21
N ALA E 540 24.45 9.34 44.56
CA ALA E 540 25.13 9.76 43.34
C ALA E 540 26.53 10.27 43.65
N GLY E 541 27.42 10.15 42.67
CA GLY E 541 28.77 10.62 42.81
C GLY E 541 29.53 10.58 41.50
N PHE E 542 30.22 11.66 41.16
CA PHE E 542 30.92 11.80 39.89
C PHE E 542 32.41 11.69 40.11
N THR E 543 33.05 10.78 39.39
CA THR E 543 34.49 10.58 39.52
C THR E 543 35.24 11.58 38.67
N GLU E 544 36.39 12.04 39.17
CA GLU E 544 37.09 13.17 38.57
C GLU E 544 37.53 12.86 37.14
N ASN E 545 38.10 11.67 36.91
CA ASN E 545 38.65 11.33 35.61
C ASN E 545 38.15 9.99 35.11
N LYS E 546 36.92 9.64 35.43
CA LYS E 546 36.41 8.39 34.89
C LYS E 546 35.07 8.54 34.20
N ASN E 547 34.19 9.39 34.71
CA ASN E 547 32.80 9.42 34.26
C ASN E 547 32.52 10.51 33.24
N GLU E 548 33.54 11.22 32.75
CA GLU E 548 33.30 12.20 31.71
C GLU E 548 33.25 11.58 30.32
N TYR E 549 33.43 10.27 30.20
CA TYR E 549 33.30 9.60 28.93
C TYR E 549 32.77 8.20 29.17
N LEU E 550 31.95 7.72 28.25
CA LEU E 550 31.50 6.35 28.33
C LEU E 550 32.68 5.40 28.12
N PRO E 551 32.73 4.29 28.84
CA PRO E 551 33.79 3.32 28.59
C PRO E 551 33.64 2.67 27.23
N VAL E 552 34.76 2.30 26.63
CA VAL E 552 34.71 1.51 25.41
C VAL E 552 34.09 0.15 25.73
N PRO E 553 33.14 -0.34 24.94
CA PRO E 553 32.42 -1.56 25.32
C PRO E 553 33.34 -2.75 25.51
N PHE E 554 33.07 -3.51 26.58
CA PHE E 554 33.87 -4.68 26.89
C PHE E 554 33.76 -5.73 25.80
N GLU E 555 32.58 -5.85 25.19
CA GLU E 555 32.43 -6.79 24.09
C GLU E 555 33.37 -6.43 22.94
N GLN E 556 33.42 -5.15 22.58
CA GLN E 556 34.30 -4.74 21.50
C GLN E 556 35.76 -4.94 21.86
N ILE E 557 36.14 -4.64 23.10
CA ILE E 557 37.52 -4.85 23.51
C ILE E 557 37.89 -6.33 23.43
N SER E 558 36.99 -7.21 23.89
CA SER E 558 37.26 -8.64 23.80
C SER E 558 37.36 -9.09 22.34
N ALA E 559 36.48 -8.58 21.48
CA ALA E 559 36.50 -9.00 20.08
C ALA E 559 37.80 -8.59 19.42
N SER E 560 38.27 -7.37 19.64
CA SER E 560 39.54 -6.92 19.09
C SER E 560 40.60 -7.06 20.18
N ASN E 561 41.08 -8.29 20.34
CA ASN E 561 42.03 -8.59 21.40
C ASN E 561 43.35 -7.87 21.16
N GLY E 562 43.80 -7.12 22.17
CA GLY E 562 45.05 -6.41 22.06
C GLY E 562 45.05 -5.25 21.10
N ASN E 563 43.90 -4.68 20.80
CA ASN E 563 43.83 -3.52 19.91
C ASN E 563 43.11 -2.33 20.52
N TYR E 564 42.09 -2.53 21.32
CA TYR E 564 41.34 -1.44 21.91
C TYR E 564 41.83 -1.21 23.33
N THR E 565 41.98 0.06 23.70
CA THR E 565 42.38 0.43 25.05
C THR E 565 41.24 1.15 25.72
N GLN E 566 40.84 0.66 26.89
CA GLN E 566 39.76 1.29 27.64
C GLN E 566 40.18 2.69 28.07
N ASN E 567 39.18 3.57 28.23
CA ASN E 567 39.45 4.93 28.66
C ASN E 567 40.08 4.93 30.05
N PHE E 568 40.67 6.07 30.39
CA PHE E 568 41.34 6.20 31.68
C PHE E 568 40.34 6.08 32.82
N GLY E 569 40.77 5.47 33.91
CA GLY E 569 39.95 5.32 35.09
C GLY E 569 39.17 4.05 35.19
N TRP E 570 39.17 3.21 34.16
CA TRP E 570 38.45 1.95 34.21
C TRP E 570 39.41 0.78 34.36
N ARG F 118 14.42 -56.54 15.24
CA ARG F 118 15.43 -56.51 14.19
C ARG F 118 15.99 -55.11 14.05
N LYS F 119 17.29 -54.95 14.33
CA LYS F 119 17.93 -53.63 14.39
C LYS F 119 18.41 -53.14 13.02
N ALA F 120 17.87 -53.69 11.93
CA ALA F 120 18.22 -53.23 10.59
C ALA F 120 19.72 -53.24 10.35
N ASP F 121 20.42 -52.23 10.88
CA ASP F 121 21.87 -52.14 10.69
C ASP F 121 22.59 -53.32 11.34
N LEU F 122 22.20 -53.65 12.57
CA LEU F 122 22.73 -54.77 13.35
C LEU F 122 24.18 -54.56 13.77
N THR F 123 24.84 -53.46 13.39
CA THR F 123 26.22 -53.25 13.77
C THR F 123 26.49 -51.79 14.13
N GLY F 124 25.50 -51.10 14.68
CA GLY F 124 25.68 -49.70 15.02
C GLY F 124 24.79 -49.31 16.18
N ALA F 125 24.89 -48.04 16.57
CA ALA F 125 24.12 -47.50 17.69
C ALA F 125 22.69 -47.26 17.21
N VAL F 126 21.85 -48.28 17.41
CA VAL F 126 20.46 -48.26 17.00
C VAL F 126 19.60 -48.58 18.21
N SER F 127 18.59 -47.77 18.46
CA SER F 127 17.63 -47.99 19.53
C SER F 127 16.27 -48.26 18.90
N VAL F 128 15.69 -49.42 19.22
CA VAL F 128 14.38 -49.79 18.71
C VAL F 128 13.34 -49.41 19.73
N VAL F 129 12.34 -48.64 19.30
CA VAL F 129 11.29 -48.16 20.18
C VAL F 129 10.04 -49.00 19.96
N LYS F 130 9.40 -49.39 21.05
CA LYS F 130 8.24 -50.29 20.99
C LYS F 130 6.96 -49.47 20.89
N VAL F 131 6.36 -49.49 19.69
CA VAL F 131 5.17 -48.70 19.44
C VAL F 131 3.99 -49.19 20.26
N ASP F 132 3.98 -50.47 20.66
CA ASP F 132 2.85 -50.98 21.44
C ASP F 132 2.70 -50.26 22.76
N GLU F 133 3.76 -49.64 23.29
CA GLU F 133 3.60 -48.75 24.43
C GLU F 133 3.86 -47.30 24.09
N ILE F 134 4.39 -46.99 22.92
CA ILE F 134 4.35 -45.59 22.46
C ILE F 134 2.90 -45.13 22.31
N GLN F 135 2.06 -45.97 21.71
CA GLN F 135 0.65 -45.61 21.53
C GLN F 135 -0.09 -45.51 22.86
N LYS F 136 0.45 -46.09 23.93
CA LYS F 136 -0.27 -46.10 25.20
C LYS F 136 -0.37 -44.70 25.78
N GLN F 137 0.65 -43.87 25.59
CA GLN F 137 0.62 -42.53 26.16
C GLN F 137 -0.47 -41.67 25.55
N GLY F 138 -1.02 -42.06 24.40
CA GLY F 138 -2.13 -41.31 23.83
C GLY F 138 -1.78 -39.88 23.47
N GLU F 139 -0.62 -39.69 22.87
CA GLU F 139 -0.14 -38.36 22.51
C GLU F 139 -0.25 -38.15 21.01
N ASN F 140 -0.54 -36.91 20.61
CA ASN F 140 -0.58 -36.58 19.20
C ASN F 140 0.76 -36.82 18.53
N ASN F 141 1.85 -36.38 19.16
CA ASN F 141 3.16 -36.47 18.55
C ASN F 141 3.85 -37.73 19.04
N PRO F 142 4.14 -38.69 18.15
CA PRO F 142 4.89 -39.87 18.59
C PRO F 142 6.26 -39.51 19.13
N VAL F 143 6.88 -38.46 18.59
CA VAL F 143 8.16 -38.02 19.11
C VAL F 143 8.02 -37.57 20.56
N LYS F 144 6.97 -36.81 20.86
CA LYS F 144 6.72 -36.41 22.23
C LYS F 144 6.39 -37.61 23.11
N ALA F 145 5.75 -38.63 22.53
CA ALA F 145 5.47 -39.85 23.30
C ALA F 145 6.76 -40.54 23.70
N LEU F 146 7.73 -40.62 22.80
CA LEU F 146 9.02 -41.24 23.13
C LEU F 146 9.97 -40.24 23.79
N GLN F 147 9.47 -39.56 24.82
CA GLN F 147 10.22 -38.46 25.41
C GLN F 147 11.45 -38.95 26.18
N GLY F 148 11.28 -39.94 27.04
CA GLY F 148 12.40 -40.37 27.85
C GLY F 148 12.72 -41.84 27.72
N ARG F 149 12.28 -42.45 26.62
CA ARG F 149 12.41 -43.88 26.42
C ARG F 149 13.62 -44.26 25.59
N VAL F 150 14.44 -43.29 25.18
CA VAL F 150 15.61 -43.54 24.35
C VAL F 150 16.83 -42.94 25.03
N PRO F 151 17.87 -43.72 25.31
CA PRO F 151 19.08 -43.13 25.88
C PRO F 151 19.75 -42.18 24.90
N GLY F 152 20.43 -41.19 25.45
CA GLY F 152 21.12 -40.22 24.61
C GLY F 152 20.20 -39.41 23.74
N MET F 153 18.98 -39.16 24.20
CA MET F 153 18.03 -38.32 23.47
C MET F 153 17.29 -37.42 24.46
N ASN F 154 17.15 -36.16 24.09
CA ASN F 154 16.48 -35.16 24.92
C ASN F 154 15.32 -34.60 24.14
N ILE F 155 14.11 -34.73 24.69
CA ILE F 155 12.90 -34.21 24.08
C ILE F 155 12.34 -33.14 25.01
N THR F 156 12.15 -31.94 24.47
CA THR F 156 11.59 -30.83 25.22
C THR F 156 10.28 -30.42 24.58
N ALA F 157 9.20 -30.49 25.34
CA ALA F 157 7.88 -30.13 24.86
C ALA F 157 7.25 -29.14 25.84
N ASP F 158 6.72 -28.04 25.32
CA ASP F 158 6.18 -26.99 26.19
C ASP F 158 4.83 -27.37 26.77
N GLY F 159 4.00 -28.09 26.03
CA GLY F 159 2.67 -28.43 26.49
C GLY F 159 1.55 -27.74 25.74
N ASN F 160 1.84 -27.07 24.63
CA ASN F 160 0.82 -26.49 23.80
C ASN F 160 -0.04 -27.59 23.19
N PRO F 161 -1.26 -27.26 22.73
CA PRO F 161 -2.12 -28.31 22.18
C PRO F 161 -1.48 -29.11 21.06
N SER F 162 -0.73 -28.46 20.19
CA SER F 162 0.05 -29.20 19.20
C SER F 162 1.16 -29.97 19.90
N GLY F 163 1.54 -31.10 19.32
CA GLY F 163 2.53 -31.92 19.97
C GLY F 163 3.95 -31.49 19.67
N SER F 164 4.11 -30.24 19.24
CA SER F 164 5.41 -29.76 18.79
C SER F 164 6.44 -29.91 19.90
N ALA F 165 7.60 -30.45 19.55
CA ALA F 165 8.64 -30.72 20.51
C ALA F 165 9.99 -30.61 19.84
N THR F 166 11.03 -30.38 20.64
CA THR F 166 12.38 -30.22 20.16
C THR F 166 13.20 -31.43 20.56
N VAL F 167 13.99 -31.95 19.62
CA VAL F 167 14.73 -33.19 19.79
C VAL F 167 16.22 -32.89 19.72
N ARG F 168 16.99 -33.49 20.63
CA ARG F 168 18.44 -33.37 20.61
C ARG F 168 19.02 -34.77 20.84
N ILE F 169 19.68 -35.32 19.83
CA ILE F 169 20.24 -36.65 19.91
C ILE F 169 21.72 -36.55 20.21
N ARG F 170 22.18 -37.31 21.20
CA ARG F 170 23.59 -37.31 21.61
C ARG F 170 24.06 -35.92 22.03
N GLY F 171 23.17 -35.15 22.64
CA GLY F 171 23.52 -33.81 23.07
C GLY F 171 23.65 -32.87 21.88
N ILE F 172 24.13 -31.67 22.19
CA ILE F 172 24.32 -30.65 21.15
C ILE F 172 25.52 -31.03 20.31
N GLY F 173 25.33 -31.06 18.99
CA GLY F 173 26.38 -31.52 18.11
C GLY F 173 26.99 -30.45 17.23
N THR F 174 26.30 -29.34 17.05
CA THR F 174 26.79 -28.33 16.13
C THR F 174 26.20 -26.98 16.50
N LEU F 175 26.80 -25.92 15.96
CA LEU F 175 26.37 -24.55 16.18
C LEU F 175 25.29 -24.12 15.19
N ASN F 176 24.61 -25.08 14.56
CA ASN F 176 23.55 -24.80 13.60
C ASN F 176 22.29 -25.51 14.06
N ASN F 177 21.31 -25.64 13.16
CA ASN F 177 20.14 -26.45 13.46
C ASN F 177 20.55 -27.86 13.87
N ASN F 178 20.12 -28.26 15.06
CA ASN F 178 20.44 -29.58 15.59
C ASN F 178 19.30 -30.58 15.44
N ASP F 179 18.28 -30.25 14.67
CA ASP F 179 17.13 -31.14 14.56
C ASP F 179 17.54 -32.43 13.87
N PRO F 180 17.06 -33.57 14.36
CA PRO F 180 17.37 -34.84 13.71
C PRO F 180 16.58 -34.99 12.42
N LEU F 181 16.97 -35.97 11.62
CA LEU F 181 16.35 -36.21 10.33
C LEU F 181 15.34 -37.35 10.44
N TYR F 182 14.07 -37.04 10.20
CA TYR F 182 13.04 -38.06 10.18
C TYR F 182 12.98 -38.68 8.79
N ILE F 183 12.81 -39.99 8.74
CA ILE F 183 12.69 -40.72 7.48
C ILE F 183 11.44 -41.58 7.58
N ILE F 184 10.37 -41.15 6.92
CA ILE F 184 9.11 -41.88 6.91
C ILE F 184 9.03 -42.64 5.60
N ASP F 185 9.06 -43.97 5.68
CA ASP F 185 8.95 -44.83 4.51
C ASP F 185 10.00 -44.49 3.45
N GLY F 186 11.20 -44.16 3.91
CA GLY F 186 12.31 -43.91 3.02
C GLY F 186 12.44 -42.50 2.52
N VAL F 187 11.53 -41.60 2.88
CA VAL F 187 11.55 -40.22 2.40
C VAL F 187 12.01 -39.33 3.55
N PRO F 188 13.17 -38.68 3.44
CA PRO F 188 13.65 -37.86 4.54
C PRO F 188 12.90 -36.55 4.66
N THR F 189 12.77 -36.07 5.89
CA THR F 189 12.14 -34.79 6.15
C THR F 189 12.55 -34.29 7.52
N LYS F 190 12.55 -32.98 7.67
CA LYS F 190 12.84 -32.35 8.96
C LYS F 190 11.63 -31.70 9.58
N ALA F 191 10.47 -31.76 8.92
CA ALA F 191 9.26 -31.18 9.48
C ALA F 191 8.82 -31.98 10.70
N GLY F 192 8.21 -31.27 11.65
CA GLY F 192 7.76 -31.92 12.86
C GLY F 192 6.69 -32.96 12.60
N MET F 193 6.66 -33.98 13.45
CA MET F 193 5.72 -35.07 13.27
C MET F 193 4.34 -34.79 13.84
N HIS F 194 4.18 -33.66 14.55
CA HIS F 194 2.89 -33.35 15.14
C HIS F 194 1.81 -33.14 14.10
N GLU F 195 2.19 -32.86 12.86
CA GLU F 195 1.25 -32.70 11.77
C GLU F 195 1.02 -34.00 11.01
N LEU F 196 1.61 -35.10 11.45
CA LEU F 196 1.41 -36.41 10.84
C LEU F 196 0.76 -37.36 11.84
N ASN F 197 -0.10 -38.23 11.34
CA ASN F 197 -0.78 -39.20 12.18
C ASN F 197 0.24 -40.16 12.78
N GLY F 198 0.18 -40.34 14.09
CA GLY F 198 1.14 -41.19 14.76
C GLY F 198 0.60 -42.55 15.11
N ASN F 199 -0.69 -42.75 14.89
CA ASN F 199 -1.32 -44.01 15.25
C ASN F 199 -1.20 -45.06 14.15
N ASP F 200 -0.52 -44.75 13.06
CA ASP F 200 -0.26 -45.69 11.99
C ASP F 200 1.23 -45.91 11.82
N ILE F 201 1.95 -46.04 12.94
CA ILE F 201 3.38 -46.28 12.95
C ILE F 201 3.62 -47.73 13.33
N GLU F 202 4.37 -48.45 12.50
CA GLU F 202 4.63 -49.86 12.77
C GLU F 202 5.95 -50.05 13.52
N SER F 203 6.99 -49.29 13.18
CA SER F 203 8.26 -49.44 13.86
C SER F 203 8.99 -48.11 13.90
N ILE F 204 9.74 -47.89 14.97
CA ILE F 204 10.56 -46.70 15.12
C ILE F 204 11.96 -47.13 15.51
N GLN F 205 12.96 -46.67 14.75
CA GLN F 205 14.35 -46.96 15.05
C GLN F 205 15.13 -45.66 15.05
N VAL F 206 15.86 -45.41 16.13
CA VAL F 206 16.70 -44.23 16.24
C VAL F 206 18.14 -44.64 15.98
N LEU F 207 18.71 -44.10 14.90
CA LEU F 207 20.10 -44.33 14.53
C LEU F 207 20.90 -43.14 15.04
N LYS F 208 21.74 -43.38 16.04
CA LYS F 208 22.49 -42.30 16.67
C LYS F 208 23.97 -42.29 16.32
N ASP F 209 24.44 -43.29 15.58
CA ASP F 209 25.85 -43.38 15.21
C ASP F 209 26.05 -42.86 13.79
N ALA F 210 27.18 -42.20 13.57
CA ALA F 210 27.48 -41.69 12.24
C ALA F 210 27.63 -42.84 11.24
N ALA F 211 28.30 -43.91 11.64
CA ALA F 211 28.50 -45.04 10.74
C ALA F 211 27.18 -45.67 10.32
N SER F 212 26.27 -45.86 11.28
CA SER F 212 25.01 -46.50 10.99
C SER F 212 24.05 -45.57 10.24
N ALA F 213 24.02 -44.29 10.59
CA ALA F 213 23.05 -43.36 10.05
C ALA F 213 23.52 -42.64 8.81
N SER F 214 24.79 -42.78 8.42
CA SER F 214 25.28 -42.05 7.27
C SER F 214 24.60 -42.48 5.99
N ILE F 215 24.27 -43.78 5.87
CA ILE F 215 23.71 -44.28 4.63
C ILE F 215 22.32 -43.74 4.35
N TYR F 216 21.66 -43.17 5.34
CA TYR F 216 20.27 -42.73 5.17
C TYR F 216 20.14 -41.28 4.74
N GLY F 217 21.24 -40.58 4.52
CA GLY F 217 21.15 -39.23 3.99
C GLY F 217 22.38 -38.42 4.35
N SER F 218 22.49 -37.29 3.68
CA SER F 218 23.57 -36.34 3.93
C SER F 218 23.24 -35.36 5.04
N ARG F 219 22.03 -35.41 5.58
CA ARG F 219 21.62 -34.59 6.71
C ARG F 219 21.50 -35.41 7.98
N ALA F 220 22.34 -36.44 8.12
CA ALA F 220 22.27 -37.35 9.24
C ALA F 220 23.23 -36.99 10.35
N ALA F 221 23.77 -35.77 10.34
CA ALA F 221 24.78 -35.40 11.33
C ALA F 221 24.20 -35.42 12.74
N ASN F 222 22.91 -35.11 12.89
CA ASN F 222 22.29 -35.01 14.19
C ASN F 222 21.49 -36.25 14.56
N GLY F 223 21.61 -37.32 13.81
CA GLY F 223 20.86 -38.51 14.11
C GLY F 223 19.66 -38.68 13.21
N VAL F 224 19.24 -39.93 13.02
CA VAL F 224 18.18 -40.28 12.10
C VAL F 224 17.09 -41.03 12.87
N ILE F 225 15.84 -40.72 12.58
CA ILE F 225 14.71 -41.43 13.15
C ILE F 225 13.94 -42.08 12.01
N ILE F 226 14.05 -43.39 11.89
CA ILE F 226 13.40 -44.15 10.83
C ILE F 226 12.04 -44.60 11.33
N ILE F 227 10.99 -44.21 10.63
CA ILE F 227 9.62 -44.52 11.01
C ILE F 227 9.01 -45.35 9.88
N THR F 228 8.59 -46.57 10.21
CA THR F 228 7.95 -47.45 9.25
C THR F 228 6.48 -47.54 9.60
N THR F 229 5.62 -47.15 8.66
CA THR F 229 4.19 -47.15 8.87
C THR F 229 3.63 -48.55 8.73
N LYS F 230 2.40 -48.73 9.20
CA LYS F 230 1.76 -50.04 9.17
C LYS F 230 1.54 -50.48 7.73
N GLN F 231 1.62 -51.78 7.51
CA GLN F 231 1.39 -52.37 6.20
C GLN F 231 0.52 -53.60 6.34
N GLY F 232 -0.16 -53.95 5.26
CA GLY F 232 -1.01 -55.11 5.26
C GLY F 232 -0.26 -56.40 5.51
N LYS F 233 -0.54 -57.04 6.64
CA LYS F 233 0.09 -58.33 6.95
C LYS F 233 -0.39 -59.38 5.97
N LYS F 234 0.55 -60.18 5.48
CA LYS F 234 0.26 -61.11 4.39
C LYS F 234 -0.81 -62.13 4.79
N GLY F 235 -1.76 -62.33 3.89
CA GLY F 235 -2.74 -63.39 4.06
C GLY F 235 -3.82 -63.13 5.07
N GLN F 236 -4.04 -61.87 5.47
CA GLN F 236 -5.08 -61.60 6.46
C GLN F 236 -5.58 -60.18 6.33
N ILE F 237 -6.77 -59.94 6.87
CA ILE F 237 -7.42 -58.64 6.84
C ILE F 237 -7.86 -58.29 8.25
N LYS F 238 -7.55 -57.08 8.70
CA LYS F 238 -7.90 -56.65 10.04
C LYS F 238 -8.39 -55.22 10.00
N ILE F 239 -9.16 -54.85 11.01
CA ILE F 239 -9.65 -53.49 11.19
C ILE F 239 -9.58 -53.13 12.67
N ASN F 240 -9.14 -51.91 12.95
CA ASN F 240 -9.03 -51.42 14.31
C ASN F 240 -9.68 -50.05 14.41
N PHE F 241 -10.45 -49.85 15.46
CA PHE F 241 -11.08 -48.57 15.76
C PHE F 241 -10.72 -48.19 17.18
N ASP F 242 -10.07 -47.04 17.34
CA ASP F 242 -9.63 -46.55 18.64
C ASP F 242 -10.31 -45.22 18.93
N ALA F 243 -10.88 -45.09 20.12
CA ALA F 243 -11.49 -43.84 20.54
C ALA F 243 -10.92 -43.44 21.89
N SER F 244 -10.83 -42.13 22.13
CA SER F 244 -10.20 -41.64 23.34
C SER F 244 -10.74 -40.26 23.66
N VAL F 245 -11.15 -40.04 24.90
CA VAL F 245 -11.62 -38.75 25.36
C VAL F 245 -10.91 -38.42 26.66
N SER F 246 -10.33 -37.23 26.74
CA SER F 246 -9.51 -36.85 27.88
C SER F 246 -9.83 -35.44 28.32
N ALA F 247 -9.57 -35.17 29.59
CA ALA F 247 -9.67 -33.84 30.17
C ALA F 247 -8.29 -33.43 30.65
N SER F 248 -7.86 -32.24 30.28
CA SER F 248 -6.56 -31.71 30.66
C SER F 248 -6.78 -30.56 31.64
N MET F 249 -6.14 -30.65 32.80
CA MET F 249 -6.29 -29.66 33.86
C MET F 249 -4.96 -28.98 34.13
N TYR F 250 -5.05 -27.72 34.54
CA TYR F 250 -3.88 -26.88 34.76
C TYR F 250 -3.44 -27.03 36.21
N GLN F 251 -2.29 -27.64 36.43
CA GLN F 251 -1.81 -27.94 37.77
C GLN F 251 -0.76 -26.97 38.28
N SER F 252 0.16 -26.52 37.44
CA SER F 252 1.24 -25.63 37.87
C SER F 252 0.74 -24.19 37.86
N LYS F 253 -0.19 -23.92 38.76
CA LYS F 253 -0.78 -22.59 38.88
C LYS F 253 0.12 -21.73 39.75
N MET F 254 0.79 -20.76 39.13
CA MET F 254 1.67 -19.87 39.88
C MET F 254 0.87 -19.08 40.90
N ASN F 255 1.39 -19.01 42.12
CA ASN F 255 0.69 -18.32 43.21
C ASN F 255 1.10 -16.86 43.21
N VAL F 256 0.20 -16.00 42.74
CA VAL F 256 0.44 -14.56 42.72
C VAL F 256 -0.34 -13.92 43.85
N LEU F 257 0.08 -12.71 44.21
CA LEU F 257 -0.52 -12.00 45.33
C LEU F 257 -1.96 -11.62 45.02
N ASN F 258 -2.84 -11.78 46.00
CA ASN F 258 -4.19 -11.24 45.88
C ASN F 258 -4.16 -9.76 46.22
N THR F 259 -5.32 -9.14 46.37
CA THR F 259 -5.35 -7.71 46.61
C THR F 259 -4.76 -7.36 47.97
N GLU F 260 -5.19 -8.07 49.02
CA GLU F 260 -4.67 -7.77 50.35
C GLU F 260 -3.18 -8.05 50.44
N GLN F 261 -2.74 -9.18 49.89
CA GLN F 261 -1.32 -9.50 49.92
C GLN F 261 -0.51 -8.48 49.14
N TYR F 262 -1.05 -8.02 48.01
CA TYR F 262 -0.36 -7.01 47.23
C TYR F 262 -0.21 -5.72 48.01
N GLY F 263 -1.28 -5.30 48.68
CA GLY F 263 -1.18 -4.10 49.51
C GLY F 263 -0.17 -4.26 50.63
N ARG F 264 -0.17 -5.41 51.28
CA ARG F 264 0.78 -5.66 52.35
C ARG F 264 2.22 -5.62 51.84
N ALA F 265 2.46 -6.23 50.68
CA ALA F 265 3.81 -6.23 50.14
C ALA F 265 4.25 -4.81 49.79
N MET F 266 3.37 -4.03 49.18
CA MET F 266 3.76 -2.66 48.84
C MET F 266 4.03 -1.84 50.09
N TRP F 267 3.22 -2.02 51.13
CA TRP F 267 3.46 -1.32 52.37
C TRP F 267 4.81 -1.72 52.96
N GLN F 268 5.13 -3.00 52.92
CA GLN F 268 6.41 -3.46 53.45
C GLN F 268 7.56 -2.83 52.68
N ALA F 269 7.44 -2.77 51.36
CA ALA F 269 8.50 -2.14 50.56
C ALA F 269 8.67 -0.68 50.93
N TYR F 270 7.56 0.04 51.08
CA TYR F 270 7.64 1.46 51.42
C TYR F 270 8.30 1.68 52.77
N VAL F 271 7.89 0.90 53.78
CA VAL F 271 8.46 1.13 55.10
C VAL F 271 9.92 0.69 55.15
N ASN F 272 10.28 -0.36 54.42
CA ASN F 272 11.69 -0.75 54.37
C ASN F 272 12.53 0.34 53.73
N ASP F 273 12.02 0.96 52.66
CA ASP F 273 12.74 2.08 52.07
C ASP F 273 12.69 3.33 52.92
N GLY F 274 11.81 3.38 53.92
CA GLY F 274 11.69 4.55 54.76
C GLY F 274 10.79 5.64 54.22
N GLU F 275 10.06 5.37 53.15
CA GLU F 275 9.13 6.32 52.57
C GLU F 275 7.74 6.11 53.17
N ASN F 276 6.88 7.10 52.96
CA ASN F 276 5.53 7.04 53.52
C ASN F 276 4.67 6.11 52.69
N PRO F 277 4.19 4.99 53.24
CA PRO F 277 3.37 4.07 52.45
C PRO F 277 2.09 4.70 51.93
N ASN F 278 1.50 5.63 52.67
CA ASN F 278 0.29 6.29 52.21
C ASN F 278 0.54 7.12 50.96
N GLY F 279 1.79 7.37 50.60
CA GLY F 279 2.07 8.01 49.35
C GLY F 279 2.07 7.10 48.15
N ASN F 280 1.59 5.86 48.31
CA ASN F 280 1.59 4.92 47.21
C ASN F 280 0.77 5.41 46.03
N ALA F 281 -0.29 6.18 46.30
CA ALA F 281 -1.13 6.76 45.25
C ALA F 281 -1.75 5.71 44.34
N LEU F 282 -1.99 4.51 44.89
CA LEU F 282 -2.73 3.48 44.19
C LEU F 282 -4.07 3.21 44.84
N GLY F 283 -4.53 4.11 45.70
CA GLY F 283 -5.80 3.93 46.36
C GLY F 283 -5.75 3.13 47.64
N TYR F 284 -4.57 2.75 48.11
CA TYR F 284 -4.44 2.06 49.39
C TYR F 284 -4.28 3.07 50.50
N ALA F 285 -4.94 2.82 51.62
CA ALA F 285 -4.79 3.60 52.83
C ALA F 285 -4.45 2.66 53.96
N TYR F 286 -3.27 2.84 54.54
CA TYR F 286 -2.72 1.90 55.52
C TYR F 286 -2.85 2.48 56.91
N ASN F 287 -3.35 1.68 57.83
CA ASN F 287 -3.26 1.95 59.26
C ASN F 287 -2.13 1.08 59.81
N TRP F 288 -1.09 1.72 60.30
CA TRP F 288 0.12 1.01 60.69
C TRP F 288 0.80 1.77 61.82
N GLY F 289 1.65 1.06 62.55
CA GLY F 289 2.38 1.62 63.67
C GLY F 289 3.70 0.92 63.86
N TYR F 290 4.20 0.93 65.09
CA TYR F 290 5.47 0.30 65.42
C TYR F 290 5.28 -0.65 66.59
N ASN F 291 6.16 -1.64 66.68
CA ASN F 291 6.17 -2.53 67.84
C ASN F 291 7.15 -1.96 68.87
N ALA F 292 7.46 -2.76 69.90
CA ALA F 292 8.36 -2.28 70.95
C ALA F 292 9.74 -2.01 70.41
N ASP F 293 10.24 -2.86 69.51
CA ASP F 293 11.59 -2.70 68.98
C ASP F 293 11.70 -1.59 67.96
N GLY F 294 10.59 -0.98 67.55
CA GLY F 294 10.62 0.04 66.53
C GLY F 294 10.42 -0.47 65.12
N ASN F 295 10.16 -1.74 64.94
CA ASN F 295 9.90 -2.28 63.61
C ASN F 295 8.47 -1.97 63.19
N PRO F 296 8.27 -1.48 61.97
CA PRO F 296 6.91 -1.18 61.52
C PRO F 296 6.03 -2.43 61.48
N VAL F 297 4.76 -2.24 61.82
CA VAL F 297 3.74 -3.28 61.74
C VAL F 297 2.50 -2.69 61.10
N LEU F 298 1.76 -3.52 60.36
CA LEU F 298 0.59 -3.09 59.61
C LEU F 298 -0.66 -3.60 60.30
N TYR F 299 -1.43 -2.69 60.91
CA TYR F 299 -2.67 -3.09 61.55
C TYR F 299 -3.75 -3.43 60.51
N GLY F 300 -3.86 -2.62 59.46
CA GLY F 300 -4.87 -2.91 58.46
C GLY F 300 -4.77 -2.00 57.26
N MET F 301 -5.60 -2.27 56.26
CA MET F 301 -5.61 -1.49 55.05
C MET F 301 -7.04 -1.32 54.55
N THR F 302 -7.25 -0.25 53.79
CA THR F 302 -8.52 0.02 53.13
C THR F 302 -8.22 0.49 51.73
N LEU F 303 -9.21 0.40 50.85
CA LEU F 303 -9.01 0.71 49.45
C LEU F 303 -10.06 1.69 48.95
N SER F 304 -9.66 2.49 47.97
CA SER F 304 -10.62 3.32 47.24
C SER F 304 -11.38 2.44 46.28
N LYS F 305 -12.71 2.58 46.26
CA LYS F 305 -13.54 1.64 45.52
C LYS F 305 -13.24 1.69 44.03
N TYR F 306 -13.04 2.87 43.48
CA TYR F 306 -12.79 3.04 42.06
C TYR F 306 -11.34 3.47 41.83
N LEU F 307 -10.65 2.74 40.95
CA LEU F 307 -9.25 3.02 40.68
C LEU F 307 -9.04 4.31 39.91
N ASP F 308 -10.07 4.87 39.30
CA ASP F 308 -9.95 6.07 38.50
C ASP F 308 -10.98 7.11 38.96
N SER F 309 -10.68 8.37 38.68
CA SER F 309 -11.58 9.45 39.06
C SER F 309 -12.89 9.42 38.28
N LYS F 310 -12.94 8.71 37.16
CA LYS F 310 -14.15 8.63 36.36
C LYS F 310 -15.10 7.53 36.82
N ASN F 311 -14.75 6.82 37.88
CA ASN F 311 -15.61 5.77 38.44
C ASN F 311 -15.96 4.71 37.41
N THR F 312 -14.97 4.32 36.60
CA THR F 312 -15.18 3.33 35.56
C THR F 312 -14.55 1.98 35.87
N MET F 313 -13.61 1.92 36.80
CA MET F 313 -12.83 0.71 37.06
C MET F 313 -12.95 0.38 38.54
N PRO F 314 -14.02 -0.30 38.95
CA PRO F 314 -14.15 -0.70 40.35
C PRO F 314 -13.01 -1.63 40.76
N VAL F 315 -12.54 -1.46 41.99
CA VAL F 315 -11.50 -2.34 42.49
C VAL F 315 -12.09 -3.72 42.74
N ALA F 316 -11.32 -4.76 42.43
CA ALA F 316 -11.81 -6.11 42.58
C ALA F 316 -10.65 -7.05 42.80
N ASP F 317 -10.96 -8.23 43.35
CA ASP F 317 -9.97 -9.28 43.58
C ASP F 317 -10.09 -10.28 42.44
N THR F 318 -9.14 -10.27 41.51
CA THR F 318 -9.23 -11.05 40.29
C THR F 318 -8.13 -12.10 40.27
N ASP F 319 -8.53 -13.34 40.00
CA ASP F 319 -7.58 -14.44 39.79
C ASP F 319 -7.34 -14.54 38.29
N TRP F 320 -6.25 -13.93 37.83
CA TRP F 320 -6.00 -13.87 36.40
C TRP F 320 -5.69 -15.23 35.80
N PHE F 321 -4.93 -16.06 36.51
CA PHE F 321 -4.61 -17.37 35.99
C PHE F 321 -5.86 -18.23 35.85
N ASP F 322 -6.72 -18.21 36.86
CA ASP F 322 -7.98 -18.90 36.75
C ASP F 322 -8.84 -18.32 35.65
N GLU F 323 -8.77 -17.02 35.43
CA GLU F 323 -9.62 -16.39 34.43
C GLU F 323 -9.19 -16.77 33.02
N ILE F 324 -7.88 -16.86 32.78
CA ILE F 324 -7.42 -17.21 31.44
C ILE F 324 -7.31 -18.72 31.21
N THR F 325 -7.32 -19.52 32.27
CA THR F 325 -7.21 -20.96 32.13
C THR F 325 -8.60 -21.61 32.14
N ARG F 326 -8.64 -22.85 31.67
CA ARG F 326 -9.88 -23.61 31.63
C ARG F 326 -9.52 -25.09 31.76
N THR F 327 -10.52 -25.95 31.60
CA THR F 327 -10.33 -27.40 31.58
C THR F 327 -10.45 -27.85 30.13
N GLY F 328 -9.33 -28.22 29.53
CA GLY F 328 -9.34 -28.58 28.13
C GLY F 328 -9.86 -29.97 27.88
N VAL F 329 -10.30 -30.21 26.64
CA VAL F 329 -10.84 -31.49 26.22
C VAL F 329 -10.03 -31.99 25.04
N ILE F 330 -9.70 -33.28 25.06
CA ILE F 330 -8.96 -33.93 24.00
C ILE F 330 -9.81 -35.06 23.45
N GLN F 331 -9.97 -35.10 22.14
CA GLN F 331 -10.72 -36.13 21.45
C GLN F 331 -9.83 -36.78 20.41
N GLN F 332 -9.88 -38.11 20.33
CA GLN F 332 -9.06 -38.81 19.35
C GLN F 332 -9.84 -40.01 18.82
N TYR F 333 -9.92 -40.12 17.51
CA TYR F 333 -10.62 -41.23 16.88
C TYR F 333 -9.82 -41.72 15.69
N ASN F 334 -9.43 -42.98 15.71
CA ASN F 334 -8.63 -43.58 14.65
C ASN F 334 -9.35 -44.80 14.10
N LEU F 335 -9.27 -44.99 12.79
CA LEU F 335 -9.93 -46.11 12.12
C LEU F 335 -8.99 -46.61 11.04
N SER F 336 -8.36 -47.76 11.25
CA SER F 336 -7.42 -48.31 10.30
C SER F 336 -7.90 -49.67 9.83
N VAL F 337 -7.64 -49.99 8.57
CA VAL F 337 -7.99 -51.27 8.00
C VAL F 337 -6.85 -51.73 7.10
N SER F 338 -6.31 -52.90 7.37
CA SER F 338 -5.19 -53.45 6.62
C SER F 338 -5.62 -54.76 5.97
N ASN F 339 -5.02 -55.07 4.84
CA ASN F 339 -5.44 -56.23 4.06
C ASN F 339 -4.25 -56.70 3.24
N GLY F 340 -3.71 -57.87 3.55
CA GLY F 340 -2.44 -58.29 2.96
C GLY F 340 -2.46 -59.70 2.40
N SER F 341 -1.76 -59.85 1.29
CA SER F 341 -1.53 -61.14 0.62
C SER F 341 -0.29 -61.02 -0.25
N GLU F 342 0.25 -62.17 -0.65
CA GLU F 342 1.33 -62.17 -1.64
C GLU F 342 0.85 -61.62 -2.96
N LYS F 343 -0.45 -61.72 -3.22
CA LYS F 343 -1.08 -61.07 -4.36
C LYS F 343 -0.92 -59.56 -4.32
N GLY F 344 -0.64 -58.99 -3.15
CA GLY F 344 -0.48 -57.56 -2.97
C GLY F 344 -1.10 -57.20 -1.65
N SER F 345 -0.70 -56.06 -1.10
CA SER F 345 -1.18 -55.63 0.21
C SER F 345 -1.55 -54.16 0.18
N SER F 346 -2.40 -53.77 1.14
CA SER F 346 -2.85 -52.39 1.25
C SER F 346 -3.25 -52.07 2.68
N PHE F 347 -3.31 -50.78 2.97
CA PHE F 347 -3.59 -50.29 4.31
C PHE F 347 -4.19 -48.89 4.21
N PHE F 348 -5.34 -48.68 4.83
CA PHE F 348 -6.07 -47.43 4.78
C PHE F 348 -6.40 -46.96 6.19
N SER F 349 -6.02 -45.73 6.52
CA SER F 349 -6.19 -45.22 7.87
C SER F 349 -6.82 -43.84 7.84
N LEU F 350 -7.76 -43.62 8.75
CA LEU F 350 -8.35 -42.30 9.00
C LEU F 350 -8.11 -41.93 10.45
N GLY F 351 -7.90 -40.64 10.69
CA GLY F 351 -7.63 -40.20 12.03
C GLY F 351 -8.10 -38.79 12.30
N TYR F 352 -8.61 -38.54 13.50
CA TYR F 352 -9.05 -37.22 13.89
C TYR F 352 -8.57 -36.96 15.30
N TYR F 353 -7.93 -35.81 15.51
CA TYR F 353 -7.44 -35.41 16.81
C TYR F 353 -7.85 -33.99 17.08
N LYS F 354 -8.28 -33.70 18.31
CA LYS F 354 -8.64 -32.34 18.66
C LYS F 354 -8.24 -32.10 20.10
N ASN F 355 -7.67 -30.94 20.37
CA ASN F 355 -7.15 -30.60 21.68
C ASN F 355 -7.49 -29.15 21.98
N LEU F 356 -8.23 -28.92 23.06
CA LEU F 356 -8.44 -27.58 23.57
C LEU F 356 -7.45 -27.34 24.70
N GLY F 357 -6.59 -26.34 24.52
CA GLY F 357 -5.58 -26.08 25.50
C GLY F 357 -6.15 -25.56 26.80
N VAL F 358 -5.36 -25.67 27.87
CA VAL F 358 -5.80 -25.15 29.16
C VAL F 358 -5.97 -23.65 29.09
N ILE F 359 -5.15 -22.96 28.30
CA ILE F 359 -5.33 -21.54 28.06
C ILE F 359 -6.50 -21.35 27.11
N LYS F 360 -7.41 -20.44 27.46
CA LYS F 360 -8.63 -20.27 26.69
C LYS F 360 -8.31 -19.79 25.28
N ASP F 361 -9.18 -20.18 24.34
CA ASP F 361 -9.13 -19.70 22.96
C ASP F 361 -7.84 -20.10 22.25
N THR F 362 -7.24 -21.20 22.68
CA THR F 362 -6.12 -21.81 21.98
C THR F 362 -6.44 -23.28 21.78
N ASP F 363 -6.28 -23.77 20.55
CA ASP F 363 -6.67 -25.16 20.28
C ASP F 363 -5.95 -25.65 19.03
N PHE F 364 -6.07 -26.95 18.80
CA PHE F 364 -5.37 -27.58 17.69
C PHE F 364 -6.13 -28.84 17.29
N ASP F 365 -6.53 -28.94 16.04
CA ASP F 365 -7.16 -30.16 15.55
C ASP F 365 -6.51 -30.58 14.24
N ARG F 366 -6.62 -31.88 13.95
CA ARG F 366 -5.93 -32.48 12.83
C ARG F 366 -6.76 -33.62 12.26
N PHE F 367 -6.99 -33.58 10.95
CA PHE F 367 -7.52 -34.70 10.19
C PHE F 367 -6.38 -35.36 9.46
N SER F 368 -6.42 -36.69 9.35
CA SER F 368 -5.35 -37.41 8.69
C SER F 368 -5.92 -38.59 7.93
N ALA F 369 -5.33 -38.86 6.77
CA ALA F 369 -5.72 -40.01 5.95
C ALA F 369 -4.46 -40.61 5.33
N ARG F 370 -4.23 -41.89 5.57
CA ARG F 370 -3.04 -42.57 5.06
C ARG F 370 -3.45 -43.74 4.19
N MET F 371 -2.73 -43.92 3.09
CA MET F 371 -3.03 -44.93 2.08
C MET F 371 -1.71 -45.54 1.64
N ASN F 372 -1.44 -46.77 2.07
CA ASN F 372 -0.25 -47.48 1.64
C ASN F 372 -0.68 -48.71 0.84
N SER F 373 0.13 -49.08 -0.13
CA SER F 373 -0.17 -50.28 -0.90
C SER F 373 1.10 -50.76 -1.59
N ASP F 374 1.10 -52.03 -1.98
CA ASP F 374 2.17 -52.56 -2.80
C ASP F 374 1.65 -53.76 -3.58
N TYR F 375 2.22 -53.95 -4.76
CA TYR F 375 1.81 -54.99 -5.70
C TYR F 375 3.04 -55.71 -6.20
N LYS F 376 2.98 -57.03 -6.21
CA LYS F 376 4.06 -57.88 -6.70
C LYS F 376 3.58 -58.53 -7.98
N LEU F 377 4.24 -58.22 -9.09
CA LEU F 377 3.79 -58.67 -10.39
C LEU F 377 4.76 -59.70 -10.95
N ILE F 378 4.49 -60.11 -12.19
CA ILE F 378 5.20 -61.20 -12.85
C ILE F 378 5.14 -62.40 -11.92
N ASP F 379 6.27 -62.76 -11.33
CA ASP F 379 6.30 -63.71 -10.22
C ASP F 379 6.89 -63.09 -8.97
N ASP F 380 8.08 -62.50 -9.07
CA ASP F 380 8.66 -61.69 -8.00
C ASP F 380 9.30 -60.43 -8.54
N ILE F 381 9.30 -60.22 -9.85
CA ILE F 381 9.91 -59.04 -10.44
C ILE F 381 8.89 -57.91 -10.45
N LEU F 382 9.39 -56.67 -10.51
CA LEU F 382 8.55 -55.49 -10.68
C LEU F 382 7.54 -55.35 -9.54
N THR F 383 8.06 -55.10 -8.36
CA THR F 383 7.25 -54.78 -7.20
C THR F 383 7.02 -53.27 -7.15
N ILE F 384 5.77 -52.84 -7.29
CA ILE F 384 5.46 -51.41 -7.30
C ILE F 384 4.65 -51.09 -6.06
N GLY F 385 5.14 -50.15 -5.25
CA GLY F 385 4.46 -49.78 -4.04
C GLY F 385 4.39 -48.28 -3.88
N GLN F 386 3.53 -47.85 -2.97
CA GLN F 386 3.39 -46.44 -2.67
C GLN F 386 2.91 -46.25 -1.25
N HIS F 387 3.25 -45.10 -0.68
CA HIS F 387 2.75 -44.68 0.63
C HIS F 387 2.37 -43.21 0.52
N PHE F 388 1.12 -42.88 0.79
CA PHE F 388 0.69 -41.50 0.70
C PHE F 388 -0.08 -41.12 1.96
N THR F 389 0.02 -39.86 2.35
CA THR F 389 -0.75 -39.39 3.49
C THR F 389 -1.09 -37.92 3.33
N LEU F 390 -2.30 -37.57 3.72
CA LEU F 390 -2.84 -36.23 3.63
C LEU F 390 -3.29 -35.79 5.01
N ASN F 391 -2.81 -34.64 5.47
CA ASN F 391 -3.11 -34.15 6.80
C ASN F 391 -3.56 -32.70 6.73
N ARG F 392 -4.52 -32.35 7.58
CA ARG F 392 -5.07 -31.00 7.63
C ARG F 392 -5.15 -30.59 9.09
N THR F 393 -4.29 -29.67 9.50
CA THR F 393 -4.23 -29.23 10.89
C THR F 393 -4.63 -27.77 10.97
N SER F 394 -5.61 -27.47 11.83
CA SER F 394 -6.02 -26.11 12.10
C SER F 394 -5.66 -25.77 13.53
N GLU F 395 -5.10 -24.58 13.74
CA GLU F 395 -4.59 -24.25 15.07
C GLU F 395 -4.79 -22.77 15.38
N VAL F 396 -5.10 -22.50 16.64
CA VAL F 396 -5.03 -21.17 17.23
C VAL F 396 -4.04 -21.23 18.38
N GLN F 397 -3.00 -20.40 18.30
CA GLN F 397 -1.92 -20.40 19.27
C GLN F 397 -2.08 -19.25 20.26
N ALA F 398 -1.45 -19.42 21.42
CA ALA F 398 -1.47 -18.38 22.42
C ALA F 398 -0.57 -17.22 22.01
N PRO F 399 -0.95 -16.00 22.35
CA PRO F 399 -0.06 -14.86 22.07
C PRO F 399 1.21 -14.95 22.88
N GLY F 400 2.27 -14.33 22.36
CA GLY F 400 3.54 -14.34 23.04
C GLY F 400 3.47 -13.73 24.43
N GLY F 401 4.02 -14.45 25.42
CA GLY F 401 4.09 -13.93 26.76
C GLY F 401 2.76 -13.71 27.42
N ILE F 402 1.77 -14.55 27.13
CA ILE F 402 0.48 -14.42 27.79
C ILE F 402 0.60 -14.80 29.26
N ILE F 403 1.37 -15.83 29.57
CA ILE F 403 1.61 -16.19 30.96
C ILE F 403 2.35 -15.07 31.67
N GLU F 404 3.31 -14.46 30.98
CA GLU F 404 4.02 -13.32 31.55
C GLU F 404 3.07 -12.18 31.87
N THR F 405 2.16 -11.87 30.94
CA THR F 405 1.20 -10.81 31.17
C THR F 405 0.29 -11.12 32.35
N ALA F 406 -0.19 -12.37 32.43
CA ALA F 406 -1.06 -12.76 33.52
C ALA F 406 -0.35 -12.65 34.86
N LEU F 407 0.91 -13.05 34.90
CA LEU F 407 1.69 -12.89 36.14
C LEU F 407 1.87 -11.43 36.49
N ASP F 408 2.15 -10.58 35.50
CA ASP F 408 2.49 -9.19 35.79
C ASP F 408 1.28 -8.40 36.25
N ILE F 409 0.14 -8.56 35.60
CA ILE F 409 -0.97 -7.63 35.86
C ILE F 409 -1.46 -7.80 37.30
N PRO F 410 -1.64 -6.73 38.06
CA PRO F 410 -2.06 -6.86 39.46
C PRO F 410 -3.49 -7.36 39.56
N SER F 411 -3.79 -7.97 40.70
CA SER F 411 -5.09 -8.58 40.92
C SER F 411 -6.18 -7.58 41.22
N ALA F 412 -5.83 -6.32 41.46
CA ALA F 412 -6.85 -5.31 41.74
C ALA F 412 -7.62 -4.91 40.49
N ILE F 413 -7.07 -5.14 39.31
CA ILE F 413 -7.74 -4.71 38.08
C ILE F 413 -8.91 -5.64 37.80
N PRO F 414 -10.12 -5.13 37.64
CA PRO F 414 -11.25 -6.00 37.32
C PRO F 414 -11.16 -6.51 35.89
N VAL F 415 -11.77 -7.66 35.64
CA VAL F 415 -11.81 -8.19 34.29
C VAL F 415 -12.64 -7.27 33.39
N TYR F 416 -13.81 -6.86 33.87
CA TYR F 416 -14.71 -6.01 33.12
C TYR F 416 -14.85 -4.67 33.81
N ALA F 417 -14.97 -3.61 33.02
CA ALA F 417 -15.14 -2.28 33.55
C ALA F 417 -16.59 -2.09 33.99
N SER F 418 -16.95 -0.87 34.37
CA SER F 418 -18.31 -0.61 34.82
C SER F 418 -19.31 -0.77 33.69
N ASP F 419 -18.94 -0.35 32.48
CA ASP F 419 -19.86 -0.35 31.35
C ASP F 419 -19.85 -1.65 30.57
N GLY F 420 -19.11 -2.66 31.03
CA GLY F 420 -19.04 -3.94 30.36
C GLY F 420 -17.84 -4.13 29.46
N SER F 421 -17.12 -3.05 29.13
CA SER F 421 -15.92 -3.19 28.34
C SER F 421 -14.80 -3.80 29.19
N TRP F 422 -13.73 -4.22 28.52
CA TRP F 422 -12.65 -4.90 29.21
C TRP F 422 -11.98 -3.98 30.21
N GLY F 423 -11.72 -4.49 31.41
CA GLY F 423 -11.02 -3.72 32.41
C GLY F 423 -9.53 -3.65 32.14
N GLY F 424 -8.91 -2.56 32.58
CA GLY F 424 -7.52 -2.34 32.33
C GLY F 424 -6.92 -1.33 33.28
N PRO F 425 -5.61 -1.11 33.16
CA PRO F 425 -4.94 -0.16 34.05
C PRO F 425 -5.44 1.26 33.85
N VAL F 426 -5.67 1.94 34.97
CA VAL F 426 -6.05 3.35 34.97
C VAL F 426 -5.26 4.05 36.06
N GLY F 427 -5.12 5.36 35.91
CA GLY F 427 -4.39 6.13 36.91
C GLY F 427 -2.95 5.70 37.02
N GLY F 428 -2.47 5.51 38.25
CA GLY F 428 -1.10 5.15 38.49
C GLY F 428 -0.78 3.68 38.40
N TRP F 429 -1.74 2.87 38.00
CA TRP F 429 -1.52 1.44 37.92
C TRP F 429 -0.58 1.09 36.76
N PRO F 430 0.19 0.02 36.88
CA PRO F 430 1.15 -0.32 35.85
C PRO F 430 0.48 -0.68 34.53
N ASP F 431 1.17 -0.38 33.44
CA ASP F 431 0.61 -0.59 32.10
C ASP F 431 0.87 -2.03 31.67
N ARG F 432 -0.17 -2.86 31.77
CA ARG F 432 -0.14 -4.22 31.26
C ARG F 432 -1.51 -4.52 30.67
N ARG F 433 -1.54 -5.13 29.50
CA ARG F 433 -2.81 -5.39 28.85
C ARG F 433 -3.61 -6.45 29.61
N ASN F 434 -4.91 -6.41 29.40
CA ASN F 434 -5.78 -7.41 30.01
C ASN F 434 -5.55 -8.75 29.34
N PRO F 435 -5.07 -9.77 30.05
CA PRO F 435 -4.81 -11.05 29.38
C PRO F 435 -6.05 -11.70 28.81
N ARG F 436 -7.19 -11.57 29.49
CA ARG F 436 -8.43 -12.11 28.95
C ARG F 436 -8.81 -11.42 27.66
N ALA F 437 -8.65 -10.09 27.61
CA ALA F 437 -8.94 -9.37 26.38
C ALA F 437 -7.98 -9.77 25.27
N VAL F 438 -6.71 -9.99 25.61
CA VAL F 438 -5.74 -10.41 24.61
C VAL F 438 -6.15 -11.74 24.01
N LEU F 439 -6.54 -12.69 24.86
CA LEU F 439 -6.98 -13.99 24.36
C LEU F 439 -8.23 -13.85 23.51
N GLU F 440 -9.18 -13.01 23.94
CA GLU F 440 -10.42 -12.84 23.19
C GLU F 440 -10.14 -12.26 21.81
N TYR F 441 -9.23 -11.30 21.72
CA TYR F 441 -8.90 -10.73 20.42
C TYR F 441 -8.07 -11.68 19.58
N ASN F 442 -7.29 -12.55 20.22
CA ASN F 442 -6.45 -13.49 19.48
C ASN F 442 -7.21 -14.72 19.02
N LYS F 443 -8.41 -14.96 19.53
CA LYS F 443 -9.11 -16.21 19.24
C LYS F 443 -9.39 -16.42 17.76
N ASP F 444 -9.36 -15.37 16.94
CA ASP F 444 -9.65 -15.51 15.52
C ASP F 444 -8.41 -15.74 14.67
N ASN F 445 -7.21 -15.70 15.26
CA ASN F 445 -5.98 -15.89 14.49
C ASN F 445 -5.74 -17.39 14.30
N ARG F 446 -6.59 -17.98 13.47
CA ARG F 446 -6.56 -19.41 13.20
C ARG F 446 -5.86 -19.66 11.87
N TYR F 447 -4.94 -20.61 11.86
CA TYR F 447 -4.25 -20.97 10.63
C TYR F 447 -4.58 -22.41 10.25
N THR F 448 -4.58 -22.67 8.94
CA THR F 448 -4.82 -23.99 8.39
C THR F 448 -3.56 -24.46 7.68
N TYR F 449 -3.28 -25.76 7.76
CA TYR F 449 -2.02 -26.29 7.28
C TYR F 449 -2.27 -27.65 6.66
N TRP F 450 -2.01 -27.78 5.36
CA TRP F 450 -2.18 -29.03 4.62
C TRP F 450 -0.81 -29.63 4.35
N ARG F 451 -0.62 -30.86 4.80
CA ARG F 451 0.62 -31.60 4.62
C ARG F 451 0.35 -32.81 3.75
N MET F 452 1.27 -33.11 2.82
CA MET F 452 1.04 -34.07 1.75
C MET F 452 2.33 -34.86 1.60
N PHE F 453 2.40 -36.02 2.22
CA PHE F 453 3.63 -36.80 2.25
C PHE F 453 3.40 -38.07 1.47
N GLY F 454 3.97 -38.14 0.27
CA GLY F 454 3.78 -39.29 -0.58
C GLY F 454 5.10 -39.83 -1.08
N ASP F 455 5.06 -41.06 -1.55
CA ASP F 455 6.19 -41.65 -2.24
C ASP F 455 5.73 -42.87 -3.01
N ALA F 456 6.45 -43.16 -4.09
CA ALA F 456 6.18 -44.30 -4.93
C ALA F 456 7.50 -44.93 -5.32
N TYR F 457 7.62 -46.23 -5.12
CA TYR F 457 8.85 -46.94 -5.41
C TYR F 457 8.57 -48.12 -6.33
N VAL F 458 9.56 -48.44 -7.15
CA VAL F 458 9.53 -49.61 -8.02
C VAL F 458 10.80 -50.41 -7.80
N ASN F 459 10.65 -51.72 -7.61
CA ASN F 459 11.74 -52.62 -7.32
C ASN F 459 11.81 -53.68 -8.40
N LEU F 460 12.98 -53.84 -9.00
CA LEU F 460 13.20 -54.81 -10.08
C LEU F 460 14.20 -55.84 -9.59
N THR F 461 13.92 -57.11 -9.84
CA THR F 461 14.74 -58.22 -9.36
C THR F 461 15.07 -59.12 -10.54
N PRO F 462 16.06 -58.75 -11.35
CA PRO F 462 16.38 -59.56 -12.55
C PRO F 462 16.74 -60.99 -12.23
N PHE F 463 17.46 -61.25 -11.15
CA PHE F 463 17.82 -62.61 -10.77
C PHE F 463 17.91 -62.68 -9.25
N LYS F 464 18.52 -63.76 -8.76
CA LYS F 464 18.38 -64.12 -7.35
C LYS F 464 18.96 -63.07 -6.42
N GLY F 465 20.11 -62.49 -6.77
CA GLY F 465 20.78 -61.62 -5.83
C GLY F 465 20.67 -60.13 -6.07
N PHE F 466 20.14 -59.73 -7.22
CA PHE F 466 20.17 -58.34 -7.64
C PHE F 466 18.84 -57.65 -7.37
N ASN F 467 18.92 -56.37 -7.00
CA ASN F 467 17.74 -55.55 -6.78
C ASN F 467 18.02 -54.12 -7.24
N LEU F 468 17.07 -53.55 -7.95
CA LEU F 468 17.12 -52.16 -8.40
C LEU F 468 15.88 -51.46 -7.89
N ARG F 469 16.04 -50.61 -6.88
CA ARG F 469 14.91 -49.88 -6.30
C ARG F 469 15.04 -48.41 -6.67
N SER F 470 13.99 -47.87 -7.29
CA SER F 470 13.91 -46.46 -7.59
C SER F 470 12.70 -45.87 -6.89
N THR F 471 12.93 -44.82 -6.11
CA THR F 471 11.89 -44.22 -5.28
C THR F 471 11.76 -42.74 -5.61
N PHE F 472 10.53 -42.26 -5.68
CA PHE F 472 10.26 -40.83 -5.81
C PHE F 472 9.41 -40.40 -4.63
N GLY F 473 9.87 -39.37 -3.93
CA GLY F 473 9.18 -38.86 -2.76
C GLY F 473 8.72 -37.44 -2.98
N LEU F 474 7.61 -37.08 -2.33
CA LEU F 474 7.03 -35.76 -2.45
C LEU F 474 6.56 -35.32 -1.07
N ASP F 475 6.84 -34.06 -0.74
CA ASP F 475 6.42 -33.50 0.54
C ASP F 475 5.95 -32.09 0.25
N TYR F 476 4.64 -31.90 0.18
CA TYR F 476 4.05 -30.60 -0.12
C TYR F 476 3.29 -30.08 1.09
N ALA F 477 3.65 -28.90 1.56
CA ALA F 477 3.01 -28.29 2.70
C ALA F 477 2.50 -26.91 2.32
N ASN F 478 1.31 -26.58 2.80
CA ASN F 478 0.63 -25.34 2.43
C ASN F 478 -0.02 -24.76 3.67
N LYS F 479 0.43 -23.58 4.09
CA LYS F 479 -0.10 -22.93 5.29
C LYS F 479 -0.80 -21.64 4.90
N GLN F 480 -2.02 -21.46 5.39
CA GLN F 480 -2.82 -20.28 5.10
C GLN F 480 -3.36 -19.72 6.41
N ALA F 481 -3.10 -18.45 6.66
CA ALA F 481 -3.47 -17.81 7.91
C ALA F 481 -4.07 -16.45 7.63
N ARG F 482 -4.85 -15.96 8.59
CA ARG F 482 -5.46 -14.64 8.50
C ARG F 482 -5.44 -14.03 9.89
N TYR F 483 -4.50 -13.14 10.14
CA TYR F 483 -4.34 -12.51 11.45
C TYR F 483 -5.04 -11.17 11.49
N PHE F 484 -5.72 -10.89 12.60
CA PHE F 484 -6.47 -9.67 12.77
C PHE F 484 -5.86 -8.82 13.87
N THR F 485 -6.13 -7.52 13.80
CA THR F 485 -5.68 -6.56 14.82
C THR F 485 -6.88 -5.70 15.20
N TYR F 486 -7.67 -6.18 16.15
CA TYR F 486 -8.81 -5.41 16.59
C TYR F 486 -8.37 -4.21 17.42
N PRO F 487 -9.02 -3.07 17.28
CA PRO F 487 -8.74 -1.94 18.18
C PRO F 487 -9.12 -2.30 19.60
N TYR F 488 -8.26 -1.93 20.55
CA TYR F 488 -8.53 -2.19 21.95
C TYR F 488 -8.29 -0.91 22.75
N GLN F 489 -9.09 -0.74 23.80
CA GLN F 489 -8.96 0.39 24.71
C GLN F 489 -9.27 -0.16 26.11
N GLU F 490 -8.23 -0.57 26.80
CA GLU F 490 -8.34 -1.15 28.14
C GLU F 490 -7.74 -0.15 29.12
N GLY F 491 -8.59 0.70 29.68
CA GLY F 491 -8.08 1.72 30.57
C GLY F 491 -7.19 2.70 29.81
N THR F 492 -5.94 2.79 30.22
CA THR F 492 -4.98 3.63 29.53
C THR F 492 -4.21 2.87 28.46
N GLN F 493 -4.48 1.59 28.28
CA GLN F 493 -3.83 0.79 27.25
C GLN F 493 -4.69 0.83 25.98
N THR F 494 -4.10 1.31 24.89
CA THR F 494 -4.84 1.40 23.63
C THR F 494 -3.84 1.43 22.49
N ASN F 495 -4.33 1.12 21.30
CA ASN F 495 -3.54 1.20 20.07
C ASN F 495 -4.10 2.26 19.13
N ASN F 496 -4.72 3.29 19.69
CA ASN F 496 -5.24 4.43 18.94
C ASN F 496 -6.24 3.98 17.88
N GLY F 497 -7.07 3.01 18.22
CA GLY F 497 -8.10 2.54 17.32
C GLY F 497 -7.59 1.97 16.02
N LYS F 498 -6.49 1.23 16.07
CA LYS F 498 -5.93 0.62 14.88
C LYS F 498 -6.61 -0.69 14.58
N SER F 499 -7.07 -0.85 13.34
CA SER F 499 -7.66 -2.09 12.88
C SER F 499 -6.96 -2.51 11.60
N ALA F 500 -6.60 -3.79 11.50
CA ALA F 500 -5.83 -4.27 10.38
C ALA F 500 -6.09 -5.75 10.18
N VAL F 501 -5.72 -6.23 9.01
CA VAL F 501 -5.82 -7.65 8.67
C VAL F 501 -4.59 -8.07 7.89
N GLU F 502 -4.12 -9.28 8.18
CA GLU F 502 -3.02 -9.92 7.47
C GLU F 502 -3.54 -11.19 6.82
N ALA F 503 -3.25 -11.37 5.54
CA ALA F 503 -3.56 -12.59 4.83
C ALA F 503 -2.24 -13.19 4.36
N LYS F 504 -1.81 -14.25 5.01
CA LYS F 504 -0.49 -14.82 4.78
C LYS F 504 -0.60 -16.22 4.22
N GLN F 505 0.22 -16.54 3.22
CA GLN F 505 0.21 -17.83 2.56
C GLN F 505 1.64 -18.30 2.40
N GLU F 506 1.87 -19.59 2.67
CA GLU F 506 3.19 -20.17 2.56
C GLU F 506 3.12 -21.52 1.87
N HIS F 507 4.12 -21.84 1.07
CA HIS F 507 4.21 -23.10 0.34
C HIS F 507 5.58 -23.69 0.55
N TRP F 508 5.63 -24.98 0.86
CA TRP F 508 6.86 -25.74 0.92
C TRP F 508 6.71 -26.95 0.01
N THR F 509 7.70 -27.19 -0.85
CA THR F 509 7.63 -28.32 -1.78
C THR F 509 9.01 -28.95 -1.84
N LYS F 510 9.14 -30.15 -1.28
CA LYS F 510 10.37 -30.91 -1.33
C LYS F 510 10.13 -32.20 -2.06
N TRP F 511 10.93 -32.49 -3.07
CA TRP F 511 10.85 -33.77 -3.77
C TRP F 511 12.21 -34.42 -3.83
N MET F 512 12.21 -35.73 -3.65
CA MET F 512 13.42 -36.55 -3.63
C MET F 512 13.27 -37.71 -4.60
N TRP F 513 14.32 -37.95 -5.38
CA TRP F 513 14.39 -39.10 -6.26
C TRP F 513 15.59 -39.96 -5.88
N ASN F 514 15.36 -41.24 -5.69
CA ASN F 514 16.36 -42.16 -5.17
C ASN F 514 16.48 -43.35 -6.09
N ALA F 515 17.71 -43.85 -6.28
CA ALA F 515 17.97 -45.05 -7.06
C ALA F 515 18.95 -45.91 -6.30
N ILE F 516 18.66 -47.20 -6.20
CA ILE F 516 19.45 -48.14 -5.40
C ILE F 516 19.69 -49.40 -6.22
N ALA F 517 20.92 -49.90 -6.16
CA ALA F 517 21.28 -51.18 -6.76
C ALA F 517 21.94 -52.03 -5.70
N THR F 518 21.34 -53.16 -5.35
CA THR F 518 21.80 -54.00 -4.26
C THR F 518 22.07 -55.40 -4.77
N TYR F 519 23.18 -55.99 -4.31
CA TYR F 519 23.53 -57.36 -4.64
C TYR F 519 23.90 -58.10 -3.36
N GLN F 520 23.44 -59.35 -3.25
CA GLN F 520 23.73 -60.20 -2.11
C GLN F 520 24.37 -61.50 -2.58
N LEU F 521 25.18 -62.09 -1.71
CA LEU F 521 25.90 -63.31 -2.05
C LEU F 521 26.09 -64.13 -0.79
N GLU F 522 26.00 -65.45 -0.93
CA GLU F 522 26.01 -66.39 0.19
C GLU F 522 27.01 -67.52 -0.06
N VAL F 523 28.22 -67.15 -0.47
CA VAL F 523 29.24 -68.16 -0.78
C VAL F 523 29.71 -68.79 0.53
N GLY F 524 29.40 -70.06 0.71
CA GLY F 524 29.86 -70.77 1.89
C GLY F 524 29.37 -70.12 3.17
N LYS F 525 30.29 -69.91 4.10
CA LYS F 525 29.99 -69.18 5.32
C LYS F 525 30.14 -67.67 5.16
N HIS F 526 30.52 -67.21 3.98
CA HIS F 526 30.63 -65.78 3.70
C HIS F 526 29.30 -65.25 3.22
N ARG F 527 28.83 -64.18 3.83
CA ARG F 527 27.61 -63.50 3.40
C ARG F 527 27.96 -62.04 3.12
N GLY F 528 27.81 -61.63 1.87
CA GLY F 528 28.21 -60.28 1.52
C GLY F 528 27.19 -59.53 0.69
N ASP F 529 26.92 -58.29 1.06
CA ASP F 529 26.02 -57.44 0.29
C ASP F 529 26.72 -56.14 -0.08
N VAL F 530 26.36 -55.62 -1.25
CA VAL F 530 26.91 -54.38 -1.76
C VAL F 530 25.77 -53.57 -2.35
N MET F 531 25.69 -52.29 -1.99
CA MET F 531 24.62 -51.42 -2.47
C MET F 531 25.21 -50.10 -2.92
N ILE F 532 24.82 -49.67 -4.12
CA ILE F 532 25.23 -48.39 -4.70
C ILE F 532 24.00 -47.57 -4.96
N GLY F 533 24.00 -46.32 -4.51
CA GLY F 533 22.82 -45.49 -4.58
C GLY F 533 23.12 -44.08 -5.03
N MET F 534 22.13 -43.47 -5.69
CA MET F 534 22.16 -42.08 -6.11
C MET F 534 20.90 -41.40 -5.61
N GLU F 535 21.04 -40.22 -5.02
CA GLU F 535 19.89 -39.52 -4.45
C GLU F 535 19.92 -38.05 -4.82
N LEU F 536 18.77 -37.52 -5.20
CA LEU F 536 18.61 -36.11 -5.53
C LEU F 536 17.49 -35.55 -4.68
N ASN F 537 17.74 -34.40 -4.06
CA ASN F 537 16.73 -33.72 -3.27
C ASN F 537 16.62 -32.29 -3.75
N ARG F 538 15.39 -31.78 -3.82
CA ARG F 538 15.19 -30.38 -4.16
C ARG F 538 14.07 -29.83 -3.31
N GLU F 539 14.34 -28.73 -2.61
CA GLU F 539 13.37 -28.07 -1.77
C GLU F 539 13.16 -26.65 -2.26
N ASP F 540 11.90 -26.24 -2.39
CA ASP F 540 11.54 -24.89 -2.78
C ASP F 540 10.47 -24.39 -1.84
N ASP F 541 10.73 -23.25 -1.21
CA ASP F 541 9.81 -22.61 -0.29
C ASP F 541 9.46 -21.22 -0.82
N SER F 542 8.24 -20.79 -0.55
CA SER F 542 7.83 -19.44 -0.92
C SER F 542 6.75 -19.00 0.03
N HIS F 543 6.57 -17.69 0.13
CA HIS F 543 5.50 -17.17 0.95
C HIS F 543 5.20 -15.74 0.55
N PHE F 544 3.97 -15.32 0.79
CA PHE F 544 3.57 -13.95 0.52
C PHE F 544 2.38 -13.57 1.38
N SER F 545 2.27 -12.29 1.67
CA SER F 545 1.29 -11.78 2.61
C SER F 545 0.77 -10.44 2.13
N GLY F 546 -0.52 -10.21 2.39
CA GLY F 546 -1.13 -8.91 2.19
C GLY F 546 -1.56 -8.33 3.53
N TYR F 547 -1.53 -7.01 3.62
CA TYR F 547 -1.82 -6.33 4.87
C TYR F 547 -2.68 -5.11 4.57
N LYS F 548 -3.82 -5.01 5.26
CA LYS F 548 -4.77 -3.93 5.02
C LYS F 548 -5.18 -3.32 6.36
N GLU F 549 -5.73 -2.11 6.32
CA GLU F 549 -6.09 -1.38 7.54
C GLU F 549 -7.42 -0.66 7.36
N ASP F 550 -7.83 0.04 8.41
CA ASP F 550 -8.97 0.95 8.41
C ASP F 550 -10.28 0.23 8.07
N PHE F 551 -10.67 -0.66 8.98
CA PHE F 551 -11.93 -1.39 8.88
C PHE F 551 -12.98 -0.74 9.77
N SER F 552 -14.24 -1.09 9.49
CA SER F 552 -15.37 -0.47 10.18
C SER F 552 -16.14 -1.42 11.07
N ILE F 553 -16.61 -2.56 10.54
CA ILE F 553 -17.42 -3.47 11.34
C ILE F 553 -16.58 -4.19 12.38
N LEU F 554 -15.35 -4.57 12.02
CA LEU F 554 -14.41 -5.22 12.95
C LEU F 554 -14.91 -6.58 13.40
N THR F 555 -15.14 -7.45 12.43
CA THR F 555 -15.45 -8.85 12.68
C THR F 555 -14.77 -9.69 11.61
N PRO F 556 -14.42 -10.94 11.92
CA PRO F 556 -13.71 -11.76 10.93
C PRO F 556 -14.44 -11.92 9.62
N ASP F 557 -15.78 -11.94 9.65
CA ASP F 557 -16.52 -12.04 8.40
C ASP F 557 -16.32 -10.80 7.54
N TYR F 558 -16.32 -9.62 8.15
CA TYR F 558 -16.17 -8.40 7.37
C TYR F 558 -14.72 -8.09 7.05
N MET F 559 -13.80 -8.53 7.90
CA MET F 559 -12.39 -8.15 7.75
C MET F 559 -11.74 -8.90 6.61
N TRP F 560 -11.75 -8.32 5.42
CA TRP F 560 -11.01 -8.83 4.28
C TRP F 560 -10.31 -7.67 3.61
N PRO F 561 -9.20 -7.93 2.92
CA PRO F 561 -8.43 -6.82 2.33
C PRO F 561 -9.24 -5.97 1.37
N ASP F 562 -10.19 -6.55 0.64
CA ASP F 562 -11.08 -5.73 -0.17
C ASP F 562 -11.91 -4.79 0.68
N ALA F 563 -12.46 -5.29 1.79
CA ALA F 563 -13.27 -4.45 2.65
C ALA F 563 -12.45 -3.39 3.36
N GLY F 564 -11.14 -3.57 3.47
CA GLY F 564 -10.32 -2.55 4.08
C GLY F 564 -10.32 -1.26 3.30
N SER F 565 -10.09 -0.16 3.99
CA SER F 565 -10.10 1.17 3.37
C SER F 565 -8.94 2.01 3.89
N GLY F 566 -7.75 1.42 3.96
CA GLY F 566 -6.60 2.14 4.45
C GLY F 566 -5.31 1.76 3.75
N THR F 567 -4.18 1.99 4.41
CA THR F 567 -2.88 1.68 3.83
C THR F 567 -2.71 0.19 3.66
N ALA F 568 -2.09 -0.22 2.56
CA ALA F 568 -1.88 -1.62 2.24
C ALA F 568 -0.42 -1.92 2.05
N GLN F 569 -0.02 -3.13 2.40
CA GLN F 569 1.35 -3.59 2.25
C GLN F 569 1.36 -4.99 1.68
N ALA F 570 2.42 -5.32 0.96
CA ALA F 570 2.59 -6.64 0.38
C ALA F 570 3.99 -7.15 0.65
N TYR F 571 4.08 -8.35 1.23
CA TYR F 571 5.35 -8.99 1.52
C TYR F 571 5.46 -10.28 0.74
N GLY F 572 6.68 -10.70 0.44
CA GLY F 572 6.86 -11.93 -0.30
C GLY F 572 8.30 -12.34 -0.45
N ALA F 573 8.57 -13.63 -0.36
CA ALA F 573 9.92 -14.12 -0.50
C ALA F 573 9.90 -15.56 -0.97
N GLY F 574 11.04 -16.02 -1.47
CA GLY F 574 11.17 -17.39 -1.92
C GLY F 574 12.61 -17.83 -1.78
N GLU F 575 12.79 -19.15 -1.70
CA GLU F 575 14.11 -19.72 -1.52
C GLU F 575 14.06 -21.18 -1.88
N GLY F 576 15.22 -21.81 -1.87
CA GLY F 576 15.29 -23.24 -2.18
C GLY F 576 16.72 -23.69 -2.21
N TYR F 577 16.89 -25.01 -2.28
CA TYR F 577 18.21 -25.59 -2.37
C TYR F 577 18.10 -27.00 -2.94
N SER F 578 19.25 -27.55 -3.31
CA SER F 578 19.33 -28.86 -3.94
C SER F 578 20.47 -29.65 -3.33
N LEU F 579 20.32 -30.96 -3.29
CA LEU F 579 21.35 -31.87 -2.81
C LEU F 579 21.49 -33.02 -3.78
N VAL F 580 22.74 -33.44 -4.01
CA VAL F 580 23.05 -34.60 -4.82
C VAL F 580 23.95 -35.50 -3.99
N SER F 581 23.73 -36.81 -4.06
CA SER F 581 24.51 -37.72 -3.25
C SER F 581 24.73 -39.03 -3.98
N PHE F 582 25.94 -39.56 -3.88
CA PHE F 582 26.27 -40.89 -4.36
C PHE F 582 26.87 -41.67 -3.21
N PHE F 583 26.25 -42.79 -2.85
CA PHE F 583 26.69 -43.53 -1.68
C PHE F 583 26.90 -45.00 -2.02
N GLY F 584 27.77 -45.64 -1.25
CA GLY F 584 28.06 -47.05 -1.40
C GLY F 584 28.23 -47.73 -0.06
N LYS F 585 27.53 -48.84 0.15
CA LYS F 585 27.53 -49.55 1.42
C LYS F 585 27.85 -51.02 1.16
N MET F 586 28.87 -51.54 1.84
CA MET F 586 29.29 -52.92 1.71
C MET F 586 29.29 -53.58 3.08
N ASN F 587 28.59 -54.71 3.20
CA ASN F 587 28.53 -55.47 4.43
C ASN F 587 29.07 -56.87 4.18
N TYR F 588 29.92 -57.35 5.08
CA TYR F 588 30.49 -58.68 5.00
C TYR F 588 30.30 -59.39 6.33
N SER F 589 29.99 -60.68 6.27
CA SER F 589 29.76 -61.47 7.47
C SER F 589 30.43 -62.82 7.30
N TYR F 590 31.22 -63.21 8.29
CA TYR F 590 31.88 -64.49 8.30
C TYR F 590 31.34 -65.33 9.46
N ALA F 591 30.91 -66.55 9.14
CA ALA F 591 30.42 -67.52 10.11
C ALA F 591 29.29 -66.99 10.96
N ASP F 592 28.60 -65.95 10.48
CA ASP F 592 27.59 -65.23 11.28
C ASP F 592 28.17 -64.77 12.61
N ARG F 593 29.48 -64.55 12.63
CA ARG F 593 30.18 -64.24 13.86
C ARG F 593 31.00 -62.96 13.76
N TYR F 594 31.60 -62.69 12.61
CA TYR F 594 32.37 -61.47 12.39
C TYR F 594 31.65 -60.62 11.35
N LEU F 595 31.40 -59.37 11.69
CA LEU F 595 30.62 -58.47 10.84
C LEU F 595 31.46 -57.25 10.53
N LEU F 596 31.46 -56.83 9.26
CA LEU F 596 32.19 -55.65 8.84
C LEU F 596 31.32 -54.83 7.91
N SER F 597 31.38 -53.52 8.04
CA SER F 597 30.58 -52.62 7.22
C SER F 597 31.45 -51.45 6.79
N LEU F 598 31.36 -51.08 5.51
CA LEU F 598 32.10 -49.97 4.95
C LEU F 598 31.14 -49.13 4.12
N THR F 599 30.95 -47.87 4.49
CA THR F 599 30.12 -46.99 3.69
C THR F 599 30.93 -45.76 3.29
N LEU F 600 30.64 -45.27 2.09
CA LEU F 600 31.32 -44.12 1.52
C LEU F 600 30.29 -43.22 0.86
N ARG F 601 30.37 -41.92 1.12
CA ARG F 601 29.41 -40.98 0.56
C ARG F 601 30.14 -39.85 -0.16
N ARG F 602 29.56 -39.40 -1.26
CA ARG F 602 29.99 -38.22 -2.00
C ARG F 602 28.79 -37.30 -2.11
N ASP F 603 28.81 -36.20 -1.38
CA ASP F 603 27.65 -35.33 -1.26
C ASP F 603 27.97 -33.93 -1.78
N GLY F 604 27.03 -33.35 -2.49
CA GLY F 604 27.14 -31.97 -2.90
C GLY F 604 25.83 -31.24 -2.65
N SER F 605 25.96 -29.96 -2.32
CA SER F 605 24.81 -29.13 -2.02
C SER F 605 24.90 -27.83 -2.80
N SER F 606 23.74 -27.25 -3.10
CA SER F 606 23.71 -26.00 -3.84
C SER F 606 24.15 -24.81 -3.00
N ARG F 607 24.34 -24.99 -1.69
CA ARG F 607 24.69 -23.89 -0.81
C ARG F 607 26.17 -23.55 -0.82
N PHE F 608 26.98 -24.29 -1.57
CA PHE F 608 28.41 -24.08 -1.60
C PHE F 608 28.85 -23.73 -3.00
N GLY F 609 30.03 -23.11 -3.10
CA GLY F 609 30.59 -22.79 -4.39
C GLY F 609 31.03 -24.03 -5.15
N LYS F 610 31.29 -23.84 -6.44
CA LYS F 610 31.63 -24.98 -7.29
C LYS F 610 32.87 -25.70 -6.77
N ASN F 611 33.85 -24.96 -6.30
CA ASN F 611 35.11 -25.57 -5.86
C ASN F 611 34.89 -26.45 -4.64
N HIS F 612 34.05 -26.01 -3.71
CA HIS F 612 33.84 -26.71 -2.45
C HIS F 612 32.48 -27.37 -2.39
N ARG F 613 31.89 -27.68 -3.54
CA ARG F 613 30.52 -28.20 -3.56
C ARG F 613 30.45 -29.62 -3.02
N TYR F 614 31.37 -30.48 -3.44
CA TYR F 614 31.31 -31.89 -3.11
C TYR F 614 32.30 -32.25 -2.02
N ALA F 615 31.90 -33.22 -1.18
CA ALA F 615 32.74 -33.71 -0.10
C ALA F 615 32.53 -35.20 0.06
N THR F 616 33.56 -35.87 0.58
CA THR F 616 33.56 -37.32 0.73
C THR F 616 33.60 -37.68 2.22
N PHE F 617 32.77 -38.64 2.60
CA PHE F 617 32.66 -39.07 4.00
C PHE F 617 32.73 -40.59 4.10
N PRO F 618 33.76 -41.14 4.71
CA PRO F 618 33.81 -42.59 4.95
C PRO F 618 33.31 -42.99 6.31
N SER F 619 32.94 -44.26 6.47
CA SER F 619 32.57 -44.80 7.77
C SER F 619 32.79 -46.30 7.76
N VAL F 620 33.26 -46.84 8.88
CA VAL F 620 33.55 -48.24 9.04
C VAL F 620 32.93 -48.73 10.34
N SER F 621 32.49 -49.98 10.34
CA SER F 621 31.89 -50.61 11.50
C SER F 621 32.35 -52.05 11.60
N LEU F 622 32.65 -52.50 12.81
CA LEU F 622 33.03 -53.87 13.06
C LEU F 622 32.18 -54.43 14.18
N GLY F 623 31.92 -55.72 14.12
CA GLY F 623 31.12 -56.39 15.13
C GLY F 623 31.56 -57.81 15.34
N TRP F 624 31.54 -58.28 16.58
CA TRP F 624 32.00 -59.61 16.93
C TRP F 624 30.99 -60.22 17.87
N ARG F 625 30.36 -61.32 17.45
CA ARG F 625 29.41 -62.03 18.28
C ARG F 625 30.19 -63.04 19.11
N ILE F 626 30.55 -62.65 20.33
CA ILE F 626 31.44 -63.50 21.12
C ILE F 626 30.76 -64.81 21.48
N THR F 627 29.45 -64.78 21.71
CA THR F 627 28.73 -65.98 22.07
C THR F 627 28.80 -67.07 21.00
N GLN F 628 29.06 -66.68 19.75
CA GLN F 628 29.21 -67.69 18.70
C GLN F 628 30.52 -68.44 18.78
N GLU F 629 31.52 -67.88 19.48
CA GLU F 629 32.81 -68.55 19.57
C GLU F 629 32.69 -69.85 20.34
N ASN F 630 33.50 -70.84 19.94
CA ASN F 630 33.39 -72.17 20.52
C ASN F 630 33.85 -72.21 21.97
N PHE F 631 34.74 -71.30 22.36
CA PHE F 631 35.37 -71.40 23.67
C PHE F 631 34.43 -71.09 24.82
N MET F 632 33.22 -70.61 24.56
CA MET F 632 32.29 -70.24 25.62
C MET F 632 30.95 -70.93 25.47
N LYS F 633 30.92 -72.11 24.86
CA LYS F 633 29.67 -72.86 24.76
C LYS F 633 29.14 -73.25 26.14
N GLU F 634 30.04 -73.62 27.05
CA GLU F 634 29.60 -74.10 28.35
C GLU F 634 28.87 -73.04 29.17
N LEU F 635 29.08 -71.75 28.87
CA LEU F 635 28.36 -70.69 29.55
C LEU F 635 26.97 -70.57 28.93
N THR F 636 26.09 -71.48 29.32
CA THR F 636 24.76 -71.54 28.74
C THR F 636 23.85 -70.42 29.23
N TRP F 637 24.12 -69.86 30.41
CA TRP F 637 23.28 -68.78 30.91
C TRP F 637 23.40 -67.53 30.04
N LEU F 638 24.61 -67.23 29.59
CA LEU F 638 24.82 -66.10 28.68
C LEU F 638 24.25 -66.41 27.31
N ASP F 639 23.01 -66.00 27.08
CA ASP F 639 22.34 -66.34 25.82
C ASP F 639 23.02 -65.71 24.62
N ASP F 640 23.41 -64.45 24.71
CA ASP F 640 24.00 -63.76 23.58
C ASP F 640 24.88 -62.62 24.07
N LEU F 641 25.97 -62.38 23.35
CA LEU F 641 26.89 -61.29 23.68
C LEU F 641 27.55 -60.81 22.39
N LYS F 642 27.40 -59.52 22.10
CA LYS F 642 27.94 -58.94 20.89
C LYS F 642 28.69 -57.67 21.24
N LEU F 643 29.89 -57.51 20.67
CA LEU F 643 30.72 -56.34 20.90
C LEU F 643 30.95 -55.66 19.57
N ARG F 644 30.55 -54.39 19.46
CA ARG F 644 30.62 -53.67 18.20
C ARG F 644 31.36 -52.37 18.40
N ALA F 645 32.03 -51.93 17.34
CA ALA F 645 32.70 -50.64 17.31
C ALA F 645 32.46 -50.01 15.96
N SER F 646 32.57 -48.69 15.89
CA SER F 646 32.35 -48.00 14.63
C SER F 646 33.00 -46.64 14.66
N TRP F 647 33.51 -46.22 13.52
CA TRP F 647 34.09 -44.89 13.34
C TRP F 647 33.57 -44.33 12.04
N GLY F 648 32.90 -43.20 12.09
CA GLY F 648 32.29 -42.65 10.89
C GLY F 648 32.46 -41.14 10.81
N GLN F 649 32.36 -40.63 9.59
CA GLN F 649 32.32 -39.20 9.35
C GLN F 649 31.06 -38.87 8.58
N THR F 650 30.38 -37.81 9.01
CA THR F 650 29.18 -37.34 8.35
C THR F 650 29.32 -35.86 8.08
N GLY F 651 28.55 -35.39 7.10
CA GLY F 651 28.61 -34.01 6.65
C GLY F 651 27.45 -33.20 7.18
N ASN F 652 27.71 -31.93 7.41
CA ASN F 652 26.67 -30.99 7.82
C ASN F 652 26.74 -29.79 6.89
N GLN F 653 25.57 -29.38 6.38
CA GLN F 653 25.47 -28.18 5.56
C GLN F 653 24.18 -27.42 5.86
N GLU F 654 23.57 -27.63 7.03
CA GLU F 654 22.34 -26.93 7.37
C GLU F 654 22.62 -25.49 7.73
N ILE F 655 22.66 -24.63 6.71
CA ILE F 655 22.90 -23.21 6.88
C ILE F 655 21.87 -22.45 6.04
N SER F 656 21.99 -21.13 6.05
CA SER F 656 21.11 -20.31 5.21
C SER F 656 21.43 -20.55 3.74
N ASN F 657 20.40 -20.48 2.91
CA ASN F 657 20.58 -20.75 1.49
C ASN F 657 21.52 -19.74 0.85
N LEU F 658 21.40 -18.47 1.22
CA LEU F 658 22.27 -17.43 0.67
C LEU F 658 23.42 -17.17 1.64
N ALA F 659 24.28 -18.18 1.76
CA ALA F 659 25.37 -18.11 2.71
C ALA F 659 26.66 -17.57 2.12
N ARG F 660 26.93 -17.85 0.85
CA ARG F 660 28.19 -17.45 0.24
C ARG F 660 28.08 -16.15 -0.57
N TYR F 661 26.94 -15.50 -0.56
CA TYR F 661 26.73 -14.28 -1.34
C TYR F 661 26.80 -13.06 -0.46
N THR F 662 27.21 -11.94 -1.07
CA THR F 662 27.13 -10.63 -0.41
C THR F 662 25.76 -10.06 -0.74
N ILE F 663 24.83 -10.16 0.20
CA ILE F 663 23.44 -9.84 -0.06
C ILE F 663 23.22 -8.34 0.10
N TYR F 664 22.64 -7.71 -0.92
CA TYR F 664 22.12 -6.36 -0.82
C TYR F 664 20.62 -6.43 -1.07
N ALA F 665 19.84 -5.97 -0.10
CA ALA F 665 18.40 -6.05 -0.19
C ALA F 665 17.79 -4.66 -0.19
N PRO F 666 16.76 -4.43 -0.98
CA PRO F 666 16.10 -3.11 -1.03
C PRO F 666 15.06 -2.96 0.06
N ASN F 667 15.53 -2.93 1.31
CA ASN F 667 14.61 -2.86 2.44
C ASN F 667 13.96 -1.49 2.51
N TYR F 668 12.80 -1.34 1.90
CA TYR F 668 12.10 -0.06 1.92
C TYR F 668 11.63 0.31 3.32
N GLY F 669 11.56 -0.64 4.24
CA GLY F 669 11.07 -0.38 5.57
C GLY F 669 9.61 -0.67 5.78
N THR F 670 8.97 -1.39 4.85
CA THR F 670 7.56 -1.69 4.97
C THR F 670 7.26 -2.72 6.04
N THR F 671 8.26 -3.43 6.55
CA THR F 671 8.01 -4.43 7.57
C THR F 671 7.83 -3.77 8.92
N ASP F 672 6.85 -4.24 9.68
CA ASP F 672 6.62 -3.71 11.02
C ASP F 672 7.81 -4.02 11.91
N SER F 673 8.16 -3.08 12.79
CA SER F 673 9.25 -3.27 13.72
C SER F 673 8.89 -2.63 15.05
N PHE F 674 9.47 -3.16 16.12
CA PHE F 674 9.25 -2.67 17.46
C PHE F 674 10.39 -1.75 17.86
N GLY F 675 10.05 -0.54 18.29
CA GLY F 675 11.04 0.43 18.68
C GLY F 675 11.58 1.28 17.55
N GLY F 676 11.21 0.99 16.31
CA GLY F 676 11.60 1.83 15.21
C GLY F 676 12.96 1.56 14.62
N GLN F 677 13.65 0.49 15.04
CA GLN F 677 14.95 0.16 14.45
C GLN F 677 14.76 -0.71 13.21
N SER F 678 14.00 -0.17 12.26
CA SER F 678 13.66 -0.92 11.05
C SER F 678 14.83 -1.04 10.08
N TYR F 679 15.82 -0.17 10.18
CA TYR F 679 16.94 -0.14 9.25
C TYR F 679 16.46 -0.04 7.81
N GLY F 680 15.37 0.69 7.62
CA GLY F 680 14.81 0.84 6.30
C GLY F 680 15.67 1.71 5.42
N THR F 681 15.31 1.75 4.15
CA THR F 681 16.03 2.52 3.14
C THR F 681 15.04 3.43 2.42
N ALA F 682 14.69 4.54 3.04
CA ALA F 682 13.73 5.46 2.46
C ALA F 682 13.81 6.78 3.20
N TYR F 683 14.21 7.84 2.51
CA TYR F 683 14.45 9.13 3.14
C TYR F 683 13.69 10.20 2.39
N ASP F 684 12.94 11.02 3.13
CA ASP F 684 12.27 12.16 2.54
C ASP F 684 13.31 13.19 2.15
N ILE F 685 14.08 12.90 1.09
CA ILE F 685 15.24 13.72 0.77
C ILE F 685 14.81 15.12 0.33
N THR F 686 13.61 15.27 -0.20
CA THR F 686 13.16 16.60 -0.59
C THR F 686 12.76 17.45 0.60
N GLY F 687 12.28 16.83 1.68
CA GLY F 687 11.89 17.57 2.85
C GLY F 687 10.48 18.09 2.77
N SER F 688 9.51 17.18 2.62
CA SER F 688 8.11 17.58 2.49
C SER F 688 7.19 16.72 3.37
N ASN F 689 7.72 16.09 4.41
CA ASN F 689 6.97 15.19 5.27
C ASN F 689 6.23 14.13 4.45
N GLY F 690 6.92 13.57 3.47
CA GLY F 690 6.35 12.46 2.73
C GLY F 690 5.21 12.92 1.84
N GLY F 691 4.17 12.10 1.79
CA GLY F 691 3.06 12.35 0.90
C GLY F 691 3.14 11.62 -0.42
N GLY F 692 4.09 10.72 -0.59
CA GLY F 692 4.23 9.99 -1.82
C GLY F 692 5.12 8.77 -1.66
N VAL F 693 5.92 8.48 -2.68
CA VAL F 693 6.86 7.36 -2.64
C VAL F 693 8.25 7.94 -2.49
N LEU F 694 8.88 7.68 -1.35
CA LEU F 694 10.19 8.22 -1.10
C LEU F 694 11.24 7.50 -1.94
N PRO F 695 12.35 8.16 -2.25
CA PRO F 695 13.45 7.46 -2.91
C PRO F 695 13.97 6.34 -2.03
N SER F 696 14.33 5.22 -2.66
CA SER F 696 14.76 4.03 -1.95
C SER F 696 16.17 3.65 -2.41
N GLY F 697 16.70 2.63 -1.79
CA GLY F 697 18.04 2.17 -2.09
C GLY F 697 18.22 0.73 -1.67
N PHE F 698 19.43 0.42 -1.21
CA PHE F 698 19.76 -0.93 -0.80
C PHE F 698 20.56 -0.91 0.49
N LYS F 699 20.46 -2.00 1.25
CA LYS F 699 21.24 -2.17 2.46
C LYS F 699 21.85 -3.56 2.46
N ARG F 700 23.01 -3.69 3.08
CA ARG F 700 23.73 -4.95 3.09
C ARG F 700 23.23 -5.85 4.21
N ASN F 701 22.88 -7.08 3.88
CA ASN F 701 22.43 -8.04 4.88
C ASN F 701 23.57 -8.90 5.42
N GLN F 702 24.48 -9.33 4.56
CA GLN F 702 25.59 -10.16 5.00
C GLN F 702 26.72 -10.06 4.00
N ILE F 703 27.91 -10.46 4.43
CA ILE F 703 29.10 -10.47 3.59
C ILE F 703 29.36 -11.89 3.13
N GLY F 704 29.53 -12.07 1.83
CA GLY F 704 29.71 -13.39 1.29
C GLY F 704 31.03 -14.01 1.70
N ASN F 705 31.06 -15.34 1.69
CA ASN F 705 32.28 -16.09 1.98
C ASN F 705 32.33 -17.26 1.00
N ASP F 706 33.25 -17.19 0.05
CA ASP F 706 33.31 -18.18 -1.02
C ASP F 706 34.08 -19.43 -0.63
N ASN F 707 34.65 -19.49 0.56
CA ASN F 707 35.47 -20.60 0.97
C ASN F 707 34.76 -21.54 1.93
N ILE F 708 33.45 -21.39 2.11
CA ILE F 708 32.73 -22.27 3.00
C ILE F 708 32.64 -23.66 2.40
N LYS F 709 32.80 -24.68 3.23
CA LYS F 709 32.71 -26.06 2.82
C LYS F 709 31.94 -26.83 3.88
N TRP F 710 31.85 -28.14 3.70
CA TRP F 710 31.05 -28.97 4.59
C TRP F 710 31.64 -28.99 6.00
N GLU F 711 30.75 -29.01 7.00
CA GLU F 711 31.18 -29.24 8.37
C GLU F 711 31.33 -30.74 8.59
N THR F 712 32.43 -31.16 9.21
CA THR F 712 32.73 -32.58 9.34
C THR F 712 32.50 -33.04 10.76
N THR F 713 31.61 -34.01 10.94
CA THR F 713 31.34 -34.57 12.26
C THR F 713 31.86 -36.00 12.30
N THR F 714 32.84 -36.25 13.16
CA THR F 714 33.44 -37.57 13.32
C THR F 714 32.92 -38.21 14.60
N GLN F 715 32.38 -39.41 14.49
CA GLN F 715 31.80 -40.09 15.64
C GLN F 715 32.43 -41.46 15.80
N THR F 716 32.85 -41.75 17.03
CA THR F 716 33.42 -43.05 17.39
C THR F 716 32.52 -43.67 18.45
N ASN F 717 32.02 -44.87 18.17
CA ASN F 717 31.06 -45.53 19.04
C ASN F 717 31.56 -46.92 19.39
N VAL F 718 31.38 -47.32 20.65
CA VAL F 718 31.74 -48.65 21.12
C VAL F 718 30.59 -49.18 21.96
N GLY F 719 30.02 -50.31 21.56
CA GLY F 719 28.85 -50.84 22.23
C GLY F 719 28.99 -52.31 22.57
N ILE F 720 28.29 -52.71 23.62
CA ILE F 720 28.20 -54.09 24.06
C ILE F 720 26.74 -54.43 24.27
N ASP F 721 26.24 -55.41 23.53
CA ASP F 721 24.86 -55.88 23.66
C ASP F 721 24.87 -57.25 24.31
N PHE F 722 23.99 -57.46 25.28
CA PHE F 722 23.98 -58.71 26.02
C PHE F 722 22.54 -59.19 26.20
N SER F 723 22.40 -60.49 26.32
CA SER F 723 21.12 -61.13 26.60
C SER F 723 21.36 -62.38 27.41
N LEU F 724 20.64 -62.54 28.51
CA LEU F 724 20.87 -63.62 29.46
C LEU F 724 19.56 -64.28 29.85
N PHE F 725 19.69 -65.52 30.30
CA PHE F 725 18.57 -66.32 30.80
C PHE F 725 17.49 -66.50 29.73
N LYS F 726 17.94 -66.86 28.52
CA LYS F 726 17.05 -67.11 27.39
C LYS F 726 16.20 -65.86 27.10
N GLN F 727 16.89 -64.78 26.77
CA GLN F 727 16.26 -63.51 26.39
C GLN F 727 15.35 -62.98 27.50
N SER F 728 15.69 -63.25 28.75
CA SER F 728 14.93 -62.74 29.88
C SER F 728 15.52 -61.47 30.47
N LEU F 729 16.84 -61.30 30.38
CA LEU F 729 17.51 -60.11 30.87
C LEU F 729 18.43 -59.60 29.76
N TYR F 730 17.96 -58.60 29.02
CA TYR F 730 18.71 -58.10 27.87
C TYR F 730 19.09 -56.65 28.10
N GLY F 731 20.02 -56.17 27.28
CA GLY F 731 20.43 -54.79 27.42
C GLY F 731 21.62 -54.46 26.55
N SER F 732 22.04 -53.21 26.67
CA SER F 732 23.15 -52.67 25.88
C SER F 732 23.87 -51.60 26.69
N LEU F 733 25.13 -51.39 26.34
CA LEU F 733 25.97 -50.38 26.99
C LEU F 733 26.84 -49.75 25.91
N GLU F 734 26.70 -48.45 25.71
CA GLU F 734 27.35 -47.76 24.61
C GLU F 734 28.15 -46.58 25.13
N TYR F 735 29.28 -46.32 24.47
CA TYR F 735 30.10 -45.15 24.75
C TYR F 735 30.40 -44.46 23.44
N TYR F 736 30.16 -43.16 23.37
CA TYR F 736 30.31 -42.45 22.11
C TYR F 736 31.13 -41.18 22.29
N TYR F 737 31.83 -40.82 21.23
CA TYR F 737 32.67 -39.62 21.20
C TYR F 737 32.42 -38.92 19.86
N LYS F 738 31.80 -37.75 19.90
CA LYS F 738 31.53 -36.96 18.72
C LYS F 738 32.41 -35.72 18.69
N LYS F 739 32.94 -35.41 17.52
CA LYS F 739 33.87 -34.29 17.34
C LYS F 739 33.47 -33.59 16.05
N ALA F 740 32.93 -32.39 16.18
CA ALA F 740 32.49 -31.61 15.02
C ALA F 740 33.51 -30.52 14.74
N THR F 741 34.01 -30.47 13.51
CA THR F 741 35.04 -29.52 13.11
C THR F 741 34.60 -28.79 11.85
N ASP F 742 35.20 -27.61 11.67
CA ASP F 742 34.81 -26.68 10.62
C ASP F 742 33.32 -26.38 10.68
N ILE F 743 32.83 -26.16 11.91
CA ILE F 743 31.41 -25.90 12.08
C ILE F 743 31.04 -24.61 11.39
N LEU F 744 30.09 -24.69 10.47
CA LEU F 744 29.62 -23.51 9.74
C LEU F 744 28.86 -22.63 10.71
N THR F 745 29.51 -21.59 11.20
CA THR F 745 28.89 -20.67 12.14
C THR F 745 28.74 -19.30 11.50
N GLU F 746 27.66 -18.62 11.83
CA GLU F 746 27.40 -17.26 11.33
C GLU F 746 28.04 -16.30 12.31
N MET F 747 29.32 -15.99 12.10
CA MET F 747 30.01 -15.08 13.00
C MET F 747 29.56 -13.66 12.74
N ALA F 748 29.39 -12.91 13.83
CA ALA F 748 28.96 -11.53 13.74
C ALA F 748 30.11 -10.62 13.30
N GLY F 749 29.76 -9.40 12.92
CA GLY F 749 30.77 -8.45 12.53
C GLY F 749 31.60 -7.97 13.72
N VAL F 750 32.78 -7.42 13.41
CA VAL F 750 33.70 -7.00 14.45
C VAL F 750 33.15 -5.83 15.23
N GLY F 751 32.15 -5.12 14.71
CA GLY F 751 31.54 -4.02 15.41
C GLY F 751 31.72 -2.71 14.68
N VAL F 752 32.94 -2.46 14.20
CA VAL F 752 33.17 -1.33 13.31
C VAL F 752 32.90 -1.70 11.87
N LEU F 753 32.62 -2.96 11.59
CA LEU F 753 32.24 -3.40 10.26
C LEU F 753 30.81 -3.03 9.92
N GLY F 754 30.02 -2.61 10.90
CA GLY F 754 28.69 -2.12 10.62
C GLY F 754 27.70 -3.22 10.30
N GLU F 755 26.60 -2.81 9.66
CA GLU F 755 25.53 -3.74 9.34
C GLU F 755 25.98 -4.70 8.26
N GLY F 756 25.39 -5.89 8.27
CA GLY F 756 25.78 -6.88 7.30
C GLY F 756 27.13 -7.50 7.55
N GLY F 757 27.72 -7.26 8.71
CA GLY F 757 29.00 -7.88 9.02
C GLY F 757 28.92 -9.35 9.32
N SER F 758 27.71 -9.88 9.52
CA SER F 758 27.56 -11.30 9.77
C SER F 758 27.97 -12.08 8.54
N ARG F 759 28.74 -13.15 8.74
CA ARG F 759 29.17 -13.97 7.63
C ARG F 759 29.41 -15.39 8.13
N TRP F 760 29.13 -16.36 7.25
CA TRP F 760 29.33 -17.75 7.59
C TRP F 760 30.79 -18.14 7.41
N ILE F 761 31.29 -18.94 8.34
CA ILE F 761 32.70 -19.33 8.31
C ILE F 761 32.84 -20.70 8.97
N ASN F 762 33.86 -21.44 8.54
CA ASN F 762 34.18 -22.75 9.11
C ASN F 762 35.22 -22.56 10.20
N SER F 763 34.76 -22.19 11.38
CA SER F 763 35.66 -21.89 12.48
C SER F 763 35.11 -22.42 13.80
N GLY F 764 34.58 -23.64 13.79
CA GLY F 764 34.01 -24.19 14.99
C GLY F 764 34.65 -25.50 15.41
N ALA F 765 34.37 -25.93 16.64
CA ALA F 765 34.85 -27.22 17.13
C ALA F 765 34.06 -27.58 18.38
N MET F 766 33.42 -28.75 18.35
CA MET F 766 32.59 -29.21 19.46
C MET F 766 32.92 -30.64 19.80
N LYS F 767 32.83 -30.98 21.08
CA LYS F 767 33.14 -32.33 21.57
C LYS F 767 32.01 -32.83 22.45
N ASN F 768 31.63 -34.09 22.28
CA ASN F 768 30.57 -34.71 23.06
C ASN F 768 31.00 -36.13 23.43
N GLN F 769 31.25 -36.37 24.70
CA GLN F 769 31.51 -37.72 25.19
C GLN F 769 30.32 -38.17 26.01
N GLY F 770 29.83 -39.38 25.77
CA GLY F 770 28.64 -39.84 26.45
C GLY F 770 28.60 -41.33 26.66
N PHE F 771 27.83 -41.73 27.67
CA PHE F 771 27.58 -43.12 28.01
C PHE F 771 26.09 -43.37 28.00
N GLU F 772 25.69 -44.54 27.51
CA GLU F 772 24.30 -44.95 27.47
C GLU F 772 24.21 -46.37 28.01
N PHE F 773 23.14 -46.67 28.74
CA PHE F 773 22.96 -47.99 29.32
C PHE F 773 21.48 -48.34 29.29
N ASN F 774 21.12 -49.30 28.46
CA ASN F 774 19.75 -49.77 28.32
C ASN F 774 19.65 -51.14 28.97
N LEU F 775 18.59 -51.35 29.77
CA LEU F 775 18.39 -52.61 30.47
C LEU F 775 16.92 -52.99 30.38
N GLY F 776 16.68 -54.31 30.37
CA GLY F 776 15.32 -54.78 30.34
C GLY F 776 15.17 -56.20 30.85
N TYR F 777 14.25 -56.42 31.78
CA TYR F 777 14.03 -57.72 32.38
C TYR F 777 12.56 -58.09 32.25
N ARG F 778 12.28 -59.23 31.63
CA ARG F 778 10.92 -59.70 31.46
C ARG F 778 10.81 -61.14 31.92
N ASN F 779 9.84 -61.42 32.77
CA ASN F 779 9.64 -62.77 33.27
C ASN F 779 8.20 -62.91 33.76
N LYS F 780 7.73 -64.14 33.82
CA LYS F 780 6.41 -64.44 34.34
C LYS F 780 6.49 -64.68 35.84
N THR F 781 5.41 -65.16 36.43
CA THR F 781 5.35 -65.39 37.87
C THR F 781 4.54 -66.66 38.11
N ALA F 782 4.76 -67.26 39.28
CA ALA F 782 4.10 -68.53 39.59
C ALA F 782 2.58 -68.40 39.55
N PHE F 783 2.05 -67.28 40.14
CA PHE F 783 0.60 -67.09 40.18
C PHE F 783 0.05 -66.38 38.96
N GLY F 784 0.88 -66.07 37.97
CA GLY F 784 0.37 -65.57 36.70
C GLY F 784 0.42 -64.06 36.54
N LEU F 785 1.50 -63.45 36.98
CA LEU F 785 1.71 -62.01 36.82
C LEU F 785 2.90 -61.80 35.91
N THR F 786 2.65 -61.31 34.70
CA THR F 786 3.69 -61.09 33.71
C THR F 786 4.22 -59.66 33.87
N TYR F 787 5.45 -59.54 34.33
CA TYR F 787 6.06 -58.23 34.56
C TYR F 787 7.19 -58.00 33.57
N ASP F 788 7.23 -56.77 33.03
CA ASP F 788 8.26 -56.36 32.09
C ASP F 788 8.80 -55.01 32.51
N LEU F 789 10.09 -54.93 32.80
CA LEU F 789 10.73 -53.69 33.23
C LEU F 789 11.76 -53.30 32.20
N ASN F 790 11.64 -52.09 31.66
CA ASN F 790 12.60 -51.54 30.72
C ASN F 790 13.22 -50.30 31.35
N GLY F 791 14.44 -50.43 31.81
CA GLY F 791 15.16 -49.32 32.40
C GLY F 791 16.10 -48.69 31.40
N ASN F 792 16.45 -47.44 31.66
CA ASN F 792 17.34 -46.74 30.75
C ASN F 792 18.01 -45.61 31.52
N ILE F 793 19.30 -45.38 31.25
CA ILE F 793 20.04 -44.33 31.90
C ILE F 793 21.12 -43.85 30.95
N SER F 794 21.38 -42.55 30.96
CA SER F 794 22.34 -41.98 30.03
C SER F 794 22.97 -40.73 30.63
N THR F 795 24.13 -40.37 30.09
CA THR F 795 24.84 -39.17 30.51
C THR F 795 25.74 -38.75 29.37
N TYR F 796 26.12 -37.47 29.37
CA TYR F 796 27.03 -36.97 28.35
C TYR F 796 27.68 -35.69 28.85
N ARG F 797 28.82 -35.36 28.24
CA ARG F 797 29.53 -34.12 28.52
C ARG F 797 29.74 -33.38 27.21
N ASN F 798 29.47 -32.09 27.21
CA ASN F 798 29.61 -31.26 26.02
C ASN F 798 30.68 -30.21 26.26
N GLU F 799 31.39 -29.84 25.20
CA GLU F 799 32.45 -28.86 25.31
C GLU F 799 32.67 -28.18 23.96
N ILE F 800 33.07 -26.91 24.02
CA ILE F 800 33.44 -26.15 22.84
C ILE F 800 34.94 -25.95 22.84
N LEU F 801 35.59 -26.35 21.75
CA LEU F 801 37.05 -26.35 21.67
C LEU F 801 37.60 -25.15 20.93
N GLU F 802 36.98 -24.74 19.83
CA GLU F 802 37.41 -23.55 19.09
C GLU F 802 36.17 -22.75 18.73
N LEU F 803 36.38 -21.46 18.51
CA LEU F 803 35.25 -20.57 18.22
C LEU F 803 35.79 -19.27 17.66
N PRO F 804 35.07 -18.63 16.73
CA PRO F 804 35.53 -17.34 16.20
C PRO F 804 35.56 -16.29 17.30
N GLU F 805 36.46 -15.32 17.14
CA GLU F 805 36.69 -14.34 18.18
C GLU F 805 35.44 -13.52 18.46
N THR F 806 34.75 -13.07 17.40
CA THR F 806 33.55 -12.27 17.61
C THR F 806 32.44 -13.08 18.26
N VAL F 807 32.32 -14.36 17.91
CA VAL F 807 31.32 -15.21 18.54
C VAL F 807 31.62 -15.36 20.03
N ALA F 808 32.88 -15.61 20.37
CA ALA F 808 33.25 -15.70 21.78
C ALA F 808 33.00 -14.38 22.50
N ALA F 809 33.22 -13.26 21.80
CA ALA F 809 33.06 -11.96 22.44
C ALA F 809 31.59 -11.66 22.73
N ASN F 810 30.72 -11.85 21.74
CA ASN F 810 29.32 -11.50 21.97
C ASN F 810 28.56 -12.58 22.73
N GLY F 811 29.12 -13.77 22.87
CA GLY F 811 28.57 -14.75 23.78
C GLY F 811 27.17 -15.21 23.46
N LYS F 812 26.88 -15.48 22.18
CA LYS F 812 25.60 -16.08 21.85
C LYS F 812 25.55 -17.55 22.23
N PHE F 813 26.71 -18.19 22.36
CA PHE F 813 26.79 -19.59 22.75
C PHE F 813 27.16 -19.76 24.22
N GLY F 814 27.25 -18.67 24.97
CA GLY F 814 27.55 -18.76 26.38
C GLY F 814 28.54 -17.73 26.85
N GLY F 815 28.63 -17.53 28.16
CA GLY F 815 29.53 -16.56 28.73
C GLY F 815 28.96 -15.17 28.90
N ASN F 816 27.75 -14.93 28.40
CA ASN F 816 27.05 -13.65 28.54
C ASN F 816 27.86 -12.48 28.00
N GLY F 817 28.83 -12.74 27.14
CA GLY F 817 29.68 -11.68 26.65
C GLY F 817 30.72 -11.21 27.64
N VAL F 818 30.85 -11.89 28.78
CA VAL F 818 31.82 -11.52 29.80
C VAL F 818 33.09 -12.34 29.67
N LYS F 819 32.95 -13.65 29.50
CA LYS F 819 34.09 -14.52 29.31
C LYS F 819 33.82 -15.47 28.16
N SER F 820 34.89 -15.90 27.50
CA SER F 820 34.75 -16.79 26.37
C SER F 820 34.27 -18.16 26.82
N VAL F 821 33.35 -18.74 26.05
CA VAL F 821 32.80 -20.05 26.39
C VAL F 821 33.74 -21.18 26.01
N VAL F 822 34.79 -20.87 25.24
CA VAL F 822 35.69 -21.91 24.76
C VAL F 822 36.25 -22.71 25.92
N GLY F 823 36.19 -24.03 25.82
CA GLY F 823 36.57 -24.91 26.90
C GLY F 823 35.50 -25.19 27.91
N HIS F 824 34.28 -24.70 27.70
CA HIS F 824 33.19 -24.91 28.64
C HIS F 824 31.98 -25.45 27.88
N THR F 825 30.96 -25.84 28.64
CA THR F 825 29.77 -26.42 28.06
C THR F 825 29.03 -25.39 27.20
N TYR F 826 28.39 -25.88 26.14
CA TYR F 826 27.56 -25.03 25.30
C TYR F 826 26.48 -24.38 26.13
N GLY F 827 26.34 -23.06 26.03
CA GLY F 827 25.29 -22.37 26.73
C GLY F 827 25.57 -22.06 28.20
N ALA F 828 26.77 -22.33 28.68
CA ALA F 828 27.10 -22.00 30.06
C ALA F 828 27.12 -20.49 30.25
N GLN F 829 26.72 -20.03 31.43
CA GLN F 829 26.62 -18.61 31.71
C GLN F 829 27.53 -18.21 32.86
N VAL F 830 27.90 -16.94 32.87
CA VAL F 830 28.80 -16.36 33.88
C VAL F 830 28.03 -15.29 34.63
N GLY F 831 28.13 -15.33 35.96
CA GLY F 831 27.45 -14.35 36.78
C GLY F 831 28.15 -14.20 38.12
N TYR F 832 27.55 -13.39 38.98
CA TYR F 832 28.07 -13.18 40.31
C TYR F 832 27.73 -14.38 41.19
N ILE F 833 28.23 -14.36 42.42
CA ILE F 833 27.97 -15.41 43.39
C ILE F 833 27.31 -14.77 44.61
N ALA F 834 26.14 -15.28 44.97
CA ALA F 834 25.34 -14.72 46.06
C ALA F 834 25.65 -15.48 47.34
N ASP F 835 26.29 -14.81 48.28
CA ASP F 835 26.59 -15.40 49.59
C ASP F 835 25.57 -14.92 50.62
N GLY F 836 24.33 -15.34 50.40
CA GLY F 836 23.28 -14.96 51.32
C GLY F 836 22.93 -13.48 51.21
N ILE F 837 22.34 -12.96 52.28
CA ILE F 837 21.92 -11.58 52.35
C ILE F 837 22.47 -10.95 53.62
N PHE F 838 22.65 -9.64 53.59
CA PHE F 838 23.09 -8.93 54.78
C PHE F 838 21.99 -8.93 55.82
N LYS F 839 22.37 -9.12 57.08
CA LYS F 839 21.40 -9.10 58.16
C LYS F 839 21.71 -8.06 59.24
N SER F 840 22.82 -7.33 59.12
CA SER F 840 23.13 -6.28 60.08
C SER F 840 24.10 -5.30 59.46
N GLN F 841 24.10 -4.09 60.01
CA GLN F 841 25.05 -3.08 59.56
C GLN F 841 26.49 -3.53 59.80
N ASP F 842 26.71 -4.32 60.85
CA ASP F 842 28.03 -4.88 61.07
C ASP F 842 28.45 -5.79 59.91
N GLU F 843 27.54 -6.64 59.45
CA GLU F 843 27.86 -7.48 58.30
C GLU F 843 28.10 -6.64 57.07
N VAL F 844 27.29 -5.60 56.86
CA VAL F 844 27.48 -4.73 55.70
C VAL F 844 28.86 -4.11 55.73
N ASP F 845 29.28 -3.61 56.91
CA ASP F 845 30.58 -2.97 57.01
C ASP F 845 31.72 -3.97 56.82
N ASN F 846 31.59 -5.17 57.42
CA ASN F 846 32.67 -6.14 57.32
C ASN F 846 32.81 -6.69 55.91
N HIS F 847 31.73 -6.78 55.16
CA HIS F 847 31.83 -7.27 53.81
C HIS F 847 32.60 -6.29 52.94
N ALA F 848 33.15 -6.79 51.84
CA ALA F 848 33.82 -5.93 50.89
C ALA F 848 32.84 -4.90 50.34
N THR F 849 33.34 -3.70 50.09
CA THR F 849 32.46 -2.61 49.69
C THR F 849 31.82 -2.90 48.35
N GLN F 850 30.53 -2.57 48.24
CA GLN F 850 29.83 -2.68 46.98
C GLN F 850 28.72 -1.64 46.95
N GLU F 851 28.44 -1.13 45.76
CA GLU F 851 27.42 -0.11 45.60
C GLU F 851 26.05 -0.68 45.92
N GLY F 852 25.28 0.09 46.68
CA GLY F 852 23.92 -0.30 47.01
C GLY F 852 23.78 -1.29 48.14
N ALA F 853 24.88 -1.65 48.81
CA ALA F 853 24.79 -2.57 49.93
C ALA F 853 24.05 -1.92 51.09
N ALA F 854 23.17 -2.70 51.72
CA ALA F 854 22.41 -2.24 52.86
C ALA F 854 21.92 -3.47 53.61
N VAL F 855 21.09 -3.24 54.64
CA VAL F 855 20.55 -4.34 55.41
C VAL F 855 19.47 -5.03 54.59
N GLY F 856 19.54 -6.35 54.51
CA GLY F 856 18.56 -7.11 53.77
C GLY F 856 18.84 -7.28 52.29
N ARG F 857 19.97 -6.80 51.80
CA ARG F 857 20.32 -6.90 50.40
C ARG F 857 21.25 -8.09 50.17
N ILE F 858 21.37 -8.50 48.91
CA ILE F 858 22.15 -9.68 48.58
C ILE F 858 23.63 -9.37 48.68
N ARG F 859 24.37 -10.26 49.33
CA ARG F 859 25.82 -10.12 49.47
C ARG F 859 26.51 -10.89 48.35
N TYR F 860 27.35 -10.22 47.59
CA TYR F 860 28.05 -10.85 46.48
C TYR F 860 29.48 -11.13 46.86
N ARG F 861 29.94 -12.34 46.56
CA ARG F 861 31.28 -12.76 46.94
C ARG F 861 32.33 -11.99 46.16
N ASP F 862 33.43 -11.66 46.83
CA ASP F 862 34.58 -11.03 46.17
C ASP F 862 35.48 -12.14 45.64
N ILE F 863 35.40 -12.39 44.34
CA ILE F 863 36.13 -13.50 43.76
C ILE F 863 37.63 -13.21 43.74
N ASP F 864 38.02 -12.01 43.34
CA ASP F 864 39.44 -11.69 43.16
C ASP F 864 40.07 -11.09 44.40
N HIS F 865 39.31 -10.93 45.48
CA HIS F 865 39.84 -10.45 46.77
C HIS F 865 40.42 -9.05 46.66
N ASN F 866 39.89 -8.23 45.75
CA ASN F 866 40.36 -6.86 45.60
C ASN F 866 39.71 -5.91 46.60
N GLY F 867 38.74 -6.37 47.37
CA GLY F 867 38.06 -5.53 48.33
C GLY F 867 36.87 -4.77 47.80
N VAL F 868 36.60 -4.86 46.50
CA VAL F 868 35.50 -4.13 45.88
C VAL F 868 34.78 -5.05 44.90
N ILE F 869 33.46 -4.98 44.88
CA ILE F 869 32.65 -5.79 43.98
C ILE F 869 32.42 -5.00 42.70
N ASP F 870 32.78 -5.59 41.56
CA ASP F 870 32.56 -4.95 40.27
C ASP F 870 32.33 -6.03 39.23
N GLU F 871 32.39 -5.65 37.95
CA GLU F 871 32.10 -6.58 36.88
C GLU F 871 33.16 -7.67 36.74
N ARG F 872 34.30 -7.54 37.40
CA ARG F 872 35.32 -8.56 37.36
C ARG F 872 35.09 -9.68 38.37
N ASP F 873 34.08 -9.54 39.22
CA ASP F 873 33.81 -10.54 40.26
C ASP F 873 32.73 -11.51 39.79
N GLN F 874 33.02 -12.15 38.66
CA GLN F 874 32.09 -13.06 38.02
C GLN F 874 32.80 -14.36 37.70
N ASN F 875 32.04 -15.45 37.66
CA ASN F 875 32.60 -16.77 37.44
C ASN F 875 31.53 -17.65 36.83
N TRP F 876 31.94 -18.81 36.33
CA TRP F 876 31.01 -19.76 35.74
C TRP F 876 30.08 -20.29 36.82
N ILE F 877 28.77 -20.12 36.62
CA ILE F 877 27.79 -20.51 37.62
C ILE F 877 26.75 -21.46 37.07
N TYR F 878 26.55 -21.53 35.76
CA TYR F 878 25.47 -22.28 35.16
C TYR F 878 26.02 -23.28 34.17
N ASP F 879 25.52 -24.51 34.24
CA ASP F 879 25.92 -25.56 33.31
C ASP F 879 24.67 -26.33 32.89
N PRO F 880 24.23 -26.17 31.65
CA PRO F 880 22.94 -26.74 31.25
C PRO F 880 23.04 -28.19 30.83
N THR F 881 23.81 -29.00 31.55
CA THR F 881 24.00 -30.40 31.21
C THR F 881 23.66 -31.25 32.43
N PRO F 882 22.64 -32.08 32.37
CA PRO F 882 22.28 -32.90 33.53
C PRO F 882 23.39 -33.88 33.87
N SER F 883 23.48 -34.22 35.16
CA SER F 883 24.40 -35.26 35.57
C SER F 883 24.05 -36.58 34.92
N PHE F 884 22.77 -36.94 34.89
CA PHE F 884 22.32 -38.10 34.12
C PHE F 884 20.80 -38.06 34.01
N SER F 885 20.30 -38.62 32.92
CA SER F 885 18.87 -38.71 32.68
C SER F 885 18.48 -40.18 32.54
N TYR F 886 17.41 -40.58 33.22
CA TYR F 886 17.00 -41.97 33.27
C TYR F 886 15.50 -42.08 33.05
N GLY F 887 15.08 -43.27 32.66
CA GLY F 887 13.67 -43.57 32.48
C GLY F 887 13.39 -45.01 32.83
N LEU F 888 12.15 -45.29 33.16
CA LEU F 888 11.77 -46.65 33.55
C LEU F 888 10.33 -46.92 33.14
N ASN F 889 10.13 -48.01 32.41
CA ASN F 889 8.81 -48.43 31.98
C ASN F 889 8.48 -49.77 32.63
N ILE F 890 7.34 -49.82 33.30
CA ILE F 890 6.88 -51.01 34.01
C ILE F 890 5.57 -51.45 33.40
N TYR F 891 5.48 -52.74 33.06
CA TYR F 891 4.28 -53.29 32.43
C TYR F 891 3.90 -54.57 33.16
N LEU F 892 2.73 -54.56 33.79
CA LEU F 892 2.24 -55.71 34.55
C LEU F 892 0.96 -56.22 33.93
N GLU F 893 0.90 -57.51 33.66
CA GLU F 893 -0.28 -58.16 33.11
C GLU F 893 -0.76 -59.23 34.07
N TYR F 894 -2.07 -59.24 34.32
CA TYR F 894 -2.65 -60.18 35.27
C TYR F 894 -4.15 -60.24 35.03
N LYS F 895 -4.66 -61.39 34.61
CA LYS F 895 -6.09 -61.66 34.48
C LYS F 895 -6.80 -60.55 33.71
N ASN F 896 -6.36 -60.36 32.47
CA ASN F 896 -6.92 -59.40 31.53
C ASN F 896 -6.70 -57.95 31.95
N PHE F 897 -5.94 -57.70 33.01
CA PHE F 897 -5.67 -56.35 33.49
C PHE F 897 -4.22 -56.02 33.23
N ASP F 898 -3.96 -54.92 32.51
CA ASP F 898 -2.59 -54.49 32.27
C ASP F 898 -2.38 -53.10 32.81
N LEU F 899 -1.33 -52.93 33.61
CA LEU F 899 -0.94 -51.66 34.19
C LEU F 899 0.41 -51.24 33.64
N THR F 900 0.47 -50.04 33.08
CA THR F 900 1.69 -49.50 32.50
C THR F 900 2.06 -48.23 33.25
N MET F 901 3.33 -48.10 33.62
CA MET F 901 3.81 -46.93 34.36
C MET F 901 5.16 -46.53 33.80
N PHE F 902 5.25 -45.37 33.19
CA PHE F 902 6.52 -44.83 32.71
C PHE F 902 6.90 -43.62 33.55
N TRP F 903 8.06 -43.71 34.19
CA TRP F 903 8.66 -42.64 34.97
C TRP F 903 9.87 -42.10 34.22
N GLN F 904 10.10 -40.79 34.34
CA GLN F 904 11.27 -40.16 33.75
C GLN F 904 11.91 -39.25 34.78
N GLY F 905 13.22 -39.32 34.91
CA GLY F 905 13.94 -38.51 35.87
C GLY F 905 15.16 -37.88 35.24
N VAL F 906 15.48 -36.68 35.70
CA VAL F 906 16.68 -35.97 35.31
C VAL F 906 17.38 -35.52 36.59
N GLN F 907 18.68 -35.74 36.67
CA GLN F 907 19.43 -35.42 37.88
C GLN F 907 20.67 -34.62 37.53
N GLY F 908 20.94 -33.61 38.34
CA GLY F 908 22.13 -32.80 38.18
C GLY F 908 22.01 -31.66 37.20
N VAL F 909 20.80 -31.18 36.93
CA VAL F 909 20.59 -30.11 35.96
C VAL F 909 20.30 -28.81 36.70
N ASP F 910 20.89 -27.72 36.23
CA ASP F 910 20.61 -26.39 36.72
C ASP F 910 19.77 -25.64 35.72
N ILE F 911 18.95 -24.72 36.20
CA ILE F 911 18.07 -23.94 35.35
C ILE F 911 18.09 -22.49 35.80
N ILE F 912 18.13 -21.58 34.84
CA ILE F 912 18.00 -20.15 35.10
C ILE F 912 16.53 -19.81 35.14
N SER F 913 16.09 -19.18 36.23
CA SER F 913 14.69 -18.92 36.47
C SER F 913 14.41 -17.43 36.44
N ASP F 914 13.37 -17.04 35.72
CA ASP F 914 12.85 -15.68 35.79
C ASP F 914 11.61 -15.55 36.66
N VAL F 915 10.87 -16.65 36.84
CA VAL F 915 9.80 -16.64 37.81
C VAL F 915 10.36 -16.34 39.20
N LYS F 916 11.54 -16.88 39.50
CA LYS F 916 12.18 -16.55 40.77
C LYS F 916 12.52 -15.07 40.83
N LYS F 917 12.95 -14.49 39.72
CA LYS F 917 13.26 -13.07 39.69
C LYS F 917 12.01 -12.24 39.96
N LYS F 918 10.88 -12.66 39.43
CA LYS F 918 9.63 -11.91 39.60
C LYS F 918 8.83 -12.33 40.83
N SER F 919 9.30 -13.31 41.58
CA SER F 919 8.62 -13.70 42.81
C SER F 919 9.39 -13.41 44.08
N ASP F 920 10.73 -13.39 44.02
CA ASP F 920 11.52 -13.12 45.21
C ASP F 920 11.93 -11.66 45.34
N PHE F 921 11.59 -10.81 44.38
CA PHE F 921 11.99 -9.42 44.43
C PHE F 921 10.81 -8.51 44.14
N TRP F 922 10.73 -7.41 44.86
CA TRP F 922 9.80 -6.34 44.58
C TRP F 922 10.56 -5.27 43.81
N SER F 923 9.98 -4.82 42.70
CA SER F 923 10.62 -3.84 41.82
C SER F 923 11.95 -4.37 41.30
N ALA F 924 11.90 -5.53 40.66
CA ALA F 924 13.02 -6.04 39.89
C ALA F 924 12.75 -6.07 38.40
N SER F 925 11.50 -5.92 37.98
CA SER F 925 11.18 -5.86 36.57
C SER F 925 11.45 -4.45 36.06
N ASN F 926 11.24 -4.24 34.75
CA ASN F 926 11.49 -2.93 34.17
C ASN F 926 10.53 -1.88 34.70
N VAL F 927 9.24 -2.21 34.81
CA VAL F 927 8.25 -1.28 35.35
C VAL F 927 7.88 -1.73 36.75
N GLY F 928 7.55 -0.76 37.60
CA GLY F 928 7.24 -1.05 38.98
C GLY F 928 5.78 -1.35 39.21
N PHE F 929 5.48 -1.79 40.43
CA PHE F 929 4.12 -2.07 40.90
C PHE F 929 3.47 -3.21 40.14
N LEU F 930 4.25 -4.09 39.55
CA LEU F 930 3.69 -5.28 38.91
C LEU F 930 3.36 -6.33 39.97
N ASN F 931 2.41 -7.18 39.64
CA ASN F 931 2.05 -8.27 40.55
C ASN F 931 3.18 -9.27 40.64
N LYS F 932 3.41 -9.80 41.84
CA LYS F 932 4.54 -10.68 42.10
C LYS F 932 4.05 -12.02 42.62
N GLY F 933 4.99 -12.92 42.89
CA GLY F 933 4.65 -14.22 43.42
C GLY F 933 4.33 -14.18 44.90
N THR F 934 3.69 -15.24 45.37
CA THR F 934 3.24 -15.27 46.77
C THR F 934 4.40 -15.38 47.74
N ARG F 935 5.46 -16.10 47.37
CA ARG F 935 6.57 -16.29 48.29
C ARG F 935 7.30 -15.01 48.61
N LEU F 936 7.00 -13.92 47.88
CA LEU F 936 7.55 -12.61 48.22
C LEU F 936 7.20 -12.20 49.64
N LEU F 937 6.05 -12.66 50.15
CA LEU F 937 5.61 -12.23 51.47
C LEU F 937 6.58 -12.66 52.55
N ASN F 938 7.15 -13.85 52.44
CA ASN F 938 8.08 -14.34 53.44
C ASN F 938 9.47 -13.80 53.20
N ALA F 939 9.59 -12.50 53.00
CA ALA F 939 10.88 -11.87 52.78
C ALA F 939 11.52 -11.54 54.12
N TRP F 940 12.83 -11.31 54.09
CA TRP F 940 13.55 -11.01 55.32
C TRP F 940 13.12 -9.67 55.88
N SER F 941 13.02 -9.61 57.20
CA SER F 941 12.73 -8.38 57.92
C SER F 941 13.18 -8.56 59.36
N PRO F 942 13.43 -7.47 60.09
CA PRO F 942 13.78 -7.63 61.50
C PRO F 942 12.73 -8.36 62.30
N THR F 943 11.45 -8.26 61.91
CA THR F 943 10.41 -9.05 62.53
C THR F 943 10.46 -10.52 62.11
N ASN F 944 11.03 -10.81 60.94
CA ASN F 944 11.09 -12.16 60.38
C ASN F 944 12.55 -12.48 60.05
N PRO F 945 13.34 -12.84 61.04
CA PRO F 945 14.78 -13.01 60.81
C PRO F 945 15.15 -14.29 60.08
N ASN F 946 14.36 -15.35 60.29
CA ASN F 946 14.66 -16.65 59.69
C ASN F 946 14.14 -16.68 58.26
N SER F 947 14.94 -16.12 57.36
CA SER F 947 14.59 -16.11 55.94
C SER F 947 15.84 -15.90 55.11
N ASP F 948 15.72 -16.18 53.83
CA ASP F 948 16.78 -15.95 52.86
C ASP F 948 16.35 -15.06 51.71
N ILE F 949 15.07 -14.75 51.59
CA ILE F 949 14.61 -13.83 50.54
C ILE F 949 15.01 -12.40 50.91
N PRO F 950 15.58 -11.64 49.98
CA PRO F 950 16.00 -10.27 50.33
C PRO F 950 14.82 -9.41 50.72
N ALA F 951 15.09 -8.43 51.58
CA ALA F 951 14.04 -7.53 52.02
C ALA F 951 13.49 -6.74 50.85
N LEU F 952 12.19 -6.43 50.92
CA LEU F 952 11.54 -5.68 49.85
C LEU F 952 12.08 -4.26 49.79
N THR F 953 12.10 -3.72 48.57
CA THR F 953 12.51 -2.34 48.37
C THR F 953 11.91 -1.86 47.06
N ARG F 954 11.68 -0.55 46.96
CA ARG F 954 11.13 0.01 45.74
C ARG F 954 12.19 0.36 44.72
N SER F 955 13.41 0.65 45.17
CA SER F 955 14.50 1.02 44.29
C SER F 955 15.54 -0.09 44.27
N ASP F 956 15.90 -0.54 43.08
CA ASP F 956 16.91 -1.58 42.92
C ASP F 956 18.31 -0.97 42.93
N THR F 957 18.65 -0.37 44.06
CA THR F 957 19.96 0.25 44.21
C THR F 957 21.07 -0.79 44.10
N ASN F 958 20.88 -1.95 44.72
CA ASN F 958 21.87 -3.00 44.69
C ASN F 958 22.02 -3.65 43.31
N ASN F 959 21.10 -3.36 42.39
CA ASN F 959 21.10 -3.98 41.06
C ASN F 959 21.10 -5.50 41.16
N GLU F 960 20.03 -6.02 41.75
CA GLU F 960 19.88 -7.45 41.94
C GLU F 960 19.35 -8.16 40.71
N GLN F 961 19.08 -7.43 39.64
CA GLN F 961 18.73 -8.05 38.36
C GLN F 961 19.91 -8.72 37.69
N ARG F 962 21.13 -8.49 38.19
CA ARG F 962 22.31 -9.05 37.57
C ARG F 962 22.28 -10.57 37.63
N VAL F 963 22.97 -11.20 36.68
CA VAL F 963 23.04 -12.65 36.67
C VAL F 963 23.86 -13.12 37.85
N SER F 964 23.30 -14.03 38.64
CA SER F 964 23.96 -14.50 39.85
C SER F 964 23.44 -15.88 40.19
N THR F 965 24.10 -16.52 41.15
CA THR F 965 23.68 -17.84 41.60
C THR F 965 22.34 -17.82 42.30
N TYR F 966 21.82 -16.64 42.64
CA TYR F 966 20.50 -16.58 43.25
C TYR F 966 19.43 -17.14 42.32
N PHE F 967 19.55 -16.86 41.02
CA PHE F 967 18.58 -17.33 40.05
C PHE F 967 18.89 -18.71 39.50
N VAL F 968 20.00 -19.32 39.90
CA VAL F 968 20.33 -20.67 39.48
C VAL F 968 19.71 -21.65 40.46
N GLU F 969 18.86 -22.52 39.97
CA GLU F 969 18.11 -23.45 40.81
C GLU F 969 18.40 -24.89 40.39
N ASN F 970 18.23 -25.80 41.34
CA ASN F 970 18.44 -27.22 41.08
C ASN F 970 17.22 -27.77 40.36
N GLY F 971 17.37 -28.07 39.07
CA GLY F 971 16.29 -28.54 38.24
C GLY F 971 16.05 -30.04 38.26
N SER F 972 16.73 -30.76 39.14
CA SER F 972 16.54 -32.20 39.22
C SER F 972 15.10 -32.54 39.51
N PHE F 973 14.57 -33.55 38.81
CA PHE F 973 13.18 -33.93 38.99
C PHE F 973 12.97 -35.38 38.62
N LEU F 974 11.82 -35.91 39.04
CA LEU F 974 11.41 -37.26 38.68
C LEU F 974 9.89 -37.26 38.60
N LYS F 975 9.35 -37.42 37.39
CA LYS F 975 7.91 -37.35 37.21
C LYS F 975 7.38 -38.62 36.55
N LEU F 976 6.22 -39.05 37.02
CA LEU F 976 5.50 -40.16 36.41
C LEU F 976 4.90 -39.68 35.10
N ARG F 977 5.62 -39.89 34.00
CA ARG F 977 5.15 -39.37 32.72
C ARG F 977 3.82 -39.99 32.33
N ASN F 978 3.66 -41.29 32.53
CA ASN F 978 2.45 -41.93 32.07
C ASN F 978 2.05 -43.06 33.00
N ILE F 979 0.75 -43.22 33.21
CA ILE F 979 0.21 -44.39 33.89
C ILE F 979 -1.07 -44.78 33.18
N GLN F 980 -1.31 -46.08 33.05
CA GLN F 980 -2.47 -46.54 32.30
C GLN F 980 -2.93 -47.87 32.84
N LEU F 981 -4.21 -47.98 33.16
CA LEU F 981 -4.82 -49.22 33.60
C LEU F 981 -5.82 -49.65 32.54
N GLY F 982 -5.68 -50.87 32.04
CA GLY F 982 -6.54 -51.35 30.99
C GLY F 982 -7.11 -52.71 31.32
N TYR F 983 -8.30 -52.95 30.81
CA TYR F 983 -8.98 -54.23 30.94
C TYR F 983 -9.37 -54.73 29.56
N THR F 984 -9.03 -55.99 29.28
CA THR F 984 -9.34 -56.62 28.00
C THR F 984 -10.52 -57.56 28.19
N VAL F 985 -11.58 -57.36 27.41
CA VAL F 985 -12.76 -58.21 27.53
C VAL F 985 -12.38 -59.64 27.19
N PRO F 986 -12.88 -60.64 27.90
CA PRO F 986 -12.46 -62.03 27.64
C PRO F 986 -12.75 -62.44 26.21
N ALA F 987 -11.90 -63.34 25.71
CA ALA F 987 -11.97 -63.73 24.30
C ALA F 987 -13.32 -64.32 23.94
N VAL F 988 -13.94 -65.05 24.86
CA VAL F 988 -15.22 -65.68 24.56
C VAL F 988 -16.31 -64.63 24.34
N ILE F 989 -16.39 -63.64 25.23
CA ILE F 989 -17.37 -62.58 25.06
C ILE F 989 -17.07 -61.78 23.80
N SER F 990 -15.79 -61.51 23.54
CA SER F 990 -15.44 -60.74 22.35
C SER F 990 -15.85 -61.47 21.09
N LYS F 991 -15.60 -62.78 21.03
CA LYS F 991 -15.98 -63.56 19.85
C LYS F 991 -17.48 -63.64 19.71
N LYS F 992 -18.20 -63.78 20.83
CA LYS F 992 -19.66 -63.77 20.77
C LYS F 992 -20.16 -62.45 20.21
N MET F 993 -19.49 -61.35 20.54
CA MET F 993 -19.83 -60.04 20.01
C MET F 993 -19.23 -59.81 18.62
N ARG F 994 -18.44 -60.76 18.13
CA ARG F 994 -17.78 -60.82 16.82
C ARG F 994 -16.51 -59.98 16.80
N MET F 995 -16.20 -59.25 17.86
CA MET F 995 -14.97 -58.48 17.92
C MET F 995 -13.79 -59.39 18.22
N ASP F 996 -12.71 -59.25 17.46
CA ASP F 996 -11.53 -60.05 17.73
C ASP F 996 -10.81 -59.62 18.98
N ARG F 997 -10.98 -58.36 19.41
CA ARG F 997 -10.30 -57.85 20.60
C ARG F 997 -11.00 -56.58 21.04
N LEU F 998 -11.48 -56.55 22.28
CA LEU F 998 -12.10 -55.37 22.85
C LEU F 998 -11.35 -54.98 24.11
N ARG F 999 -10.96 -53.71 24.21
CA ARG F 999 -10.14 -53.27 25.32
C ARG F 999 -10.58 -51.89 25.78
N PHE F 1000 -10.64 -51.69 27.09
CA PHE F 1000 -10.90 -50.39 27.67
C PHE F 1000 -9.70 -49.97 28.50
N TYR F 1001 -9.49 -48.67 28.65
CA TYR F 1001 -8.38 -48.23 29.47
C TYR F 1001 -8.64 -46.83 29.98
N CYS F 1002 -8.07 -46.53 31.14
CA CYS F 1002 -8.04 -45.18 31.70
C CYS F 1002 -6.61 -44.85 32.05
N SER F 1003 -6.16 -43.66 31.64
CA SER F 1003 -4.76 -43.30 31.77
C SER F 1003 -4.63 -41.89 32.32
N ALA F 1004 -3.44 -41.58 32.81
CA ALA F 1004 -3.08 -40.26 33.29
C ALA F 1004 -1.69 -39.91 32.79
N GLN F 1005 -1.53 -38.69 32.29
CA GLN F 1005 -0.25 -38.17 31.83
C GLN F 1005 0.13 -36.98 32.68
N ASN F 1006 1.40 -36.95 33.10
CA ASN F 1006 1.96 -35.89 33.93
C ASN F 1006 1.25 -35.79 35.27
N LEU F 1007 0.90 -36.94 35.83
CA LEU F 1007 0.07 -36.96 37.04
C LEU F 1007 0.86 -36.51 38.26
N LEU F 1008 2.08 -37.01 38.42
CA LEU F 1008 2.83 -36.82 39.66
C LEU F 1008 4.27 -36.44 39.35
N THR F 1009 4.85 -35.62 40.22
CA THR F 1009 6.22 -35.20 40.07
C THR F 1009 6.86 -35.03 41.44
N ILE F 1010 8.17 -35.22 41.49
CA ILE F 1010 8.98 -34.95 42.67
C ILE F 1010 10.12 -34.04 42.26
N LYS F 1011 10.32 -32.97 43.01
CA LYS F 1011 11.32 -31.96 42.71
C LYS F 1011 12.19 -31.73 43.94
N SER F 1012 13.39 -31.22 43.71
CA SER F 1012 14.29 -30.92 44.82
C SER F 1012 13.77 -29.74 45.62
N LYS F 1013 14.07 -29.73 46.91
CA LYS F 1013 13.61 -28.65 47.79
C LYS F 1013 14.26 -27.32 47.43
N ASN F 1014 15.40 -27.33 46.74
CA ASN F 1014 16.05 -26.09 46.34
C ASN F 1014 15.31 -25.39 45.21
N PHE F 1015 14.34 -26.04 44.59
CA PHE F 1015 13.60 -25.46 43.47
C PHE F 1015 12.42 -24.66 44.04
N THR F 1016 12.54 -23.34 44.03
CA THR F 1016 11.49 -22.51 44.61
C THR F 1016 10.20 -22.60 43.82
N GLY F 1017 10.28 -22.59 42.50
CA GLY F 1017 9.10 -22.58 41.65
C GLY F 1017 8.39 -23.91 41.59
N GLU F 1018 7.79 -24.19 40.45
CA GLU F 1018 7.07 -25.44 40.23
C GLU F 1018 7.26 -25.90 38.80
N ASP F 1019 7.06 -27.20 38.59
CA ASP F 1019 7.26 -27.84 37.30
C ASP F 1019 8.66 -27.58 36.78
N PRO F 1020 9.69 -28.24 37.33
CA PRO F 1020 11.07 -27.97 36.89
C PRO F 1020 11.30 -28.22 35.41
N GLU F 1021 10.50 -29.09 34.78
CA GLU F 1021 10.63 -29.28 33.34
C GLU F 1021 10.35 -27.99 32.59
N ASN F 1022 9.39 -27.20 33.07
CA ASN F 1022 8.97 -25.96 32.42
C ASN F 1022 9.06 -24.84 33.45
N PRO F 1023 10.27 -24.36 33.74
CA PRO F 1023 10.46 -23.41 34.85
C PRO F 1023 10.20 -21.96 34.51
N ASN F 1024 9.78 -21.64 33.29
CA ASN F 1024 9.61 -20.25 32.90
C ASN F 1024 8.20 -20.00 32.37
N PHE F 1025 8.02 -18.90 31.65
CA PHE F 1025 6.71 -18.45 31.23
C PHE F 1025 6.25 -19.09 29.93
N SER F 1026 6.82 -20.22 29.52
CA SER F 1026 6.33 -20.90 28.35
C SER F 1026 4.98 -21.55 28.66
N TYR F 1027 4.42 -22.22 27.65
CA TYR F 1027 3.10 -22.80 27.81
C TYR F 1027 3.13 -23.85 28.92
N PRO F 1028 2.12 -23.89 29.79
CA PRO F 1028 2.14 -24.84 30.89
C PRO F 1028 1.89 -26.26 30.41
N ILE F 1029 2.28 -27.21 31.24
CA ILE F 1029 2.11 -28.64 30.98
C ILE F 1029 0.96 -29.15 31.83
N PRO F 1030 -0.15 -29.57 31.24
CA PRO F 1030 -1.31 -29.97 32.02
C PRO F 1030 -1.25 -31.44 32.44
N VAL F 1031 -2.17 -31.81 33.33
CA VAL F 1031 -2.41 -33.19 33.71
C VAL F 1031 -3.54 -33.72 32.83
N ASN F 1032 -3.31 -34.84 32.16
CA ASN F 1032 -4.31 -35.40 31.26
C ASN F 1032 -4.91 -36.64 31.89
N ILE F 1033 -6.23 -36.67 32.04
CA ILE F 1033 -6.96 -37.84 32.46
C ILE F 1033 -7.77 -38.33 31.27
N THR F 1034 -7.49 -39.55 30.82
CA THR F 1034 -7.98 -40.07 29.55
C THR F 1034 -8.76 -41.35 29.76
N PHE F 1035 -9.83 -41.54 29.00
CA PHE F 1035 -10.54 -42.80 28.93
C PHE F 1035 -10.69 -43.17 27.46
N GLY F 1036 -10.32 -44.40 27.12
CA GLY F 1036 -10.32 -44.81 25.73
C GLY F 1036 -10.68 -46.27 25.57
N LEU F 1037 -10.99 -46.64 24.33
CA LEU F 1037 -11.32 -48.00 23.99
C LEU F 1037 -10.73 -48.36 22.64
N ASN F 1038 -10.46 -49.66 22.46
CA ASN F 1038 -9.95 -50.22 21.22
C ASN F 1038 -10.84 -51.39 20.83
N ILE F 1039 -11.26 -51.42 19.57
CA ILE F 1039 -12.07 -52.49 19.01
C ILE F 1039 -11.34 -53.05 17.80
N GLY F 1040 -11.26 -54.37 17.70
CA GLY F 1040 -10.50 -55.00 16.65
C GLY F 1040 -11.28 -55.93 15.74
N PHE F 1041 -12.47 -55.54 15.29
CA PHE F 1041 -13.30 -56.37 14.40
C PHE F 1041 -12.48 -57.18 13.39
N ASP G 20 -30.99 -26.91 13.53
CA ASP G 20 -30.22 -27.30 12.35
C ASP G 20 -29.71 -26.07 11.63
N ASP G 21 -28.68 -25.45 12.18
CA ASP G 21 -28.12 -24.21 11.65
C ASP G 21 -27.14 -24.44 10.52
N PHE G 22 -27.22 -25.61 9.87
CA PHE G 22 -26.27 -25.93 8.82
C PHE G 22 -26.39 -24.96 7.64
N LEU G 23 -27.61 -24.59 7.31
CA LEU G 23 -27.84 -23.65 6.21
C LEU G 23 -27.77 -22.20 6.65
N ASP G 24 -27.52 -21.95 7.94
CA ASP G 24 -27.46 -20.59 8.47
C ASP G 24 -26.09 -20.21 9.00
N ARG G 25 -25.15 -21.15 9.06
CA ARG G 25 -23.86 -20.86 9.69
C ARG G 25 -23.08 -19.81 8.92
N GLN G 26 -23.14 -19.85 7.60
CA GLN G 26 -22.35 -18.96 6.76
C GLN G 26 -23.08 -17.65 6.49
N VAL G 27 -22.31 -16.55 6.47
CA VAL G 27 -22.87 -15.21 6.31
C VAL G 27 -22.06 -14.47 5.27
N PRO G 28 -22.62 -13.42 4.68
CA PRO G 28 -21.87 -12.64 3.68
C PRO G 28 -20.58 -12.07 4.23
N GLN G 29 -19.58 -12.02 3.37
CA GLN G 29 -18.22 -11.67 3.77
C GLN G 29 -17.83 -10.33 3.17
N GLY G 30 -17.32 -9.42 4.00
CA GLY G 30 -16.76 -8.19 3.52
C GLY G 30 -17.74 -7.19 2.96
N ILE G 31 -19.01 -7.27 3.36
CA ILE G 31 -20.04 -6.35 2.90
C ILE G 31 -20.86 -5.86 4.07
N VAL G 32 -21.67 -4.84 3.82
CA VAL G 32 -22.62 -4.31 4.78
C VAL G 32 -24.01 -4.45 4.19
N THR G 33 -24.94 -4.97 4.97
CA THR G 33 -26.29 -5.18 4.45
C THR G 33 -27.09 -3.88 4.47
N GLY G 34 -28.21 -3.91 3.76
CA GLY G 34 -29.04 -2.71 3.65
C GLY G 34 -29.60 -2.25 4.98
N ASP G 35 -29.92 -3.18 5.88
CA ASP G 35 -30.40 -2.78 7.20
C ASP G 35 -29.34 -2.03 7.97
N GLN G 36 -28.09 -2.50 7.92
CA GLN G 36 -27.02 -1.84 8.65
C GLN G 36 -26.56 -0.55 7.99
N ILE G 37 -26.79 -0.39 6.70
CA ILE G 37 -26.30 0.83 6.05
C ILE G 37 -27.04 2.07 6.55
N ALA G 38 -28.17 1.91 7.21
CA ALA G 38 -28.94 3.04 7.72
C ALA G 38 -28.47 3.49 9.09
N SER G 39 -27.44 2.86 9.65
CA SER G 39 -26.97 3.23 10.98
C SER G 39 -26.42 4.64 10.97
N PRO G 40 -26.55 5.37 12.09
CA PRO G 40 -26.15 6.78 12.09
C PRO G 40 -24.67 7.02 11.85
N GLU G 41 -23.80 6.04 12.06
CA GLU G 41 -22.37 6.31 11.95
C GLU G 41 -21.84 6.16 10.52
N TYR G 42 -22.69 5.79 9.57
CA TYR G 42 -22.27 5.66 8.18
C TYR G 42 -22.70 6.85 7.33
N VAL G 43 -23.26 7.89 7.94
CA VAL G 43 -23.81 8.99 7.17
C VAL G 43 -22.70 9.79 6.50
N ASP G 44 -21.61 10.04 7.21
CA ASP G 44 -20.48 10.75 6.61
C ASP G 44 -19.85 9.91 5.50
N ASN G 45 -19.79 8.59 5.70
CA ASN G 45 -19.28 7.71 4.66
C ASN G 45 -20.13 7.79 3.41
N LEU G 46 -21.45 7.80 3.57
CA LEU G 46 -22.32 7.92 2.41
C LEU G 46 -22.18 9.28 1.74
N VAL G 47 -21.97 10.33 2.53
CA VAL G 47 -21.77 11.65 1.96
C VAL G 47 -20.50 11.68 1.11
N ILE G 48 -19.42 11.11 1.64
CA ILE G 48 -18.17 11.06 0.87
C ILE G 48 -18.35 10.21 -0.37
N SER G 49 -19.14 9.13 -0.28
CA SER G 49 -19.43 8.34 -1.47
C SER G 49 -20.11 9.17 -2.53
N ALA G 50 -21.12 9.94 -2.12
CA ALA G 50 -21.87 10.75 -3.08
C ALA G 50 -20.99 11.79 -3.71
N TYR G 51 -19.99 12.29 -2.98
CA TYR G 51 -19.02 13.18 -3.61
C TYR G 51 -18.15 12.41 -4.60
N ALA G 52 -17.64 11.25 -4.18
CA ALA G 52 -16.61 10.56 -4.94
C ALA G 52 -17.12 9.98 -6.25
N ILE G 53 -18.44 9.74 -6.36
CA ILE G 53 -18.96 9.27 -7.64
C ILE G 53 -18.67 10.27 -8.74
N TRP G 54 -18.52 11.54 -8.40
CA TRP G 54 -18.27 12.56 -9.40
C TRP G 54 -16.85 12.54 -9.92
N ALA G 55 -15.94 11.89 -9.23
CA ALA G 55 -14.57 11.77 -9.70
C ALA G 55 -14.22 10.37 -10.16
N THR G 56 -14.95 9.36 -9.73
CA THR G 56 -14.61 7.98 -10.08
C THR G 56 -15.65 7.30 -10.95
N GLY G 57 -16.73 7.99 -11.30
CA GLY G 57 -17.78 7.39 -12.10
C GLY G 57 -17.79 7.75 -13.56
N ASP G 58 -16.73 8.38 -14.07
CA ASP G 58 -16.68 8.83 -15.45
C ASP G 58 -15.66 8.03 -16.23
N ASP G 59 -16.05 7.60 -17.43
CA ASP G 59 -15.20 6.84 -18.33
C ASP G 59 -14.48 7.79 -19.28
N ILE G 60 -13.57 7.23 -20.07
CA ILE G 60 -12.89 8.04 -21.10
C ILE G 60 -13.91 8.55 -22.11
N ASN G 61 -14.84 7.69 -22.52
CA ASN G 61 -15.84 8.06 -23.51
C ASN G 61 -17.05 8.77 -22.92
N SER G 62 -17.13 8.90 -21.61
CA SER G 62 -18.24 9.62 -20.97
C SER G 62 -17.68 10.34 -19.75
N SER G 63 -17.23 11.57 -19.95
CA SER G 63 -16.69 12.39 -18.89
C SER G 63 -17.71 13.44 -18.49
N PHE G 64 -17.76 13.74 -17.19
CA PHE G 64 -18.71 14.70 -16.69
C PHE G 64 -18.42 16.12 -17.14
N SER G 65 -17.25 16.36 -17.74
CA SER G 65 -17.03 17.63 -18.40
C SER G 65 -17.86 17.77 -19.67
N LEU G 66 -18.36 16.66 -20.21
CA LEU G 66 -19.23 16.62 -21.38
C LEU G 66 -18.53 17.08 -22.65
N TRP G 67 -17.20 17.06 -22.66
CA TRP G 67 -16.50 17.38 -23.90
C TRP G 67 -16.76 16.36 -24.98
N ASN G 68 -17.12 15.13 -24.62
CA ASN G 68 -17.44 14.13 -25.63
C ASN G 68 -18.63 14.58 -26.47
N TYR G 69 -19.64 15.16 -25.83
CA TYR G 69 -20.84 15.61 -26.51
C TYR G 69 -20.78 17.08 -26.91
N ASP G 70 -19.74 17.80 -26.52
CA ASP G 70 -19.59 19.17 -26.99
C ASP G 70 -18.88 19.27 -28.34
N VAL G 71 -18.45 18.15 -28.93
CA VAL G 71 -17.83 18.22 -30.24
C VAL G 71 -18.83 18.65 -31.30
N ARG G 72 -20.13 18.56 -31.01
CA ARG G 72 -21.13 18.99 -31.97
C ARG G 72 -21.06 20.49 -32.24
N SER G 73 -20.45 21.25 -31.33
CA SER G 73 -20.33 22.69 -31.51
C SER G 73 -19.23 22.99 -32.52
N ASP G 74 -18.98 24.28 -32.73
CA ASP G 74 -17.97 24.74 -33.66
C ASP G 74 -16.61 24.92 -33.02
N ASP G 75 -16.49 24.73 -31.71
CA ASP G 75 -15.21 24.95 -31.05
C ASP G 75 -14.18 23.92 -31.44
N CYS G 76 -14.57 22.65 -31.50
CA CYS G 76 -13.58 21.58 -31.58
C CYS G 76 -14.05 20.50 -32.54
N TYR G 77 -13.07 19.76 -33.05
CA TYR G 77 -13.35 18.51 -33.74
C TYR G 77 -13.25 17.36 -32.75
N LYS G 78 -13.42 16.15 -33.25
CA LYS G 78 -13.16 14.94 -32.51
C LYS G 78 -11.77 14.45 -32.89
N GLY G 79 -10.96 14.12 -31.91
CA GLY G 79 -9.60 13.75 -32.22
C GLY G 79 -9.46 12.35 -32.77
N GLY G 80 -8.49 11.60 -32.27
CA GLY G 80 -8.38 10.20 -32.59
C GLY G 80 -7.77 9.96 -33.96
N SER G 81 -7.64 8.67 -34.28
CA SER G 81 -7.02 8.29 -35.55
C SER G 81 -7.85 8.74 -36.73
N GLY G 82 -9.16 8.63 -36.64
CA GLY G 82 -10.00 9.01 -37.75
C GLY G 82 -11.45 9.03 -37.37
N THR G 83 -12.31 8.99 -38.38
CA THR G 83 -13.74 9.04 -38.15
C THR G 83 -14.24 7.78 -37.46
N GLU G 84 -13.57 6.65 -37.65
CA GLU G 84 -14.01 5.40 -37.04
C GLU G 84 -13.65 5.33 -35.56
N ASP G 85 -12.67 6.10 -35.10
CA ASP G 85 -12.32 6.11 -33.68
C ASP G 85 -13.44 6.82 -32.93
N GLY G 86 -14.36 6.04 -32.38
CA GLY G 86 -15.55 6.61 -31.79
C GLY G 86 -16.52 7.05 -32.86
N GLY G 87 -16.97 6.10 -33.67
CA GLY G 87 -17.82 6.44 -34.79
C GLY G 87 -19.12 7.11 -34.37
N VAL G 88 -19.66 6.73 -33.21
CA VAL G 88 -20.89 7.34 -32.73
C VAL G 88 -20.66 8.81 -32.43
N PHE G 89 -19.49 9.16 -31.89
CA PHE G 89 -19.20 10.57 -31.64
C PHE G 89 -18.97 11.34 -32.92
N ASN G 90 -18.40 10.70 -33.95
CA ASN G 90 -18.34 11.34 -35.26
C ASN G 90 -19.74 11.57 -35.80
N ALA G 91 -20.65 10.61 -35.56
CA ALA G 91 -22.03 10.79 -35.98
C ALA G 91 -22.66 11.98 -35.29
N LEU G 92 -22.40 12.14 -33.99
CA LEU G 92 -22.88 13.34 -33.30
C LEU G 92 -22.28 14.60 -33.88
N GLU G 93 -20.98 14.58 -34.15
CA GLU G 93 -20.30 15.79 -34.59
C GLU G 93 -20.83 16.26 -35.94
N ILE G 94 -21.05 15.33 -36.87
CA ILE G 94 -21.61 15.71 -38.17
C ILE G 94 -23.13 15.73 -38.17
N SER G 95 -23.78 15.37 -37.07
CA SER G 95 -25.23 15.43 -36.93
C SER G 95 -25.94 14.58 -37.97
N LYS G 96 -25.27 13.54 -38.46
CA LYS G 96 -25.84 12.65 -39.46
C LYS G 96 -25.67 11.20 -39.02
N GLY G 97 -26.68 10.40 -39.28
CA GLY G 97 -26.62 8.99 -38.91
C GLY G 97 -26.55 8.76 -37.42
N ILE G 98 -27.28 9.55 -36.64
CA ILE G 98 -27.38 9.33 -35.20
C ILE G 98 -28.54 8.38 -34.94
N ASN G 99 -28.27 7.33 -34.18
CA ASN G 99 -29.27 6.32 -33.87
C ASN G 99 -29.59 6.39 -32.39
N THR G 100 -30.87 6.19 -32.05
CA THR G 100 -31.25 6.14 -30.65
C THR G 100 -30.63 4.94 -29.96
N THR G 101 -30.21 3.93 -30.71
CA THR G 101 -29.55 2.75 -30.15
C THR G 101 -28.04 2.89 -30.19
N ASP G 102 -27.53 3.99 -29.67
CA ASP G 102 -26.10 4.26 -29.64
C ASP G 102 -25.59 4.10 -28.22
N TRP G 103 -24.48 3.40 -28.06
CA TRP G 103 -24.05 3.03 -26.71
C TRP G 103 -23.66 4.24 -25.88
N ASN G 104 -23.11 5.28 -26.50
CA ASN G 104 -22.66 6.44 -25.75
C ASN G 104 -23.82 7.15 -25.06
N ILE G 105 -24.95 7.28 -25.75
CA ILE G 105 -26.11 7.97 -25.19
C ILE G 105 -26.60 7.22 -23.96
N ASN G 106 -26.79 5.91 -24.09
CA ASN G 106 -27.25 5.11 -22.97
C ASN G 106 -26.25 5.16 -21.83
N ASP G 107 -24.96 5.15 -22.15
CA ASP G 107 -23.94 5.15 -21.12
C ASP G 107 -23.98 6.44 -20.31
N ILE G 108 -24.06 7.59 -20.98
CA ILE G 108 -24.07 8.85 -20.24
C ILE G 108 -25.35 8.99 -19.43
N TRP G 109 -26.48 8.55 -19.98
CA TRP G 109 -27.71 8.54 -19.22
C TRP G 109 -27.55 7.75 -17.93
N LYS G 110 -27.04 6.52 -18.05
CA LYS G 110 -26.92 5.66 -16.88
C LYS G 110 -25.94 6.23 -15.87
N ARG G 111 -24.84 6.83 -16.33
CA ARG G 111 -23.85 7.35 -15.39
C ARG G 111 -24.41 8.53 -14.59
N LEU G 112 -25.06 9.47 -15.27
CA LEU G 112 -25.61 10.60 -14.54
C LEU G 112 -26.67 10.13 -13.54
N TYR G 113 -27.48 9.16 -13.93
CA TYR G 113 -28.47 8.70 -12.97
C TYR G 113 -27.83 7.91 -11.83
N GLN G 114 -26.68 7.28 -12.07
CA GLN G 114 -25.95 6.63 -10.98
C GLN G 114 -25.50 7.66 -9.95
N CYS G 115 -24.98 8.79 -10.42
CA CYS G 115 -24.61 9.85 -9.50
C CYS G 115 -25.83 10.31 -8.70
N ILE G 116 -26.95 10.48 -9.39
CA ILE G 116 -28.18 10.91 -8.71
C ILE G 116 -28.56 9.92 -7.62
N THR G 117 -28.48 8.62 -7.91
CA THR G 117 -28.91 7.63 -6.93
C THR G 117 -27.98 7.55 -5.75
N ARG G 118 -26.68 7.73 -5.95
CA ARG G 118 -25.79 7.75 -4.80
C ARG G 118 -26.11 8.93 -3.89
N ALA G 119 -26.35 10.10 -4.49
CA ALA G 119 -26.76 11.26 -3.69
C ALA G 119 -28.07 11.00 -2.98
N ASN G 120 -29.01 10.33 -3.64
CA ASN G 120 -30.31 10.05 -3.02
C ASN G 120 -30.15 9.09 -1.85
N THR G 121 -29.26 8.11 -1.96
CA THR G 121 -29.01 7.23 -0.82
C THR G 121 -28.47 8.01 0.36
N ALA G 122 -27.52 8.92 0.10
CA ALA G 122 -27.01 9.74 1.18
C ALA G 122 -28.11 10.58 1.81
N LEU G 123 -28.98 11.16 0.98
CA LEU G 123 -30.08 11.98 1.50
C LEU G 123 -31.05 11.14 2.34
N GLN G 124 -31.35 9.93 1.87
CA GLN G 124 -32.25 9.05 2.59
C GLN G 124 -31.68 8.68 3.95
N SER G 125 -30.37 8.45 4.01
CA SER G 125 -29.76 8.18 5.31
C SER G 125 -29.79 9.42 6.20
N LEU G 126 -29.53 10.59 5.63
CA LEU G 126 -29.50 11.82 6.43
C LEU G 126 -30.86 12.15 7.02
N ASP G 127 -31.93 11.98 6.23
CA ASP G 127 -33.24 12.46 6.65
C ASP G 127 -33.78 11.76 7.87
N GLN G 128 -33.18 10.63 8.27
CA GLN G 128 -33.65 9.85 9.41
C GLN G 128 -32.68 9.98 10.58
N MET G 129 -32.19 11.18 10.82
CA MET G 129 -31.18 11.41 11.84
C MET G 129 -31.54 12.62 12.69
N ASP G 130 -31.20 12.54 13.98
CA ASP G 130 -31.53 13.59 14.92
C ASP G 130 -30.65 14.80 14.70
N GLU G 131 -31.28 15.96 14.50
CA GLU G 131 -30.52 17.17 14.20
C GLU G 131 -29.67 17.59 15.40
N LYS G 132 -30.21 17.43 16.62
CA LYS G 132 -29.45 17.80 17.80
C LYS G 132 -28.20 16.96 17.94
N THR G 133 -28.31 15.65 17.67
CA THR G 133 -27.15 14.78 17.76
C THR G 133 -26.16 15.04 16.63
N TYR G 134 -26.67 15.38 15.45
CA TYR G 134 -25.84 15.64 14.26
C TYR G 134 -26.08 17.07 13.83
N PRO G 135 -25.32 18.03 14.37
CA PRO G 135 -25.60 19.45 14.10
C PRO G 135 -25.49 19.82 12.64
N LEU G 136 -24.58 19.20 11.88
CA LEU G 136 -24.39 19.55 10.48
C LEU G 136 -25.39 18.88 9.57
N LYS G 137 -26.52 18.43 10.10
CA LYS G 137 -27.49 17.69 9.29
C LYS G 137 -27.99 18.54 8.13
N ASN G 138 -28.35 19.80 8.41
CA ASN G 138 -28.86 20.66 7.35
C ASN G 138 -27.81 20.94 6.31
N GLN G 139 -26.56 21.19 6.73
CA GLN G 139 -25.50 21.44 5.76
C GLN G 139 -25.25 20.24 4.88
N ARG G 140 -25.22 19.05 5.48
CA ARG G 140 -25.01 17.83 4.71
C ARG G 140 -26.16 17.59 3.73
N ILE G 141 -27.39 17.82 4.18
CA ILE G 141 -28.53 17.66 3.28
C ILE G 141 -28.45 18.65 2.13
N ALA G 142 -28.03 19.89 2.43
CA ALA G 142 -27.87 20.87 1.37
C ALA G 142 -26.82 20.44 0.36
N GLU G 143 -25.71 19.89 0.84
CA GLU G 143 -24.67 19.44 -0.08
C GLU G 143 -25.19 18.32 -0.98
N MET G 144 -25.90 17.36 -0.40
CA MET G 144 -26.44 16.26 -1.21
C MET G 144 -27.47 16.77 -2.21
N ARG G 145 -28.32 17.70 -1.80
CA ARG G 145 -29.28 18.28 -2.72
C ARG G 145 -28.56 19.01 -3.85
N PHE G 146 -27.47 19.70 -3.52
CA PHE G 146 -26.70 20.42 -4.54
C PHE G 146 -26.14 19.45 -5.57
N LEU G 147 -25.56 18.34 -5.12
CA LEU G 147 -25.02 17.36 -6.06
C LEU G 147 -26.11 16.77 -6.92
N ARG G 148 -27.24 16.42 -6.32
CA ARG G 148 -28.34 15.85 -7.09
C ARG G 148 -28.85 16.84 -8.13
N GLY G 149 -28.97 18.10 -7.75
CA GLY G 149 -29.38 19.11 -8.70
C GLY G 149 -28.38 19.32 -9.81
N HIS G 150 -27.09 19.21 -9.48
CA HIS G 150 -26.07 19.34 -10.52
C HIS G 150 -26.21 18.24 -11.56
N ALA G 151 -26.40 17.00 -11.10
CA ALA G 151 -26.59 15.91 -12.03
C ALA G 151 -27.86 16.09 -12.86
N HIS G 152 -28.94 16.53 -12.21
CA HIS G 152 -30.17 16.80 -12.96
C HIS G 152 -29.97 17.90 -13.99
N PHE G 153 -29.17 18.91 -13.66
CA PHE G 153 -28.90 19.98 -14.60
C PHE G 153 -28.16 19.46 -15.82
N MET G 154 -27.15 18.63 -15.61
CA MET G 154 -26.43 18.04 -16.74
C MET G 154 -27.37 17.20 -17.60
N LEU G 155 -28.22 16.40 -16.96
CA LEU G 155 -29.16 15.57 -17.71
C LEU G 155 -30.13 16.42 -18.50
N LYS G 156 -30.62 17.51 -17.89
CA LYS G 156 -31.55 18.40 -18.58
C LYS G 156 -30.88 19.06 -19.78
N GLN G 157 -29.60 19.42 -19.65
CA GLN G 157 -28.90 20.00 -20.78
C GLN G 157 -28.76 18.99 -21.91
N LEU G 158 -28.34 17.77 -21.60
CA LEU G 158 -28.10 16.78 -22.65
C LEU G 158 -29.40 16.34 -23.31
N PHE G 159 -30.38 15.92 -22.51
CA PHE G 159 -31.68 15.49 -23.00
C PHE G 159 -32.71 16.49 -22.48
N LYS G 160 -33.58 16.97 -23.39
CA LYS G 160 -34.58 17.93 -22.96
C LYS G 160 -35.53 17.33 -21.94
N LYS G 161 -35.99 16.11 -22.20
CA LYS G 161 -36.95 15.44 -21.34
C LYS G 161 -36.23 14.43 -20.46
N ILE G 162 -36.25 14.65 -19.15
CA ILE G 162 -35.56 13.77 -18.21
C ILE G 162 -36.54 13.35 -17.13
N VAL G 163 -36.16 12.32 -16.41
CA VAL G 163 -36.92 11.83 -15.26
C VAL G 163 -36.39 12.54 -14.02
N ILE G 164 -37.27 13.26 -13.33
CA ILE G 164 -36.88 13.97 -12.11
C ILE G 164 -36.96 12.98 -10.95
N VAL G 165 -35.82 12.43 -10.56
CA VAL G 165 -35.74 11.51 -9.42
C VAL G 165 -35.26 12.34 -8.25
N ASN G 166 -36.21 12.91 -7.50
CA ASN G 166 -35.88 13.74 -6.36
C ASN G 166 -36.58 13.29 -5.10
N ASP G 167 -37.00 12.03 -5.04
CA ASP G 167 -37.67 11.48 -3.86
C ASP G 167 -36.75 10.42 -3.27
N GLU G 168 -36.04 10.79 -2.21
CA GLU G 168 -35.08 9.86 -1.61
C GLU G 168 -35.77 8.67 -0.93
N ASN G 169 -36.98 8.87 -0.41
CA ASN G 169 -37.70 7.78 0.25
C ASN G 169 -38.61 7.05 -0.72
N MET G 170 -38.03 6.60 -1.84
CA MET G 170 -38.76 5.88 -2.87
C MET G 170 -38.23 4.46 -2.95
N GLU G 171 -39.13 3.49 -2.90
CA GLU G 171 -38.73 2.10 -2.98
C GLU G 171 -38.23 1.77 -4.38
N PRO G 172 -37.32 0.80 -4.49
CA PRO G 172 -36.84 0.42 -5.83
C PRO G 172 -37.94 -0.04 -6.76
N ASP G 173 -38.98 -0.69 -6.24
CA ASP G 173 -40.07 -1.14 -7.09
C ASP G 173 -40.85 0.03 -7.68
N ALA G 174 -40.87 1.16 -6.99
CA ALA G 174 -41.60 2.33 -7.45
C ALA G 174 -40.89 3.08 -8.57
N TYR G 175 -39.63 2.77 -8.84
CA TYR G 175 -38.89 3.49 -9.87
C TYR G 175 -39.43 3.20 -11.26
N ASN G 176 -40.03 2.03 -11.46
CA ASN G 176 -40.53 1.69 -12.78
C ASN G 176 -41.69 2.58 -13.19
N GLU G 177 -42.44 3.11 -12.24
CA GLU G 177 -43.58 3.97 -12.55
C GLU G 177 -43.17 5.38 -12.93
N LEU G 178 -41.89 5.73 -12.79
CA LEU G 178 -41.47 7.08 -13.13
C LEU G 178 -41.55 7.31 -14.63
N SER G 179 -41.88 8.55 -14.99
CA SER G 179 -41.96 8.96 -16.38
C SER G 179 -41.26 10.30 -16.55
N ASN G 180 -40.72 10.53 -17.74
CA ASN G 180 -40.06 11.79 -18.03
C ASN G 180 -41.04 12.87 -18.49
N THR G 181 -42.32 12.55 -18.57
CA THR G 181 -43.34 13.52 -18.96
C THR G 181 -44.29 13.84 -17.83
N THR G 182 -43.93 13.51 -16.59
CA THR G 182 -44.76 13.89 -15.45
C THR G 182 -44.86 15.41 -15.34
N TYR G 183 -43.76 16.11 -15.56
CA TYR G 183 -43.72 17.56 -15.51
C TYR G 183 -43.38 18.12 -16.88
N THR G 184 -43.92 19.29 -17.17
CA THR G 184 -43.54 20.00 -18.38
C THR G 184 -42.12 20.52 -18.25
N ASN G 185 -41.65 21.19 -19.32
CA ASN G 185 -40.28 21.67 -19.32
C ASN G 185 -40.04 22.70 -18.22
N ASP G 186 -40.96 23.65 -18.08
CA ASP G 186 -40.82 24.67 -17.05
C ASP G 186 -40.89 24.06 -15.65
N GLU G 187 -41.80 23.11 -15.45
CA GLU G 187 -41.88 22.47 -14.14
C GLU G 187 -40.60 21.71 -13.82
N GLN G 188 -40.02 21.03 -14.83
CA GLN G 188 -38.79 20.31 -14.60
C GLN G 188 -37.66 21.25 -14.24
N TRP G 189 -37.56 22.39 -14.93
CA TRP G 189 -36.55 23.37 -14.56
C TRP G 189 -36.78 23.86 -13.13
N GLN G 190 -38.04 24.08 -12.75
CA GLN G 190 -38.32 24.53 -11.39
C GLN G 190 -37.93 23.49 -10.37
N LYS G 191 -38.19 22.22 -10.66
CA LYS G 191 -37.83 21.15 -9.73
C LYS G 191 -36.32 21.06 -9.59
N ILE G 192 -35.59 21.29 -10.69
CA ILE G 192 -34.14 21.35 -10.59
C ILE G 192 -33.71 22.52 -9.72
N ALA G 193 -34.32 23.68 -9.92
CA ALA G 193 -33.90 24.88 -9.20
C ALA G 193 -34.26 24.81 -7.72
N ASP G 194 -35.22 23.98 -7.35
CA ASP G 194 -35.59 23.88 -5.94
C ASP G 194 -34.44 23.36 -5.09
N ASP G 195 -33.70 22.38 -5.60
CA ASP G 195 -32.56 21.86 -4.86
C ASP G 195 -31.49 22.92 -4.66
N PHE G 196 -31.20 23.70 -5.70
CA PHE G 196 -30.23 24.77 -5.53
C PHE G 196 -30.75 25.85 -4.60
N GLN G 197 -32.05 26.11 -4.60
CA GLN G 197 -32.60 27.08 -3.67
C GLN G 197 -32.39 26.61 -2.23
N PHE G 198 -32.68 25.34 -1.97
CA PHE G 198 -32.47 24.80 -0.63
C PHE G 198 -31.00 24.84 -0.25
N ALA G 199 -30.12 24.49 -1.19
CA ALA G 199 -28.70 24.50 -0.91
C ALA G 199 -28.21 25.91 -0.61
N TYR G 200 -28.68 26.89 -1.37
CA TYR G 200 -28.30 28.27 -1.11
C TYR G 200 -28.79 28.70 0.26
N ASP G 201 -29.99 28.29 0.65
CA ASP G 201 -30.52 28.69 1.94
C ASP G 201 -29.74 28.07 3.09
N ASN G 202 -29.29 26.82 2.94
CA ASN G 202 -28.75 26.08 4.07
C ASN G 202 -27.24 25.95 4.11
N LEU G 203 -26.54 26.24 3.02
CA LEU G 203 -25.10 26.02 3.02
C LEU G 203 -24.37 27.12 3.77
N PRO G 204 -23.21 26.81 4.34
CA PRO G 204 -22.41 27.85 4.99
C PRO G 204 -21.84 28.83 3.97
N GLU G 205 -21.58 30.05 4.45
CA GLU G 205 -21.05 31.07 3.57
C GLU G 205 -19.66 30.71 3.06
N VAL G 206 -18.80 30.21 3.94
CA VAL G 206 -17.44 29.84 3.57
C VAL G 206 -17.17 28.42 4.04
N GLN G 207 -16.53 27.64 3.18
CA GLN G 207 -16.20 26.24 3.45
C GLN G 207 -14.69 26.12 3.55
N ILE G 208 -14.20 25.83 4.76
CA ILE G 208 -12.77 25.58 4.92
C ILE G 208 -12.38 24.32 4.17
N GLU G 209 -13.29 23.35 4.10
CA GLU G 209 -13.07 22.08 3.42
C GLU G 209 -13.42 22.28 1.96
N LYS G 210 -12.40 22.38 1.10
CA LYS G 210 -12.57 22.95 -0.23
C LYS G 210 -13.51 22.12 -1.09
N GLY G 211 -13.50 20.81 -0.93
CA GLY G 211 -14.31 19.97 -1.81
C GLY G 211 -15.78 20.26 -1.71
N ARG G 212 -16.27 20.57 -0.52
CA ARG G 212 -17.67 20.84 -0.34
C ARG G 212 -18.07 22.14 -1.01
N PRO G 213 -19.26 22.22 -1.59
CA PRO G 213 -19.70 23.47 -2.19
C PRO G 213 -20.00 24.51 -1.14
N ALA G 214 -19.94 25.77 -1.56
CA ALA G 214 -20.26 26.88 -0.68
C ALA G 214 -21.53 27.57 -1.14
N GLN G 215 -22.03 28.46 -0.29
CA GLN G 215 -23.27 29.15 -0.60
C GLN G 215 -23.13 29.96 -1.87
N ALA G 216 -21.96 30.55 -2.12
CA ALA G 216 -21.76 31.28 -3.36
C ALA G 216 -21.90 30.36 -4.57
N ALA G 217 -21.34 29.16 -4.49
CA ALA G 217 -21.47 28.20 -5.59
C ALA G 217 -22.93 27.82 -5.80
N ALA G 218 -23.66 27.57 -4.72
CA ALA G 218 -25.06 27.22 -4.85
C ALA G 218 -25.84 28.36 -5.50
N ALA G 219 -25.56 29.59 -5.09
CA ALA G 219 -26.27 30.74 -5.65
C ALA G 219 -25.96 30.91 -7.13
N ALA G 220 -24.69 30.77 -7.51
CA ALA G 220 -24.33 30.89 -8.92
C ALA G 220 -25.00 29.82 -9.75
N TYR G 221 -25.05 28.59 -9.23
CA TYR G 221 -25.61 27.53 -10.04
C TYR G 221 -27.12 27.65 -10.13
N LEU G 222 -27.76 28.16 -9.07
CA LEU G 222 -29.19 28.47 -9.12
C LEU G 222 -29.47 29.57 -10.15
N ALA G 223 -28.62 30.59 -10.19
CA ALA G 223 -28.76 31.61 -11.21
C ALA G 223 -28.65 31.01 -12.60
N LYS G 224 -27.76 30.04 -12.76
CA LYS G 224 -27.63 29.37 -14.06
C LYS G 224 -28.89 28.60 -14.41
N THR G 225 -29.49 27.94 -13.41
CA THR G 225 -30.73 27.21 -13.66
C THR G 225 -31.84 28.15 -14.10
N TYR G 226 -32.00 29.27 -13.41
CA TYR G 226 -33.00 30.25 -13.84
C TYR G 226 -32.68 30.85 -15.20
N LEU G 227 -31.40 31.06 -15.50
CA LEU G 227 -31.05 31.59 -16.82
C LEU G 227 -31.47 30.62 -17.92
N TYR G 228 -31.25 29.33 -17.71
CA TYR G 228 -31.70 28.36 -18.70
C TYR G 228 -33.21 28.28 -18.74
N LYS G 229 -33.86 28.43 -17.59
CA LYS G 229 -35.32 28.36 -17.52
C LYS G 229 -35.97 29.52 -18.24
N ALA G 230 -35.32 30.68 -18.27
CA ALA G 230 -35.93 31.86 -18.87
C ALA G 230 -36.23 31.66 -20.35
N TYR G 231 -35.29 31.07 -21.09
CA TYR G 231 -35.48 30.85 -22.52
C TYR G 231 -36.47 29.71 -22.74
N ARG G 232 -37.75 30.05 -22.83
CA ARG G 232 -38.79 29.03 -22.81
C ARG G 232 -38.76 28.16 -24.06
N GLN G 233 -38.99 26.86 -23.86
CA GLN G 233 -39.05 25.87 -24.92
C GLN G 233 -40.44 25.25 -25.01
N ASP G 234 -41.47 26.08 -24.84
CA ASP G 234 -42.84 25.57 -24.84
C ASP G 234 -43.20 25.02 -26.21
N GLY G 235 -44.10 24.04 -26.20
CA GLY G 235 -44.51 23.37 -27.43
C GLY G 235 -43.68 22.13 -27.71
N ALA G 236 -44.19 21.31 -28.62
CA ALA G 236 -43.52 20.06 -28.94
C ALA G 236 -42.15 20.30 -29.55
N ASP G 237 -42.04 21.27 -30.44
CA ASP G 237 -40.77 21.56 -31.08
C ASP G 237 -39.80 22.19 -30.08
N ASN G 238 -38.53 22.22 -30.47
CA ASN G 238 -37.46 22.74 -29.62
C ASN G 238 -37.13 24.19 -29.92
N ALA G 239 -38.09 24.94 -30.44
CA ALA G 239 -37.85 26.33 -30.81
C ALA G 239 -38.08 27.25 -29.63
N LEU G 240 -37.38 28.37 -29.63
CA LEU G 240 -37.54 29.37 -28.58
C LEU G 240 -38.93 30.00 -28.67
N THR G 241 -39.55 30.18 -27.50
CA THR G 241 -40.92 30.70 -27.44
C THR G 241 -41.01 31.89 -26.50
N GLY G 242 -40.05 32.80 -26.56
CA GLY G 242 -40.08 34.00 -25.76
C GLY G 242 -39.16 33.90 -24.55
N ILE G 243 -38.89 35.06 -23.97
CA ILE G 243 -37.98 35.19 -22.84
C ILE G 243 -38.77 35.67 -21.63
N ASN G 244 -38.63 34.98 -20.52
CA ASN G 244 -39.42 35.28 -19.32
C ASN G 244 -38.66 36.26 -18.44
N GLU G 245 -39.34 37.33 -18.04
CA GLU G 245 -38.70 38.38 -17.26
C GLU G 245 -38.50 37.99 -15.81
N GLU G 246 -39.41 37.19 -15.25
CA GLU G 246 -39.29 36.81 -13.84
C GLU G 246 -38.03 35.99 -13.61
N ASP G 247 -37.73 35.06 -14.52
CA ASP G 247 -36.53 34.24 -14.36
C ASP G 247 -35.27 35.11 -14.43
N LEU G 248 -35.23 36.08 -15.33
CA LEU G 248 -34.09 36.97 -15.40
C LEU G 248 -33.96 37.82 -14.15
N LYS G 249 -35.09 38.26 -13.61
CA LYS G 249 -35.05 39.00 -12.34
C LYS G 249 -34.44 38.14 -11.25
N GLN G 250 -34.84 36.87 -11.19
CA GLN G 250 -34.28 35.96 -10.20
C GLN G 250 -32.79 35.74 -10.43
N VAL G 251 -32.38 35.65 -11.69
CA VAL G 251 -30.96 35.51 -12.00
C VAL G 251 -30.17 36.69 -11.46
N VAL G 252 -30.68 37.90 -11.70
CA VAL G 252 -30.00 39.09 -11.21
C VAL G 252 -29.97 39.10 -9.69
N LYS G 253 -31.06 38.66 -9.07
CA LYS G 253 -31.09 38.60 -7.61
C LYS G 253 -30.02 37.67 -7.06
N TYR G 254 -29.87 36.50 -7.67
CA TYR G 254 -28.97 35.49 -7.11
C TYR G 254 -27.54 35.60 -7.60
N THR G 255 -27.27 36.46 -8.59
CA THR G 255 -25.90 36.68 -9.03
C THR G 255 -25.31 37.96 -8.45
N ASP G 256 -25.93 38.49 -7.40
CA ASP G 256 -25.51 39.77 -6.85
C ASP G 256 -24.08 39.69 -6.34
N PRO G 257 -23.25 40.71 -6.59
CA PRO G 257 -21.85 40.66 -6.14
C PRO G 257 -21.70 40.59 -4.64
N LEU G 258 -22.72 40.96 -3.86
CA LEU G 258 -22.59 40.86 -2.41
C LEU G 258 -22.42 39.42 -1.96
N ILE G 259 -23.15 38.50 -2.58
CA ILE G 259 -23.03 37.09 -2.22
C ILE G 259 -21.63 36.58 -2.53
N MET G 260 -21.12 36.93 -3.71
CA MET G 260 -19.77 36.49 -4.08
C MET G 260 -18.72 37.09 -3.17
N ALA G 261 -18.86 38.37 -2.82
CA ALA G 261 -17.91 38.98 -1.89
C ALA G 261 -17.97 38.29 -0.54
N LYS G 262 -19.17 37.93 -0.07
CA LYS G 262 -19.29 37.21 1.18
C LYS G 262 -18.59 35.86 1.10
N GLY G 263 -18.71 35.18 -0.03
CA GLY G 263 -17.98 33.94 -0.22
C GLY G 263 -16.50 34.11 -0.49
N GLY G 264 -16.05 35.34 -0.72
CA GLY G 264 -14.66 35.59 -1.03
C GLY G 264 -14.19 35.04 -2.36
N TYR G 265 -14.98 35.23 -3.41
CA TYR G 265 -14.62 34.77 -4.74
C TYR G 265 -14.46 35.97 -5.68
N GLY G 266 -13.58 35.82 -6.66
CA GLY G 266 -13.36 36.87 -7.63
C GLY G 266 -12.42 36.38 -8.71
N LEU G 267 -12.29 37.20 -9.75
CA LEU G 267 -11.44 36.85 -10.87
C LEU G 267 -9.97 36.82 -10.45
N GLU G 268 -9.25 35.82 -10.93
CA GLU G 268 -7.82 35.75 -10.69
C GLU G 268 -7.09 36.79 -11.52
N THR G 269 -5.90 37.16 -11.05
CA THR G 269 -5.13 38.18 -11.74
C THR G 269 -4.65 37.73 -13.10
N ASP G 270 -4.53 36.42 -13.32
CA ASP G 270 -4.09 35.87 -14.58
C ASP G 270 -5.04 34.77 -15.02
N TYR G 271 -5.20 34.64 -16.33
CA TYR G 271 -6.12 33.65 -16.88
C TYR G 271 -5.59 32.22 -16.71
N SER G 272 -4.28 32.05 -16.82
CA SER G 272 -3.70 30.71 -16.80
C SER G 272 -3.79 30.04 -15.44
N MET G 273 -3.97 30.82 -14.37
CA MET G 273 -4.03 30.23 -13.03
C MET G 273 -5.25 29.33 -12.87
N ASN G 274 -6.29 29.53 -13.68
CA ASN G 274 -7.45 28.66 -13.61
C ASN G 274 -7.15 27.25 -14.10
N PHE G 275 -6.03 27.05 -14.77
CA PHE G 275 -5.69 25.75 -15.33
C PHE G 275 -4.30 25.26 -14.96
N LEU G 276 -3.50 26.07 -14.32
CA LEU G 276 -2.23 25.55 -13.85
C LEU G 276 -2.44 24.71 -12.59
N PRO G 277 -1.76 23.57 -12.47
CA PRO G 277 -1.91 22.74 -11.26
C PRO G 277 -1.46 23.41 -9.98
N GLN G 278 -0.57 24.39 -10.06
CA GLN G 278 -0.04 25.01 -8.85
C GLN G 278 -1.05 25.89 -8.15
N TYR G 279 -2.13 26.27 -8.82
CA TYR G 279 -3.11 27.19 -8.28
C TYR G 279 -4.49 26.53 -8.17
N GLU G 280 -4.54 25.30 -7.70
CA GLU G 280 -5.82 24.66 -7.48
C GLU G 280 -6.60 25.39 -6.39
N ASN G 281 -7.92 25.33 -6.49
CA ASN G 281 -8.82 25.95 -5.51
C ASN G 281 -8.53 27.44 -5.37
N GLY G 282 -8.35 28.11 -6.51
CA GLY G 282 -8.07 29.52 -6.52
C GLY G 282 -9.32 30.34 -6.25
N ALA G 283 -9.15 31.67 -6.36
CA ALA G 283 -10.26 32.57 -6.10
C ALA G 283 -11.39 32.38 -7.11
N GLU G 284 -11.04 32.16 -8.38
CA GLU G 284 -12.05 32.03 -9.41
C GLU G 284 -12.72 30.67 -9.41
N SER G 285 -12.12 29.67 -8.75
CA SER G 285 -12.68 28.33 -8.69
C SER G 285 -13.84 28.31 -7.70
N VAL G 286 -15.02 28.66 -8.19
CA VAL G 286 -16.20 28.71 -7.32
C VAL G 286 -16.51 27.32 -6.79
N TRP G 287 -16.49 26.33 -7.66
CA TRP G 287 -16.63 24.94 -7.26
C TRP G 287 -15.92 24.07 -8.28
N ALA G 288 -15.28 23.00 -7.81
CA ALA G 288 -14.49 22.18 -8.70
C ALA G 288 -14.50 20.74 -8.22
N ILE G 289 -14.53 19.81 -9.17
CA ILE G 289 -14.29 18.41 -8.87
C ILE G 289 -12.83 18.23 -8.52
N GLN G 290 -12.56 17.69 -7.34
CA GLN G 290 -11.22 17.53 -6.81
C GLN G 290 -10.62 16.23 -7.33
N TYR G 291 -9.50 16.33 -8.03
CA TYR G 291 -8.75 15.17 -8.48
C TYR G 291 -7.43 15.14 -7.73
N SER G 292 -7.05 13.96 -7.25
CA SER G 292 -5.91 13.82 -6.36
C SER G 292 -5.00 12.71 -6.86
N ILE G 293 -3.74 12.79 -6.45
CA ILE G 293 -2.74 11.79 -6.80
C ILE G 293 -1.99 11.40 -5.54
N ASN G 294 -1.45 10.19 -5.53
CA ASN G 294 -0.76 9.61 -4.38
C ASN G 294 -1.68 9.61 -3.15
N ASP G 295 -2.75 8.81 -3.25
CA ASP G 295 -3.75 8.78 -2.20
C ASP G 295 -4.18 7.37 -1.82
N GLY G 296 -3.37 6.36 -2.10
CA GLY G 296 -3.72 4.99 -1.77
C GLY G 296 -4.55 4.28 -2.82
N THR G 297 -5.14 5.02 -3.74
CA THR G 297 -5.85 4.42 -4.86
C THR G 297 -4.83 3.79 -5.81
N TYR G 298 -5.30 2.84 -6.63
CA TYR G 298 -4.40 2.13 -7.53
C TYR G 298 -3.57 3.07 -8.37
N ASN G 299 -4.19 4.13 -8.89
CA ASN G 299 -3.47 5.16 -9.62
C ASN G 299 -3.82 6.56 -9.15
N GLY G 300 -4.74 6.70 -8.21
CA GLY G 300 -5.20 8.00 -7.76
C GLY G 300 -6.48 8.43 -8.46
N ASN G 301 -7.21 9.32 -7.79
CA ASN G 301 -8.44 9.88 -8.36
C ASN G 301 -8.07 10.90 -9.44
N LEU G 302 -7.51 10.38 -10.51
CA LEU G 302 -7.11 11.25 -11.61
C LEU G 302 -8.30 11.56 -12.50
N ASN G 303 -8.14 12.57 -13.35
CA ASN G 303 -9.17 12.98 -14.30
C ASN G 303 -9.15 12.03 -15.47
N TRP G 304 -9.67 10.82 -15.25
CA TRP G 304 -9.70 9.84 -16.33
C TRP G 304 -10.62 10.25 -17.47
N GLY G 305 -11.55 11.17 -17.21
CA GLY G 305 -12.43 11.61 -18.28
C GLY G 305 -11.68 12.29 -19.41
N MET G 306 -10.65 13.06 -19.07
CA MET G 306 -9.83 13.72 -20.07
C MET G 306 -8.62 12.89 -20.47
N GLY G 307 -8.69 11.57 -20.27
CA GLY G 307 -7.56 10.72 -20.63
C GLY G 307 -7.29 10.68 -22.12
N LEU G 308 -8.33 10.78 -22.93
CA LEU G 308 -8.15 10.73 -24.38
C LEU G 308 -7.57 12.00 -24.95
N THR G 309 -7.67 13.12 -24.25
CA THR G 309 -7.36 14.41 -24.85
C THR G 309 -5.87 14.72 -24.88
N THR G 310 -5.03 13.87 -24.28
CA THR G 310 -3.61 14.18 -24.25
C THR G 310 -3.02 14.14 -25.66
N PRO G 311 -2.03 14.98 -25.93
CA PRO G 311 -1.44 15.01 -27.28
C PRO G 311 -0.68 13.74 -27.57
N GLN G 312 -0.37 13.55 -28.86
CA GLN G 312 0.35 12.37 -29.28
C GLN G 312 1.75 12.30 -28.71
N ILE G 313 2.33 13.45 -28.34
CA ILE G 313 3.68 13.43 -27.79
C ILE G 313 3.68 12.74 -26.42
N LEU G 314 2.61 12.92 -25.65
CA LEU G 314 2.48 12.23 -24.38
C LEU G 314 2.30 10.73 -24.55
N GLY G 315 1.97 10.28 -25.75
CA GLY G 315 1.94 8.87 -26.04
C GLY G 315 0.80 8.40 -26.90
N CYS G 316 -0.42 8.94 -26.74
CA CYS G 316 -1.50 8.44 -27.58
C CYS G 316 -2.80 9.21 -27.35
N CYS G 317 -3.76 8.87 -28.20
CA CYS G 317 -5.20 9.12 -28.14
C CYS G 317 -5.67 10.52 -28.53
N ASP G 318 -4.80 11.53 -28.59
CA ASP G 318 -4.96 12.72 -29.42
C ASP G 318 -6.41 13.14 -29.67
N PHE G 319 -7.22 13.28 -28.63
CA PHE G 319 -8.62 13.64 -28.82
C PHE G 319 -8.83 15.11 -28.47
N HIS G 320 -10.03 15.61 -28.76
CA HIS G 320 -10.47 16.94 -28.36
C HIS G 320 -9.58 18.02 -28.95
N LYS G 321 -9.52 18.07 -30.26
CA LYS G 321 -8.66 19.04 -30.90
C LYS G 321 -9.46 20.29 -31.22
N PRO G 322 -8.99 21.48 -30.84
CA PRO G 322 -9.71 22.71 -31.18
C PRO G 322 -9.72 22.95 -32.67
N SER G 323 -10.49 23.95 -33.08
CA SER G 323 -10.78 24.16 -34.49
C SER G 323 -10.23 25.49 -34.99
N GLN G 324 -9.90 25.51 -36.28
CA GLN G 324 -9.45 26.75 -36.90
C GLN G 324 -10.50 27.84 -36.78
N ASN G 325 -11.77 27.47 -36.73
CA ASN G 325 -12.82 28.46 -36.47
C ASN G 325 -12.62 29.09 -35.10
N LEU G 326 -12.28 28.28 -34.10
CA LEU G 326 -12.03 28.82 -32.77
C LEU G 326 -10.81 29.74 -32.77
N VAL G 327 -9.74 29.34 -33.46
CA VAL G 327 -8.56 30.19 -33.51
C VAL G 327 -8.87 31.53 -34.17
N ASN G 328 -9.62 31.50 -35.28
CA ASN G 328 -9.98 32.73 -35.94
C ASN G 328 -10.88 33.58 -35.04
N ALA G 329 -11.75 32.95 -34.27
CA ALA G 329 -12.54 33.71 -33.31
C ALA G 329 -11.65 34.40 -32.29
N PHE G 330 -10.58 33.72 -31.86
CA PHE G 330 -9.64 34.35 -30.94
C PHE G 330 -8.93 35.53 -31.57
N LYS G 331 -8.72 35.48 -32.89
CA LYS G 331 -8.10 36.60 -33.59
C LYS G 331 -8.89 37.88 -33.38
N THR G 332 -8.19 38.99 -33.12
CA THR G 332 -8.80 40.29 -32.90
C THR G 332 -8.38 41.27 -33.99
N ASP G 333 -8.92 42.48 -33.91
CA ASP G 333 -8.72 43.51 -34.92
C ASP G 333 -7.60 44.46 -34.49
N SER G 334 -7.44 45.54 -35.25
CA SER G 334 -6.41 46.53 -34.91
C SER G 334 -6.82 47.35 -33.70
N GLN G 335 -8.09 47.71 -33.58
CA GLN G 335 -8.55 48.51 -32.46
C GLN G 335 -8.45 47.76 -31.14
N GLY G 336 -8.78 46.47 -31.14
CA GLY G 336 -8.77 45.69 -29.92
C GLY G 336 -10.10 45.02 -29.62
N LYS G 337 -10.90 44.80 -30.66
CA LYS G 337 -12.18 44.13 -30.54
C LYS G 337 -12.24 42.93 -31.48
N PRO G 338 -13.05 41.92 -31.15
CA PRO G 338 -13.16 40.77 -32.03
C PRO G 338 -13.76 41.13 -33.38
N LEU G 339 -13.30 40.45 -34.42
CA LEU G 339 -13.83 40.64 -35.77
C LEU G 339 -15.18 39.95 -35.85
N PHE G 340 -16.25 40.74 -35.77
CA PHE G 340 -17.58 40.15 -35.68
C PHE G 340 -18.04 39.52 -36.98
N SER G 341 -17.46 39.88 -38.12
CA SER G 341 -18.00 39.38 -39.38
C SER G 341 -16.95 38.72 -40.25
N THR G 342 -15.70 39.18 -40.16
CA THR G 342 -14.65 38.75 -41.07
C THR G 342 -13.56 37.96 -40.37
N TYR G 343 -13.83 37.42 -39.19
CA TYR G 343 -12.81 36.68 -38.47
C TYR G 343 -12.45 35.38 -39.18
N ASP G 344 -13.43 34.71 -39.77
CA ASP G 344 -13.20 33.40 -40.38
C ASP G 344 -12.91 33.47 -41.86
N ASN G 345 -12.81 34.67 -42.44
CA ASN G 345 -12.53 34.75 -43.87
C ASN G 345 -11.15 34.22 -44.21
N GLU G 346 -10.16 34.51 -43.36
CA GLU G 346 -8.80 34.04 -43.58
C GLU G 346 -8.25 33.46 -42.28
N ASN G 347 -7.36 32.48 -42.42
CA ASN G 347 -6.75 31.86 -41.25
C ASN G 347 -5.89 32.87 -40.50
N TYR G 348 -5.85 32.72 -39.18
CA TYR G 348 -5.09 33.63 -38.34
C TYR G 348 -3.62 33.58 -38.68
N GLU G 349 -3.01 34.75 -38.84
CA GLU G 349 -1.60 34.87 -39.16
C GLU G 349 -0.86 35.39 -37.94
N VAL G 350 0.19 34.67 -37.53
CA VAL G 350 0.87 35.00 -36.28
C VAL G 350 1.59 36.33 -36.38
N ALA G 351 2.14 36.64 -37.55
CA ALA G 351 3.02 37.79 -37.67
C ALA G 351 2.29 39.10 -37.98
N THR G 352 1.11 39.04 -38.60
CA THR G 352 0.47 40.24 -39.12
C THR G 352 -0.91 40.50 -38.54
N ASP G 353 -1.31 39.79 -37.49
CA ASP G 353 -2.63 39.97 -36.90
C ASP G 353 -2.53 40.15 -35.40
N ASN G 354 -3.33 41.08 -34.87
CA ASN G 354 -3.47 41.21 -33.43
C ASN G 354 -4.37 40.10 -32.91
N VAL G 355 -3.98 39.52 -31.78
CA VAL G 355 -4.64 38.32 -31.27
C VAL G 355 -4.86 38.46 -29.77
N ASP G 356 -6.02 37.99 -29.32
CA ASP G 356 -6.31 37.94 -27.90
C ASP G 356 -5.33 37.03 -27.19
N PRO G 357 -4.75 37.44 -26.06
CA PRO G 357 -3.81 36.56 -25.35
C PRO G 357 -4.45 35.28 -24.84
N ARG G 358 -5.77 35.24 -24.70
CA ARG G 358 -6.43 34.02 -24.25
C ARG G 358 -6.22 32.86 -25.22
N LEU G 359 -5.87 33.16 -26.47
CA LEU G 359 -5.62 32.10 -27.44
C LEU G 359 -4.49 31.19 -26.99
N PHE G 360 -3.43 31.77 -26.44
CA PHE G 360 -2.27 31.00 -26.06
C PHE G 360 -2.43 30.34 -24.70
N HIS G 361 -3.52 30.61 -23.99
CA HIS G 361 -3.91 29.81 -22.85
C HIS G 361 -4.87 28.69 -23.22
N THR G 362 -5.64 28.87 -24.29
CA THR G 362 -6.66 27.89 -24.66
C THR G 362 -6.18 26.86 -25.67
N VAL G 363 -5.52 27.31 -26.73
CA VAL G 363 -5.17 26.46 -27.86
C VAL G 363 -3.66 26.46 -28.01
N GLY G 364 -3.08 25.28 -28.14
CA GLY G 364 -1.67 25.16 -28.42
C GLY G 364 -1.38 25.10 -29.90
N MET G 365 -0.98 26.22 -30.49
CA MET G 365 -0.74 26.28 -31.92
C MET G 365 0.64 25.75 -32.27
N PRO G 366 0.82 25.27 -33.50
CA PRO G 366 2.14 24.80 -33.92
C PRO G 366 3.17 25.92 -33.88
N GLY G 367 4.41 25.54 -33.62
CA GLY G 367 5.48 26.52 -33.53
C GLY G 367 5.54 27.26 -32.21
N PHE G 368 4.77 26.86 -31.22
CA PHE G 368 4.73 27.50 -29.92
C PHE G 368 4.94 26.46 -28.84
N PRO G 369 5.41 26.88 -27.66
CA PRO G 369 5.60 25.92 -26.57
C PRO G 369 4.28 25.28 -26.17
N TYR G 370 4.36 23.99 -25.81
CA TYR G 370 3.18 23.25 -25.38
C TYR G 370 3.05 23.35 -23.87
N LYS G 371 1.98 23.99 -23.40
CA LYS G 371 1.71 24.16 -21.98
C LYS G 371 2.90 24.81 -21.27
N TYR G 372 3.45 25.83 -21.94
CA TYR G 372 4.43 26.72 -21.34
C TYR G 372 5.73 25.99 -21.05
N ASN G 373 6.07 25.03 -21.91
CA ASN G 373 7.30 24.26 -21.80
C ASN G 373 8.13 24.51 -23.05
N GLU G 374 9.27 25.17 -22.90
CA GLU G 374 10.12 25.42 -24.06
C GLU G 374 10.73 24.15 -24.62
N GLY G 375 10.75 23.07 -23.84
CA GLY G 375 11.28 21.81 -24.33
C GLY G 375 10.38 21.06 -25.27
N TYR G 376 9.14 21.50 -25.44
CA TYR G 376 8.18 20.87 -26.33
C TYR G 376 7.58 21.95 -27.22
N ILE G 377 8.01 21.99 -28.48
CA ILE G 377 7.49 22.93 -29.46
C ILE G 377 6.59 22.17 -30.42
N ILE G 378 5.35 22.62 -30.55
CA ILE G 378 4.39 21.90 -31.37
C ILE G 378 4.79 21.98 -32.83
N GLN G 379 4.73 20.85 -33.52
CA GLN G 379 5.11 20.77 -34.93
C GLN G 379 3.98 20.18 -35.74
N LYS G 380 3.95 20.52 -37.02
CA LYS G 380 2.96 19.97 -37.94
C LYS G 380 3.44 18.65 -38.54
N ASN G 381 3.80 17.72 -37.68
CA ASN G 381 4.20 16.38 -38.08
C ASN G 381 3.35 15.36 -37.33
N ASP G 382 3.55 14.09 -37.67
CA ASP G 382 2.79 13.01 -37.06
C ASP G 382 3.10 12.82 -35.58
N ASP G 383 4.18 13.41 -35.08
CA ASP G 383 4.49 13.32 -33.67
C ASP G 383 3.50 14.08 -32.81
N TRP G 384 2.65 14.91 -33.40
CA TRP G 384 1.66 15.66 -32.65
C TRP G 384 0.23 15.44 -33.10
N SER G 385 -0.01 14.96 -34.31
CA SER G 385 -1.35 14.66 -34.80
C SER G 385 -1.44 13.18 -35.09
N ARG G 386 -2.42 12.52 -34.50
CA ARG G 386 -2.62 11.09 -34.71
C ARG G 386 -3.34 10.80 -36.01
N SER G 387 -4.10 11.76 -36.54
CA SER G 387 -4.93 11.54 -37.71
C SER G 387 -4.27 11.97 -39.01
N LYS G 388 -2.98 12.28 -38.97
CA LYS G 388 -2.22 12.69 -40.16
C LYS G 388 -2.84 13.92 -40.81
N GLY G 389 -3.12 14.92 -39.99
CA GLY G 389 -3.63 16.18 -40.48
C GLY G 389 -5.11 16.21 -40.79
N LEU G 390 -5.82 15.10 -40.58
CA LEU G 390 -7.25 15.10 -40.84
C LEU G 390 -7.98 16.07 -39.93
N TYR G 391 -7.59 16.14 -38.67
CA TYR G 391 -8.23 16.99 -37.67
C TYR G 391 -7.39 18.20 -37.31
N GLY G 392 -6.48 18.61 -38.18
CA GLY G 392 -5.63 19.74 -37.87
C GLY G 392 -4.52 19.36 -36.92
N TYR G 393 -3.79 20.38 -36.47
CA TYR G 393 -2.65 20.18 -35.58
C TYR G 393 -2.75 20.99 -34.30
N TYR G 394 -3.92 21.53 -33.99
CA TYR G 394 -4.08 22.31 -32.78
C TYR G 394 -4.34 21.39 -31.59
N VAL G 395 -3.78 21.74 -30.44
CA VAL G 395 -3.87 20.93 -29.24
C VAL G 395 -4.52 21.76 -28.14
N SER G 396 -5.57 21.23 -27.54
CA SER G 396 -6.19 21.89 -26.40
C SER G 396 -5.23 21.92 -25.23
N LEU G 397 -5.26 23.01 -24.46
CA LEU G 397 -4.36 23.16 -23.34
C LEU G 397 -5.05 23.29 -21.99
N LYS G 398 -6.34 23.59 -21.95
CA LYS G 398 -6.98 23.88 -20.67
C LYS G 398 -6.98 22.67 -19.75
N GLU G 399 -7.22 21.49 -20.29
CA GLU G 399 -7.29 20.29 -19.47
C GLU G 399 -5.99 19.53 -19.39
N ASN G 400 -4.95 19.94 -20.12
CA ASN G 400 -3.68 19.26 -20.11
C ASN G 400 -2.69 19.98 -19.19
N VAL G 401 -1.64 19.27 -18.81
CA VAL G 401 -0.63 19.81 -17.90
C VAL G 401 0.75 19.56 -18.48
N ASP G 402 1.71 20.30 -17.96
CA ASP G 402 3.10 20.12 -18.36
C ASP G 402 3.55 18.70 -18.03
N PRO G 403 4.22 18.00 -18.94
CA PRO G 403 4.63 16.62 -18.65
C PRO G 403 5.59 16.49 -17.49
N ASP G 404 6.25 17.58 -17.09
CA ASP G 404 7.31 17.51 -16.10
C ASP G 404 6.88 17.98 -14.70
N CYS G 405 5.61 18.27 -14.49
CA CYS G 405 5.18 18.79 -13.19
C CYS G 405 4.77 17.68 -12.24
N ASP G 406 5.06 16.42 -12.57
CA ASP G 406 4.63 15.20 -11.88
C ASP G 406 3.22 15.37 -11.33
N CYS G 407 2.35 15.97 -12.13
CA CYS G 407 0.93 16.06 -11.89
C CYS G 407 0.20 14.92 -12.56
N LEU G 408 0.93 14.11 -13.32
CA LEU G 408 0.43 13.32 -14.42
C LEU G 408 0.89 11.89 -14.25
N LYS G 409 0.05 10.95 -14.65
CA LYS G 409 0.39 9.55 -14.46
C LYS G 409 -0.19 8.72 -15.60
N LYS G 410 0.50 7.62 -15.89
CA LYS G 410 0.12 6.70 -16.95
C LYS G 410 -0.60 5.52 -16.32
N GLY G 411 -1.92 5.52 -16.39
CA GLY G 411 -2.73 4.44 -15.87
C GLY G 411 -3.50 3.73 -16.96
N SER G 412 -2.82 3.43 -18.06
CA SER G 412 -3.35 3.03 -19.37
C SER G 412 -3.88 4.23 -20.12
N TYR G 413 -3.95 5.40 -19.50
CA TYR G 413 -4.31 6.64 -20.16
C TYR G 413 -3.68 7.76 -19.37
N TRP G 414 -2.96 8.64 -20.04
CA TRP G 414 -2.32 9.74 -19.34
C TRP G 414 -3.35 10.65 -18.69
N ALA G 415 -3.37 10.67 -17.36
CA ALA G 415 -4.36 11.45 -16.62
C ALA G 415 -3.67 12.30 -15.58
N SER G 416 -4.21 13.49 -15.34
CA SER G 416 -3.62 14.45 -14.43
C SER G 416 -4.48 14.62 -13.19
N SER G 417 -3.89 15.23 -12.17
CA SER G 417 -4.60 15.55 -10.94
C SER G 417 -5.18 16.95 -10.94
N LEU G 418 -5.22 17.60 -12.09
CA LEU G 418 -5.75 18.95 -12.17
C LEU G 418 -7.25 18.96 -11.89
N ASN G 419 -7.68 19.82 -10.98
CA ASN G 419 -9.08 19.91 -10.63
C ASN G 419 -9.89 20.39 -11.82
N HIS G 420 -11.15 19.98 -11.87
CA HIS G 420 -12.04 20.37 -12.96
C HIS G 420 -13.03 21.40 -12.44
N ILE G 421 -12.90 22.65 -12.89
CA ILE G 421 -13.74 23.72 -12.38
C ILE G 421 -15.10 23.65 -13.06
N VAL G 422 -16.16 23.57 -12.27
CA VAL G 422 -17.52 23.53 -12.80
C VAL G 422 -18.09 24.92 -12.96
N ILE G 423 -17.85 25.79 -11.97
CA ILE G 423 -18.34 27.15 -11.96
C ILE G 423 -17.15 28.08 -11.87
N ARG G 424 -17.09 29.07 -12.74
CA ARG G 424 -16.05 30.08 -12.69
C ARG G 424 -16.67 31.46 -12.50
N TYR G 425 -15.95 32.32 -11.77
CA TYR G 425 -16.46 33.64 -11.52
C TYR G 425 -16.65 34.42 -12.82
N ALA G 426 -15.84 34.12 -13.83
CA ALA G 426 -16.09 34.68 -15.15
C ALA G 426 -17.44 34.24 -15.67
N ASP G 427 -17.79 32.97 -15.45
CA ASP G 427 -19.11 32.49 -15.84
C ASP G 427 -20.20 33.23 -15.11
N VAL G 428 -20.01 33.47 -13.82
CA VAL G 428 -21.03 34.21 -13.06
C VAL G 428 -21.20 35.61 -13.63
N LEU G 429 -20.09 36.28 -13.93
CA LEU G 429 -20.17 37.64 -14.47
C LEU G 429 -20.88 37.66 -15.82
N LEU G 430 -20.56 36.71 -16.71
CA LEU G 430 -21.20 36.68 -18.01
C LEU G 430 -22.68 36.34 -17.90
N MET G 431 -23.03 35.46 -16.95
CA MET G 431 -24.42 35.18 -16.66
C MET G 431 -25.17 36.44 -16.24
N ARG G 432 -24.59 37.21 -15.32
CA ARG G 432 -25.23 38.44 -14.88
C ARG G 432 -25.39 39.42 -16.04
N ALA G 433 -24.35 39.52 -16.88
CA ALA G 433 -24.44 40.39 -18.04
C ALA G 433 -25.55 39.96 -18.98
N GLU G 434 -25.69 38.66 -19.21
CA GLU G 434 -26.74 38.17 -20.09
C GLU G 434 -28.11 38.47 -19.51
N ALA G 435 -28.27 38.29 -18.20
CA ALA G 435 -29.54 38.60 -17.57
C ALA G 435 -29.89 40.07 -17.74
N LEU G 436 -28.92 40.96 -17.51
CA LEU G 436 -29.18 42.38 -17.63
C LEU G 436 -29.54 42.77 -19.06
N ILE G 437 -28.78 42.25 -20.03
CA ILE G 437 -29.05 42.59 -21.42
C ILE G 437 -30.42 42.10 -21.84
N GLN G 438 -30.77 40.87 -21.46
CA GLN G 438 -32.08 40.34 -21.82
C GLN G 438 -33.20 41.12 -21.15
N LEU G 439 -32.99 41.55 -19.90
CA LEU G 439 -34.00 42.36 -19.23
C LEU G 439 -34.22 43.68 -19.96
N ASN G 440 -33.13 44.32 -20.40
CA ASN G 440 -33.22 45.55 -21.19
C ASN G 440 -33.95 46.65 -20.45
N ASP G 441 -33.88 46.65 -19.12
CA ASP G 441 -34.51 47.70 -18.32
C ASP G 441 -33.52 48.84 -18.06
N GLY G 442 -32.89 49.33 -19.12
CA GLY G 442 -31.95 50.44 -18.98
C GLY G 442 -30.75 50.12 -18.13
N ARG G 443 -30.20 48.92 -18.26
CA ARG G 443 -29.04 48.51 -17.49
C ARG G 443 -28.01 47.82 -18.37
N ILE G 444 -27.98 48.16 -19.65
CA ILE G 444 -26.97 47.62 -20.56
C ILE G 444 -25.59 48.07 -20.13
N THR G 445 -25.50 49.22 -19.48
CA THR G 445 -24.20 49.74 -19.07
C THR G 445 -23.53 48.84 -18.05
N ASP G 446 -24.31 48.26 -17.14
CA ASP G 446 -23.72 47.35 -16.16
C ASP G 446 -23.17 46.08 -16.84
N ALA G 447 -23.92 45.55 -17.81
CA ALA G 447 -23.43 44.39 -18.54
C ALA G 447 -22.15 44.73 -19.29
N ILE G 448 -22.10 45.91 -19.89
CA ILE G 448 -20.89 46.33 -20.58
C ILE G 448 -19.73 46.47 -19.59
N SER G 449 -20.03 46.94 -18.38
CA SER G 449 -19.00 47.02 -17.35
C SER G 449 -18.44 45.63 -17.02
N LEU G 450 -19.33 44.65 -16.88
CA LEU G 450 -18.89 43.29 -16.57
C LEU G 450 -18.04 42.72 -17.71
N ILE G 451 -18.49 42.95 -18.95
CA ILE G 451 -17.73 42.47 -20.10
C ILE G 451 -16.36 43.13 -20.16
N ASN G 452 -16.31 44.43 -19.88
CA ASN G 452 -15.04 45.14 -19.84
C ASN G 452 -14.15 44.57 -18.75
N GLU G 453 -14.72 44.19 -17.62
CA GLU G 453 -13.91 43.62 -16.55
C GLU G 453 -13.30 42.29 -16.98
N VAL G 454 -14.07 41.44 -17.63
CA VAL G 454 -13.52 40.17 -18.12
C VAL G 454 -12.44 40.42 -19.17
N ARG G 455 -12.69 41.35 -20.09
CA ARG G 455 -11.70 41.63 -21.12
C ARG G 455 -10.44 42.24 -20.55
N SER G 456 -10.57 43.08 -19.52
CA SER G 456 -9.40 43.65 -18.87
C SER G 456 -8.58 42.56 -18.20
N ARG G 457 -9.25 41.61 -17.53
CA ARG G 457 -8.53 40.48 -16.98
C ARG G 457 -7.78 39.73 -18.07
N ALA G 458 -8.44 39.49 -19.20
CA ALA G 458 -7.79 38.77 -20.28
C ALA G 458 -6.57 39.52 -20.80
N ALA G 459 -6.69 40.84 -20.96
CA ALA G 459 -5.57 41.63 -21.46
C ALA G 459 -4.41 41.60 -20.48
N GLY G 460 -4.69 41.70 -19.19
CA GLY G 460 -3.63 41.62 -18.20
C GLY G 460 -3.02 40.26 -18.06
N SER G 461 -3.74 39.21 -18.48
CA SER G 461 -3.24 37.84 -18.36
C SER G 461 -2.19 37.57 -19.44
N THR G 462 -0.98 38.08 -19.19
CA THR G 462 0.15 37.81 -20.08
C THR G 462 1.43 37.55 -19.29
N MET G 463 1.32 36.99 -18.09
CA MET G 463 2.52 36.82 -17.28
C MET G 463 3.42 35.72 -17.82
N LEU G 464 2.84 34.70 -18.44
CA LEU G 464 3.61 33.57 -18.97
C LEU G 464 3.80 33.62 -20.47
N ILE G 465 3.34 34.66 -21.14
CA ILE G 465 3.47 34.72 -22.59
C ILE G 465 4.11 36.03 -23.01
N PHE G 466 4.79 36.69 -22.07
CA PHE G 466 5.35 38.01 -22.36
C PHE G 466 6.43 37.93 -23.42
N ASN G 467 7.26 36.89 -23.39
CA ASN G 467 8.35 36.76 -24.33
C ASN G 467 7.89 36.40 -25.74
N TYR G 468 6.63 36.04 -25.92
CA TYR G 468 6.16 35.64 -27.24
C TYR G 468 6.28 36.77 -28.25
N LYS G 469 6.17 38.02 -27.81
CA LYS G 469 6.29 39.14 -28.73
C LYS G 469 7.65 39.15 -29.40
N GLU G 470 8.72 38.95 -28.64
CA GLU G 470 10.06 39.00 -29.19
C GLU G 470 10.57 37.63 -29.64
N ASP G 471 9.84 36.55 -29.36
CA ASP G 471 10.28 35.23 -29.77
C ASP G 471 9.55 34.70 -30.98
N TYR G 472 8.30 35.12 -31.19
CA TYR G 472 7.51 34.60 -32.30
C TYR G 472 6.74 35.70 -33.02
N GLY G 473 6.92 36.96 -32.66
CA GLY G 473 6.20 38.04 -33.31
C GLY G 473 4.71 38.04 -33.07
N VAL G 474 4.28 37.84 -31.82
CA VAL G 474 2.87 37.82 -31.47
C VAL G 474 2.47 39.20 -30.96
N ASN G 475 1.43 39.77 -31.55
CA ASN G 475 0.92 41.07 -31.16
C ASN G 475 -0.37 40.88 -30.36
N PHE G 476 -0.36 41.31 -29.11
CA PHE G 476 -1.53 41.25 -28.25
C PHE G 476 -2.23 42.60 -28.25
N LYS G 477 -3.53 42.60 -28.48
CA LYS G 477 -4.29 43.84 -28.55
C LYS G 477 -5.73 43.55 -28.12
N VAL G 478 -6.04 43.83 -26.86
CA VAL G 478 -7.37 43.66 -26.32
C VAL G 478 -7.72 44.91 -25.51
N THR G 479 -8.87 45.50 -25.77
CA THR G 479 -9.28 46.71 -25.08
C THR G 479 -10.73 46.60 -24.63
N PRO G 480 -11.07 47.26 -23.52
CA PRO G 480 -12.47 47.25 -23.06
C PRO G 480 -13.35 48.11 -23.93
N TYR G 481 -14.63 48.21 -23.58
CA TYR G 481 -15.58 49.03 -24.32
C TYR G 481 -15.89 50.32 -23.58
N ASP G 482 -16.14 51.38 -24.35
CA ASP G 482 -16.61 52.62 -23.77
C ASP G 482 -17.99 52.44 -23.16
N LEU G 483 -18.20 53.05 -22.00
CA LEU G 483 -19.47 52.94 -21.30
C LEU G 483 -20.47 53.90 -21.94
N LYS G 484 -21.08 53.45 -23.02
CA LYS G 484 -22.12 54.22 -23.69
C LYS G 484 -23.31 53.32 -23.95
N ALA G 485 -24.42 53.92 -24.36
CA ALA G 485 -25.61 53.16 -24.67
C ALA G 485 -25.37 52.26 -25.87
N TYR G 486 -25.80 51.01 -25.77
CA TYR G 486 -25.67 50.05 -26.85
C TYR G 486 -27.05 49.47 -27.16
N ALA G 487 -27.29 49.18 -28.43
CA ALA G 487 -28.52 48.51 -28.80
C ALA G 487 -28.54 47.10 -28.21
N GLN G 488 -29.73 46.58 -27.97
CA GLN G 488 -29.83 45.27 -27.33
C GLN G 488 -29.20 44.19 -28.19
N ASP G 489 -29.46 44.21 -29.49
CA ASP G 489 -28.87 43.20 -30.37
C ASP G 489 -27.35 43.31 -30.42
N GLU G 490 -26.83 44.54 -30.46
CA GLU G 490 -25.38 44.73 -30.47
C GLU G 490 -24.77 44.21 -29.19
N ALA G 491 -25.39 44.52 -28.05
CA ALA G 491 -24.88 44.02 -26.77
C ALA G 491 -24.92 42.51 -26.72
N MET G 492 -26.00 41.90 -27.23
CA MET G 492 -26.08 40.45 -27.23
C MET G 492 -25.01 39.83 -28.12
N LYS G 493 -24.75 40.44 -29.28
CA LYS G 493 -23.70 39.93 -30.14
C LYS G 493 -22.35 39.99 -29.44
N MET G 494 -22.07 41.11 -28.79
CA MET G 494 -20.80 41.23 -28.08
C MET G 494 -20.70 40.24 -26.94
N LEU G 495 -21.81 40.00 -26.23
CA LEU G 495 -21.79 39.03 -25.15
C LEU G 495 -21.53 37.63 -25.68
N LYS G 496 -22.17 37.26 -26.79
CA LYS G 496 -21.92 35.96 -27.39
C LYS G 496 -20.45 35.81 -27.74
N TRP G 497 -19.86 36.85 -28.33
CA TRP G 497 -18.45 36.78 -28.69
C TRP G 497 -17.57 36.64 -27.45
N GLU G 498 -17.91 37.37 -26.38
CA GLU G 498 -17.12 37.28 -25.17
C GLU G 498 -17.18 35.89 -24.57
N ARG G 499 -18.38 35.29 -24.52
CA ARG G 499 -18.49 33.94 -24.01
C ARG G 499 -17.70 32.96 -24.87
N ARG G 500 -17.78 33.13 -26.19
CA ARG G 500 -17.07 32.22 -27.08
C ARG G 500 -15.57 32.27 -26.87
N VAL G 501 -15.01 33.47 -26.75
CA VAL G 501 -13.56 33.56 -26.56
C VAL G 501 -13.15 33.26 -25.13
N GLU G 502 -14.07 33.35 -24.17
CA GLU G 502 -13.70 33.13 -22.78
C GLU G 502 -13.79 31.67 -22.37
N PHE G 503 -14.80 30.95 -22.84
CA PHE G 503 -15.02 29.57 -22.44
C PHE G 503 -14.78 28.60 -23.59
N GLY G 504 -13.83 28.91 -24.46
CA GLY G 504 -13.47 27.95 -25.49
C GLY G 504 -12.89 26.70 -24.86
N MET G 505 -13.17 25.56 -25.48
CA MET G 505 -12.69 24.25 -25.05
C MET G 505 -13.23 23.84 -23.70
N GLU G 506 -14.15 24.61 -23.11
CA GLU G 506 -14.69 24.30 -21.79
C GLU G 506 -16.04 23.62 -21.86
N SER G 507 -16.48 23.22 -23.05
CA SER G 507 -17.63 22.32 -23.22
C SER G 507 -18.94 22.96 -22.76
N SER G 508 -19.20 24.17 -23.24
CA SER G 508 -20.50 24.79 -23.06
C SER G 508 -20.98 25.53 -24.30
N ARG G 509 -20.22 25.50 -25.39
CA ARG G 509 -20.59 26.25 -26.58
C ARG G 509 -21.90 25.73 -27.16
N PHE G 510 -22.03 24.41 -27.29
CA PHE G 510 -23.25 23.86 -27.88
C PHE G 510 -24.45 24.13 -27.00
N PHE G 511 -24.28 24.02 -25.68
CA PHE G 511 -25.40 24.27 -24.78
C PHE G 511 -25.83 25.72 -24.85
N ASP G 512 -24.87 26.65 -24.94
CA ASP G 512 -25.23 28.06 -25.10
C ASP G 512 -25.94 28.30 -26.43
N LEU G 513 -25.47 27.64 -27.50
CA LEU G 513 -26.14 27.81 -28.78
C LEU G 513 -27.58 27.32 -28.73
N VAL G 514 -27.80 26.17 -28.09
CA VAL G 514 -29.16 25.67 -27.95
C VAL G 514 -30.01 26.62 -27.13
N ARG G 515 -29.45 27.13 -26.03
CA ARG G 515 -30.20 28.03 -25.17
C ARG G 515 -30.60 29.29 -25.92
N TRP G 516 -29.69 29.84 -26.71
CA TRP G 516 -30.00 31.04 -27.48
C TRP G 516 -30.95 30.75 -28.63
N GLY G 517 -30.93 29.53 -29.15
CA GLY G 517 -31.80 29.13 -30.23
C GLY G 517 -31.17 29.20 -31.61
N GLU G 518 -30.03 29.88 -31.76
CA GLU G 518 -29.38 30.00 -33.05
C GLU G 518 -28.46 28.83 -33.34
N ALA G 519 -28.67 27.70 -32.66
CA ALA G 519 -27.78 26.56 -32.84
C ALA G 519 -27.79 26.07 -34.28
N LYS G 520 -28.97 25.98 -34.88
CA LYS G 520 -29.06 25.46 -36.25
C LYS G 520 -28.27 26.34 -37.21
N ASP G 521 -28.49 27.65 -37.16
CA ASP G 521 -27.81 28.54 -38.10
C ASP G 521 -26.32 28.53 -37.88
N VAL G 522 -25.88 28.62 -36.62
CA VAL G 522 -24.46 28.66 -36.34
C VAL G 522 -23.80 27.36 -36.79
N ILE G 523 -24.44 26.22 -36.51
CA ILE G 523 -23.85 24.93 -36.85
C ILE G 523 -23.78 24.74 -38.36
N ASN G 524 -24.83 25.15 -39.08
CA ASN G 524 -24.79 25.03 -40.53
C ASN G 524 -23.70 25.92 -41.13
N ALA G 525 -23.58 27.16 -40.63
CA ALA G 525 -22.52 28.03 -41.12
C ALA G 525 -21.16 27.43 -40.84
N TYR G 526 -20.97 26.87 -39.64
CA TYR G 526 -19.70 26.24 -39.30
C TYR G 526 -19.41 25.06 -40.21
N TYR G 527 -20.42 24.24 -40.48
CA TYR G 527 -20.24 23.11 -41.38
C TYR G 527 -19.78 23.58 -42.76
N VAL G 528 -20.48 24.56 -43.33
CA VAL G 528 -20.13 25.04 -44.65
C VAL G 528 -18.73 25.62 -44.66
N THR G 529 -18.39 26.41 -43.63
CA THR G 529 -17.10 27.06 -43.62
C THR G 529 -15.96 26.08 -43.43
N GLU G 530 -16.11 25.10 -42.54
CA GLU G 530 -15.04 24.19 -42.19
C GLU G 530 -14.99 22.94 -43.06
N ALA G 531 -15.96 22.74 -43.95
CA ALA G 531 -15.87 21.61 -44.85
C ALA G 531 -14.65 21.73 -45.77
N SER G 532 -14.18 22.94 -46.02
CA SER G 532 -13.02 23.12 -46.87
C SER G 532 -11.75 22.63 -46.20
N ARG G 533 -11.56 22.99 -44.93
CA ARG G 533 -10.34 22.65 -44.22
C ARG G 533 -10.44 21.35 -43.42
N CYS G 534 -11.60 20.70 -43.41
CA CYS G 534 -11.75 19.38 -42.81
C CYS G 534 -12.70 18.57 -43.66
N SER G 535 -12.25 17.40 -44.12
CA SER G 535 -13.04 16.62 -45.06
C SER G 535 -14.17 15.85 -44.41
N ILE G 536 -14.25 15.85 -43.08
CA ILE G 536 -15.30 15.10 -42.42
C ILE G 536 -16.66 15.79 -42.55
N TYR G 537 -16.67 17.07 -42.92
CA TYR G 537 -17.89 17.85 -43.00
C TYR G 537 -18.47 17.90 -44.40
N LYS G 538 -18.08 16.98 -45.28
CA LYS G 538 -18.64 16.96 -46.61
C LYS G 538 -20.13 16.65 -46.57
N ASN G 539 -20.54 15.74 -45.70
CA ASN G 539 -21.92 15.29 -45.62
C ASN G 539 -22.63 15.76 -44.36
N ALA G 540 -22.06 16.70 -43.64
CA ALA G 540 -22.66 17.17 -42.40
C ALA G 540 -23.94 17.95 -42.67
N GLY G 541 -24.85 17.90 -41.71
CA GLY G 541 -26.09 18.63 -41.80
C GLY G 541 -26.87 18.64 -40.50
N PHE G 542 -27.34 19.80 -40.09
CA PHE G 542 -28.02 19.96 -38.82
C PHE G 542 -29.51 20.14 -39.04
N THR G 543 -30.31 19.32 -38.38
CA THR G 543 -31.76 19.40 -38.53
C THR G 543 -32.33 20.46 -37.60
N GLU G 544 -33.37 21.15 -38.08
CA GLU G 544 -33.87 22.33 -37.39
C GLU G 544 -34.38 22.01 -35.99
N ASN G 545 -35.15 20.93 -35.85
CA ASN G 545 -35.77 20.62 -34.57
C ASN G 545 -35.52 19.17 -34.16
N LYS G 546 -34.37 18.63 -34.50
CA LYS G 546 -34.10 17.27 -34.06
C LYS G 546 -32.76 17.12 -33.36
N ASN G 547 -31.74 17.83 -33.81
CA ASN G 547 -30.37 17.59 -33.36
C ASN G 547 -29.92 18.53 -32.26
N GLU G 548 -30.80 19.38 -31.73
CA GLU G 548 -30.39 20.22 -30.62
C GLU G 548 -30.48 19.51 -29.28
N TYR G 549 -30.89 18.25 -29.25
CA TYR G 549 -30.90 17.48 -28.03
C TYR G 549 -30.62 16.03 -28.38
N LEU G 550 -29.92 15.34 -27.49
CA LEU G 550 -29.73 13.92 -27.67
C LEU G 550 -31.06 13.19 -27.52
N PRO G 551 -31.30 12.16 -28.32
CA PRO G 551 -32.53 11.38 -28.14
C PRO G 551 -32.50 10.63 -26.83
N VAL G 552 -33.68 10.42 -26.26
CA VAL G 552 -33.79 9.55 -25.10
C VAL G 552 -33.42 8.13 -25.51
N PRO G 553 -32.59 7.42 -24.75
CA PRO G 553 -32.10 6.12 -25.23
C PRO G 553 -33.22 5.13 -25.50
N PHE G 554 -33.06 4.41 -26.61
CA PHE G 554 -34.06 3.43 -27.01
C PHE G 554 -34.16 2.31 -25.99
N GLU G 555 -33.03 1.93 -25.40
CA GLU G 555 -33.07 0.91 -24.36
C GLU G 555 -33.93 1.34 -23.19
N GLN G 556 -33.77 2.59 -22.74
CA GLN G 556 -34.57 3.07 -21.63
C GLN G 556 -36.04 3.16 -22.01
N ILE G 557 -36.33 3.61 -23.23
CA ILE G 557 -37.74 3.69 -23.65
C ILE G 557 -38.36 2.30 -23.68
N SER G 558 -37.63 1.31 -24.19
CA SER G 558 -38.15 -0.05 -24.20
C SER G 558 -38.35 -0.58 -22.79
N ALA G 559 -37.40 -0.30 -21.90
CA ALA G 559 -37.51 -0.80 -20.52
C ALA G 559 -38.73 -0.22 -19.83
N SER G 560 -38.97 1.09 -19.98
CA SER G 560 -40.14 1.73 -19.39
C SER G 560 -41.20 1.84 -20.49
N ASN G 561 -41.90 0.74 -20.72
CA ASN G 561 -42.86 0.69 -21.81
C ASN G 561 -44.05 1.62 -21.52
N GLY G 562 -44.33 2.51 -22.47
CA GLY G 562 -45.44 3.42 -22.30
C GLY G 562 -45.25 4.49 -21.27
N ASN G 563 -44.00 4.83 -20.93
CA ASN G 563 -43.74 5.88 -19.96
C ASN G 563 -42.81 6.97 -20.48
N TYR G 564 -41.82 6.64 -21.29
CA TYR G 564 -40.88 7.62 -21.81
C TYR G 564 -41.31 8.03 -23.20
N THR G 565 -41.23 9.33 -23.49
CA THR G 565 -41.54 9.85 -24.81
C THR G 565 -40.27 10.40 -25.43
N GLN G 566 -39.95 9.93 -26.63
CA GLN G 566 -38.77 10.40 -27.33
C GLN G 566 -38.92 11.89 -27.66
N ASN G 567 -37.79 12.57 -27.76
CA ASN G 567 -37.80 13.99 -28.10
C ASN G 567 -38.40 14.20 -29.48
N PHE G 568 -38.78 15.45 -29.74
CA PHE G 568 -39.39 15.80 -31.01
C PHE G 568 -38.41 15.57 -32.15
N GLY G 569 -38.93 15.12 -33.29
CA GLY G 569 -38.13 14.92 -34.48
C GLY G 569 -37.59 13.52 -34.66
N TRP G 570 -37.76 12.64 -33.70
CA TRP G 570 -37.29 11.26 -33.84
C TRP G 570 -38.44 10.30 -34.07
N ARG H 118 -24.28 -51.74 -19.25
CA ARG H 118 -25.28 -51.59 -18.20
C ARG H 118 -25.58 -50.13 -17.97
N LYS H 119 -26.83 -49.72 -18.23
CA LYS H 119 -27.21 -48.31 -18.20
C LYS H 119 -27.61 -47.83 -16.82
N ALA H 120 -27.20 -48.53 -15.76
CA ALA H 120 -27.48 -48.11 -14.39
C ALA H 120 -28.97 -47.87 -14.15
N ASP H 121 -29.46 -46.72 -14.60
CA ASP H 121 -30.87 -46.38 -14.41
C ASP H 121 -31.78 -47.37 -15.14
N LEU H 122 -31.45 -47.69 -16.40
CA LEU H 122 -32.16 -48.63 -17.25
C LEU H 122 -33.55 -48.14 -17.66
N THR H 123 -33.99 -46.97 -17.19
CA THR H 123 -35.31 -46.49 -17.56
C THR H 123 -35.31 -44.98 -17.82
N GLY H 124 -34.21 -44.44 -18.32
CA GLY H 124 -34.13 -43.01 -18.57
C GLY H 124 -33.16 -42.71 -19.71
N ALA H 125 -33.03 -41.43 -20.00
CA ALA H 125 -32.16 -40.95 -21.08
C ALA H 125 -30.73 -41.01 -20.59
N VAL H 126 -30.08 -42.15 -20.84
CA VAL H 126 -28.71 -42.41 -20.44
C VAL H 126 -27.91 -42.79 -21.67
N SER H 127 -26.76 -42.15 -21.85
CA SER H 127 -25.85 -42.48 -22.94
C SER H 127 -24.57 -43.04 -22.34
N VAL H 128 -24.20 -44.25 -22.73
CA VAL H 128 -22.98 -44.89 -22.25
C VAL H 128 -21.87 -44.63 -23.24
N VAL H 129 -20.76 -44.09 -22.77
CA VAL H 129 -19.63 -43.74 -23.62
C VAL H 129 -18.56 -44.80 -23.45
N LYS H 130 -17.98 -45.23 -24.56
CA LYS H 130 -17.01 -46.32 -24.56
C LYS H 130 -15.60 -45.75 -24.40
N VAL H 131 -15.03 -45.96 -23.21
CA VAL H 131 -13.71 -45.42 -22.91
C VAL H 131 -12.63 -46.06 -23.75
N ASP H 132 -12.84 -47.28 -24.25
CA ASP H 132 -11.83 -47.94 -25.05
C ASP H 132 -11.52 -47.16 -26.33
N GLU H 133 -12.45 -46.34 -26.81
CA GLU H 133 -12.13 -45.42 -27.89
C GLU H 133 -12.12 -43.96 -27.46
N ILE H 134 -12.61 -43.64 -26.26
CA ILE H 134 -12.31 -42.32 -25.70
C ILE H 134 -10.81 -42.13 -25.53
N GLN H 135 -10.14 -43.15 -24.99
CA GLN H 135 -8.70 -43.06 -24.79
C GLN H 135 -7.94 -43.00 -26.10
N LYS H 136 -8.56 -43.40 -27.21
CA LYS H 136 -7.83 -43.46 -28.48
C LYS H 136 -7.47 -42.06 -28.96
N GLN H 137 -8.33 -41.08 -28.71
CA GLN H 137 -8.06 -39.73 -29.19
C GLN H 137 -6.84 -39.11 -28.52
N GLY H 138 -6.38 -39.67 -27.41
CA GLY H 138 -5.17 -39.19 -26.78
C GLY H 138 -5.26 -37.75 -26.32
N GLU H 139 -6.37 -37.38 -25.71
CA GLU H 139 -6.61 -36.01 -25.26
C GLU H 139 -6.47 -35.93 -23.75
N ASN H 140 -5.98 -34.79 -23.27
CA ASN H 140 -5.90 -34.56 -21.84
C ASN H 140 -7.26 -34.60 -21.18
N ASN H 141 -8.24 -33.95 -21.79
CA ASN H 141 -9.56 -33.83 -21.19
C ASN H 141 -10.46 -34.91 -21.75
N PRO H 142 -10.93 -35.87 -20.94
CA PRO H 142 -11.88 -36.86 -21.46
C PRO H 142 -13.15 -36.23 -21.97
N VAL H 143 -13.58 -35.13 -21.36
CA VAL H 143 -14.76 -34.42 -21.85
C VAL H 143 -14.52 -33.91 -23.26
N LYS H 144 -13.34 -33.33 -23.50
CA LYS H 144 -13.01 -32.89 -24.86
C LYS H 144 -12.90 -34.07 -25.81
N ALA H 145 -12.44 -35.22 -25.30
CA ALA H 145 -12.38 -36.41 -26.14
C ALA H 145 -13.77 -36.84 -26.60
N LEU H 146 -14.74 -36.80 -25.70
CA LEU H 146 -16.12 -37.16 -26.08
C LEU H 146 -16.87 -35.96 -26.67
N GLN H 147 -16.25 -35.31 -27.65
CA GLN H 147 -16.78 -34.06 -28.17
C GLN H 147 -18.06 -34.26 -28.97
N GLY H 148 -18.06 -35.22 -29.89
CA GLY H 148 -19.23 -35.38 -30.74
C GLY H 148 -19.82 -36.77 -30.69
N ARG H 149 -19.51 -37.52 -29.64
CA ARG H 149 -19.89 -38.92 -29.54
C ARG H 149 -21.17 -39.13 -28.74
N VAL H 150 -21.80 -38.06 -28.26
CA VAL H 150 -23.00 -38.15 -27.45
C VAL H 150 -24.09 -37.29 -28.09
N PRO H 151 -25.25 -37.86 -28.43
CA PRO H 151 -26.33 -37.03 -28.95
C PRO H 151 -26.83 -36.04 -27.91
N GLY H 152 -27.31 -34.91 -28.38
CA GLY H 152 -27.83 -33.89 -27.48
C GLY H 152 -26.78 -33.32 -26.56
N MET H 153 -25.54 -33.25 -27.00
CA MET H 153 -24.47 -32.64 -26.23
C MET H 153 -23.57 -31.84 -27.14
N ASN H 154 -23.20 -30.64 -26.69
CA ASN H 154 -22.36 -29.74 -27.45
C ASN H 154 -21.11 -29.44 -26.63
N ILE H 155 -19.95 -29.75 -27.19
CA ILE H 155 -18.67 -29.50 -26.55
C ILE H 155 -17.92 -28.49 -27.39
N THR H 156 -17.53 -27.38 -26.78
CA THR H 156 -16.77 -26.34 -27.45
C THR H 156 -15.42 -26.20 -26.79
N ALA H 157 -14.35 -26.43 -27.55
CA ALA H 157 -12.98 -26.34 -27.05
C ALA H 157 -12.19 -25.42 -27.96
N ASP H 158 -11.48 -24.46 -27.36
CA ASP H 158 -10.75 -23.48 -28.15
C ASP H 158 -9.47 -24.05 -28.76
N GLY H 159 -8.80 -24.96 -28.07
CA GLY H 159 -7.55 -25.49 -28.56
C GLY H 159 -6.33 -25.08 -27.76
N ASN H 160 -6.51 -24.44 -26.61
CA ASN H 160 -5.40 -24.11 -25.74
C ASN H 160 -4.76 -25.38 -25.20
N PRO H 161 -3.52 -25.30 -24.72
CA PRO H 161 -2.86 -26.54 -24.25
C PRO H 161 -3.65 -27.28 -23.19
N SER H 162 -4.29 -26.57 -22.27
CA SER H 162 -5.19 -27.21 -21.34
C SER H 162 -6.41 -27.73 -22.09
N GLY H 163 -7.00 -28.80 -21.58
CA GLY H 163 -8.11 -29.39 -22.28
C GLY H 163 -9.43 -28.73 -21.96
N SER H 164 -9.38 -27.51 -21.44
CA SER H 164 -10.57 -26.83 -20.97
C SER H 164 -11.60 -26.71 -22.08
N ALA H 165 -12.84 -27.07 -21.77
CA ALA H 165 -13.90 -27.08 -22.76
C ALA H 165 -15.22 -26.77 -22.07
N THR H 166 -16.18 -26.30 -22.86
CA THR H 166 -17.50 -25.93 -22.35
C THR H 166 -18.52 -26.95 -22.85
N VAL H 167 -19.39 -27.39 -21.94
CA VAL H 167 -20.34 -28.46 -22.20
C VAL H 167 -21.75 -27.89 -22.11
N ARG H 168 -22.60 -28.29 -23.05
CA ARG H 168 -24.01 -27.91 -23.03
C ARG H 168 -24.83 -29.16 -23.35
N ILE H 169 -25.59 -29.65 -22.38
CA ILE H 169 -26.39 -30.86 -22.55
C ILE H 169 -27.82 -30.47 -22.84
N ARG H 170 -28.41 -31.07 -23.88
CA ARG H 170 -29.77 -30.79 -24.29
C ARG H 170 -29.98 -29.31 -24.62
N GLY H 171 -28.96 -28.67 -25.17
CA GLY H 171 -29.07 -27.26 -25.50
C GLY H 171 -29.03 -26.40 -24.26
N ILE H 172 -29.29 -25.11 -24.48
CA ILE H 172 -29.31 -24.15 -23.38
C ILE H 172 -30.56 -24.37 -22.56
N GLY H 173 -30.39 -24.52 -21.25
CA GLY H 173 -31.52 -24.84 -20.40
C GLY H 173 -31.94 -23.75 -19.45
N THR H 174 -31.07 -22.78 -19.19
CA THR H 174 -31.38 -21.77 -18.21
C THR H 174 -30.55 -20.53 -18.49
N LEU H 175 -30.96 -19.41 -17.88
CA LEU H 175 -30.28 -18.13 -18.01
C LEU H 175 -29.17 -17.97 -16.99
N ASN H 176 -28.68 -19.07 -16.43
CA ASN H 176 -27.59 -19.06 -15.45
C ASN H 176 -26.48 -19.95 -15.95
N ASN H 177 -25.54 -20.31 -15.07
CA ASN H 177 -24.53 -21.30 -15.41
C ASN H 177 -25.19 -22.57 -15.92
N ASN H 178 -24.82 -22.98 -17.14
CA ASN H 178 -25.37 -24.17 -17.77
C ASN H 178 -24.43 -25.36 -17.67
N ASP H 179 -23.37 -25.28 -16.88
CA ASP H 179 -22.40 -26.35 -16.83
C ASP H 179 -23.04 -27.61 -16.23
N PRO H 180 -22.78 -28.78 -16.81
CA PRO H 180 -23.31 -30.02 -16.24
C PRO H 180 -22.57 -30.38 -14.97
N LEU H 181 -23.14 -31.33 -14.23
CA LEU H 181 -22.60 -31.77 -12.96
C LEU H 181 -21.81 -33.05 -13.15
N TYR H 182 -20.50 -33.00 -12.89
CA TYR H 182 -19.67 -34.19 -12.94
C TYR H 182 -19.74 -34.89 -11.60
N ILE H 183 -19.80 -36.22 -11.64
CA ILE H 183 -19.82 -37.05 -10.43
C ILE H 183 -18.75 -38.09 -10.59
N ILE H 184 -17.64 -37.92 -9.90
CA ILE H 184 -16.52 -38.86 -9.94
C ILE H 184 -16.60 -39.70 -8.68
N ASP H 185 -16.87 -41.00 -8.85
CA ASP H 185 -16.93 -41.95 -7.75
C ASP H 185 -17.91 -41.49 -6.67
N GLY H 186 -19.04 -40.93 -7.11
CA GLY H 186 -20.09 -40.54 -6.20
C GLY H 186 -19.97 -39.15 -5.60
N VAL H 187 -18.91 -38.42 -5.90
CA VAL H 187 -18.69 -37.09 -5.33
C VAL H 187 -18.97 -36.06 -6.42
N PRO H 188 -19.99 -35.22 -6.26
CA PRO H 188 -20.30 -34.25 -7.31
C PRO H 188 -19.32 -33.10 -7.33
N THR H 189 -19.11 -32.58 -8.52
CA THR H 189 -18.25 -31.41 -8.70
C THR H 189 -18.54 -30.77 -10.03
N LYS H 190 -18.31 -29.46 -10.10
CA LYS H 190 -18.47 -28.70 -11.33
C LYS H 190 -17.14 -28.24 -11.90
N ALA H 191 -16.03 -28.55 -11.25
CA ALA H 191 -14.73 -28.16 -11.77
C ALA H 191 -14.41 -28.94 -13.05
N GLY H 192 -13.67 -28.29 -13.95
CA GLY H 192 -13.34 -28.93 -15.20
C GLY H 192 -12.48 -30.16 -15.00
N MET H 193 -12.63 -31.11 -15.92
CA MET H 193 -11.90 -32.36 -15.82
C MET H 193 -10.48 -32.28 -16.38
N HIS H 194 -10.11 -31.17 -17.01
CA HIS H 194 -8.78 -31.05 -17.57
C HIS H 194 -7.69 -31.10 -16.52
N GLU H 195 -8.03 -30.84 -15.26
CA GLU H 195 -7.09 -30.93 -14.16
C GLU H 195 -7.11 -32.30 -13.49
N LEU H 196 -7.87 -33.25 -14.02
CA LEU H 196 -7.92 -34.61 -13.49
C LEU H 196 -7.45 -35.59 -14.55
N ASN H 197 -6.75 -36.63 -14.11
CA ASN H 197 -6.25 -37.65 -15.02
C ASN H 197 -7.41 -38.37 -15.67
N GLY H 198 -7.37 -38.47 -17.00
CA GLY H 198 -8.47 -39.08 -17.72
C GLY H 198 -8.17 -40.49 -18.17
N ASN H 199 -6.94 -40.95 -17.97
CA ASN H 199 -6.54 -42.27 -18.39
C ASN H 199 -6.87 -43.35 -17.39
N ASP H 200 -7.48 -42.99 -16.27
CA ASP H 200 -7.94 -43.95 -15.27
C ASP H 200 -9.45 -43.90 -15.11
N ILE H 201 -10.14 -43.82 -16.24
CA ILE H 201 -11.61 -43.81 -16.26
C ILE H 201 -12.10 -45.16 -16.74
N GLU H 202 -12.97 -45.78 -15.96
CA GLU H 202 -13.48 -47.09 -16.33
C GLU H 202 -14.80 -47.00 -17.09
N SER H 203 -15.69 -46.09 -16.70
CA SER H 203 -16.96 -45.97 -17.39
C SER H 203 -17.44 -44.52 -17.34
N ILE H 204 -18.12 -44.10 -18.39
CA ILE H 204 -18.72 -42.78 -18.46
C ILE H 204 -20.17 -42.92 -18.88
N GLN H 205 -21.07 -42.35 -18.09
CA GLN H 205 -22.49 -42.35 -18.41
C GLN H 205 -23.03 -40.94 -18.32
N VAL H 206 -23.69 -40.49 -19.38
CA VAL H 206 -24.30 -39.18 -19.41
C VAL H 206 -25.79 -39.34 -19.17
N LEU H 207 -26.27 -38.79 -18.06
CA LEU H 207 -27.67 -38.78 -17.71
C LEU H 207 -28.24 -37.44 -18.13
N LYS H 208 -29.11 -37.44 -19.15
CA LYS H 208 -29.64 -36.21 -19.71
C LYS H 208 -31.10 -35.97 -19.35
N ASP H 209 -31.76 -36.90 -18.68
CA ASP H 209 -33.16 -36.77 -18.32
C ASP H 209 -33.28 -36.32 -16.88
N ALA H 210 -34.27 -35.48 -16.60
CA ALA H 210 -34.50 -35.02 -15.24
C ALA H 210 -34.86 -36.19 -14.32
N ALA H 211 -35.71 -37.10 -14.80
CA ALA H 211 -36.12 -38.22 -13.97
C ALA H 211 -34.93 -39.11 -13.61
N SER H 212 -34.07 -39.38 -14.57
CA SER H 212 -32.94 -40.27 -14.32
C SER H 212 -31.85 -39.59 -13.50
N ALA H 213 -31.59 -38.30 -13.78
CA ALA H 213 -30.47 -37.60 -13.18
C ALA H 213 -30.82 -36.88 -11.88
N SER H 214 -32.10 -36.83 -11.52
CA SER H 214 -32.46 -36.10 -10.31
C SER H 214 -31.89 -36.74 -9.06
N ILE H 215 -31.79 -38.06 -9.03
CA ILE H 215 -31.35 -38.75 -7.83
C ILE H 215 -29.88 -38.49 -7.52
N TYR H 216 -29.11 -37.98 -8.46
CA TYR H 216 -27.68 -37.81 -8.26
C TYR H 216 -27.30 -36.44 -7.74
N GLY H 217 -28.25 -35.57 -7.46
CA GLY H 217 -27.93 -34.30 -6.85
C GLY H 217 -28.99 -33.26 -7.15
N SER H 218 -28.91 -32.17 -6.40
CA SER H 218 -29.80 -31.03 -6.58
C SER H 218 -29.29 -30.05 -7.63
N ARG H 219 -28.10 -30.28 -8.17
CA ARG H 219 -27.53 -29.47 -9.23
C ARG H 219 -27.55 -30.22 -10.57
N ALA H 220 -28.55 -31.06 -10.77
CA ALA H 220 -28.64 -31.90 -11.96
C ALA H 220 -29.50 -31.29 -13.04
N ALA H 221 -29.82 -30.00 -12.94
CA ALA H 221 -30.72 -29.39 -13.91
C ALA H 221 -30.14 -29.42 -15.31
N ASN H 222 -28.83 -29.34 -15.44
CA ASN H 222 -28.17 -29.27 -16.73
C ASN H 222 -27.60 -30.60 -17.19
N GLY H 223 -27.93 -31.68 -16.50
CA GLY H 223 -27.40 -32.97 -16.89
C GLY H 223 -26.25 -33.41 -16.00
N VAL H 224 -26.07 -34.72 -15.90
CA VAL H 224 -25.10 -35.32 -15.01
C VAL H 224 -24.16 -36.20 -15.82
N ILE H 225 -22.87 -36.13 -15.52
CA ILE H 225 -21.88 -37.01 -16.14
C ILE H 225 -21.26 -37.85 -15.04
N ILE H 226 -21.60 -39.12 -15.01
CA ILE H 226 -21.10 -40.05 -14.00
C ILE H 226 -19.85 -40.71 -14.53
N ILE H 227 -18.74 -40.56 -13.81
CA ILE H 227 -17.45 -41.09 -14.21
C ILE H 227 -17.02 -42.08 -13.14
N THR H 228 -16.82 -43.33 -13.55
CA THR H 228 -16.35 -44.38 -12.66
C THR H 228 -14.91 -44.71 -13.01
N THR H 229 -14.02 -44.53 -12.04
CA THR H 229 -12.61 -44.78 -12.26
C THR H 229 -12.32 -46.28 -12.21
N LYS H 230 -11.13 -46.64 -12.69
CA LYS H 230 -10.73 -48.03 -12.74
C LYS H 230 -10.60 -48.61 -11.35
N GLN H 231 -10.93 -49.89 -11.21
CA GLN H 231 -10.82 -50.59 -9.95
C GLN H 231 -10.18 -51.94 -10.18
N GLY H 232 -9.59 -52.48 -9.12
CA GLY H 232 -8.95 -53.78 -9.21
C GLY H 232 -9.92 -54.88 -9.54
N LYS H 233 -9.75 -55.50 -10.71
CA LYS H 233 -10.59 -56.61 -11.11
C LYS H 233 -10.32 -57.81 -10.20
N LYS H 234 -11.40 -58.46 -9.77
CA LYS H 234 -11.29 -59.49 -8.74
C LYS H 234 -10.42 -60.65 -9.21
N GLY H 235 -9.53 -61.09 -8.32
CA GLY H 235 -8.76 -62.29 -8.58
C GLY H 235 -7.63 -62.16 -9.56
N GLN H 236 -7.19 -60.94 -9.87
CA GLN H 236 -6.11 -60.80 -10.83
C GLN H 236 -5.37 -59.49 -10.61
N ILE H 237 -4.15 -59.43 -11.14
CA ILE H 237 -3.28 -58.27 -11.01
C ILE H 237 -2.76 -57.93 -12.40
N LYS H 238 -2.84 -56.65 -12.76
CA LYS H 238 -2.40 -56.20 -14.07
C LYS H 238 -1.66 -54.88 -13.93
N ILE H 239 -0.83 -54.60 -14.93
CA ILE H 239 -0.10 -53.33 -15.01
C ILE H 239 -0.09 -52.87 -16.45
N ASN H 240 -0.30 -51.58 -16.66
CA ASN H 240 -0.31 -50.98 -17.98
C ASN H 240 0.59 -49.75 -17.98
N PHE H 241 1.40 -49.62 -19.01
CA PHE H 241 2.24 -48.45 -19.23
C PHE H 241 1.98 -47.92 -20.62
N ASP H 242 1.55 -46.66 -20.70
CA ASP H 242 1.22 -46.02 -21.96
C ASP H 242 2.13 -44.82 -22.16
N ALA H 243 2.72 -44.70 -23.34
CA ALA H 243 3.55 -43.56 -23.68
C ALA H 243 3.07 -42.98 -25.00
N SER H 244 3.23 -41.67 -25.14
CA SER H 244 2.72 -40.99 -26.32
C SER H 244 3.49 -39.70 -26.54
N VAL H 245 3.96 -39.48 -27.75
CA VAL H 245 4.66 -38.27 -28.14
C VAL H 245 4.02 -37.73 -29.41
N SER H 246 3.68 -36.46 -29.41
CA SER H 246 2.95 -35.87 -30.52
C SER H 246 3.52 -34.50 -30.86
N ALA H 247 3.33 -34.11 -32.11
CA ALA H 247 3.67 -32.77 -32.59
C ALA H 247 2.40 -32.09 -33.06
N SER H 248 2.18 -30.87 -32.60
CA SER H 248 1.01 -30.09 -32.94
C SER H 248 1.43 -28.93 -33.84
N MET H 249 0.81 -28.83 -35.00
CA MET H 249 1.15 -27.82 -35.99
C MET H 249 -0.04 -26.90 -36.21
N TYR H 250 0.28 -25.64 -36.53
CA TYR H 250 -0.72 -24.60 -36.70
C TYR H 250 -1.16 -24.56 -38.15
N GLN H 251 -2.41 -24.95 -38.42
CA GLN H 251 -2.91 -25.07 -39.77
C GLN H 251 -3.76 -23.89 -40.21
N SER H 252 -4.61 -23.35 -39.35
CA SER H 252 -5.50 -22.25 -39.72
C SER H 252 -4.75 -20.92 -39.60
N LYS H 253 -3.76 -20.76 -40.48
CA LYS H 253 -2.95 -19.56 -40.52
C LYS H 253 -3.68 -18.49 -41.32
N MET H 254 -4.17 -17.45 -40.64
CA MET H 254 -4.87 -16.37 -41.32
C MET H 254 -3.93 -15.67 -42.29
N ASN H 255 -4.40 -15.42 -43.50
CA ASN H 255 -3.59 -14.80 -44.55
C ASN H 255 -3.72 -13.29 -44.44
N VAL H 256 -2.68 -12.64 -43.92
CA VAL H 256 -2.67 -11.20 -43.79
C VAL H 256 -1.78 -10.63 -44.89
N LEU H 257 -1.97 -9.34 -45.16
CA LEU H 257 -1.23 -8.68 -46.23
C LEU H 257 0.25 -8.57 -45.89
N ASN H 258 1.09 -8.83 -46.88
CA ASN H 258 2.52 -8.56 -46.73
C ASN H 258 2.75 -7.08 -46.96
N THR H 259 4.02 -6.67 -47.06
CA THR H 259 4.31 -5.24 -47.21
C THR H 259 3.80 -4.70 -48.55
N GLU H 260 4.11 -5.41 -49.64
CA GLU H 260 3.67 -4.94 -50.95
C GLU H 260 2.16 -4.94 -51.06
N GLN H 261 1.51 -6.00 -50.58
CA GLN H 261 0.05 -6.07 -50.64
C GLN H 261 -0.57 -4.96 -49.79
N TYR H 262 0.03 -4.68 -48.63
CA TYR H 262 -0.48 -3.62 -47.77
C TYR H 262 -0.38 -2.28 -48.47
N GLY H 263 0.75 -2.00 -49.12
CA GLY H 263 0.89 -0.76 -49.86
C GLY H 263 -0.12 -0.65 -50.98
N ARG H 264 -0.32 -1.75 -51.72
CA ARG H 264 -1.29 -1.75 -52.79
C ARG H 264 -2.70 -1.49 -52.29
N ALA H 265 -3.07 -2.11 -51.18
CA ALA H 265 -4.40 -1.91 -50.63
C ALA H 265 -4.59 -0.46 -50.18
N MET H 266 -3.59 0.10 -49.52
CA MET H 266 -3.73 1.49 -49.08
C MET H 266 -3.83 2.43 -50.27
N TRP H 267 -3.05 2.18 -51.33
CA TRP H 267 -3.15 3.00 -52.52
C TRP H 267 -4.54 2.88 -53.13
N GLN H 268 -5.09 1.67 -53.18
CA GLN H 268 -6.42 1.49 -53.74
C GLN H 268 -7.45 2.26 -52.94
N ALA H 269 -7.34 2.22 -51.61
CA ALA H 269 -8.27 2.97 -50.77
C ALA H 269 -8.18 4.46 -51.04
N TYR H 270 -6.95 4.97 -51.15
CA TYR H 270 -6.78 6.41 -51.37
C TYR H 270 -7.37 6.83 -52.71
N VAL H 271 -7.10 6.07 -53.77
CA VAL H 271 -7.59 6.48 -55.08
C VAL H 271 -9.10 6.31 -55.16
N ASN H 272 -9.66 5.30 -54.49
CA ASN H 272 -11.12 5.17 -54.48
C ASN H 272 -11.76 6.34 -53.76
N ASP H 273 -11.17 6.79 -52.66
CA ASP H 273 -11.68 7.98 -51.99
C ASP H 273 -11.39 9.25 -52.76
N GLY H 274 -10.50 9.22 -53.73
CA GLY H 274 -10.18 10.40 -54.50
C GLY H 274 -9.10 11.26 -53.89
N GLU H 275 -8.44 10.79 -52.83
CA GLU H 275 -7.35 11.52 -52.19
C GLU H 275 -6.03 11.12 -52.80
N ASN H 276 -5.00 11.92 -52.54
CA ASN H 276 -3.69 11.65 -53.09
C ASN H 276 -3.01 10.52 -52.32
N PRO H 277 -2.73 9.38 -52.96
CA PRO H 277 -2.09 8.27 -52.22
C PRO H 277 -0.74 8.62 -51.67
N ASN H 278 0.03 9.48 -52.34
CA ASN H 278 1.33 9.88 -51.84
C ASN H 278 1.23 10.66 -50.54
N GLY H 279 0.03 11.10 -50.16
CA GLY H 279 -0.14 11.70 -48.87
C GLY H 279 -0.33 10.73 -47.74
N ASN H 280 -0.07 9.43 -47.98
CA ASN H 280 -0.26 8.43 -46.94
C ASN H 280 0.63 8.69 -45.73
N ALA H 281 1.81 9.27 -45.94
CA ALA H 281 2.73 9.63 -44.86
C ALA H 281 3.14 8.42 -44.03
N LEU H 282 3.16 7.24 -44.65
CA LEU H 282 3.70 6.04 -44.02
C LEU H 282 4.98 5.58 -44.70
N GLY H 283 5.60 6.44 -45.49
CA GLY H 283 6.82 6.08 -46.16
C GLY H 283 6.66 5.40 -47.49
N TYR H 284 5.43 5.26 -48.00
CA TYR H 284 5.19 4.69 -49.31
C TYR H 284 5.23 5.79 -50.36
N ALA H 285 5.85 5.49 -51.49
CA ALA H 285 5.87 6.38 -52.65
C ALA H 285 5.36 5.59 -53.83
N TYR H 286 4.23 6.02 -54.40
CA TYR H 286 3.54 5.26 -55.44
C TYR H 286 3.79 5.90 -56.80
N ASN H 287 4.16 5.08 -57.76
CA ASN H 287 4.13 5.46 -59.17
C ASN H 287 2.87 4.84 -59.77
N TRP H 288 1.96 5.70 -60.23
CA TRP H 288 0.65 5.25 -60.67
C TRP H 288 0.13 6.19 -61.75
N GLY H 289 -0.82 5.69 -62.51
CA GLY H 289 -1.41 6.45 -63.60
C GLY H 289 -2.84 6.00 -63.82
N TYR H 290 -3.32 6.19 -65.05
CA TYR H 290 -4.67 5.82 -65.42
C TYR H 290 -4.64 4.93 -66.66
N ASN H 291 -5.68 4.13 -66.82
CA ASN H 291 -5.85 3.34 -68.03
C ASN H 291 -6.68 4.14 -69.03
N ALA H 292 -7.12 3.48 -70.10
CA ALA H 292 -7.91 4.17 -71.12
C ALA H 292 -9.23 4.67 -70.56
N ASP H 293 -9.89 3.85 -69.73
CA ASP H 293 -11.19 4.21 -69.18
C ASP H 293 -11.11 5.26 -68.08
N GLY H 294 -9.91 5.63 -67.64
CA GLY H 294 -9.77 6.56 -66.55
C GLY H 294 -9.69 5.94 -65.18
N ASN H 295 -9.66 4.62 -65.09
CA ASN H 295 -9.52 3.96 -63.80
C ASN H 295 -8.07 3.99 -63.35
N PRO H 296 -7.79 4.34 -62.10
CA PRO H 296 -6.40 4.36 -61.64
C PRO H 296 -5.77 2.99 -61.67
N VAL H 297 -4.48 2.96 -62.00
CA VAL H 297 -3.67 1.74 -62.00
C VAL H 297 -2.34 2.06 -61.32
N LEU H 298 -1.77 1.07 -60.64
CA LEU H 298 -0.55 1.23 -59.87
C LEU H 298 0.60 0.55 -60.59
N TYR H 299 1.52 1.35 -61.13
CA TYR H 299 2.69 0.77 -61.79
C TYR H 299 3.65 0.19 -60.78
N GLY H 300 3.90 0.88 -59.68
CA GLY H 300 4.84 0.35 -58.71
C GLY H 300 4.88 1.18 -57.45
N MET H 301 5.64 0.70 -56.47
CA MET H 301 5.77 1.39 -55.20
C MET H 301 7.20 1.25 -54.70
N THR H 302 7.60 2.22 -53.87
CA THR H 302 8.88 2.21 -53.19
C THR H 302 8.66 2.63 -51.75
N LEU H 303 9.61 2.31 -50.88
CA LEU H 303 9.45 2.55 -49.47
C LEU H 303 10.65 3.29 -48.89
N SER H 304 10.39 4.09 -47.87
CA SER H 304 11.46 4.68 -47.09
C SER H 304 12.05 3.61 -46.18
N LYS H 305 13.38 3.51 -46.16
CA LYS H 305 14.01 2.39 -45.48
C LYS H 305 13.71 2.39 -43.99
N TYR H 306 13.72 3.55 -43.36
CA TYR H 306 13.49 3.66 -41.93
C TYR H 306 12.15 4.33 -41.68
N LEU H 307 11.32 3.69 -40.85
CA LEU H 307 9.99 4.18 -40.56
C LEU H 307 10.00 5.44 -39.70
N ASP H 308 11.12 5.76 -39.06
CA ASP H 308 11.20 6.91 -38.18
C ASP H 308 12.39 7.77 -38.56
N SER H 309 12.33 9.05 -38.20
CA SER H 309 13.40 9.97 -38.50
C SER H 309 14.68 9.66 -37.73
N LYS H 310 14.59 8.87 -36.67
CA LYS H 310 15.76 8.52 -35.87
C LYS H 310 16.50 7.31 -36.39
N ASN H 311 16.05 6.73 -37.51
CA ASN H 311 16.71 5.59 -38.14
C ASN H 311 16.86 4.42 -37.18
N THR H 312 15.80 4.16 -36.40
CA THR H 312 15.82 3.07 -35.43
C THR H 312 14.96 1.89 -35.84
N MET H 313 14.03 2.06 -36.77
CA MET H 313 13.05 1.03 -37.11
C MET H 313 13.13 0.78 -38.61
N PRO H 314 14.06 -0.05 -39.06
CA PRO H 314 14.13 -0.37 -40.48
C PRO H 314 12.86 -1.04 -40.95
N VAL H 315 12.43 -0.72 -42.17
CA VAL H 315 11.26 -1.36 -42.74
C VAL H 315 11.60 -2.80 -43.07
N ALA H 316 10.66 -3.71 -42.84
CA ALA H 316 10.90 -5.12 -43.08
C ALA H 316 9.58 -5.81 -43.37
N ASP H 317 9.68 -6.98 -43.99
CA ASP H 317 8.53 -7.82 -44.28
C ASP H 317 8.46 -8.91 -43.23
N THR H 318 7.52 -8.77 -42.30
CA THR H 318 7.44 -9.64 -41.14
C THR H 318 6.18 -10.49 -41.18
N ASP H 319 6.33 -11.79 -40.99
CA ASP H 319 5.21 -12.71 -40.86
C ASP H 319 4.93 -12.87 -39.38
N TRP H 320 3.97 -12.11 -38.87
CA TRP H 320 3.72 -12.09 -37.44
C TRP H 320 3.16 -13.41 -36.94
N PHE H 321 2.27 -14.04 -37.71
CA PHE H 321 1.71 -15.31 -37.27
C PHE H 321 2.78 -16.38 -37.20
N ASP H 322 3.65 -16.44 -38.21
CA ASP H 322 4.77 -17.37 -38.14
C ASP H 322 5.71 -17.03 -37.00
N GLU H 323 5.87 -15.75 -36.70
CA GLU H 323 6.80 -15.35 -35.65
C GLU H 323 6.29 -15.74 -34.27
N ILE H 324 4.99 -15.61 -34.03
CA ILE H 324 4.45 -15.96 -32.72
C ILE H 324 4.06 -17.44 -32.60
N THR H 325 3.95 -18.15 -33.72
CA THR H 325 3.59 -19.56 -33.66
C THR H 325 4.83 -20.44 -33.72
N ARG H 326 4.64 -21.70 -33.34
CA ARG H 326 5.72 -22.68 -33.35
C ARG H 326 5.11 -24.06 -33.59
N THR H 327 5.94 -25.08 -33.49
CA THR H 327 5.50 -26.48 -33.56
C THR H 327 5.51 -27.04 -32.14
N GLY H 328 4.34 -27.24 -31.57
CA GLY H 328 4.26 -27.69 -30.19
C GLY H 328 4.52 -29.16 -30.04
N VAL H 329 4.90 -29.55 -28.83
CA VAL H 329 5.19 -30.94 -28.50
C VAL H 329 4.30 -31.37 -27.35
N ILE H 330 3.74 -32.57 -27.46
CA ILE H 330 2.88 -33.15 -26.45
C ILE H 330 3.51 -34.45 -25.97
N GLN H 331 3.63 -34.60 -24.66
CA GLN H 331 4.20 -35.80 -24.05
C GLN H 331 3.18 -36.34 -23.07
N GLN H 332 3.00 -37.65 -23.06
CA GLN H 332 2.05 -38.27 -22.15
C GLN H 332 2.59 -39.62 -21.71
N TYR H 333 2.63 -39.85 -20.39
CA TYR H 333 3.12 -41.10 -19.84
C TYR H 333 2.23 -41.50 -18.69
N ASN H 334 1.62 -42.68 -18.79
CA ASN H 334 0.72 -43.18 -17.77
C ASN H 334 1.19 -44.56 -17.31
N LEU H 335 1.07 -44.81 -16.02
CA LEU H 335 1.50 -46.08 -15.43
C LEU H 335 0.48 -46.48 -14.38
N SER H 336 -0.34 -47.48 -14.68
CA SER H 336 -1.37 -47.91 -13.76
C SER H 336 -1.15 -49.37 -13.40
N VAL H 337 -1.49 -49.71 -12.16
CA VAL H 337 -1.38 -51.08 -11.67
C VAL H 337 -2.59 -51.38 -10.80
N SER H 338 -3.33 -52.41 -11.15
CA SER H 338 -4.54 -52.80 -10.45
C SER H 338 -4.35 -54.20 -9.89
N ASN H 339 -5.01 -54.49 -8.77
CA ASN H 339 -4.82 -55.75 -8.08
C ASN H 339 -6.08 -56.05 -7.29
N GLY H 340 -6.82 -57.08 -7.68
CA GLY H 340 -8.15 -57.31 -7.13
C GLY H 340 -8.39 -58.72 -6.66
N SER H 341 -9.13 -58.84 -5.56
CA SER H 341 -9.58 -60.09 -4.99
C SER H 341 -10.79 -59.81 -4.11
N GLU H 342 -11.53 -60.87 -3.78
CA GLU H 342 -12.61 -60.75 -2.81
C GLU H 342 -12.06 -60.37 -1.44
N LYS H 343 -10.81 -60.73 -1.19
CA LYS H 343 -10.08 -60.28 -0.01
C LYS H 343 -9.96 -58.77 0.04
N GLY H 344 -10.12 -58.08 -1.08
CA GLY H 344 -10.02 -56.64 -1.16
C GLY H 344 -9.33 -56.31 -2.46
N SER H 345 -9.51 -55.07 -2.92
CA SER H 345 -8.95 -54.65 -4.20
C SER H 345 -8.32 -53.28 -4.07
N SER H 346 -7.40 -52.98 -4.99
CA SER H 346 -6.71 -51.70 -5.01
C SER H 346 -6.25 -51.37 -6.42
N PHE H 347 -5.95 -50.09 -6.63
CA PHE H 347 -5.57 -49.57 -7.93
C PHE H 347 -4.73 -48.32 -7.72
N PHE H 348 -3.56 -48.27 -8.34
CA PHE H 348 -2.62 -47.17 -8.20
C PHE H 348 -2.19 -46.69 -9.57
N SER H 349 -2.34 -45.39 -9.82
CA SER H 349 -2.07 -44.81 -11.12
C SER H 349 -1.19 -43.58 -11.00
N LEU H 350 -0.21 -43.47 -11.89
CA LEU H 350 0.59 -42.27 -12.05
C LEU H 350 0.45 -41.75 -13.47
N GLY H 351 0.48 -40.44 -13.62
CA GLY H 351 0.31 -39.87 -14.94
C GLY H 351 1.01 -38.55 -15.10
N TYR H 352 1.58 -38.33 -16.28
CA TYR H 352 2.26 -37.09 -16.59
C TYR H 352 1.85 -36.64 -17.98
N TYR H 353 1.43 -35.39 -18.10
CA TYR H 353 1.03 -34.82 -19.38
C TYR H 353 1.70 -33.47 -19.54
N LYS H 354 2.18 -33.19 -20.75
CA LYS H 354 2.79 -31.89 -21.01
C LYS H 354 2.46 -31.49 -22.43
N ASN H 355 2.10 -30.22 -22.61
CA ASN H 355 1.67 -29.72 -23.90
C ASN H 355 2.27 -28.34 -24.11
N LEU H 356 3.05 -28.17 -25.16
CA LEU H 356 3.51 -26.86 -25.59
C LEU H 356 2.58 -26.36 -26.69
N GLY H 357 1.92 -25.24 -26.44
CA GLY H 357 0.98 -24.73 -27.41
C GLY H 357 1.66 -24.24 -28.67
N VAL H 358 0.87 -24.14 -29.74
CA VAL H 358 1.40 -23.62 -31.00
C VAL H 358 1.85 -22.17 -30.82
N ILE H 359 1.15 -21.41 -29.99
CA ILE H 359 1.58 -20.07 -29.65
C ILE H 359 2.75 -20.15 -28.70
N LYS H 360 3.81 -19.40 -28.98
CA LYS H 360 5.03 -19.50 -28.20
C LYS H 360 4.79 -19.07 -26.75
N ASP H 361 5.56 -19.67 -25.85
CA ASP H 361 5.58 -19.28 -24.43
C ASP H 361 4.23 -19.49 -23.76
N THR H 362 3.45 -20.44 -24.26
CA THR H 362 2.23 -20.89 -23.60
C THR H 362 2.28 -22.40 -23.50
N ASP H 363 2.02 -22.93 -22.31
CA ASP H 363 2.15 -24.38 -22.13
C ASP H 363 1.34 -24.82 -20.93
N PHE H 364 1.23 -26.13 -20.78
CA PHE H 364 0.41 -26.70 -19.72
C PHE H 364 0.92 -28.09 -19.41
N ASP H 365 1.28 -28.35 -18.16
CA ASP H 365 1.67 -29.69 -17.75
C ASP H 365 0.95 -30.09 -16.49
N ARG H 366 0.84 -31.39 -16.28
CA ARG H 366 0.02 -31.94 -15.20
C ARG H 366 0.62 -33.24 -14.72
N PHE H 367 0.86 -33.33 -13.40
CA PHE H 367 1.16 -34.57 -12.72
C PHE H 367 -0.09 -35.07 -12.04
N SER H 368 -0.29 -36.38 -12.03
CA SER H 368 -1.49 -36.95 -11.42
C SER H 368 -1.14 -38.26 -10.73
N ALA H 369 -1.79 -38.50 -9.60
CA ALA H 369 -1.62 -39.75 -8.86
C ALA H 369 -2.96 -40.15 -8.28
N ARG H 370 -3.43 -41.35 -8.60
CA ARG H 370 -4.71 -41.84 -8.14
C ARG H 370 -4.54 -43.12 -7.35
N MET H 371 -5.30 -43.25 -6.27
CA MET H 371 -5.19 -44.36 -5.33
C MET H 371 -6.60 -44.76 -4.93
N ASN H 372 -7.09 -45.87 -5.45
CA ASN H 372 -8.38 -46.40 -5.06
C ASN H 372 -8.20 -47.73 -4.36
N SER H 373 -9.07 -48.02 -3.41
CA SER H 373 -9.00 -49.30 -2.72
C SER H 373 -10.35 -49.58 -2.07
N ASP H 374 -10.58 -50.86 -1.77
CA ASP H 374 -11.74 -51.24 -0.98
C ASP H 374 -11.44 -52.56 -0.29
N TYR H 375 -12.06 -52.74 0.87
CA TYR H 375 -11.84 -53.88 1.74
C TYR H 375 -13.19 -54.41 2.19
N LYS H 376 -13.37 -55.72 2.10
CA LYS H 376 -14.58 -56.39 2.54
C LYS H 376 -14.25 -57.19 3.78
N LEU H 377 -14.86 -56.85 4.91
CA LEU H 377 -14.52 -57.46 6.17
C LEU H 377 -15.66 -58.33 6.66
N ILE H 378 -15.48 -58.87 7.87
CA ILE H 378 -16.39 -59.85 8.45
C ILE H 378 -16.53 -60.99 7.45
N ASP H 379 -17.70 -61.09 6.82
CA ASP H 379 -17.88 -61.94 5.66
C ASP H 379 -18.34 -61.14 4.45
N ASP H 380 -19.40 -60.37 4.58
CA ASP H 380 -19.81 -59.39 3.57
C ASP H 380 -20.23 -58.07 4.20
N ILE H 381 -20.21 -57.96 5.52
CA ILE H 381 -20.60 -56.73 6.20
C ILE H 381 -19.40 -55.80 6.29
N LEU H 382 -19.66 -54.50 6.43
CA LEU H 382 -18.62 -53.51 6.68
C LEU H 382 -17.60 -53.47 5.55
N THR H 383 -18.05 -53.05 4.39
CA THR H 383 -17.17 -52.81 3.25
C THR H 383 -16.69 -51.37 3.31
N ILE H 384 -15.39 -51.17 3.48
CA ILE H 384 -14.81 -49.83 3.58
C ILE H 384 -13.95 -49.57 2.36
N GLY H 385 -14.25 -48.52 1.62
CA GLY H 385 -13.51 -48.19 0.43
C GLY H 385 -13.17 -46.71 0.38
N GLN H 386 -12.23 -46.38 -0.50
CA GLN H 386 -11.84 -45.01 -0.69
C GLN H 386 -11.31 -44.81 -2.10
N HIS H 387 -11.44 -43.58 -2.59
CA HIS H 387 -10.85 -43.16 -3.86
C HIS H 387 -10.22 -41.80 -3.65
N PHE H 388 -8.93 -41.68 -3.91
CA PHE H 388 -8.25 -40.41 -3.72
C PHE H 388 -7.42 -40.09 -4.95
N THR H 389 -7.27 -38.81 -5.26
CA THR H 389 -6.42 -38.42 -6.36
C THR H 389 -5.84 -37.04 -6.09
N LEU H 390 -4.57 -36.89 -6.47
CA LEU H 390 -3.80 -35.67 -6.28
C LEU H 390 -3.26 -35.23 -7.63
N ASN H 391 -3.53 -33.99 -8.01
CA ASN H 391 -3.12 -33.48 -9.31
C ASN H 391 -2.42 -32.14 -9.13
N ARG H 392 -1.40 -31.91 -9.94
CA ARG H 392 -0.61 -30.68 -9.92
C ARG H 392 -0.46 -30.20 -11.34
N THR H 393 -1.12 -29.10 -11.69
CA THR H 393 -1.09 -28.58 -13.04
C THR H 393 -0.43 -27.20 -13.02
N SER H 394 0.59 -27.03 -13.86
CA SER H 394 1.25 -25.75 -14.03
C SER H 394 0.96 -25.25 -15.45
N GLU H 395 0.63 -23.98 -15.57
CA GLU H 395 0.22 -23.46 -16.87
C GLU H 395 0.67 -22.03 -17.08
N VAL H 396 1.04 -21.73 -18.32
CA VAL H 396 1.22 -20.37 -18.81
C VAL H 396 0.25 -20.18 -19.97
N GLN H 397 -0.63 -19.18 -19.84
CA GLN H 397 -1.69 -18.92 -20.80
C GLN H 397 -1.31 -17.77 -21.71
N ALA H 398 -1.95 -17.74 -22.88
CA ALA H 398 -1.72 -16.65 -23.81
C ALA H 398 -2.41 -15.38 -23.32
N PRO H 399 -1.81 -14.22 -23.57
CA PRO H 399 -2.48 -12.96 -23.22
C PRO H 399 -3.73 -12.78 -24.04
N GLY H 400 -4.67 -12.01 -23.47
CA GLY H 400 -5.92 -11.74 -24.15
C GLY H 400 -5.73 -11.07 -25.49
N GLY H 401 -6.38 -11.60 -26.52
CA GLY H 401 -6.34 -10.99 -27.84
C GLY H 401 -4.98 -10.97 -28.48
N ILE H 402 -4.16 -12.00 -28.24
CA ILE H 402 -2.87 -12.05 -28.89
C ILE H 402 -3.03 -12.30 -30.38
N ILE H 403 -3.97 -13.16 -30.76
CA ILE H 403 -4.25 -13.38 -32.18
C ILE H 403 -4.77 -12.09 -32.81
N GLU H 404 -5.62 -11.36 -32.09
CA GLU H 404 -6.11 -10.09 -32.59
C GLU H 404 -4.96 -9.12 -32.82
N THR H 405 -4.02 -9.05 -31.86
CA THR H 405 -2.88 -8.15 -32.02
C THR H 405 -2.02 -8.55 -33.21
N ALA H 406 -1.79 -9.84 -33.38
CA ALA H 406 -0.98 -10.32 -34.49
C ALA H 406 -1.64 -9.99 -35.83
N LEU H 407 -2.97 -10.15 -35.90
CA LEU H 407 -3.68 -9.78 -37.11
C LEU H 407 -3.59 -8.28 -37.37
N ASP H 408 -3.72 -7.47 -36.32
CA ASP H 408 -3.80 -6.03 -36.52
C ASP H 408 -2.47 -5.43 -36.92
N ILE H 409 -1.38 -5.83 -36.28
CA ILE H 409 -0.12 -5.11 -36.48
C ILE H 409 0.34 -5.27 -37.93
N PRO H 410 0.72 -4.19 -38.60
CA PRO H 410 1.13 -4.31 -40.00
C PRO H 410 2.45 -5.04 -40.16
N SER H 411 2.64 -5.63 -41.33
CA SER H 411 3.82 -6.44 -41.59
C SER H 411 5.07 -5.62 -41.82
N ALA H 412 4.96 -4.31 -41.98
CA ALA H 412 6.15 -3.49 -42.19
C ALA H 412 6.97 -3.33 -40.91
N ILE H 413 6.36 -3.52 -39.75
CA ILE H 413 7.08 -3.31 -38.49
C ILE H 413 8.07 -4.46 -38.28
N PRO H 414 9.36 -4.18 -38.08
CA PRO H 414 10.30 -5.26 -37.83
C PRO H 414 10.10 -5.83 -36.44
N VAL H 415 10.50 -7.09 -36.26
CA VAL H 415 10.43 -7.71 -34.94
C VAL H 415 11.39 -7.02 -33.99
N TYR H 416 12.62 -6.79 -34.44
CA TYR H 416 13.64 -6.17 -33.63
C TYR H 416 14.03 -4.82 -34.23
N ALA H 417 14.33 -3.87 -33.36
CA ALA H 417 14.75 -2.54 -33.82
C ALA H 417 16.22 -2.60 -34.24
N SER H 418 16.78 -1.44 -34.53
CA SER H 418 18.18 -1.39 -34.97
C SER H 418 19.13 -1.81 -33.84
N ASP H 419 18.82 -1.41 -32.62
CA ASP H 419 19.71 -1.65 -31.48
C ASP H 419 19.45 -2.98 -30.80
N GLY H 420 18.54 -3.80 -31.32
CA GLY H 420 18.25 -5.09 -30.75
C GLY H 420 17.03 -5.12 -29.85
N SER H 421 16.51 -3.97 -29.45
CA SER H 421 15.28 -3.94 -28.67
C SER H 421 14.09 -4.28 -29.57
N TRP H 422 12.95 -4.54 -28.92
CA TRP H 422 11.77 -4.97 -29.66
C TRP H 422 11.29 -3.88 -30.59
N GLY H 423 10.96 -4.26 -31.82
CA GLY H 423 10.42 -3.31 -32.77
C GLY H 423 8.97 -3.00 -32.50
N GLY H 424 8.56 -1.78 -32.85
CA GLY H 424 7.23 -1.32 -32.59
C GLY H 424 6.83 -0.16 -33.47
N PRO H 425 5.57 0.29 -33.34
CA PRO H 425 5.10 1.39 -34.17
C PRO H 425 5.84 2.67 -33.88
N VAL H 426 6.21 3.39 -34.94
CA VAL H 426 6.82 4.70 -34.84
C VAL H 426 6.19 5.61 -35.87
N GLY H 427 6.28 6.91 -35.64
CA GLY H 427 5.72 7.86 -36.60
C GLY H 427 4.22 7.70 -36.72
N GLY H 428 3.75 7.68 -37.96
CA GLY H 428 2.33 7.59 -38.23
C GLY H 428 1.75 6.21 -38.25
N TRP H 429 2.53 5.20 -37.90
CA TRP H 429 2.07 3.83 -37.91
C TRP H 429 1.07 3.58 -36.78
N PRO H 430 0.12 2.67 -36.98
CA PRO H 430 -0.91 2.45 -35.96
C PRO H 430 -0.32 1.89 -34.68
N ASP H 431 -0.96 2.23 -33.56
CA ASP H 431 -0.46 1.83 -32.25
C ASP H 431 -0.97 0.44 -31.91
N ARG H 432 -0.12 -0.55 -32.07
CA ARG H 432 -0.38 -1.92 -31.65
C ARG H 432 0.91 -2.49 -31.09
N ARG H 433 0.80 -3.19 -29.96
CA ARG H 433 2.00 -3.71 -29.33
C ARG H 433 2.60 -4.83 -30.16
N ASN H 434 3.89 -5.06 -29.95
CA ASN H 434 4.58 -6.14 -30.63
C ASN H 434 4.11 -7.46 -30.05
N PRO H 435 3.45 -8.33 -30.82
CA PRO H 435 2.96 -9.59 -30.25
C PRO H 435 4.07 -10.49 -29.72
N ARG H 436 5.21 -10.53 -30.40
CA ARG H 436 6.33 -11.31 -29.90
C ARG H 436 6.81 -10.79 -28.56
N ALA H 437 6.89 -9.46 -28.42
CA ALA H 437 7.29 -8.88 -27.14
C ALA H 437 6.26 -9.18 -26.07
N VAL H 438 4.98 -9.14 -26.42
CA VAL H 438 3.93 -9.45 -25.44
C VAL H 438 4.09 -10.87 -24.95
N LEU H 439 4.32 -11.81 -25.86
CA LEU H 439 4.51 -13.20 -25.43
C LEU H 439 5.76 -13.35 -24.58
N GLU H 440 6.84 -12.67 -24.96
CA GLU H 440 8.08 -12.77 -24.19
C GLU H 440 7.90 -12.24 -22.78
N TYR H 441 7.17 -11.14 -22.62
CA TYR H 441 6.94 -10.61 -21.29
C TYR H 441 5.94 -11.46 -20.51
N ASN H 442 5.02 -12.12 -21.20
CA ASN H 442 4.02 -12.94 -20.54
C ASN H 442 4.53 -14.32 -20.16
N LYS H 443 5.69 -14.73 -20.70
CA LYS H 443 6.14 -16.11 -20.49
C LYS H 443 6.36 -16.46 -19.02
N ASP H 444 6.51 -15.48 -18.14
CA ASP H 444 6.76 -15.77 -16.73
C ASP H 444 5.48 -15.83 -15.90
N ASN H 445 4.32 -15.53 -16.48
CA ASN H 445 3.06 -15.56 -15.73
C ASN H 445 2.55 -16.99 -15.63
N ARG H 446 3.28 -17.78 -14.85
CA ARG H 446 2.98 -19.19 -14.68
C ARG H 446 2.24 -19.40 -13.38
N TYR H 447 1.16 -20.18 -13.41
CA TYR H 447 0.41 -20.49 -12.21
C TYR H 447 0.46 -21.98 -11.95
N THR H 448 0.41 -22.33 -10.66
CA THR H 448 0.40 -23.70 -10.19
C THR H 448 -0.93 -23.98 -9.52
N TYR H 449 -1.43 -25.21 -9.69
CA TYR H 449 -2.79 -25.53 -9.24
C TYR H 449 -2.78 -26.96 -8.71
N TRP H 450 -3.09 -27.12 -7.43
CA TRP H 450 -3.15 -28.42 -6.78
C TRP H 450 -4.60 -28.80 -6.55
N ARG H 451 -5.01 -29.94 -7.08
CA ARG H 451 -6.36 -30.45 -6.95
C ARG H 451 -6.33 -31.75 -6.17
N MET H 452 -7.29 -31.92 -5.26
CA MET H 452 -7.25 -32.99 -4.26
C MET H 452 -8.66 -33.54 -4.16
N PHE H 453 -8.93 -34.63 -4.85
CA PHE H 453 -10.29 -35.17 -4.95
C PHE H 453 -10.30 -36.51 -4.25
N GLY H 454 -10.89 -36.56 -3.06
CA GLY H 454 -10.91 -37.78 -2.29
C GLY H 454 -12.31 -38.10 -1.82
N ASP H 455 -12.50 -39.36 -1.44
CA ASP H 455 -13.73 -39.78 -0.80
C ASP H 455 -13.50 -41.11 -0.11
N ALA H 456 -14.27 -41.33 0.95
CA ALA H 456 -14.22 -42.56 1.70
C ALA H 456 -15.64 -42.97 2.05
N TYR H 457 -15.98 -44.21 1.77
CA TYR H 457 -17.33 -44.70 2.00
C TYR H 457 -17.28 -45.97 2.84
N VAL H 458 -18.32 -46.17 3.64
CA VAL H 458 -18.51 -47.37 4.43
C VAL H 458 -19.90 -47.92 4.15
N ASN H 459 -19.98 -49.22 3.87
CA ASN H 459 -21.22 -49.89 3.52
C ASN H 459 -21.48 -50.99 4.53
N LEU H 460 -22.67 -50.98 5.12
CA LEU H 460 -23.07 -51.96 6.12
C LEU H 460 -24.24 -52.76 5.57
N THR H 461 -24.19 -54.07 5.73
CA THR H 461 -25.20 -54.98 5.18
C THR H 461 -25.69 -55.89 6.30
N PRO H 462 -26.61 -55.40 7.12
CA PRO H 462 -27.08 -56.21 8.26
C PRO H 462 -27.70 -57.54 7.85
N PHE H 463 -28.43 -57.58 6.75
CA PHE H 463 -29.02 -58.83 6.29
C PHE H 463 -29.11 -58.78 4.76
N LYS H 464 -29.90 -59.70 4.19
CA LYS H 464 -29.80 -59.99 2.77
C LYS H 464 -30.18 -58.79 1.90
N GLY H 465 -31.20 -58.03 2.30
CA GLY H 465 -31.70 -57.00 1.42
C GLY H 465 -31.32 -55.57 1.77
N PHE H 466 -30.74 -55.36 2.94
CA PHE H 466 -30.53 -54.02 3.45
C PHE H 466 -29.10 -53.55 3.23
N ASN H 467 -28.94 -52.25 2.95
CA ASN H 467 -27.63 -51.65 2.79
C ASN H 467 -27.66 -50.24 3.34
N LEU H 468 -26.63 -49.88 4.09
CA LEU H 468 -26.44 -48.54 4.63
C LEU H 468 -25.08 -48.04 4.16
N ARG H 469 -25.07 -47.11 3.22
CA ARG H 469 -23.84 -46.56 2.70
C ARG H 469 -23.69 -45.13 3.15
N SER H 470 -22.58 -44.82 3.81
CA SER H 470 -22.25 -43.47 4.22
C SER H 470 -20.94 -43.06 3.56
N THR H 471 -20.97 -41.94 2.84
CA THR H 471 -19.83 -41.48 2.06
C THR H 471 -19.45 -40.07 2.49
N PHE H 472 -18.15 -39.82 2.60
CA PHE H 472 -17.62 -38.48 2.82
C PHE H 472 -16.70 -38.13 1.68
N GLY H 473 -16.95 -36.98 1.04
CA GLY H 473 -16.17 -36.54 -0.08
C GLY H 473 -15.46 -35.23 0.24
N LEU H 474 -14.31 -35.03 -0.39
CA LEU H 474 -13.50 -33.85 -0.19
C LEU H 474 -12.94 -33.41 -1.52
N ASP H 475 -12.98 -32.11 -1.78
CA ASP H 475 -12.46 -31.54 -3.01
C ASP H 475 -11.74 -30.27 -2.62
N TYR H 476 -10.42 -30.32 -2.55
CA TYR H 476 -9.61 -29.17 -2.15
C TYR H 476 -8.76 -28.72 -3.33
N ALA H 477 -8.90 -27.46 -3.71
CA ALA H 477 -8.13 -26.90 -4.82
C ALA H 477 -7.40 -25.66 -4.33
N ASN H 478 -6.17 -25.51 -4.80
CA ASN H 478 -5.28 -24.44 -4.34
C ASN H 478 -4.52 -23.91 -5.54
N LYS H 479 -4.74 -22.64 -5.87
CA LYS H 479 -4.10 -22.02 -7.03
C LYS H 479 -3.18 -20.91 -6.55
N GLN H 480 -1.94 -20.93 -7.03
CA GLN H 480 -0.94 -19.92 -6.66
C GLN H 480 -0.30 -19.39 -7.93
N ALA H 481 -0.33 -18.07 -8.09
CA ALA H 481 0.18 -17.43 -9.29
C ALA H 481 1.00 -16.22 -8.92
N ARG H 482 1.87 -15.82 -9.85
CA ARG H 482 2.70 -14.63 -9.66
C ARG H 482 2.82 -13.93 -11.01
N TYR H 483 2.05 -12.87 -11.20
CA TYR H 483 2.02 -12.15 -12.46
C TYR H 483 2.95 -10.94 -12.41
N PHE H 484 3.68 -10.73 -13.49
CA PHE H 484 4.65 -9.65 -13.59
C PHE H 484 4.21 -8.64 -14.63
N THR H 485 4.70 -7.41 -14.47
CA THR H 485 4.44 -6.32 -15.41
C THR H 485 5.78 -5.67 -15.73
N TYR H 486 6.48 -6.21 -16.73
CA TYR H 486 7.75 -5.63 -17.11
C TYR H 486 7.54 -4.31 -17.85
N PRO H 487 8.39 -3.32 -17.63
CA PRO H 487 8.32 -2.11 -18.46
C PRO H 487 8.65 -2.43 -19.89
N TYR H 488 7.89 -1.85 -20.81
CA TYR H 488 8.13 -2.05 -22.23
C TYR H 488 8.12 -0.71 -22.93
N GLN H 489 8.96 -0.62 -23.96
CA GLN H 489 9.04 0.58 -24.81
C GLN H 489 9.26 0.08 -26.23
N GLU H 490 8.17 -0.09 -26.97
CA GLU H 490 8.20 -0.58 -28.33
C GLU H 490 7.79 0.56 -29.25
N GLY H 491 8.78 1.29 -29.75
CA GLY H 491 8.48 2.44 -30.56
C GLY H 491 7.77 3.50 -29.74
N THR H 492 6.56 3.84 -30.14
CA THR H 492 5.75 4.79 -29.40
C THR H 492 4.86 4.12 -28.37
N GLN H 493 4.89 2.80 -28.28
CA GLN H 493 4.09 2.07 -27.31
C GLN H 493 4.93 1.86 -26.05
N THR H 494 4.44 2.37 -24.92
CA THR H 494 5.14 2.24 -23.67
C THR H 494 4.16 2.38 -22.53
N ASN H 495 4.57 1.90 -21.35
CA ASN H 495 3.80 2.04 -20.13
C ASN H 495 4.52 2.92 -19.11
N ASN H 496 5.32 3.86 -19.60
CA ASN H 496 6.02 4.82 -18.76
C ASN H 496 6.91 4.13 -17.74
N GLY H 497 7.57 3.05 -18.16
CA GLY H 497 8.49 2.35 -17.29
C GLY H 497 7.86 1.79 -16.03
N LYS H 498 6.65 1.26 -16.13
CA LYS H 498 5.97 0.69 -14.98
C LYS H 498 6.41 -0.74 -14.78
N SER H 499 6.81 -1.07 -13.55
CA SER H 499 7.17 -2.42 -13.17
C SER H 499 6.40 -2.79 -11.92
N ALA H 500 5.80 -3.98 -11.92
CA ALA H 500 4.94 -4.39 -10.83
C ALA H 500 4.93 -5.91 -10.73
N VAL H 501 4.47 -6.40 -9.59
CA VAL H 501 4.33 -7.83 -9.35
C VAL H 501 3.01 -8.07 -8.61
N GLU H 502 2.34 -9.16 -8.97
CA GLU H 502 1.14 -9.64 -8.31
C GLU H 502 1.41 -11.02 -7.75
N ALA H 503 1.08 -11.22 -6.49
CA ALA H 503 1.16 -12.53 -5.85
C ALA H 503 -0.26 -12.91 -5.43
N LYS H 504 -0.87 -13.83 -6.15
CA LYS H 504 -2.27 -14.16 -5.96
C LYS H 504 -2.41 -15.61 -5.51
N GLN H 505 -3.29 -15.83 -4.53
CA GLN H 505 -3.51 -17.14 -3.95
C GLN H 505 -5.01 -17.36 -3.83
N GLU H 506 -5.47 -18.57 -4.18
CA GLU H 506 -6.87 -18.91 -4.12
C GLU H 506 -7.04 -20.29 -3.52
N HIS H 507 -8.11 -20.48 -2.73
CA HIS H 507 -8.42 -21.75 -2.10
C HIS H 507 -9.88 -22.08 -2.35
N TRP H 508 -10.15 -23.31 -2.75
CA TRP H 508 -11.50 -23.83 -2.86
C TRP H 508 -11.58 -25.11 -2.04
N THR H 509 -12.60 -25.22 -1.20
CA THR H 509 -12.75 -26.40 -0.34
C THR H 509 -14.22 -26.79 -0.32
N LYS H 510 -14.55 -27.90 -0.97
CA LYS H 510 -15.91 -28.42 -0.97
C LYS H 510 -15.90 -29.79 -0.33
N TRP H 511 -16.76 -29.98 0.66
CA TRP H 511 -16.91 -31.30 1.27
C TRP H 511 -18.37 -31.71 1.29
N MET H 512 -18.61 -32.98 1.01
CA MET H 512 -19.94 -33.56 0.94
C MET H 512 -20.01 -34.79 1.83
N TRP H 513 -21.10 -34.90 2.59
CA TRP H 513 -21.39 -36.08 3.39
C TRP H 513 -22.72 -36.67 2.96
N ASN H 514 -22.72 -37.96 2.67
CA ASN H 514 -23.87 -38.64 2.09
C ASN H 514 -24.21 -39.86 2.93
N ALA H 515 -25.49 -40.13 3.08
CA ALA H 515 -25.98 -41.32 3.78
C ALA H 515 -27.10 -41.94 2.96
N ILE H 516 -27.04 -43.26 2.77
CA ILE H 516 -27.97 -43.98 1.91
C ILE H 516 -28.44 -45.23 2.64
N ALA H 517 -29.74 -45.50 2.54
CA ALA H 517 -30.32 -46.73 3.06
C ALA H 517 -31.13 -47.37 1.95
N THR H 518 -30.72 -48.56 1.52
CA THR H 518 -31.32 -49.23 0.38
C THR H 518 -31.85 -50.60 0.79
N TYR H 519 -33.02 -50.94 0.29
CA TYR H 519 -33.63 -52.25 0.52
C TYR H 519 -34.10 -52.82 -0.80
N GLN H 520 -33.88 -54.12 -1.00
CA GLN H 520 -34.30 -54.83 -2.19
C GLN H 520 -35.16 -56.02 -1.81
N LEU H 521 -36.07 -56.38 -2.72
CA LEU H 521 -36.99 -57.49 -2.47
C LEU H 521 -37.30 -58.17 -3.78
N GLU H 522 -37.46 -59.49 -3.73
CA GLU H 522 -37.62 -60.33 -4.91
C GLU H 522 -38.81 -61.28 -4.74
N VAL H 523 -39.94 -60.74 -4.31
CA VAL H 523 -41.13 -61.55 -4.07
C VAL H 523 -41.69 -62.00 -5.41
N GLY H 524 -41.61 -63.30 -5.68
CA GLY H 524 -42.18 -63.84 -6.92
C GLY H 524 -41.55 -63.20 -8.14
N LYS H 525 -42.41 -62.75 -9.05
CA LYS H 525 -41.97 -62.01 -10.23
C LYS H 525 -41.86 -60.52 -9.96
N HIS H 526 -42.16 -60.07 -8.74
CA HIS H 526 -42.03 -58.67 -8.38
C HIS H 526 -40.61 -58.43 -7.86
N ARG H 527 -39.95 -57.41 -8.39
CA ARG H 527 -38.64 -56.99 -7.92
C ARG H 527 -38.73 -55.53 -7.53
N GLY H 528 -38.53 -55.23 -6.26
CA GLY H 528 -38.68 -53.85 -5.82
C GLY H 528 -37.56 -53.36 -4.94
N ASP H 529 -37.06 -52.16 -5.22
CA ASP H 529 -36.03 -51.55 -4.41
C ASP H 529 -36.49 -50.16 -3.94
N VAL H 530 -36.06 -49.80 -2.73
CA VAL H 530 -36.38 -48.51 -2.13
C VAL H 530 -35.12 -47.96 -1.50
N MET H 531 -34.81 -46.70 -1.77
CA MET H 531 -33.60 -46.07 -1.24
C MET H 531 -33.96 -44.70 -0.70
N ILE H 532 -33.51 -44.43 0.53
CA ILE H 532 -33.70 -43.15 1.20
C ILE H 532 -32.34 -42.56 1.52
N GLY H 533 -32.12 -41.31 1.16
CA GLY H 533 -30.79 -40.71 1.29
C GLY H 533 -30.85 -39.31 1.82
N MET H 534 -29.78 -38.93 2.52
CA MET H 534 -29.57 -37.59 3.03
C MET H 534 -28.20 -37.12 2.59
N GLU H 535 -28.12 -35.89 2.08
CA GLU H 535 -26.85 -35.38 1.56
C GLU H 535 -26.62 -33.95 2.02
N LEU H 536 -25.40 -33.66 2.44
CA LEU H 536 -25.00 -32.34 2.87
C LEU H 536 -23.78 -31.92 2.06
N ASN H 537 -23.81 -30.71 1.51
CA ASN H 537 -22.69 -30.17 0.78
C ASN H 537 -22.32 -28.82 1.36
N ARG H 538 -21.02 -28.54 1.46
CA ARG H 538 -20.58 -27.23 1.89
C ARG H 538 -19.37 -26.83 1.08
N GLU H 539 -19.45 -25.65 0.46
CA GLU H 539 -18.35 -25.13 -0.34
C GLU H 539 -17.90 -23.81 0.24
N ASP H 540 -16.58 -23.64 0.41
CA ASP H 540 -15.99 -22.41 0.90
C ASP H 540 -14.84 -22.03 -0.02
N ASP H 541 -14.89 -20.82 -0.56
CA ASP H 541 -13.85 -20.31 -1.44
C ASP H 541 -13.27 -19.05 -0.81
N SER H 542 -11.98 -18.82 -1.05
CA SER H 542 -11.36 -17.60 -0.59
C SER H 542 -10.19 -17.28 -1.52
N HIS H 543 -9.77 -16.03 -1.52
CA HIS H 543 -8.62 -15.65 -2.31
C HIS H 543 -8.08 -14.33 -1.80
N PHE H 544 -6.78 -14.13 -2.02
CA PHE H 544 -6.16 -12.88 -1.64
C PHE H 544 -4.91 -12.67 -2.48
N SER H 545 -4.57 -11.40 -2.69
CA SER H 545 -3.50 -11.01 -3.59
C SER H 545 -2.74 -9.82 -3.01
N GLY H 546 -1.44 -9.81 -3.27
CA GLY H 546 -0.61 -8.66 -2.98
C GLY H 546 -0.07 -8.07 -4.27
N TYR H 547 0.14 -6.77 -4.27
CA TYR H 547 0.56 -6.07 -5.47
C TYR H 547 1.63 -5.05 -5.10
N LYS H 548 2.77 -5.10 -5.77
CA LYS H 548 3.90 -4.23 -5.46
C LYS H 548 4.43 -3.62 -6.76
N GLU H 549 5.18 -2.53 -6.63
CA GLU H 549 5.68 -1.80 -7.79
C GLU H 549 7.11 -1.35 -7.56
N ASP H 550 7.66 -0.66 -8.57
CA ASP H 550 8.95 0.04 -8.51
C ASP H 550 10.10 -0.93 -8.21
N PHE H 551 10.34 -1.81 -9.18
CA PHE H 551 11.43 -2.76 -9.14
C PHE H 551 12.61 -2.25 -9.97
N SER H 552 13.79 -2.84 -9.73
CA SER H 552 15.02 -2.39 -10.37
C SER H 552 15.61 -3.41 -11.32
N ILE H 553 15.86 -4.64 -10.87
CA ILE H 553 16.50 -5.62 -11.73
C ILE H 553 15.55 -6.12 -12.82
N LEU H 554 14.27 -6.29 -12.50
CA LEU H 554 13.24 -6.69 -13.45
C LEU H 554 13.50 -8.10 -14.00
N THR H 555 13.57 -9.05 -13.09
CA THR H 555 13.63 -10.46 -13.44
C THR H 555 12.79 -11.24 -12.43
N PRO H 556 12.22 -12.38 -12.82
CA PRO H 556 11.36 -13.12 -11.89
C PRO H 556 12.04 -13.49 -10.60
N ASP H 557 13.36 -13.75 -10.62
CA ASP H 557 14.05 -14.07 -9.38
C ASP H 557 14.06 -12.88 -8.44
N TYR H 558 14.28 -11.68 -8.97
CA TYR H 558 14.35 -10.51 -8.11
C TYR H 558 12.97 -9.97 -7.77
N MET H 559 12.00 -10.17 -8.64
CA MET H 559 10.69 -9.56 -8.48
C MET H 559 9.88 -10.26 -7.38
N TRP H 560 9.99 -9.77 -6.15
CA TRP H 560 9.16 -10.21 -5.05
C TRP H 560 8.66 -8.99 -4.30
N PRO H 561 7.51 -9.09 -3.65
CA PRO H 561 6.95 -7.91 -2.97
C PRO H 561 7.89 -7.28 -1.96
N ASP H 562 8.72 -8.07 -1.27
CA ASP H 562 9.72 -7.48 -0.40
C ASP H 562 10.72 -6.65 -1.19
N ALA H 563 11.18 -7.17 -2.33
CA ALA H 563 12.13 -6.43 -3.14
C ALA H 563 11.53 -5.19 -3.77
N GLY H 564 10.21 -5.13 -3.89
CA GLY H 564 9.59 -3.94 -4.43
C GLY H 564 9.82 -2.72 -3.55
N SER H 565 9.80 -1.55 -4.18
CA SER H 565 10.04 -0.29 -3.46
C SER H 565 9.06 0.78 -3.92
N GLY H 566 7.78 0.42 -4.03
CA GLY H 566 6.78 1.36 -4.47
C GLY H 566 5.43 1.17 -3.80
N THR H 567 4.38 1.64 -4.44
CA THR H 567 3.04 1.54 -3.89
C THR H 567 2.59 0.08 -3.82
N ALA H 568 1.90 -0.28 -2.76
CA ALA H 568 1.45 -1.64 -2.53
C ALA H 568 -0.06 -1.67 -2.36
N GLN H 569 -0.67 -2.78 -2.79
CA GLN H 569 -2.09 -2.99 -2.67
C GLN H 569 -2.36 -4.40 -2.19
N ALA H 570 -3.48 -4.58 -1.50
CA ALA H 570 -3.88 -5.89 -1.00
C ALA H 570 -5.35 -6.12 -1.32
N TYR H 571 -5.64 -7.23 -1.98
CA TYR H 571 -7.00 -7.61 -2.31
C TYR H 571 -7.34 -8.93 -1.63
N GLY H 572 -8.63 -9.12 -1.35
CA GLY H 572 -9.03 -10.36 -0.69
C GLY H 572 -10.53 -10.50 -0.57
N ALA H 573 -11.03 -11.72 -0.76
CA ALA H 573 -12.45 -11.96 -0.65
C ALA H 573 -12.68 -13.42 -0.27
N GLY H 574 -13.90 -13.70 0.19
CA GLY H 574 -14.27 -15.05 0.55
C GLY H 574 -15.77 -15.21 0.38
N GLU H 575 -16.18 -16.47 0.20
CA GLU H 575 -17.58 -16.77 -0.02
C GLU H 575 -17.80 -18.25 0.25
N GLY H 576 -19.05 -18.67 0.20
CA GLY H 576 -19.38 -20.06 0.40
C GLY H 576 -20.88 -20.25 0.40
N TYR H 577 -21.27 -21.52 0.39
CA TYR H 577 -22.68 -21.86 0.44
C TYR H 577 -22.83 -23.30 0.90
N SER H 578 -24.06 -23.66 1.24
CA SER H 578 -24.38 -24.98 1.77
C SER H 578 -25.64 -25.50 1.11
N LEU H 579 -25.72 -26.82 0.98
CA LEU H 579 -26.89 -27.49 0.44
C LEU H 579 -27.26 -28.67 1.33
N VAL H 580 -28.55 -28.86 1.54
CA VAL H 580 -29.08 -30.01 2.26
C VAL H 580 -30.11 -30.67 1.37
N SER H 581 -30.13 -32.00 1.35
CA SER H 581 -31.06 -32.69 0.48
C SER H 581 -31.51 -33.99 1.12
N PHE H 582 -32.80 -34.29 0.98
CA PHE H 582 -33.37 -35.57 1.38
C PHE H 582 -34.08 -36.15 0.17
N PHE H 583 -33.67 -37.33 -0.26
CA PHE H 583 -34.23 -37.91 -1.48
C PHE H 583 -34.70 -39.33 -1.24
N GLY H 584 -35.66 -39.75 -2.06
CA GLY H 584 -36.19 -41.10 -2.01
C GLY H 584 -36.47 -41.64 -3.39
N LYS H 585 -35.98 -42.83 -3.67
CA LYS H 585 -36.10 -43.46 -4.98
C LYS H 585 -36.67 -44.85 -4.83
N MET H 586 -37.76 -45.13 -5.55
CA MET H 586 -38.41 -46.43 -5.51
C MET H 586 -38.52 -46.99 -6.91
N ASN H 587 -38.02 -48.20 -7.11
CA ASN H 587 -38.10 -48.88 -8.40
C ASN H 587 -38.88 -50.17 -8.24
N TYR H 588 -39.79 -50.43 -9.17
CA TYR H 588 -40.59 -51.64 -9.19
C TYR H 588 -40.52 -52.28 -10.56
N SER H 589 -40.44 -53.60 -10.59
CA SER H 589 -40.34 -54.34 -11.84
C SER H 589 -41.25 -55.56 -11.77
N TYR H 590 -42.09 -55.73 -12.77
CA TYR H 590 -42.97 -56.88 -12.88
C TYR H 590 -42.56 -57.71 -14.09
N ALA H 591 -42.35 -59.01 -13.85
CA ALA H 591 -42.04 -59.99 -14.88
C ALA H 591 -40.82 -59.60 -15.70
N ASP H 592 -39.97 -58.74 -15.16
CA ASP H 592 -38.84 -58.17 -15.90
C ASP H 592 -39.32 -57.52 -17.19
N ARG H 593 -40.55 -57.08 -17.20
CA ARG H 593 -41.17 -56.54 -18.41
C ARG H 593 -41.76 -55.16 -18.22
N TYR H 594 -42.32 -54.87 -17.05
CA TYR H 594 -42.85 -53.55 -16.75
C TYR H 594 -42.01 -52.92 -15.66
N LEU H 595 -41.52 -51.70 -15.90
CA LEU H 595 -40.61 -51.02 -15.00
C LEU H 595 -41.22 -49.68 -14.60
N LEU H 596 -41.16 -49.36 -13.32
CA LEU H 596 -41.68 -48.11 -12.81
C LEU H 596 -40.69 -47.52 -11.82
N SER H 597 -40.50 -46.21 -11.86
CA SER H 597 -39.57 -45.52 -10.99
C SER H 597 -40.21 -44.24 -10.47
N LEU H 598 -40.08 -43.99 -9.17
CA LEU H 598 -40.61 -42.80 -8.55
C LEU H 598 -39.54 -42.22 -7.66
N THR H 599 -39.12 -40.99 -7.93
CA THR H 599 -38.16 -40.31 -7.08
C THR H 599 -38.73 -38.99 -6.59
N LEU H 600 -38.37 -38.65 -5.36
CA LEU H 600 -38.84 -37.43 -4.72
C LEU H 600 -37.67 -36.78 -4.00
N ARG H 601 -37.52 -35.47 -4.16
CA ARG H 601 -36.42 -34.76 -3.54
C ARG H 601 -36.94 -33.57 -2.75
N ARG H 602 -36.30 -33.30 -1.62
CA ARG H 602 -36.53 -32.13 -0.80
C ARG H 602 -35.18 -31.45 -0.63
N ASP H 603 -34.99 -30.30 -1.27
CA ASP H 603 -33.69 -29.65 -1.34
C ASP H 603 -33.77 -28.26 -0.74
N GLY H 604 -32.74 -27.90 0.03
CA GLY H 604 -32.61 -26.55 0.53
C GLY H 604 -31.19 -26.06 0.32
N SER H 605 -31.08 -24.76 0.09
CA SER H 605 -29.79 -24.12 -0.15
C SER H 605 -29.67 -22.89 0.71
N SER H 606 -28.43 -22.55 1.05
CA SER H 606 -28.18 -21.38 1.87
C SER H 606 -28.39 -20.08 1.11
N ARG H 607 -28.59 -20.13 -0.20
CA ARG H 607 -28.72 -18.94 -1.01
C ARG H 607 -30.11 -18.34 -0.98
N PHE H 608 -31.05 -18.96 -0.28
CA PHE H 608 -32.44 -18.50 -0.23
C PHE H 608 -32.83 -18.17 1.20
N GLY H 609 -33.88 -17.36 1.34
CA GLY H 609 -34.38 -17.03 2.64
C GLY H 609 -35.04 -18.21 3.31
N LYS H 610 -35.28 -18.07 4.61
CA LYS H 610 -35.83 -19.19 5.39
C LYS H 610 -37.17 -19.65 4.82
N ASN H 611 -38.01 -18.69 4.40
CA ASN H 611 -39.33 -19.05 3.92
C ASN H 611 -39.26 -19.86 2.64
N HIS H 612 -38.35 -19.52 1.74
CA HIS H 612 -38.25 -20.17 0.44
C HIS H 612 -37.02 -21.05 0.33
N ARG H 613 -36.52 -21.54 1.46
CA ARG H 613 -35.27 -22.29 1.44
C ARG H 613 -35.45 -23.66 0.81
N TYR H 614 -36.52 -24.37 1.17
CA TYR H 614 -36.71 -25.74 0.75
C TYR H 614 -37.73 -25.85 -0.38
N ALA H 615 -37.50 -26.82 -1.26
CA ALA H 615 -38.39 -27.07 -2.39
C ALA H 615 -38.46 -28.56 -2.64
N THR H 616 -39.58 -29.00 -3.21
CA THR H 616 -39.84 -30.41 -3.47
C THR H 616 -39.92 -30.66 -4.96
N PHE H 617 -39.28 -31.72 -5.42
CA PHE H 617 -39.23 -32.08 -6.84
C PHE H 617 -39.57 -33.54 -7.04
N PRO H 618 -40.68 -33.86 -7.70
CA PRO H 618 -40.98 -35.25 -8.02
C PRO H 618 -40.54 -35.65 -9.42
N SER H 619 -40.40 -36.95 -9.66
CA SER H 619 -40.12 -37.46 -10.99
C SER H 619 -40.61 -38.89 -11.08
N VAL H 620 -41.15 -39.25 -12.25
CA VAL H 620 -41.69 -40.58 -12.50
C VAL H 620 -41.14 -41.08 -13.83
N SER H 621 -40.94 -42.39 -13.91
CA SER H 621 -40.43 -43.03 -15.11
C SER H 621 -41.16 -44.36 -15.31
N LEU H 622 -41.51 -44.65 -16.55
CA LEU H 622 -42.13 -45.92 -16.90
C LEU H 622 -41.37 -46.55 -18.05
N GLY H 623 -41.36 -47.87 -18.08
CA GLY H 623 -40.68 -48.60 -19.13
C GLY H 623 -41.37 -49.90 -19.44
N TRP H 624 -41.41 -50.27 -20.71
CA TRP H 624 -42.10 -51.48 -21.15
C TRP H 624 -41.20 -52.20 -22.14
N ARG H 625 -40.79 -53.41 -21.78
CA ARG H 625 -39.97 -54.23 -22.66
C ARG H 625 -40.90 -55.03 -23.56
N ILE H 626 -41.18 -54.50 -24.75
CA ILE H 626 -42.20 -55.12 -25.59
C ILE H 626 -41.76 -56.50 -26.04
N THR H 627 -40.46 -56.69 -26.27
CA THR H 627 -39.96 -57.98 -26.71
C THR H 627 -40.23 -59.09 -25.72
N GLN H 628 -40.45 -58.77 -24.45
CA GLN H 628 -40.77 -59.80 -23.47
C GLN H 628 -42.21 -60.28 -23.61
N GLU H 629 -43.08 -59.52 -24.25
CA GLU H 629 -44.47 -59.93 -24.39
C GLU H 629 -44.58 -61.17 -25.25
N ASN H 630 -45.54 -62.02 -24.92
CA ASN H 630 -45.67 -63.31 -25.59
C ASN H 630 -46.12 -63.17 -27.03
N PHE H 631 -46.82 -62.09 -27.36
CA PHE H 631 -47.45 -61.99 -28.68
C PHE H 631 -46.45 -61.78 -29.81
N MET H 632 -45.17 -61.54 -29.50
CA MET H 632 -44.19 -61.28 -30.55
C MET H 632 -42.97 -62.20 -30.44
N LYS H 633 -43.17 -63.41 -29.90
CA LYS H 633 -42.08 -64.37 -29.86
C LYS H 633 -41.61 -64.76 -31.26
N GLU H 634 -42.55 -64.89 -32.20
CA GLU H 634 -42.19 -65.37 -33.53
C GLU H 634 -41.27 -64.40 -34.28
N LEU H 635 -41.26 -63.12 -33.90
CA LEU H 635 -40.34 -62.15 -34.50
C LEU H 635 -38.97 -62.32 -33.87
N THR H 636 -38.26 -63.36 -34.33
CA THR H 636 -36.97 -63.69 -33.75
C THR H 636 -35.86 -62.72 -34.16
N TRP H 637 -36.01 -62.04 -35.30
CA TRP H 637 -34.99 -61.10 -35.73
C TRP H 637 -34.90 -59.92 -34.77
N LEU H 638 -36.04 -59.43 -34.30
CA LEU H 638 -36.05 -58.35 -33.33
C LEU H 638 -35.57 -58.85 -31.98
N ASP H 639 -34.27 -58.68 -31.71
CA ASP H 639 -33.69 -59.22 -30.48
C ASP H 639 -34.27 -58.57 -29.24
N ASP H 640 -34.42 -57.25 -29.24
CA ASP H 640 -34.89 -56.53 -28.06
C ASP H 640 -35.54 -55.22 -28.48
N LEU H 641 -36.58 -54.84 -27.74
CA LEU H 641 -37.28 -53.59 -28.00
C LEU H 641 -37.86 -53.09 -26.69
N LYS H 642 -37.49 -51.88 -26.30
CA LYS H 642 -37.93 -51.28 -25.05
C LYS H 642 -38.45 -49.87 -25.31
N LEU H 643 -39.60 -49.55 -24.74
CA LEU H 643 -40.20 -48.23 -24.89
C LEU H 643 -40.32 -47.61 -23.51
N ARG H 644 -39.70 -46.45 -23.31
CA ARG H 644 -39.67 -45.81 -22.01
C ARG H 644 -40.15 -44.39 -22.12
N ALA H 645 -40.75 -43.90 -21.03
CA ALA H 645 -41.18 -42.52 -20.92
C ALA H 645 -40.84 -42.04 -19.52
N SER H 646 -40.72 -40.73 -19.37
CA SER H 646 -40.39 -40.18 -18.06
C SER H 646 -40.79 -38.72 -18.00
N TRP H 647 -41.23 -38.29 -16.83
CA TRP H 647 -41.57 -36.90 -16.56
C TRP H 647 -40.96 -36.54 -15.22
N GLY H 648 -40.10 -35.54 -15.19
CA GLY H 648 -39.42 -35.19 -13.96
C GLY H 648 -39.32 -33.69 -13.78
N GLN H 649 -39.15 -33.29 -12.52
CA GLN H 649 -38.85 -31.90 -12.19
C GLN H 649 -37.56 -31.85 -11.40
N THR H 650 -36.71 -30.90 -11.76
CA THR H 650 -35.45 -30.70 -11.07
C THR H 650 -35.31 -29.24 -10.69
N GLY H 651 -34.49 -28.99 -9.68
CA GLY H 651 -34.31 -27.66 -9.15
C GLY H 651 -33.01 -27.04 -9.62
N ASN H 652 -33.04 -25.72 -9.77
CA ASN H 652 -31.85 -24.96 -10.10
C ASN H 652 -31.70 -23.83 -9.10
N GLN H 653 -30.49 -23.68 -8.56
CA GLN H 653 -30.19 -22.57 -7.66
C GLN H 653 -28.78 -22.03 -7.91
N GLU H 654 -28.21 -22.27 -9.07
CA GLU H 654 -26.86 -21.79 -9.38
C GLU H 654 -26.87 -20.29 -9.64
N ILE H 655 -26.77 -19.52 -8.57
CA ILE H 655 -26.75 -18.06 -8.63
C ILE H 655 -25.62 -17.56 -7.75
N SER H 656 -25.49 -16.24 -7.67
CA SER H 656 -24.50 -15.66 -6.77
C SER H 656 -24.87 -15.93 -5.32
N ASN H 657 -23.85 -16.10 -4.48
CA ASN H 657 -24.10 -16.43 -3.09
C ASN H 657 -24.85 -15.31 -2.39
N LEU H 658 -24.50 -14.07 -2.67
CA LEU H 658 -25.16 -12.93 -2.04
C LEU H 658 -26.24 -12.40 -2.99
N ALA H 659 -27.27 -13.21 -3.18
CA ALA H 659 -28.32 -12.89 -4.12
C ALA H 659 -29.49 -12.16 -3.49
N ARG H 660 -29.83 -12.48 -2.25
CA ARG H 660 -31.00 -11.91 -1.61
C ARG H 660 -30.68 -10.71 -0.73
N TYR H 661 -29.43 -10.27 -0.68
CA TYR H 661 -29.03 -9.17 0.18
C TYR H 661 -28.87 -7.88 -0.62
N THR H 662 -29.07 -6.76 0.06
CA THR H 662 -28.75 -5.46 -0.50
C THR H 662 -27.31 -5.15 -0.12
N ILE H 663 -26.40 -5.36 -1.07
CA ILE H 663 -24.97 -5.31 -0.79
C ILE H 663 -24.49 -3.87 -0.85
N TYR H 664 -23.82 -3.43 0.21
CA TYR H 664 -23.06 -2.18 0.21
C TYR H 664 -21.60 -2.54 0.45
N ALA H 665 -20.74 -2.16 -0.48
CA ALA H 665 -19.34 -2.50 -0.40
C ALA H 665 -18.49 -1.25 -0.30
N PRO H 666 -17.44 -1.27 0.49
CA PRO H 666 -16.57 -0.09 0.64
C PRO H 666 -15.49 -0.06 -0.45
N ASN H 667 -15.93 0.14 -1.68
CA ASN H 667 -15.01 0.12 -2.81
C ASN H 667 -14.12 1.36 -2.78
N TYR H 668 -12.96 1.25 -2.17
CA TYR H 668 -12.04 2.38 -2.10
C TYR H 668 -11.50 2.76 -3.47
N GLY H 669 -11.60 1.87 -4.45
CA GLY H 669 -11.04 2.14 -5.77
C GLY H 669 -9.66 1.59 -5.99
N THR H 670 -9.17 0.72 -5.12
CA THR H 670 -7.83 0.18 -5.25
C THR H 670 -7.70 -0.82 -6.39
N THR H 671 -8.81 -1.30 -6.95
CA THR H 671 -8.73 -2.26 -8.04
C THR H 671 -8.42 -1.54 -9.34
N ASP H 672 -7.52 -2.14 -10.13
CA ASP H 672 -7.20 -1.57 -11.43
C ASP H 672 -8.41 -1.61 -12.35
N SER H 673 -8.57 -0.56 -13.14
CA SER H 673 -9.67 -0.47 -14.09
C SER H 673 -9.19 0.18 -15.37
N PHE H 674 -9.83 -0.17 -16.47
CA PHE H 674 -9.51 0.36 -17.79
C PHE H 674 -10.46 1.49 -18.12
N GLY H 675 -9.91 2.65 -18.46
CA GLY H 675 -10.71 3.81 -18.79
C GLY H 675 -11.10 4.66 -17.61
N GLY H 676 -10.80 4.22 -16.38
CA GLY H 676 -11.05 5.05 -15.22
C GLY H 676 -12.45 4.98 -14.65
N GLN H 677 -13.31 4.10 -15.15
CA GLN H 677 -14.64 3.96 -14.59
C GLN H 677 -14.64 2.98 -13.41
N SER H 678 -13.80 3.31 -12.42
CA SER H 678 -13.62 2.44 -11.26
C SER H 678 -14.80 2.45 -10.32
N TYR H 679 -15.62 3.50 -10.35
CA TYR H 679 -16.73 3.66 -9.42
C TYR H 679 -16.25 3.59 -7.99
N GLY H 680 -15.06 4.09 -7.74
CA GLY H 680 -14.49 4.05 -6.41
C GLY H 680 -15.19 5.00 -5.47
N THR H 681 -14.84 4.89 -4.19
CA THR H 681 -15.43 5.71 -3.14
C THR H 681 -14.31 6.37 -2.35
N ALA H 682 -13.76 7.44 -2.90
CA ALA H 682 -12.65 8.14 -2.26
C ALA H 682 -12.49 9.49 -2.91
N TYR H 683 -12.70 10.56 -2.14
CA TYR H 683 -12.69 11.90 -2.69
C TYR H 683 -11.76 12.77 -1.87
N ASP H 684 -10.87 13.49 -2.55
CA ASP H 684 -10.01 14.45 -1.88
C ASP H 684 -10.86 15.62 -1.41
N ILE H 685 -11.67 15.41 -0.39
CA ILE H 685 -12.67 16.40 -0.01
C ILE H 685 -12.02 17.67 0.52
N THR H 686 -10.80 17.57 1.06
CA THR H 686 -10.12 18.75 1.55
C THR H 686 -9.57 19.60 0.41
N GLY H 687 -9.21 18.98 -0.70
CA GLY H 687 -8.67 19.72 -1.82
C GLY H 687 -7.19 19.97 -1.71
N SER H 688 -6.40 18.90 -1.63
CA SER H 688 -4.95 19.01 -1.46
C SER H 688 -4.18 18.08 -2.40
N ASN H 689 -4.81 17.62 -3.48
CA ASN H 689 -4.21 16.66 -4.40
C ASN H 689 -3.70 15.43 -3.66
N GLY H 690 -4.49 14.93 -2.72
CA GLY H 690 -4.14 13.70 -2.05
C GLY H 690 -2.94 13.88 -1.14
N GLY H 691 -2.06 12.89 -1.14
CA GLY H 691 -0.94 12.86 -0.24
C GLY H 691 -1.16 12.08 1.03
N GLY H 692 -2.27 11.36 1.14
CA GLY H 692 -2.54 10.58 2.32
C GLY H 692 -3.64 9.56 2.08
N VAL H 693 -4.49 9.34 3.08
CA VAL H 693 -5.62 8.42 2.96
C VAL H 693 -6.88 9.25 2.85
N LEU H 694 -7.53 9.18 1.70
CA LEU H 694 -8.72 9.97 1.48
C LEU H 694 -9.89 9.39 2.27
N PRO H 695 -10.87 10.21 2.62
CA PRO H 695 -12.08 9.68 3.24
C PRO H 695 -12.78 8.73 2.28
N SER H 696 -13.34 7.67 2.83
CA SER H 696 -13.97 6.62 2.04
C SER H 696 -15.43 6.46 2.46
N GLY H 697 -16.14 5.60 1.78
CA GLY H 697 -17.54 5.37 2.05
C GLY H 697 -17.97 4.03 1.53
N PHE H 698 -19.21 3.96 1.05
CA PHE H 698 -19.77 2.72 0.56
C PHE H 698 -20.54 2.98 -0.73
N LYS H 699 -20.62 1.95 -1.57
CA LYS H 699 -21.41 1.99 -2.78
C LYS H 699 -22.25 0.73 -2.89
N ARG H 700 -23.42 0.86 -3.50
CA ARG H 700 -24.35 -0.25 -3.59
C ARG H 700 -23.99 -1.15 -4.78
N ASN H 701 -23.88 -2.45 -4.52
CA ASN H 701 -23.60 -3.39 -5.60
C ASN H 701 -24.86 -4.00 -6.19
N GLN H 702 -25.85 -4.31 -5.36
CA GLN H 702 -27.09 -4.89 -5.87
C GLN H 702 -28.19 -4.67 -4.85
N ILE H 703 -29.43 -4.82 -5.31
CA ILE H 703 -30.61 -4.66 -4.48
C ILE H 703 -31.12 -6.04 -4.12
N GLY H 704 -31.34 -6.28 -2.83
CA GLY H 704 -31.76 -7.59 -2.37
C GLY H 704 -33.17 -7.92 -2.83
N ASN H 705 -33.44 -9.22 -2.92
CA ASN H 705 -34.76 -9.72 -3.25
C ASN H 705 -35.04 -10.92 -2.36
N ASP H 706 -35.94 -10.76 -1.41
CA ASP H 706 -36.18 -11.79 -0.41
C ASP H 706 -37.16 -12.85 -0.87
N ASN H 707 -37.72 -12.72 -2.07
CA ASN H 707 -38.73 -13.65 -2.55
C ASN H 707 -38.18 -14.63 -3.57
N ILE H 708 -36.86 -14.71 -3.74
CA ILE H 708 -36.30 -15.64 -4.71
C ILE H 708 -36.47 -17.06 -4.19
N LYS H 709 -36.80 -17.98 -5.09
CA LYS H 709 -36.96 -19.38 -4.76
C LYS H 709 -36.32 -20.20 -5.88
N TRP H 710 -36.47 -21.51 -5.80
CA TRP H 710 -35.82 -22.40 -6.74
C TRP H 710 -36.39 -22.23 -8.14
N GLU H 711 -35.52 -22.33 -9.14
CA GLU H 711 -35.96 -22.40 -10.53
C GLU H 711 -36.37 -23.82 -10.85
N THR H 712 -37.52 -24.00 -11.50
CA THR H 712 -38.07 -25.33 -11.73
C THR H 712 -37.90 -25.72 -13.18
N THR H 713 -37.21 -26.83 -13.42
CA THR H 713 -37.02 -27.34 -14.78
C THR H 713 -37.79 -28.64 -14.91
N THR H 714 -38.78 -28.65 -15.79
CA THR H 714 -39.60 -29.82 -16.04
C THR H 714 -39.19 -30.46 -17.36
N GLN H 715 -38.89 -31.75 -17.33
CA GLN H 715 -38.43 -32.44 -18.52
C GLN H 715 -39.29 -33.66 -18.78
N THR H 716 -39.75 -33.80 -20.02
CA THR H 716 -40.52 -34.95 -20.47
C THR H 716 -39.74 -35.64 -21.58
N ASN H 717 -39.46 -36.92 -21.38
CA ASN H 717 -38.62 -37.69 -22.29
C ASN H 717 -39.36 -38.94 -22.73
N VAL H 718 -39.25 -39.28 -24.02
CA VAL H 718 -39.83 -40.49 -24.58
C VAL H 718 -38.78 -41.16 -25.45
N GLY H 719 -38.43 -42.40 -25.14
CA GLY H 719 -37.36 -43.08 -25.84
C GLY H 719 -37.76 -44.48 -26.27
N ILE H 720 -37.13 -44.92 -27.35
CA ILE H 720 -37.29 -46.26 -27.89
C ILE H 720 -35.91 -46.84 -28.12
N ASP H 721 -35.59 -47.94 -27.45
CA ASP H 721 -34.33 -48.64 -27.61
C ASP H 721 -34.57 -49.94 -28.35
N PHE H 722 -33.73 -50.24 -29.33
CA PHE H 722 -33.93 -51.42 -30.15
C PHE H 722 -32.61 -52.13 -30.37
N SER H 723 -32.69 -53.44 -30.58
CA SER H 723 -31.54 -54.27 -30.90
C SER H 723 -32.01 -55.40 -31.80
N LEU H 724 -31.29 -55.61 -32.90
CA LEU H 724 -31.72 -56.56 -33.91
C LEU H 724 -30.54 -57.42 -34.37
N PHE H 725 -30.88 -58.59 -34.90
CA PHE H 725 -29.91 -59.54 -35.44
C PHE H 725 -28.90 -59.98 -34.38
N LYS H 726 -29.42 -60.33 -33.21
CA LYS H 726 -28.60 -60.81 -32.09
C LYS H 726 -27.54 -59.77 -31.72
N GLN H 727 -28.04 -58.60 -31.32
CA GLN H 727 -27.19 -57.50 -30.86
C GLN H 727 -26.19 -57.06 -31.92
N SER H 728 -26.56 -57.19 -33.19
CA SER H 728 -25.71 -56.74 -34.29
C SER H 728 -26.06 -55.35 -34.78
N LEU H 729 -27.32 -54.95 -34.68
CA LEU H 729 -27.77 -53.63 -35.09
C LEU H 729 -28.58 -53.04 -33.95
N TYR H 730 -27.97 -52.19 -33.14
CA TYR H 730 -28.61 -51.65 -31.96
C TYR H 730 -28.73 -50.14 -32.09
N GLY H 731 -29.57 -49.55 -31.24
CA GLY H 731 -29.73 -48.12 -31.29
C GLY H 731 -30.84 -47.64 -30.39
N SER H 732 -31.04 -46.32 -30.42
CA SER H 732 -32.03 -45.66 -29.61
C SER H 732 -32.54 -44.42 -30.34
N LEU H 733 -33.75 -44.01 -29.98
CA LEU H 733 -34.39 -42.82 -30.55
C LEU H 733 -35.15 -42.12 -29.44
N GLU H 734 -34.78 -40.89 -29.15
CA GLU H 734 -35.31 -40.17 -28.00
C GLU H 734 -35.88 -38.83 -28.44
N TYR H 735 -36.95 -38.41 -27.76
CA TYR H 735 -37.54 -37.10 -27.97
C TYR H 735 -37.74 -36.46 -26.61
N TYR H 736 -37.26 -35.23 -26.44
CA TYR H 736 -37.30 -34.59 -25.14
C TYR H 736 -37.87 -33.19 -25.23
N TYR H 737 -38.52 -32.77 -24.16
CA TYR H 737 -39.12 -31.45 -24.04
C TYR H 737 -38.77 -30.91 -22.66
N LYS H 738 -37.95 -29.86 -22.62
CA LYS H 738 -37.55 -29.21 -21.38
C LYS H 738 -38.21 -27.84 -21.28
N LYS H 739 -38.69 -27.52 -20.08
CA LYS H 739 -39.39 -26.27 -19.83
C LYS H 739 -38.90 -25.73 -18.49
N ALA H 740 -38.14 -24.64 -18.54
CA ALA H 740 -37.59 -24.04 -17.33
C ALA H 740 -38.40 -22.81 -16.98
N THR H 741 -38.89 -22.74 -15.75
CA THR H 741 -39.75 -21.67 -15.28
C THR H 741 -39.20 -21.10 -13.97
N ASP H 742 -39.59 -19.85 -13.71
CA ASP H 742 -39.05 -19.07 -12.60
C ASP H 742 -37.52 -19.04 -12.65
N ILE H 743 -36.98 -18.84 -13.84
CA ILE H 743 -35.54 -18.83 -14.01
C ILE H 743 -34.96 -17.67 -13.22
N LEU H 744 -34.04 -17.99 -12.31
CA LEU H 744 -33.38 -16.96 -11.51
C LEU H 744 -32.46 -16.17 -12.41
N THR H 745 -32.91 -15.00 -12.83
CA THR H 745 -32.12 -14.14 -13.71
C THR H 745 -31.75 -12.86 -12.97
N GLU H 746 -30.54 -12.36 -13.25
CA GLU H 746 -30.06 -11.12 -12.67
C GLU H 746 -30.50 -9.98 -13.58
N MET H 747 -31.71 -9.48 -13.35
CA MET H 747 -32.22 -8.40 -14.18
C MET H 747 -31.52 -7.10 -13.83
N ALA H 748 -31.20 -6.32 -14.86
CA ALA H 748 -30.54 -5.05 -14.67
C ALA H 748 -31.51 -3.99 -14.17
N GLY H 749 -30.96 -2.87 -13.72
CA GLY H 749 -31.79 -1.78 -13.26
C GLY H 749 -32.50 -1.09 -14.41
N VAL H 750 -33.56 -0.36 -14.06
CA VAL H 750 -34.37 0.29 -15.07
C VAL H 750 -33.62 1.40 -15.78
N GLY H 751 -32.51 1.87 -15.21
CA GLY H 751 -31.70 2.90 -15.84
C GLY H 751 -31.66 4.16 -15.01
N VAL H 752 -32.82 4.60 -14.52
CA VAL H 752 -32.86 5.69 -13.55
C VAL H 752 -32.68 5.18 -12.14
N LEU H 753 -32.63 3.87 -11.95
CA LEU H 753 -32.36 3.28 -10.65
C LEU H 753 -30.88 3.37 -10.27
N GLY H 754 -30.01 3.70 -11.23
CA GLY H 754 -28.62 3.93 -10.92
C GLY H 754 -27.85 2.65 -10.67
N GLU H 755 -26.71 2.82 -10.01
CA GLU H 755 -25.83 1.68 -9.76
C GLU H 755 -26.45 0.75 -8.73
N GLY H 756 -26.08 -0.53 -8.83
CA GLY H 756 -26.65 -1.49 -7.93
C GLY H 756 -28.08 -1.84 -8.23
N GLY H 757 -28.61 -1.42 -9.37
CA GLY H 757 -29.97 -1.77 -9.73
C GLY H 757 -30.16 -3.22 -10.12
N SER H 758 -29.07 -3.94 -10.36
CA SER H 758 -29.16 -5.35 -10.70
C SER H 758 -29.73 -6.12 -9.52
N ARG H 759 -30.67 -7.02 -9.80
CA ARG H 759 -31.27 -7.83 -8.75
C ARG H 759 -31.73 -9.14 -9.33
N TRP H 760 -31.65 -10.19 -8.53
CA TRP H 760 -32.09 -11.50 -8.96
C TRP H 760 -33.60 -11.64 -8.81
N ILE H 761 -34.22 -12.28 -9.79
CA ILE H 761 -35.68 -12.41 -9.79
C ILE H 761 -36.05 -13.67 -10.54
N ASN H 762 -37.20 -14.25 -10.16
CA ASN H 762 -37.74 -15.44 -10.82
C ASN H 762 -38.72 -14.99 -11.90
N SER H 763 -38.17 -14.63 -13.05
CA SER H 763 -39.00 -14.10 -14.12
C SER H 763 -38.54 -14.64 -15.47
N GLY H 764 -38.24 -15.93 -15.56
CA GLY H 764 -37.75 -16.49 -16.79
C GLY H 764 -38.62 -17.63 -17.30
N ALA H 765 -38.41 -18.02 -18.56
CA ALA H 765 -39.10 -19.17 -19.14
C ALA H 765 -38.37 -19.58 -20.39
N MET H 766 -37.95 -20.84 -20.46
CA MET H 766 -37.19 -21.37 -21.59
C MET H 766 -37.77 -22.70 -22.03
N LYS H 767 -37.74 -22.96 -23.33
CA LYS H 767 -38.27 -24.19 -23.90
C LYS H 767 -37.24 -24.81 -24.83
N ASN H 768 -37.10 -26.13 -24.74
CA ASN H 768 -36.16 -26.88 -25.56
C ASN H 768 -36.82 -28.17 -26.02
N GLN H 769 -37.10 -28.28 -27.31
CA GLN H 769 -37.59 -29.52 -27.89
C GLN H 769 -36.49 -30.13 -28.74
N GLY H 770 -36.24 -31.41 -28.58
CA GLY H 770 -35.14 -32.03 -29.29
C GLY H 770 -35.36 -33.48 -29.60
N PHE H 771 -34.67 -33.95 -30.64
CA PHE H 771 -34.67 -35.33 -31.07
C PHE H 771 -33.24 -35.86 -31.08
N GLU H 772 -33.06 -37.10 -30.67
CA GLU H 772 -31.77 -37.76 -30.67
C GLU H 772 -31.92 -39.13 -31.29
N PHE H 773 -30.92 -39.57 -32.06
CA PHE H 773 -30.98 -40.87 -32.72
C PHE H 773 -29.58 -41.47 -32.71
N ASN H 774 -29.41 -42.54 -31.94
CA ASN H 774 -28.15 -43.26 -31.85
C ASN H 774 -28.28 -44.58 -32.59
N LEU H 775 -27.27 -44.91 -33.38
CA LEU H 775 -27.29 -46.14 -34.18
C LEU H 775 -25.92 -46.79 -34.12
N GLY H 776 -25.90 -48.11 -34.20
CA GLY H 776 -24.66 -48.84 -34.19
C GLY H 776 -24.77 -50.21 -34.81
N TYR H 777 -23.88 -50.53 -35.75
CA TYR H 777 -23.89 -51.81 -36.43
C TYR H 777 -22.52 -52.44 -36.33
N ARG H 778 -22.45 -53.65 -35.79
CA ARG H 778 -21.20 -54.37 -35.65
C ARG H 778 -21.35 -55.77 -36.21
N ASN H 779 -20.42 -56.17 -37.07
CA ASN H 779 -20.46 -57.50 -37.67
C ASN H 779 -19.07 -57.85 -38.17
N LYS H 780 -18.83 -59.15 -38.31
CA LYS H 780 -17.57 -59.64 -38.84
C LYS H 780 -17.68 -59.76 -40.37
N THR H 781 -16.70 -60.39 -40.98
CA THR H 781 -16.66 -60.53 -42.43
C THR H 781 -16.08 -61.90 -42.76
N ALA H 782 -16.39 -62.38 -43.97
CA ALA H 782 -15.97 -63.72 -44.37
C ALA H 782 -14.46 -63.86 -44.32
N PHE H 783 -13.72 -62.82 -44.83
CA PHE H 783 -12.26 -62.88 -44.87
C PHE H 783 -11.60 -62.38 -43.59
N GLY H 784 -12.38 -61.99 -42.58
CA GLY H 784 -11.81 -61.68 -41.29
C GLY H 784 -11.58 -60.20 -41.02
N LEU H 785 -12.55 -59.36 -41.42
CA LEU H 785 -12.48 -57.93 -41.16
C LEU H 785 -13.63 -57.57 -40.24
N THR H 786 -13.31 -57.22 -39.00
CA THR H 786 -14.31 -56.88 -37.99
C THR H 786 -14.58 -55.38 -38.06
N TYR H 787 -15.76 -55.00 -38.50
CA TYR H 787 -16.12 -53.60 -38.65
C TYR H 787 -17.19 -53.22 -37.65
N ASP H 788 -17.03 -52.06 -37.02
CA ASP H 788 -17.98 -51.53 -36.06
C ASP H 788 -18.25 -50.08 -36.38
N LEU H 789 -19.51 -49.75 -36.65
CA LEU H 789 -19.91 -48.40 -37.00
C LEU H 789 -20.87 -47.89 -35.95
N ASN H 790 -20.54 -46.76 -35.33
CA ASN H 790 -21.40 -46.11 -34.36
C ASN H 790 -21.77 -44.74 -34.90
N GLY H 791 -23.00 -44.61 -35.38
CA GLY H 791 -23.50 -43.36 -35.88
C GLY H 791 -24.32 -42.65 -34.84
N ASN H 792 -24.45 -41.33 -35.00
CA ASN H 792 -25.20 -40.54 -34.06
C ASN H 792 -25.65 -39.27 -34.75
N ILE H 793 -26.88 -38.84 -34.46
CA ILE H 793 -27.41 -37.61 -35.05
C ILE H 793 -28.40 -37.03 -34.06
N SER H 794 -28.43 -35.69 -33.98
CA SER H 794 -29.28 -35.02 -33.01
C SER H 794 -29.66 -33.65 -33.53
N THR H 795 -30.75 -33.12 -32.97
CA THR H 795 -31.23 -31.79 -33.29
C THR H 795 -32.06 -31.29 -32.13
N TYR H 796 -32.19 -29.97 -32.05
CA TYR H 796 -33.01 -29.39 -31.00
C TYR H 796 -33.42 -27.98 -31.40
N ARG H 797 -34.48 -27.48 -30.78
CA ARG H 797 -34.96 -26.13 -30.97
C ARG H 797 -35.06 -25.45 -29.61
N ASN H 798 -34.56 -24.24 -29.52
CA ASN H 798 -34.56 -23.48 -28.28
C ASN H 798 -35.43 -22.24 -28.45
N GLU H 799 -36.06 -21.81 -27.36
CA GLU H 799 -36.93 -20.65 -27.40
C GLU H 799 -37.04 -20.04 -26.01
N ILE H 800 -37.21 -18.72 -25.98
CA ILE H 800 -37.44 -17.98 -24.75
C ILE H 800 -38.89 -17.52 -24.74
N LEU H 801 -39.61 -17.87 -23.68
CA LEU H 801 -41.04 -17.62 -23.60
C LEU H 801 -41.39 -16.38 -22.78
N GLU H 802 -40.72 -16.16 -21.66
CA GLU H 802 -40.93 -14.98 -20.84
C GLU H 802 -39.59 -14.43 -20.42
N LEU H 803 -39.55 -13.14 -20.11
CA LEU H 803 -38.30 -12.50 -19.76
C LEU H 803 -38.58 -11.16 -19.12
N PRO H 804 -37.79 -10.72 -18.14
CA PRO H 804 -38.01 -9.42 -17.53
C PRO H 804 -37.84 -8.30 -18.55
N GLU H 805 -38.55 -7.20 -18.32
CA GLU H 805 -38.58 -6.13 -19.30
C GLU H 805 -37.21 -5.52 -19.52
N THR H 806 -36.47 -5.29 -18.44
CA THR H 806 -35.14 -4.69 -18.59
C THR H 806 -34.18 -5.65 -19.29
N VAL H 807 -34.29 -6.94 -19.03
CA VAL H 807 -33.46 -7.92 -19.72
C VAL H 807 -33.77 -7.91 -21.21
N ALA H 808 -35.05 -7.91 -21.57
CA ALA H 808 -35.41 -7.83 -22.98
C ALA H 808 -34.92 -6.54 -23.60
N ALA H 809 -34.94 -5.45 -22.85
CA ALA H 809 -34.54 -4.16 -23.39
C ALA H 809 -33.03 -4.10 -23.65
N ASN H 810 -32.23 -4.52 -22.68
CA ASN H 810 -30.79 -4.41 -22.87
C ASN H 810 -30.23 -5.55 -23.72
N GLY H 811 -30.99 -6.60 -23.93
CA GLY H 811 -30.60 -7.60 -24.91
C GLY H 811 -29.31 -8.33 -24.62
N LYS H 812 -29.09 -8.73 -23.36
CA LYS H 812 -27.95 -9.58 -23.07
C LYS H 812 -28.16 -11.00 -23.55
N PHE H 813 -29.41 -11.42 -23.73
CA PHE H 813 -29.73 -12.74 -24.22
C PHE H 813 -30.11 -12.74 -25.69
N GLY H 814 -29.98 -11.61 -26.37
CA GLY H 814 -30.29 -11.56 -27.78
C GLY H 814 -31.08 -10.32 -28.18
N GLY H 815 -31.11 -10.02 -29.47
CA GLY H 815 -31.81 -8.88 -29.97
C GLY H 815 -31.00 -7.61 -30.05
N ASN H 816 -29.77 -7.62 -29.53
CA ASN H 816 -28.86 -6.49 -29.59
C ASN H 816 -29.45 -5.22 -28.97
N GLY H 817 -30.46 -5.36 -28.12
CA GLY H 817 -31.12 -4.20 -27.57
C GLY H 817 -32.04 -3.49 -28.52
N VAL H 818 -32.28 -4.04 -29.70
CA VAL H 818 -33.15 -3.44 -30.70
C VAL H 818 -34.55 -4.03 -30.63
N LYS H 819 -34.65 -5.36 -30.54
CA LYS H 819 -35.93 -6.02 -30.43
C LYS H 819 -35.85 -7.07 -29.33
N SER H 820 -36.98 -7.34 -28.70
CA SER H 820 -37.03 -8.33 -27.63
C SER H 820 -36.79 -9.72 -28.18
N VAL H 821 -35.99 -10.51 -27.45
CA VAL H 821 -35.68 -11.87 -27.88
C VAL H 821 -36.82 -12.84 -27.58
N VAL H 822 -37.81 -12.40 -26.79
CA VAL H 822 -38.89 -13.29 -26.38
C VAL H 822 -39.56 -13.89 -27.60
N GLY H 823 -39.73 -15.21 -27.59
CA GLY H 823 -40.27 -15.93 -28.72
C GLY H 823 -39.24 -16.33 -29.75
N HIS H 824 -37.96 -16.09 -29.50
CA HIS H 824 -36.91 -16.42 -30.45
C HIS H 824 -35.82 -17.22 -29.73
N THR H 825 -34.89 -17.73 -30.52
CA THR H 825 -33.82 -18.55 -29.97
C THR H 825 -32.92 -17.74 -29.05
N TYR H 826 -32.40 -18.40 -28.03
CA TYR H 826 -31.45 -17.77 -27.13
C TYR H 826 -30.25 -17.27 -27.92
N GLY H 827 -29.88 -16.02 -27.72
CA GLY H 827 -28.71 -15.47 -28.38
C GLY H 827 -28.91 -15.03 -29.81
N ALA H 828 -30.13 -15.05 -30.33
CA ALA H 828 -30.38 -14.56 -31.68
C ALA H 828 -30.13 -13.06 -31.76
N GLN H 829 -29.64 -12.61 -32.91
CA GLN H 829 -29.28 -11.21 -33.09
C GLN H 829 -30.09 -10.58 -34.21
N VAL H 830 -30.23 -9.26 -34.14
CA VAL H 830 -31.00 -8.48 -35.09
C VAL H 830 -30.05 -7.51 -35.78
N GLY H 831 -30.12 -7.44 -37.11
CA GLY H 831 -29.28 -6.54 -37.85
C GLY H 831 -29.92 -6.18 -39.18
N TYR H 832 -29.18 -5.42 -39.98
CA TYR H 832 -29.64 -5.03 -41.30
C TYR H 832 -29.51 -6.21 -42.26
N ILE H 833 -29.98 -6.02 -43.48
CA ILE H 833 -29.89 -7.04 -44.52
C ILE H 833 -29.11 -6.45 -45.69
N ALA H 834 -28.05 -7.14 -46.09
CA ALA H 834 -27.15 -6.66 -47.13
C ALA H 834 -27.57 -7.26 -48.47
N ASP H 835 -28.08 -6.42 -49.37
CA ASP H 835 -28.46 -6.85 -50.71
C ASP H 835 -27.36 -6.50 -51.70
N GLY H 836 -26.22 -7.15 -51.51
CA GLY H 836 -25.11 -6.90 -52.40
C GLY H 836 -24.50 -5.53 -52.19
N ILE H 837 -23.81 -5.05 -53.23
CA ILE H 837 -23.15 -3.75 -53.20
C ILE H 837 -23.56 -2.97 -54.42
N PHE H 838 -23.50 -1.64 -54.31
CA PHE H 838 -23.80 -0.79 -55.44
C PHE H 838 -22.70 -0.92 -56.48
N LYS H 839 -23.09 -0.95 -57.74
CA LYS H 839 -22.12 -1.02 -58.84
C LYS H 839 -22.24 0.12 -59.83
N SER H 840 -23.18 1.02 -59.66
CA SER H 840 -23.29 2.17 -60.55
C SER H 840 -24.08 3.27 -59.87
N GLN H 841 -23.85 4.50 -60.33
CA GLN H 841 -24.62 5.62 -59.80
C GLN H 841 -26.11 5.45 -60.08
N ASP H 842 -26.45 4.79 -61.18
CA ASP H 842 -27.85 4.50 -61.44
C ASP H 842 -28.44 3.61 -60.35
N GLU H 843 -27.71 2.57 -59.94
CA GLU H 843 -28.17 1.73 -58.86
C GLU H 843 -28.28 2.51 -57.56
N VAL H 844 -27.30 3.37 -57.29
CA VAL H 844 -27.35 4.18 -56.08
C VAL H 844 -28.60 5.05 -56.07
N ASP H 845 -28.91 5.69 -57.19
CA ASP H 845 -30.07 6.55 -57.26
C ASP H 845 -31.37 5.76 -57.14
N ASN H 846 -31.44 4.60 -57.81
CA ASN H 846 -32.68 3.84 -57.79
C ASN H 846 -32.94 3.22 -56.42
N HIS H 847 -31.90 2.90 -55.68
CA HIS H 847 -32.10 2.34 -54.35
C HIS H 847 -32.69 3.40 -53.42
N ALA H 848 -33.34 2.91 -52.36
CA ALA H 848 -33.86 3.82 -51.35
C ALA H 848 -32.72 4.62 -50.73
N THR H 849 -33.00 5.87 -50.40
CA THR H 849 -31.94 6.76 -49.94
C THR H 849 -31.38 6.27 -48.61
N GLN H 850 -30.06 6.34 -48.48
CA GLN H 850 -29.40 6.03 -47.23
C GLN H 850 -28.12 6.85 -47.14
N GLU H 851 -27.77 7.22 -45.91
CA GLU H 851 -26.59 8.03 -45.67
C GLU H 851 -25.34 7.25 -46.04
N GLY H 852 -24.42 7.91 -46.75
CA GLY H 852 -23.16 7.30 -47.10
C GLY H 852 -23.19 6.39 -48.30
N ALA H 853 -24.32 6.27 -48.99
CA ALA H 853 -24.39 5.42 -50.17
C ALA H 853 -23.53 6.01 -51.28
N ALA H 854 -22.80 5.13 -51.96
CA ALA H 854 -21.95 5.53 -53.08
C ALA H 854 -21.68 4.29 -53.91
N VAL H 855 -20.81 4.43 -54.91
CA VAL H 855 -20.47 3.30 -55.75
C VAL H 855 -19.53 2.38 -54.99
N GLY H 856 -19.84 1.09 -54.99
CA GLY H 856 -19.02 0.11 -54.31
C GLY H 856 -19.34 -0.10 -52.84
N ARG H 857 -20.38 0.54 -52.33
CA ARG H 857 -20.76 0.41 -50.93
C ARG H 857 -21.89 -0.61 -50.79
N ILE H 858 -22.09 -1.07 -49.56
CA ILE H 858 -23.08 -2.11 -49.31
C ILE H 858 -24.48 -1.53 -49.40
N ARG H 859 -25.36 -2.23 -50.10
CA ARG H 859 -26.76 -1.82 -50.22
C ARG H 859 -27.59 -2.54 -49.17
N TYR H 860 -28.31 -1.78 -48.36
CA TYR H 860 -29.12 -2.34 -47.28
C TYR H 860 -30.58 -2.34 -47.69
N ARG H 861 -31.25 -3.46 -47.48
CA ARG H 861 -32.63 -3.60 -47.89
C ARG H 861 -33.54 -2.71 -47.05
N ASP H 862 -34.56 -2.15 -47.69
CA ASP H 862 -35.57 -1.36 -47.00
C ASP H 862 -36.66 -2.33 -46.54
N ILE H 863 -36.66 -2.67 -45.26
CA ILE H 863 -37.58 -3.67 -44.76
C ILE H 863 -39.00 -3.13 -44.72
N ASP H 864 -39.17 -1.90 -44.23
CA ASP H 864 -40.51 -1.35 -44.04
C ASP H 864 -41.01 -0.56 -45.24
N HIS H 865 -40.22 -0.46 -46.31
CA HIS H 865 -40.64 0.18 -47.55
C HIS H 865 -40.97 1.66 -47.35
N ASN H 866 -40.31 2.30 -46.38
CA ASN H 866 -40.52 3.72 -46.15
C ASN H 866 -39.70 4.61 -47.06
N GLY H 867 -38.82 4.03 -47.88
CA GLY H 867 -37.99 4.80 -48.78
C GLY H 867 -36.69 5.30 -48.18
N VAL H 868 -36.45 5.08 -46.90
CA VAL H 868 -35.25 5.55 -46.22
C VAL H 868 -34.73 4.45 -45.32
N ILE H 869 -33.41 4.28 -45.30
CA ILE H 869 -32.78 3.27 -44.45
C ILE H 869 -32.42 3.93 -43.12
N ASP H 870 -32.88 3.34 -42.03
CA ASP H 870 -32.58 3.84 -40.70
C ASP H 870 -32.55 2.66 -39.73
N GLU H 871 -32.56 2.97 -38.44
CA GLU H 871 -32.46 1.93 -37.43
C GLU H 871 -33.70 1.04 -37.36
N ARG H 872 -34.79 1.43 -38.01
CA ARG H 872 -35.98 0.59 -38.03
C ARG H 872 -35.93 -0.48 -39.12
N ASP H 873 -34.91 -0.46 -39.97
CA ASP H 873 -34.81 -1.41 -41.07
C ASP H 873 -33.93 -2.60 -40.66
N GLN H 874 -34.33 -3.25 -39.58
CA GLN H 874 -33.60 -4.36 -39.00
C GLN H 874 -34.53 -5.53 -38.77
N ASN H 875 -33.98 -6.74 -38.82
CA ASN H 875 -34.76 -7.94 -38.67
C ASN H 875 -33.88 -9.05 -38.13
N TRP H 876 -34.51 -10.14 -37.71
CA TRP H 876 -33.75 -11.27 -37.19
C TRP H 876 -32.93 -11.89 -38.31
N ILE H 877 -31.62 -11.97 -38.09
CA ILE H 877 -30.71 -12.47 -39.12
C ILE H 877 -29.85 -13.63 -38.63
N TYR H 878 -29.68 -13.81 -37.33
CA TYR H 878 -28.76 -14.79 -36.78
C TYR H 878 -29.50 -15.74 -35.86
N ASP H 879 -29.23 -17.03 -36.02
CA ASP H 879 -29.82 -18.05 -35.17
C ASP H 879 -28.73 -19.05 -34.79
N PRO H 880 -28.29 -19.06 -33.54
CA PRO H 880 -27.13 -19.88 -33.19
C PRO H 880 -27.48 -21.32 -32.87
N THR H 881 -28.38 -21.92 -33.65
CA THR H 881 -28.82 -23.29 -33.39
C THR H 881 -28.63 -24.09 -34.67
N PRO H 882 -27.78 -25.10 -34.66
CA PRO H 882 -27.56 -25.88 -35.88
C PRO H 882 -28.81 -26.64 -36.30
N SER H 883 -28.94 -26.86 -37.60
CA SER H 883 -30.04 -27.69 -38.09
C SER H 883 -29.93 -29.10 -37.52
N PHE H 884 -28.74 -29.68 -37.53
CA PHE H 884 -28.51 -30.94 -36.83
C PHE H 884 -27.02 -31.20 -36.72
N SER H 885 -26.64 -31.91 -35.66
CA SER H 885 -25.25 -32.27 -35.44
C SER H 885 -25.13 -33.78 -35.39
N TYR H 886 -24.14 -34.32 -36.10
CA TYR H 886 -23.98 -35.75 -36.23
C TYR H 886 -22.53 -36.15 -36.03
N GLY H 887 -22.33 -37.42 -35.73
CA GLY H 887 -21.00 -37.98 -35.57
C GLY H 887 -20.99 -39.42 -36.01
N LEU H 888 -19.81 -39.90 -36.36
CA LEU H 888 -19.67 -41.26 -36.84
C LEU H 888 -18.31 -41.82 -36.45
N ASN H 889 -18.32 -42.98 -35.81
CA ASN H 889 -17.10 -43.66 -35.40
C ASN H 889 -17.01 -44.99 -36.14
N ILE H 890 -15.88 -45.20 -36.81
CA ILE H 890 -15.64 -46.40 -37.61
C ILE H 890 -14.43 -47.11 -37.02
N TYR H 891 -14.58 -48.41 -36.77
CA TYR H 891 -13.51 -49.20 -36.18
C TYR H 891 -13.35 -50.47 -37.00
N LEU H 892 -12.19 -50.65 -37.62
CA LEU H 892 -11.91 -51.80 -38.46
C LEU H 892 -10.75 -52.58 -37.88
N GLU H 893 -10.93 -53.88 -37.69
CA GLU H 893 -9.88 -54.75 -37.19
C GLU H 893 -9.59 -55.83 -38.22
N TYR H 894 -8.30 -56.06 -38.48
CA TYR H 894 -7.88 -57.02 -39.48
C TYR H 894 -6.42 -57.37 -39.26
N LYS H 895 -6.14 -58.62 -38.92
CA LYS H 895 -4.79 -59.14 -38.80
C LYS H 895 -3.89 -58.24 -37.95
N ASN H 896 -4.31 -58.05 -36.70
CA ASN H 896 -3.59 -57.27 -35.70
C ASN H 896 -3.55 -55.78 -36.02
N PHE H 897 -4.23 -55.32 -37.05
CA PHE H 897 -4.25 -53.92 -37.45
C PHE H 897 -5.63 -53.35 -37.16
N ASP H 898 -5.70 -52.28 -36.38
CA ASP H 898 -6.97 -51.63 -36.10
C ASP H 898 -6.92 -50.18 -36.55
N LEU H 899 -7.91 -49.78 -37.33
CA LEU H 899 -8.06 -48.43 -37.83
C LEU H 899 -9.32 -47.81 -37.24
N THR H 900 -9.17 -46.66 -36.60
CA THR H 900 -10.28 -45.94 -36.00
C THR H 900 -10.40 -44.58 -36.66
N MET H 901 -11.63 -44.20 -37.01
CA MET H 901 -11.88 -42.93 -37.68
C MET H 901 -13.14 -42.33 -37.08
N PHE H 902 -13.03 -41.20 -36.40
CA PHE H 902 -14.18 -40.49 -35.89
C PHE H 902 -14.33 -39.17 -36.64
N TRP H 903 -15.49 -39.00 -37.29
CA TRP H 903 -15.88 -37.80 -37.98
C TRP H 903 -16.98 -37.09 -37.20
N GLN H 904 -16.97 -35.77 -37.23
CA GLN H 904 -18.01 -34.98 -36.60
C GLN H 904 -18.47 -33.90 -37.57
N GLY H 905 -19.77 -33.73 -37.70
CA GLY H 905 -20.33 -32.74 -38.60
C GLY H 905 -21.43 -31.95 -37.93
N VAL H 906 -21.51 -30.68 -38.31
CA VAL H 906 -22.57 -29.79 -37.88
C VAL H 906 -23.16 -29.14 -39.12
N GLN H 907 -24.48 -29.12 -39.21
CA GLN H 907 -25.15 -28.59 -40.39
C GLN H 907 -26.23 -27.61 -39.98
N GLY H 908 -26.30 -26.50 -40.73
CA GLY H 908 -27.32 -25.51 -40.51
C GLY H 908 -27.02 -24.47 -39.46
N VAL H 909 -25.75 -24.22 -39.16
CA VAL H 909 -25.36 -23.29 -38.11
C VAL H 909 -24.83 -22.02 -38.77
N ASP H 910 -25.23 -20.88 -38.22
CA ASP H 910 -24.70 -19.59 -38.63
C ASP H 910 -23.76 -19.07 -37.56
N ILE H 911 -22.77 -18.28 -37.99
CA ILE H 911 -21.78 -17.73 -37.09
C ILE H 911 -21.54 -16.27 -37.43
N ILE H 912 -21.43 -15.43 -36.41
CA ILE H 912 -21.05 -14.05 -36.58
C ILE H 912 -19.52 -13.96 -36.60
N SER H 913 -18.98 -13.35 -37.64
CA SER H 913 -17.54 -13.35 -37.85
C SER H 913 -17.01 -11.93 -37.73
N ASP H 914 -15.91 -11.78 -36.99
CA ASP H 914 -15.16 -10.52 -36.95
C ASP H 914 -13.91 -10.57 -37.81
N VAL H 915 -13.39 -11.76 -38.07
CA VAL H 915 -12.31 -11.88 -39.05
C VAL H 915 -12.79 -11.41 -40.41
N LYS H 916 -14.05 -11.69 -40.74
CA LYS H 916 -14.60 -11.17 -41.98
C LYS H 916 -14.67 -9.65 -41.95
N LYS H 917 -15.01 -9.08 -40.79
CA LYS H 917 -15.04 -7.64 -40.67
C LYS H 917 -13.67 -7.02 -40.88
N LYS H 918 -12.63 -7.67 -40.39
CA LYS H 918 -11.28 -7.15 -40.51
C LYS H 918 -10.55 -7.62 -41.76
N SER H 919 -11.17 -8.45 -42.58
CA SER H 919 -10.56 -8.88 -43.83
C SER H 919 -11.25 -8.36 -45.08
N ASP H 920 -12.56 -8.11 -45.02
CA ASP H 920 -13.28 -7.62 -46.18
C ASP H 920 -13.42 -6.11 -46.22
N PHE H 921 -12.95 -5.40 -45.21
CA PHE H 921 -13.08 -3.96 -45.16
C PHE H 921 -11.77 -3.31 -44.79
N TRP H 922 -11.49 -2.18 -45.45
CA TRP H 922 -10.38 -1.32 -45.09
C TRP H 922 -10.94 -0.19 -44.25
N SER H 923 -10.31 0.08 -43.11
CA SER H 923 -10.77 1.09 -42.17
C SER H 923 -12.19 0.78 -41.69
N ALA H 924 -12.34 -0.41 -41.12
CA ALA H 924 -13.55 -0.77 -40.40
C ALA H 924 -13.31 -0.94 -38.91
N SER H 925 -12.06 -1.04 -38.48
CA SER H 925 -11.75 -1.13 -37.07
C SER H 925 -11.77 0.26 -36.46
N ASN H 926 -11.53 0.34 -35.15
CA ASN H 926 -11.57 1.63 -34.48
C ASN H 926 -10.42 2.53 -34.93
N VAL H 927 -9.22 1.97 -35.07
CA VAL H 927 -8.07 2.75 -35.54
C VAL H 927 -7.76 2.33 -36.96
N GLY H 928 -7.25 3.28 -37.74
CA GLY H 928 -6.98 3.04 -39.14
C GLY H 928 -5.59 2.49 -39.38
N PHE H 929 -5.37 2.09 -40.64
CA PHE H 929 -4.08 1.61 -41.12
C PHE H 929 -3.65 0.32 -40.45
N LEU H 930 -4.58 -0.45 -39.91
CA LEU H 930 -4.25 -1.76 -39.36
C LEU H 930 -4.09 -2.77 -40.49
N ASN H 931 -3.32 -3.81 -40.22
CA ASN H 931 -3.15 -4.87 -41.21
C ASN H 931 -4.45 -5.64 -41.36
N LYS H 932 -4.75 -6.05 -42.59
CA LYS H 932 -6.01 -6.69 -42.92
C LYS H 932 -5.76 -8.07 -43.53
N GLY H 933 -6.84 -8.75 -43.86
CA GLY H 933 -6.74 -10.06 -44.48
C GLY H 933 -6.40 -9.97 -45.94
N THR H 934 -5.95 -11.10 -46.49
CA THR H 934 -5.50 -11.11 -47.88
C THR H 934 -6.65 -10.95 -48.86
N ARG H 935 -7.82 -11.49 -48.54
CA ARG H 935 -8.94 -11.42 -49.47
C ARG H 935 -9.43 -10.00 -49.70
N LEU H 936 -8.95 -9.04 -48.91
CA LEU H 936 -9.24 -7.63 -49.15
C LEU H 936 -8.81 -7.20 -50.54
N LEU H 937 -7.76 -7.82 -51.08
CA LEU H 937 -7.23 -7.39 -52.37
C LEU H 937 -8.26 -7.56 -53.47
N ASN H 938 -9.02 -8.64 -53.45
CA ASN H 938 -10.02 -8.89 -54.48
C ASN H 938 -11.29 -8.12 -54.21
N ALA H 939 -11.17 -6.83 -53.90
CA ALA H 939 -12.34 -6.00 -53.65
C ALA H 939 -12.89 -5.47 -54.97
N TRP H 940 -14.14 -5.02 -54.92
CA TRP H 940 -14.77 -4.52 -56.12
C TRP H 940 -14.11 -3.23 -56.59
N SER H 941 -13.98 -3.10 -57.90
CA SER H 941 -13.46 -1.90 -58.54
C SER H 941 -13.93 -1.90 -59.99
N PRO H 942 -13.95 -0.74 -60.64
CA PRO H 942 -14.32 -0.74 -62.06
C PRO H 942 -13.41 -1.60 -62.91
N THR H 943 -12.14 -1.75 -62.51
CA THR H 943 -11.24 -2.67 -63.19
C THR H 943 -11.56 -4.13 -62.86
N ASN H 944 -12.19 -4.38 -61.71
CA ASN H 944 -12.51 -5.74 -61.26
C ASN H 944 -13.99 -5.81 -60.94
N PRO H 945 -14.83 -5.96 -61.96
CA PRO H 945 -16.28 -5.88 -61.74
C PRO H 945 -16.87 -7.12 -61.10
N ASN H 946 -16.28 -8.29 -61.37
CA ASN H 946 -16.83 -9.55 -60.88
C ASN H 946 -16.34 -9.77 -59.44
N SER H 947 -17.03 -9.13 -58.51
CA SER H 947 -16.70 -9.29 -57.10
C SER H 947 -17.90 -8.90 -56.25
N ASP H 948 -17.85 -9.30 -54.98
CA ASP H 948 -18.86 -8.95 -54.01
C ASP H 948 -18.30 -8.22 -52.79
N ILE H 949 -16.99 -8.14 -52.66
CA ILE H 949 -16.38 -7.41 -51.55
C ILE H 949 -16.51 -5.92 -51.82
N PRO H 950 -16.95 -5.12 -50.84
CA PRO H 950 -17.12 -3.69 -51.09
C PRO H 950 -15.80 -3.01 -51.42
N ALA H 951 -15.87 -1.95 -52.21
CA ALA H 951 -14.67 -1.22 -52.60
C ALA H 951 -14.00 -0.63 -51.37
N LEU H 952 -12.67 -0.54 -51.42
CA LEU H 952 -11.92 -0.01 -50.30
C LEU H 952 -12.19 1.49 -50.14
N THR H 953 -12.13 1.94 -48.90
CA THR H 953 -12.29 3.35 -48.59
C THR H 953 -11.63 3.63 -47.25
N ARG H 954 -11.16 4.86 -47.07
CA ARG H 954 -10.53 5.23 -45.81
C ARG H 954 -11.53 5.69 -44.78
N SER H 955 -12.68 6.22 -45.20
CA SER H 955 -13.69 6.73 -44.29
C SER H 955 -14.91 5.83 -44.35
N ASP H 956 -15.36 5.36 -43.19
CA ASP H 956 -16.54 4.51 -43.11
C ASP H 956 -17.80 5.37 -43.07
N THR H 957 -18.02 6.10 -44.16
CA THR H 957 -19.20 6.94 -44.27
C THR H 957 -20.48 6.12 -44.23
N ASN H 958 -20.48 4.98 -44.92
CA ASN H 958 -21.66 4.13 -44.97
C ASN H 958 -21.93 3.43 -43.64
N ASN H 959 -21.00 3.48 -42.70
CA ASN H 959 -21.11 2.79 -41.42
C ASN H 959 -21.38 1.31 -41.62
N GLU H 960 -20.41 0.65 -42.24
CA GLU H 960 -20.53 -0.78 -42.54
C GLU H 960 -20.15 -1.65 -41.35
N GLN H 961 -19.77 -1.05 -40.23
CA GLN H 961 -19.54 -1.82 -39.01
C GLN H 961 -20.83 -2.30 -38.38
N ARG H 962 -21.98 -1.83 -38.87
CA ARG H 962 -23.26 -2.21 -38.27
C ARG H 962 -23.50 -3.70 -38.45
N VAL H 963 -24.30 -4.26 -37.54
CA VAL H 963 -24.63 -5.67 -37.63
C VAL H 963 -25.51 -5.90 -38.84
N SER H 964 -25.11 -6.85 -39.69
CA SER H 964 -25.83 -7.10 -40.92
C SER H 964 -25.56 -8.53 -41.37
N THR H 965 -26.31 -8.97 -42.37
CA THR H 965 -26.14 -10.31 -42.90
C THR H 965 -24.80 -10.49 -43.60
N TYR H 966 -24.07 -9.40 -43.86
CA TYR H 966 -22.76 -9.54 -44.47
C TYR H 966 -21.82 -10.34 -43.57
N PHE H 967 -21.91 -10.14 -42.27
CA PHE H 967 -21.04 -10.83 -41.33
C PHE H 967 -21.60 -12.17 -40.88
N VAL H 968 -22.80 -12.54 -41.31
CA VAL H 968 -23.37 -13.84 -40.98
C VAL H 968 -22.92 -14.83 -42.03
N GLU H 969 -22.25 -15.90 -41.59
CA GLU H 969 -21.67 -16.88 -42.49
C GLU H 969 -22.22 -18.26 -42.18
N ASN H 970 -22.20 -19.13 -43.18
CA ASN H 970 -22.66 -20.50 -43.02
C ASN H 970 -21.57 -21.31 -42.34
N GLY H 971 -21.79 -21.66 -41.08
CA GLY H 971 -20.81 -22.36 -40.29
C GLY H 971 -20.86 -23.87 -40.40
N SER H 972 -21.63 -24.41 -41.34
CA SER H 972 -21.71 -25.86 -41.51
C SER H 972 -20.34 -26.43 -41.83
N PHE H 973 -20.02 -27.56 -41.20
CA PHE H 973 -18.71 -28.16 -41.41
C PHE H 973 -18.77 -29.65 -41.14
N LEU H 974 -17.74 -30.36 -41.58
CA LEU H 974 -17.57 -31.78 -41.33
C LEU H 974 -16.08 -32.06 -41.24
N LYS H 975 -15.60 -32.40 -40.05
CA LYS H 975 -14.17 -32.59 -39.86
C LYS H 975 -13.89 -33.97 -39.28
N LEU H 976 -12.81 -34.57 -39.78
CA LEU H 976 -12.31 -35.83 -39.25
C LEU H 976 -11.64 -35.57 -37.92
N ARG H 977 -12.41 -35.72 -36.83
CA ARG H 977 -11.88 -35.38 -35.52
C ARG H 977 -10.68 -36.24 -35.17
N ASN H 978 -10.75 -37.53 -35.46
CA ASN H 978 -9.67 -38.41 -35.03
C ASN H 978 -9.48 -39.53 -36.06
N ILE H 979 -8.22 -39.91 -36.27
CA ILE H 979 -7.90 -41.10 -37.02
C ILE H 979 -6.71 -41.76 -36.35
N GLN H 980 -6.71 -43.09 -36.30
CA GLN H 980 -5.66 -43.80 -35.59
C GLN H 980 -5.44 -45.17 -36.22
N LEU H 981 -4.19 -45.46 -36.55
CA LEU H 981 -3.81 -46.77 -37.07
C LEU H 981 -2.92 -47.44 -36.04
N GLY H 982 -3.28 -48.64 -35.63
CA GLY H 982 -2.53 -49.35 -34.61
C GLY H 982 -2.21 -50.76 -35.04
N TYR H 983 -1.08 -51.25 -34.55
CA TYR H 983 -0.65 -52.62 -34.77
C TYR H 983 -0.38 -53.27 -33.42
N THR H 984 -0.93 -54.46 -33.22
CA THR H 984 -0.75 -55.22 -31.99
C THR H 984 0.24 -56.34 -32.24
N VAL H 985 1.30 -56.38 -31.45
CA VAL H 985 2.32 -57.42 -31.63
C VAL H 985 1.68 -58.78 -31.39
N PRO H 986 2.00 -59.81 -32.17
CA PRO H 986 1.33 -61.11 -32.00
C PRO H 986 1.54 -61.67 -30.60
N ALA H 987 0.54 -62.43 -30.16
CA ALA H 987 0.50 -62.92 -28.78
C ALA H 987 1.73 -63.76 -28.46
N VAL H 988 2.22 -64.53 -29.43
CA VAL H 988 3.35 -65.40 -29.17
C VAL H 988 4.61 -64.58 -28.89
N ILE H 989 4.89 -63.56 -29.71
CA ILE H 989 6.04 -62.71 -29.47
C ILE H 989 5.88 -61.96 -28.15
N SER H 990 4.66 -61.47 -27.88
CA SER H 990 4.44 -60.74 -26.64
C SER H 990 4.69 -61.62 -25.43
N LYS H 991 4.20 -62.86 -25.45
CA LYS H 991 4.43 -63.76 -24.34
C LYS H 991 5.90 -64.12 -24.20
N LYS H 992 6.59 -64.32 -25.33
CA LYS H 992 8.03 -64.57 -25.27
C LYS H 992 8.75 -63.41 -24.61
N MET H 993 8.29 -62.19 -24.88
CA MET H 993 8.86 -61.00 -24.26
C MET H 993 8.29 -60.76 -22.86
N ARG H 994 7.33 -61.59 -22.43
CA ARG H 994 6.66 -61.61 -21.13
C ARG H 994 5.56 -60.56 -21.05
N MET H 995 5.40 -59.71 -22.05
CA MET H 995 4.32 -58.73 -22.05
C MET H 995 3.01 -59.40 -22.42
N ASP H 996 1.96 -59.11 -21.65
CA ASP H 996 0.66 -59.68 -21.97
C ASP H 996 0.03 -59.03 -23.20
N ARG H 997 0.44 -57.81 -23.54
CA ARG H 997 -0.12 -57.11 -24.69
C ARG H 997 0.79 -55.94 -25.04
N LEU H 998 1.28 -55.92 -26.28
CA LEU H 998 2.12 -54.84 -26.76
C LEU H 998 1.47 -54.23 -28.00
N ARG H 999 1.31 -52.91 -28.01
CA ARG H 999 0.60 -52.26 -29.10
C ARG H 999 1.28 -50.96 -29.45
N PHE H 1000 1.39 -50.68 -30.75
CA PHE H 1000 1.89 -49.40 -31.24
C PHE H 1000 0.79 -48.73 -32.04
N TYR H 1001 0.82 -47.40 -32.10
CA TYR H 1001 -0.18 -46.71 -32.88
C TYR H 1001 0.33 -45.35 -33.29
N CYS H 1002 -0.16 -44.88 -34.44
CA CYS H 1002 0.06 -43.52 -34.90
C CYS H 1002 -1.29 -42.91 -35.23
N SER H 1003 -1.52 -41.69 -34.74
CA SER H 1003 -2.83 -41.06 -34.84
C SER H 1003 -2.69 -39.62 -35.29
N ALA H 1004 -3.81 -39.07 -35.76
CA ALA H 1004 -3.91 -37.68 -36.15
C ALA H 1004 -5.23 -37.13 -35.63
N GLN H 1005 -5.17 -35.94 -35.03
CA GLN H 1005 -6.34 -35.23 -34.55
C GLN H 1005 -6.50 -33.93 -35.32
N ASN H 1006 -7.73 -33.65 -35.74
CA ASN H 1006 -8.08 -32.45 -36.48
C ASN H 1006 -7.35 -32.38 -37.82
N LEU H 1007 -7.21 -33.55 -38.46
CA LEU H 1007 -6.39 -33.62 -39.66
C LEU H 1007 -7.06 -32.97 -40.85
N LEU H 1008 -8.35 -33.22 -41.05
CA LEU H 1008 -9.05 -32.82 -42.26
C LEU H 1008 -10.39 -32.21 -41.92
N THR H 1009 -10.81 -31.25 -42.74
CA THR H 1009 -12.09 -30.59 -42.56
C THR H 1009 -12.66 -30.21 -43.92
N ILE H 1010 -13.99 -30.16 -43.98
CA ILE H 1010 -14.72 -29.67 -45.15
C ILE H 1010 -15.69 -28.60 -44.67
N LYS H 1011 -15.67 -27.47 -45.34
CA LYS H 1011 -16.50 -26.32 -44.98
C LYS H 1011 -17.28 -25.86 -46.18
N SER H 1012 -18.38 -25.15 -45.92
CA SER H 1012 -19.19 -24.62 -47.01
C SER H 1012 -18.45 -23.50 -47.73
N LYS H 1013 -18.74 -23.36 -49.02
CA LYS H 1013 -18.10 -22.32 -49.82
C LYS H 1013 -18.49 -20.92 -49.37
N ASN H 1014 -19.62 -20.78 -48.69
CA ASN H 1014 -20.05 -19.47 -48.19
C ASN H 1014 -19.21 -18.98 -47.02
N PHE H 1015 -18.37 -19.85 -46.43
CA PHE H 1015 -17.56 -19.47 -45.29
C PHE H 1015 -16.25 -18.88 -45.81
N THR H 1016 -16.13 -17.55 -45.70
CA THR H 1016 -14.94 -16.88 -46.23
C THR H 1016 -13.69 -17.26 -45.45
N GLY H 1017 -13.79 -17.32 -44.12
CA GLY H 1017 -12.64 -17.58 -43.28
C GLY H 1017 -12.18 -19.02 -43.31
N GLU H 1018 -11.65 -19.48 -42.18
CA GLU H 1018 -11.17 -20.84 -42.07
C GLU H 1018 -11.46 -21.36 -40.66
N ASP H 1019 -11.49 -22.68 -40.54
CA ASP H 1019 -11.83 -23.37 -39.30
C ASP H 1019 -13.17 -22.89 -38.77
N PRO H 1020 -14.28 -23.33 -39.35
CA PRO H 1020 -15.59 -22.84 -38.89
C PRO H 1020 -15.88 -23.14 -37.44
N GLU H 1021 -15.27 -24.18 -36.87
CA GLU H 1021 -15.43 -24.45 -35.45
C GLU H 1021 -14.94 -23.28 -34.61
N ASN H 1022 -13.86 -22.64 -35.04
CA ASN H 1022 -13.23 -21.54 -34.30
C ASN H 1022 -13.11 -20.36 -35.26
N PRO H 1023 -14.19 -19.65 -35.51
CA PRO H 1023 -14.21 -18.61 -36.55
C PRO H 1023 -13.70 -17.26 -36.12
N ASN H 1024 -13.25 -17.10 -34.87
CA ASN H 1024 -12.82 -15.80 -34.38
C ASN H 1024 -11.41 -15.84 -33.84
N PHE H 1025 -11.04 -14.83 -33.05
CA PHE H 1025 -9.68 -14.66 -32.60
C PHE H 1025 -9.36 -15.45 -31.34
N SER H 1026 -10.12 -16.49 -31.02
CA SER H 1026 -9.78 -17.33 -29.88
C SER H 1026 -8.56 -18.19 -30.24
N TYR H 1027 -8.14 -19.01 -29.30
CA TYR H 1027 -6.95 -19.81 -29.48
C TYR H 1027 -7.15 -20.75 -30.67
N PRO H 1028 -6.14 -20.92 -31.53
CA PRO H 1028 -6.33 -21.78 -32.70
C PRO H 1028 -6.33 -23.25 -32.31
N ILE H 1029 -6.88 -24.05 -33.22
CA ILE H 1029 -6.98 -25.50 -33.04
C ILE H 1029 -5.92 -26.15 -33.93
N PRO H 1030 -4.92 -26.81 -33.37
CA PRO H 1030 -3.84 -27.36 -34.19
C PRO H 1030 -4.16 -28.76 -34.69
N VAL H 1031 -3.31 -29.22 -35.61
CA VAL H 1031 -3.31 -30.60 -36.08
C VAL H 1031 -2.31 -31.37 -35.24
N ASN H 1032 -2.74 -32.48 -34.65
CA ASN H 1032 -1.86 -33.27 -33.79
C ASN H 1032 -1.49 -34.57 -34.50
N ILE H 1033 -0.19 -34.80 -34.65
CA ILE H 1033 0.33 -36.06 -35.16
C ILE H 1033 1.01 -36.77 -34.00
N THR H 1034 0.51 -37.94 -33.63
CA THR H 1034 0.88 -38.63 -32.40
C THR H 1034 1.42 -40.01 -32.70
N PHE H 1035 2.43 -40.43 -31.95
CA PHE H 1035 2.92 -41.80 -31.97
C PHE H 1035 2.97 -42.30 -30.53
N GLY H 1036 2.38 -43.46 -30.28
CA GLY H 1036 2.30 -43.96 -28.92
C GLY H 1036 2.37 -45.47 -28.86
N LEU H 1037 2.61 -45.97 -27.65
CA LEU H 1037 2.69 -47.39 -27.40
C LEU H 1037 2.03 -47.73 -26.07
N ASN H 1038 1.52 -48.96 -25.99
CA ASN H 1038 0.91 -49.51 -24.79
C ASN H 1038 1.56 -50.84 -24.48
N ILE H 1039 1.95 -51.02 -23.22
CA ILE H 1039 2.55 -52.26 -22.73
C ILE H 1039 1.73 -52.76 -21.56
N GLY H 1040 1.41 -54.04 -21.57
CA GLY H 1040 0.54 -54.60 -20.55
C GLY H 1040 1.12 -55.72 -19.72
N PHE H 1041 2.36 -55.58 -19.24
CA PHE H 1041 3.01 -56.60 -18.41
C PHE H 1041 2.05 -57.31 -17.46
#